data_3R2B
#
_entry.id   3R2B
#
_cell.length_a   139.803
_cell.length_b   180.249
_cell.length_c   217.109
_cell.angle_alpha   90.000
_cell.angle_beta   90.000
_cell.angle_gamma   90.000
#
_symmetry.space_group_name_H-M   'P 21 21 21'
#
loop_
_entity.id
_entity.type
_entity.pdbx_description
1 polymer 'MAP kinase-activated protein kinase 2'
2 non-polymer "2'-[2-(1,3-benzodioxol-5-yl)pyrimidin-4-yl]-5',6'-dihydrospiro[piperidine-4,7'-pyrrolo[3,2-c]pyridin]-4'(1'H)-one"
#
_entity_poly.entity_id   1
_entity_poly.type   'polypeptide(L)'
_entity_poly.pdbx_seq_one_letter_code
;HVKSGLQIKKNAIIDDYKVTSQVLGLGINGKVLQIFNKRTQEKFALKMLQDCPKARREVELHWRASQCPHIVRIVDVYEN
LYAGRKCLLIVMECLDGGELFSRIQDRGDQAFTEREASEIMKSIGEAIQYLHSINIAHRDVKPENLLYTSKRPNAILKLT
DFGFAKETTSHNSLTTPCYTPYYVAPEVLGPEKYDKSCDMWSLGVIMYILLCGYPPFYSNHGLAISPGMKTRIRMGQYEF
PNPEWSEVSEEVKMLIRNLLKTEPTQRMTITEFMNHPWIMQSTKVPQTPLHTSRVLKEDKERWEDVKEEMTSALATMR
;
_entity_poly.pdbx_strand_id   A,B,C,D,E,F,G,H,I,J,K,L
#
loop_
_chem_comp.id
_chem_comp.type
_chem_comp.name
_chem_comp.formula
05B non-polymer 2'-[2-(1,3-benzodioxol-5-yl)pyrimidin-4-yl]-5',6'-dihydrospiro[piperidine-4,7'-pyrrolo[3,2-c]pyridin]-4'(1'H)-one 'C22 H21 N5 O3'
#
# COMPACT_ATOMS: atom_id res chain seq x y z
N HIS A 1 17.29 -9.87 -9.41
CA HIS A 1 16.07 -9.34 -10.09
C HIS A 1 15.00 -10.41 -10.32
N VAL A 2 15.22 -11.60 -9.78
CA VAL A 2 14.21 -12.67 -9.82
C VAL A 2 14.43 -13.61 -8.64
N LYS A 3 13.66 -13.39 -7.59
CA LYS A 3 13.81 -14.15 -6.35
C LYS A 3 12.92 -15.38 -6.39
N SER A 4 13.31 -16.41 -5.64
CA SER A 4 12.61 -17.70 -5.67
C SER A 4 11.21 -17.62 -5.08
N GLY A 5 10.40 -18.61 -5.42
CA GLY A 5 9.04 -18.73 -4.91
C GLY A 5 8.99 -19.55 -3.64
N LEU A 6 7.85 -19.50 -2.96
CA LEU A 6 7.70 -20.16 -1.65
C LEU A 6 7.75 -21.67 -1.80
N GLN A 7 8.81 -22.29 -1.29
CA GLN A 7 9.01 -23.74 -1.40
C GLN A 7 7.96 -24.55 -0.63
N ILE A 8 7.54 -24.03 0.53
CA ILE A 8 6.48 -24.62 1.38
C ILE A 8 6.60 -26.14 1.62
N LYS A 9 7.31 -26.52 2.67
CA LYS A 9 7.62 -27.94 2.94
C LYS A 9 6.41 -28.70 3.50
N LYS A 10 6.46 -30.03 3.35
CA LYS A 10 5.40 -30.91 3.83
C LYS A 10 5.83 -31.81 4.99
N ASN A 11 7.13 -32.11 5.09
CA ASN A 11 7.64 -32.98 6.16
C ASN A 11 7.47 -32.34 7.55
N ALA A 12 7.44 -33.17 8.58
CA ALA A 12 7.22 -32.69 9.94
C ALA A 12 8.34 -31.74 10.39
N ILE A 13 7.96 -30.67 11.09
CA ILE A 13 8.95 -29.73 11.66
C ILE A 13 9.70 -30.32 12.85
N ILE A 14 9.13 -31.37 13.46
CA ILE A 14 9.81 -32.08 14.56
C ILE A 14 11.06 -32.83 14.06
N ASP A 15 11.12 -33.08 12.76
CA ASP A 15 12.29 -33.69 12.14
C ASP A 15 13.47 -32.73 12.08
N ASP A 16 13.18 -31.46 11.78
CA ASP A 16 14.23 -30.45 11.56
C ASP A 16 14.43 -29.51 12.75
N TYR A 17 13.36 -29.27 13.52
CA TYR A 17 13.43 -28.35 14.65
C TYR A 17 12.90 -29.02 15.92
N LYS A 18 13.54 -28.72 17.05
CA LYS A 18 13.03 -29.12 18.35
C LYS A 18 12.10 -28.03 18.87
N VAL A 19 10.80 -28.29 18.82
CA VAL A 19 9.79 -27.30 19.21
C VAL A 19 9.62 -27.29 20.73
N THR A 20 10.02 -26.18 21.34
CA THR A 20 9.92 -26.00 22.80
C THR A 20 8.58 -25.35 23.14
N SER A 21 8.43 -24.90 24.39
CA SER A 21 7.21 -24.23 24.85
C SER A 21 7.47 -22.82 25.42
N GLN A 22 8.63 -22.25 25.09
CA GLN A 22 8.98 -20.90 25.56
C GLN A 22 8.33 -19.86 24.65
N VAL A 23 7.19 -19.33 25.09
CA VAL A 23 6.37 -18.45 24.25
C VAL A 23 6.96 -17.02 24.19
N LEU A 24 7.06 -16.48 22.97
CA LEU A 24 7.61 -15.14 22.75
C LEU A 24 6.50 -14.09 22.63
N GLY A 25 5.28 -14.52 22.37
CA GLY A 25 4.13 -13.62 22.28
C GLY A 25 2.83 -14.29 21.89
N LEU A 26 1.74 -13.51 21.86
CA LEU A 26 0.44 -13.98 21.37
C LEU A 26 0.08 -13.16 20.13
N GLY A 27 -1.20 -12.98 19.81
CA GLY A 27 -1.60 -11.98 18.80
C GLY A 27 -2.73 -12.36 17.85
N ILE A 28 -2.63 -11.81 16.63
CA ILE A 28 -3.68 -11.90 15.60
C ILE A 28 -3.48 -13.10 14.67
N ASN A 29 -3.88 -14.28 15.16
CA ASN A 29 -3.77 -15.55 14.43
C ASN A 29 -3.45 -16.70 15.39
N GLY A 30 -2.43 -16.50 16.22
CA GLY A 30 -2.02 -17.50 17.19
C GLY A 30 -0.71 -17.11 17.86
N LYS A 31 -0.35 -17.83 18.93
CA LYS A 31 0.87 -17.52 19.69
C LYS A 31 2.13 -17.82 18.89
N VAL A 32 3.24 -17.22 19.31
CA VAL A 32 4.56 -17.47 18.72
C VAL A 32 5.43 -18.19 19.75
N LEU A 33 5.83 -19.42 19.42
CA LEU A 33 6.65 -20.24 20.31
C LEU A 33 8.06 -20.39 19.74
N GLN A 34 9.07 -20.39 20.60
CA GLN A 34 10.46 -20.52 20.14
C GLN A 34 10.79 -21.98 19.86
N ILE A 35 11.54 -22.20 18.79
CA ILE A 35 12.04 -23.53 18.42
C ILE A 35 13.56 -23.49 18.35
N PHE A 36 14.18 -24.60 17.96
CA PHE A 36 15.63 -24.68 17.77
C PHE A 36 15.95 -25.60 16.59
N ASN A 37 16.86 -25.16 15.73
CA ASN A 37 17.31 -25.98 14.60
C ASN A 37 18.17 -27.13 15.12
N LYS A 38 17.80 -28.36 14.75
CA LYS A 38 18.47 -29.56 15.24
C LYS A 38 19.84 -29.79 14.60
N ARG A 39 19.99 -29.36 13.35
CA ARG A 39 21.28 -29.43 12.64
C ARG A 39 22.33 -28.59 13.39
N THR A 40 22.11 -27.28 13.40
CA THR A 40 22.97 -26.35 14.14
C THR A 40 22.41 -26.27 15.58
N GLN A 41 22.50 -25.11 16.21
CA GLN A 41 21.80 -24.86 17.48
C GLN A 41 21.14 -23.47 17.49
N GLU A 42 20.80 -22.96 16.31
CA GLU A 42 20.21 -21.62 16.18
C GLU A 42 18.78 -21.61 16.69
N LYS A 43 18.29 -20.43 17.07
CA LYS A 43 16.99 -20.28 17.70
C LYS A 43 15.84 -20.38 16.69
N PHE A 44 15.54 -19.27 16.01
CA PHE A 44 14.33 -19.12 15.19
C PHE A 44 13.04 -19.13 16.04
N ALA A 45 11.98 -18.52 15.50
CA ALA A 45 10.68 -18.45 16.16
C ALA A 45 9.60 -19.10 15.29
N LEU A 46 8.59 -19.69 15.94
CA LEU A 46 7.53 -20.40 15.23
C LEU A 46 6.17 -19.75 15.45
N LYS A 47 5.56 -19.29 14.35
CA LYS A 47 4.17 -18.84 14.36
C LYS A 47 3.33 -19.97 13.79
N MET A 48 2.13 -20.14 14.35
CA MET A 48 1.31 -21.32 14.06
C MET A 48 -0.09 -20.93 13.60
N LEU A 49 -0.38 -21.17 12.34
CA LEU A 49 -1.71 -20.91 11.77
C LEU A 49 -2.35 -22.20 11.28
N GLN A 50 -3.68 -22.26 11.36
CA GLN A 50 -4.44 -23.36 10.75
C GLN A 50 -4.72 -23.00 9.29
N ASP A 51 -4.63 -23.99 8.41
CA ASP A 51 -4.76 -23.79 6.97
C ASP A 51 -6.18 -23.38 6.57
N CYS A 52 -6.31 -22.19 6.01
CA CYS A 52 -7.60 -21.67 5.55
C CYS A 52 -7.35 -20.41 4.73
N PRO A 53 -7.71 -20.41 3.44
CA PRO A 53 -7.48 -19.25 2.57
C PRO A 53 -7.69 -17.91 3.29
N LYS A 54 -6.60 -17.38 3.85
CA LYS A 54 -6.59 -16.24 4.76
C LYS A 54 -5.25 -16.25 5.49
N ALA A 55 -4.98 -17.35 6.20
CA ALA A 55 -3.66 -17.63 6.74
C ALA A 55 -2.72 -17.99 5.58
N ARG A 56 -3.30 -18.61 4.55
CA ARG A 56 -2.56 -18.94 3.34
C ARG A 56 -2.28 -17.71 2.49
N ARG A 57 -3.04 -16.64 2.71
CA ARG A 57 -2.74 -15.31 2.17
C ARG A 57 -1.60 -14.66 2.94
N GLU A 58 -1.65 -14.74 4.27
CA GLU A 58 -0.60 -14.15 5.10
C GLU A 58 0.78 -14.66 4.69
N VAL A 59 0.92 -15.98 4.58
CA VAL A 59 2.19 -16.58 4.20
C VAL A 59 2.65 -16.08 2.82
N GLU A 60 1.71 -15.86 1.91
CA GLU A 60 2.00 -15.38 0.56
C GLU A 60 2.43 -13.91 0.55
N LEU A 61 1.72 -13.06 1.29
CA LEU A 61 2.07 -11.63 1.37
C LEU A 61 3.36 -11.40 2.16
N HIS A 62 3.57 -12.20 3.20
CA HIS A 62 4.80 -12.10 4.00
C HIS A 62 6.02 -12.52 3.17
N TRP A 63 5.87 -13.60 2.41
CA TRP A 63 6.97 -14.13 1.58
C TRP A 63 7.47 -13.10 0.56
N ARG A 64 6.54 -12.35 -0.02
CA ARG A 64 6.91 -11.28 -0.95
C ARG A 64 7.60 -10.12 -0.23
N ALA A 65 7.04 -9.72 0.90
CA ALA A 65 7.62 -8.64 1.71
C ALA A 65 8.91 -9.04 2.43
N SER A 66 9.16 -10.35 2.54
CA SER A 66 10.33 -10.87 3.26
C SER A 66 11.68 -10.45 2.65
N GLN A 67 11.71 -10.12 1.37
CA GLN A 67 12.95 -9.69 0.69
C GLN A 67 13.46 -8.35 1.21
N CYS A 68 12.61 -7.62 1.93
CA CYS A 68 12.99 -6.34 2.54
C CYS A 68 13.78 -6.57 3.82
N PRO A 69 14.91 -5.86 4.00
CA PRO A 69 15.73 -5.99 5.21
C PRO A 69 15.04 -5.64 6.52
N HIS A 70 14.05 -4.74 6.47
CA HIS A 70 13.35 -4.30 7.67
C HIS A 70 12.00 -5.00 7.89
N ILE A 71 11.90 -6.23 7.42
CA ILE A 71 10.76 -7.10 7.66
C ILE A 71 11.30 -8.46 8.07
N VAL A 72 10.67 -9.08 9.06
CA VAL A 72 11.07 -10.42 9.51
C VAL A 72 11.16 -11.39 8.34
N ARG A 73 12.30 -12.07 8.23
CA ARG A 73 12.47 -13.10 7.21
C ARG A 73 11.73 -14.36 7.65
N ILE A 74 11.00 -14.96 6.74
CA ILE A 74 10.47 -16.30 6.98
C ILE A 74 11.44 -17.29 6.33
N VAL A 75 12.02 -18.17 7.14
CA VAL A 75 13.06 -19.09 6.68
C VAL A 75 12.46 -20.32 6.01
N ASP A 76 11.32 -20.77 6.51
CA ASP A 76 10.59 -21.87 5.90
C ASP A 76 9.14 -21.91 6.36
N VAL A 77 8.27 -22.43 5.50
CA VAL A 77 6.86 -22.60 5.81
C VAL A 77 6.50 -24.07 5.65
N TYR A 78 5.95 -24.66 6.70
CA TYR A 78 5.62 -26.07 6.71
C TYR A 78 4.11 -26.28 6.62
N GLU A 79 3.70 -27.34 5.93
CA GLU A 79 2.30 -27.76 5.89
C GLU A 79 2.18 -29.11 6.60
N ASN A 80 1.65 -29.09 7.81
CA ASN A 80 1.54 -30.30 8.63
C ASN A 80 0.16 -30.51 9.23
N LEU A 81 -0.06 -31.73 9.70
CA LEU A 81 -1.26 -32.09 10.43
C LEU A 81 -1.00 -32.03 11.93
N TYR A 82 -1.46 -30.98 12.58
CA TYR A 82 -1.42 -30.87 14.03
C TYR A 82 -2.78 -31.28 14.58
N ALA A 83 -2.77 -32.13 15.61
CA ALA A 83 -3.98 -32.76 16.11
C ALA A 83 -4.55 -33.66 15.03
N GLY A 84 -5.37 -33.10 14.15
CA GLY A 84 -5.83 -33.83 12.97
C GLY A 84 -6.38 -32.92 11.89
N ARG A 85 -5.81 -31.72 11.77
CA ARG A 85 -6.30 -30.72 10.83
C ARG A 85 -5.12 -29.95 10.23
N LYS A 86 -5.28 -29.56 8.97
CA LYS A 86 -4.22 -28.90 8.21
C LYS A 86 -3.72 -27.65 8.93
N CYS A 87 -2.41 -27.46 8.95
CA CYS A 87 -1.80 -26.29 9.59
C CYS A 87 -0.65 -25.74 8.79
N LEU A 88 -0.42 -24.43 8.93
CA LEU A 88 0.70 -23.74 8.31
C LEU A 88 1.65 -23.26 9.40
N LEU A 89 2.77 -23.96 9.56
CA LEU A 89 3.79 -23.56 10.52
C LEU A 89 4.80 -22.66 9.83
N ILE A 90 4.88 -21.40 10.26
CA ILE A 90 5.84 -20.44 9.72
C ILE A 90 7.07 -20.38 10.62
N VAL A 91 8.24 -20.68 10.05
CA VAL A 91 9.50 -20.54 10.77
C VAL A 91 10.17 -19.22 10.37
N MET A 92 10.38 -18.34 11.35
CA MET A 92 10.93 -17.01 11.10
C MET A 92 12.27 -16.85 11.80
N GLU A 93 13.03 -15.85 11.37
CA GLU A 93 14.28 -15.50 12.05
C GLU A 93 13.98 -15.03 13.47
N CYS A 94 14.87 -15.35 14.41
CA CYS A 94 14.68 -14.98 15.80
C CYS A 94 14.88 -13.47 15.97
N LEU A 95 13.99 -12.85 16.74
CA LEU A 95 14.11 -11.43 17.08
C LEU A 95 14.06 -11.24 18.59
N ASP A 96 15.17 -11.55 19.26
CA ASP A 96 15.25 -11.46 20.73
C ASP A 96 15.81 -10.10 21.22
N GLY A 97 15.75 -9.08 20.36
CA GLY A 97 16.18 -7.73 20.72
C GLY A 97 15.11 -6.91 21.43
N GLY A 98 13.92 -7.49 21.60
CA GLY A 98 12.81 -6.82 22.27
C GLY A 98 12.02 -5.89 21.37
N GLU A 99 10.91 -5.38 21.90
CA GLU A 99 10.05 -4.46 21.18
C GLU A 99 10.74 -3.10 21.08
N LEU A 100 10.31 -2.29 20.13
CA LEU A 100 10.90 -0.98 19.86
C LEU A 100 11.02 -0.15 21.13
N PHE A 101 9.91 0.02 21.85
CA PHE A 101 9.89 0.87 23.03
C PHE A 101 10.43 0.19 24.29
N SER A 102 10.58 -1.12 24.24
CA SER A 102 11.20 -1.86 25.35
C SER A 102 12.69 -1.55 25.44
N ARG A 103 13.33 -1.34 24.29
CA ARG A 103 14.73 -0.91 24.24
C ARG A 103 14.89 0.51 24.76
N ILE A 104 14.07 1.42 24.24
CA ILE A 104 14.13 2.84 24.61
C ILE A 104 13.90 3.06 26.12
N GLN A 105 13.11 2.17 26.71
CA GLN A 105 12.74 2.25 28.13
C GLN A 105 13.92 2.03 29.09
N ASP A 106 15.04 1.55 28.56
CA ASP A 106 16.25 1.33 29.37
C ASP A 106 17.52 1.44 28.52
N ALA A 111 20.10 8.44 27.14
CA ALA A 111 19.89 9.78 26.63
C ALA A 111 18.72 9.81 25.66
N PHE A 112 18.91 9.18 24.49
CA PHE A 112 17.92 9.15 23.41
C PHE A 112 17.62 10.53 22.81
N THR A 113 17.96 10.69 21.54
CA THR A 113 17.87 11.98 20.86
C THR A 113 16.87 11.96 19.71
N GLU A 114 16.60 13.15 19.17
CA GLU A 114 15.72 13.32 18.02
C GLU A 114 16.31 12.63 16.79
N ARG A 115 17.63 12.70 16.64
CA ARG A 115 18.34 12.02 15.56
C ARG A 115 18.05 10.52 15.61
N GLU A 116 18.17 9.93 16.79
CA GLU A 116 17.87 8.51 16.95
C GLU A 116 16.43 8.19 16.55
N ALA A 117 15.51 9.09 16.89
CA ALA A 117 14.10 8.96 16.50
C ALA A 117 13.93 9.04 14.98
N SER A 118 14.67 9.96 14.35
CA SER A 118 14.67 10.12 12.89
C SER A 118 15.16 8.85 12.19
N GLU A 119 16.26 8.30 12.68
CA GLU A 119 16.86 7.08 12.12
C GLU A 119 15.96 5.86 12.24
N ILE A 120 15.30 5.73 13.39
CA ILE A 120 14.33 4.65 13.59
C ILE A 120 13.22 4.79 12.56
N MET A 121 12.69 6.00 12.42
CA MET A 121 11.56 6.26 11.52
C MET A 121 11.89 5.95 10.06
N LYS A 122 13.15 6.11 9.68
CA LYS A 122 13.58 5.75 8.33
C LYS A 122 13.49 4.22 8.12
N SER A 123 13.87 3.45 9.14
CA SER A 123 13.83 1.98 9.07
C SER A 123 12.40 1.47 8.88
N ILE A 124 11.49 1.95 9.75
CA ILE A 124 10.09 1.58 9.63
C ILE A 124 9.56 2.02 8.26
N GLY A 125 9.95 3.23 7.84
CA GLY A 125 9.55 3.75 6.54
C GLY A 125 10.00 2.90 5.36
N GLU A 126 11.23 2.41 5.41
CA GLU A 126 11.77 1.55 4.35
C GLU A 126 10.95 0.28 4.19
N ALA A 127 10.49 -0.28 5.30
CA ALA A 127 9.63 -1.46 5.28
C ALA A 127 8.28 -1.14 4.64
N ILE A 128 7.69 -0.01 5.04
CA ILE A 128 6.41 0.43 4.50
C ILE A 128 6.55 0.82 3.02
N GLN A 129 7.64 1.48 2.67
CA GLN A 129 7.90 1.87 1.27
C GLN A 129 7.98 0.65 0.35
N TYR A 130 8.65 -0.41 0.82
CA TYR A 130 8.73 -1.63 0.02
C TYR A 130 7.37 -2.30 -0.10
N LEU A 131 6.62 -2.35 1.00
CA LEU A 131 5.27 -2.95 1.00
C LEU A 131 4.33 -2.26 0.02
N HIS A 132 4.34 -0.94 0.03
CA HIS A 132 3.48 -0.14 -0.83
C HIS A 132 3.90 -0.20 -2.28
N SER A 133 5.22 -0.26 -2.52
CA SER A 133 5.74 -0.36 -3.88
C SER A 133 5.32 -1.65 -4.60
N ILE A 134 5.21 -2.75 -3.85
CA ILE A 134 4.74 -4.02 -4.42
C ILE A 134 3.23 -4.26 -4.18
N ASN A 135 2.51 -3.20 -3.88
CA ASN A 135 1.07 -3.25 -3.61
C ASN A 135 0.67 -4.14 -2.43
N ILE A 136 1.17 -3.79 -1.26
CA ILE A 136 0.78 -4.43 -0.01
C ILE A 136 0.60 -3.35 1.07
N ALA A 137 -0.46 -3.46 1.84
CA ALA A 137 -0.64 -2.67 3.05
C ALA A 137 -0.45 -3.60 4.24
N HIS A 138 0.13 -3.09 5.33
CA HIS A 138 0.28 -3.87 6.56
C HIS A 138 -1.00 -3.82 7.39
N ARG A 139 -1.53 -2.62 7.57
CA ARG A 139 -2.83 -2.39 8.22
C ARG A 139 -2.79 -2.54 9.75
N ASP A 140 -1.66 -2.98 10.30
CA ASP A 140 -1.50 -3.23 11.73
C ASP A 140 -0.09 -2.89 12.20
N VAL A 141 0.46 -1.79 11.68
CA VAL A 141 1.79 -1.32 12.08
C VAL A 141 1.68 -0.69 13.47
N LYS A 142 2.00 -1.46 14.49
CA LYS A 142 1.95 -0.99 15.86
C LYS A 142 3.27 -1.28 16.58
N PRO A 143 3.53 -0.61 17.72
CA PRO A 143 4.73 -0.81 18.51
C PRO A 143 5.08 -2.27 18.81
N GLU A 144 4.05 -3.08 19.06
CA GLU A 144 4.24 -4.48 19.39
C GLU A 144 4.82 -5.28 18.21
N ASN A 145 4.47 -4.90 16.98
CA ASN A 145 4.93 -5.61 15.77
C ASN A 145 6.27 -5.13 15.22
N LEU A 146 6.99 -4.32 16.00
CA LEU A 146 8.31 -3.84 15.59
C LEU A 146 9.36 -4.34 16.58
N LEU A 147 10.16 -5.32 16.15
CA LEU A 147 11.13 -6.00 17.01
C LEU A 147 12.56 -5.90 16.50
N TYR A 148 13.51 -5.75 17.42
CA TYR A 148 14.94 -5.72 17.08
C TYR A 148 15.48 -7.16 16.95
N THR A 149 16.54 -7.31 16.16
CA THR A 149 17.11 -8.62 15.87
C THR A 149 17.86 -9.19 17.07
N SER A 150 18.72 -8.37 17.65
CA SER A 150 19.52 -8.76 18.82
C SER A 150 19.55 -7.62 19.84
N LYS A 151 20.21 -7.88 20.96
CA LYS A 151 20.41 -6.85 21.99
C LYS A 151 21.55 -5.89 21.63
N ARG A 152 22.45 -6.33 20.74
CA ARG A 152 23.60 -5.52 20.35
C ARG A 152 23.21 -4.15 19.78
N PRO A 153 23.94 -3.09 20.18
CA PRO A 153 23.68 -1.77 19.61
C PRO A 153 24.19 -1.69 18.18
N ASN A 154 23.24 -1.59 17.24
CA ASN A 154 23.43 -1.69 15.78
C ASN A 154 22.44 -2.67 15.13
N ALA A 155 21.70 -3.39 15.96
CA ALA A 155 20.67 -4.33 15.50
C ALA A 155 19.62 -3.65 14.61
N ILE A 156 19.08 -4.41 13.67
CA ILE A 156 18.12 -3.89 12.70
C ILE A 156 16.69 -4.07 13.21
N LEU A 157 15.93 -2.97 13.19
CA LEU A 157 14.52 -2.98 13.56
C LEU A 157 13.70 -3.56 12.42
N LYS A 158 12.89 -4.57 12.71
CA LYS A 158 12.09 -5.25 11.68
C LYS A 158 10.60 -5.24 12.00
N LEU A 159 9.79 -5.14 10.97
CA LEU A 159 8.33 -5.18 11.08
C LEU A 159 7.85 -6.62 10.98
N THR A 160 6.83 -6.99 11.76
CA THR A 160 6.34 -8.37 11.82
C THR A 160 4.82 -8.47 11.75
N ASP A 161 4.34 -9.70 11.65
CA ASP A 161 2.91 -10.04 11.64
C ASP A 161 2.13 -9.45 10.46
N PHE A 162 1.88 -10.28 9.45
CA PHE A 162 1.14 -9.89 8.26
C PHE A 162 -0.30 -10.41 8.26
N GLY A 163 -0.89 -10.49 9.45
CA GLY A 163 -2.23 -11.06 9.61
C GLY A 163 -3.33 -10.17 9.06
N PHE A 164 -3.14 -8.86 9.17
CA PHE A 164 -4.08 -7.89 8.63
C PHE A 164 -3.67 -7.37 7.25
N ALA A 165 -2.58 -7.93 6.70
CA ALA A 165 -2.04 -7.49 5.41
C ALA A 165 -2.93 -7.89 4.23
N LYS A 166 -3.12 -6.95 3.30
CA LYS A 166 -3.99 -7.14 2.15
C LYS A 166 -3.38 -6.48 0.91
N GLU A 167 -3.58 -7.08 -0.26
CA GLU A 167 -3.15 -6.48 -1.53
C GLU A 167 -4.09 -5.32 -1.86
N THR A 168 -3.50 -4.19 -2.27
CA THR A 168 -4.28 -2.98 -2.53
C THR A 168 -4.92 -2.92 -3.93
N THR A 169 -4.76 -3.97 -4.72
CA THR A 169 -5.40 -4.04 -6.04
C THR A 169 -6.19 -5.34 -6.21
N PRO A 181 -0.23 3.57 -20.78
CA PRO A 181 0.66 4.55 -21.39
C PRO A 181 1.50 5.32 -20.36
N TYR A 182 2.33 6.23 -20.84
CA TYR A 182 3.21 7.03 -19.97
C TYR A 182 2.53 8.27 -19.38
N TYR A 183 1.50 8.75 -20.08
CA TYR A 183 0.75 9.94 -19.66
C TYR A 183 -0.49 9.60 -18.81
N VAL A 184 -0.76 8.32 -18.60
CA VAL A 184 -1.97 7.89 -17.88
C VAL A 184 -1.85 8.15 -16.38
N ALA A 185 -2.96 8.56 -15.76
CA ALA A 185 -2.98 8.92 -14.35
C ALA A 185 -2.98 7.68 -13.46
N PRO A 186 -2.62 7.83 -12.16
CA PRO A 186 -2.55 6.69 -11.24
C PRO A 186 -3.90 6.03 -10.97
N GLU A 187 -4.97 6.82 -10.88
CA GLU A 187 -6.32 6.28 -10.66
C GLU A 187 -6.86 5.55 -11.89
N VAL A 188 -6.23 5.78 -13.04
CA VAL A 188 -6.59 5.08 -14.29
C VAL A 188 -5.61 3.92 -14.55
N LEU A 189 -5.41 3.07 -13.53
CA LEU A 189 -4.58 1.87 -13.65
C LEU A 189 -5.21 0.67 -12.95
N TYR A 194 -8.67 2.77 0.12
CA TYR A 194 -7.37 3.32 0.57
C TYR A 194 -6.91 2.62 1.85
N ASP A 195 -6.34 1.44 1.69
CA ASP A 195 -5.72 0.69 2.78
C ASP A 195 -4.29 1.16 3.05
N LYS A 196 -3.62 1.66 2.02
CA LYS A 196 -2.24 2.13 2.16
C LYS A 196 -2.13 3.28 3.17
N SER A 197 -3.00 4.28 3.03
CA SER A 197 -3.02 5.45 3.92
C SER A 197 -3.07 5.05 5.39
N CYS A 198 -3.78 3.97 5.67
CA CYS A 198 -3.87 3.40 7.02
C CYS A 198 -2.52 3.29 7.72
N ASP A 199 -1.51 2.82 6.99
CA ASP A 199 -0.16 2.68 7.53
C ASP A 199 0.51 4.01 7.84
N MET A 200 0.14 5.05 7.10
CA MET A 200 0.75 6.38 7.23
C MET A 200 0.31 7.06 8.51
N TRP A 201 -0.95 6.88 8.87
CA TRP A 201 -1.44 7.23 10.20
C TRP A 201 -0.58 6.57 11.27
N SER A 202 -0.34 5.27 11.12
CA SER A 202 0.43 4.50 12.10
C SER A 202 1.81 5.11 12.35
N LEU A 203 2.57 5.33 11.28
CA LEU A 203 3.87 5.97 11.39
C LEU A 203 3.78 7.26 12.21
N GLY A 204 2.72 8.03 11.97
CA GLY A 204 2.45 9.24 12.75
C GLY A 204 2.30 9.00 14.23
N VAL A 205 1.64 7.90 14.60
CA VAL A 205 1.49 7.53 16.00
C VAL A 205 2.83 7.10 16.57
N ILE A 206 3.51 6.19 15.87
CA ILE A 206 4.84 5.70 16.26
C ILE A 206 5.84 6.86 16.45
N MET A 207 5.81 7.81 15.51
CA MET A 207 6.70 8.97 15.54
C MET A 207 6.35 9.91 16.69
N TYR A 208 5.06 10.02 17.01
CA TYR A 208 4.59 10.84 18.11
C TYR A 208 5.07 10.28 19.44
N ILE A 209 4.98 8.97 19.59
CA ILE A 209 5.41 8.28 20.81
C ILE A 209 6.93 8.26 20.92
N LEU A 210 7.62 8.18 19.79
CA LEU A 210 9.08 8.24 19.74
C LEU A 210 9.65 9.57 20.24
N LEU A 211 8.94 10.67 20.00
CA LEU A 211 9.44 12.00 20.39
C LEU A 211 9.14 12.40 21.83
N CYS A 212 8.00 11.96 22.37
CA CYS A 212 7.56 12.39 23.71
C CYS A 212 7.41 11.28 24.75
N GLY A 213 7.20 10.04 24.32
CA GLY A 213 7.12 8.89 25.22
C GLY A 213 5.70 8.41 25.51
N TYR A 214 4.70 9.16 25.07
CA TYR A 214 3.30 8.77 25.23
C TYR A 214 2.55 8.94 23.91
N PRO A 215 1.39 8.28 23.76
CA PRO A 215 0.64 8.42 22.53
C PRO A 215 -0.19 9.70 22.47
N PRO A 216 -0.56 10.14 21.26
CA PRO A 216 -1.30 11.38 21.09
C PRO A 216 -2.77 11.29 21.51
N PHE A 217 -3.28 10.07 21.67
CA PHE A 217 -4.67 9.86 22.10
C PHE A 217 -4.75 8.80 23.21
N TYR A 218 -5.42 9.14 24.31
CA TYR A 218 -5.69 8.18 25.39
C TYR A 218 -6.97 8.54 26.17
N SER A 219 -7.31 7.71 27.15
CA SER A 219 -8.41 8.00 28.09
C SER A 219 -7.97 7.71 29.53
N GLY A 228 -14.90 8.03 24.58
CA GLY A 228 -14.17 9.20 25.04
C GLY A 228 -12.95 9.46 24.18
N MET A 229 -12.03 8.51 24.18
CA MET A 229 -10.84 8.55 23.31
C MET A 229 -11.23 8.36 21.86
N LYS A 230 -12.22 7.50 21.61
CA LYS A 230 -12.73 7.25 20.27
C LYS A 230 -13.08 8.57 19.56
N THR A 231 -13.66 9.51 20.30
CA THR A 231 -14.04 10.82 19.77
C THR A 231 -12.81 11.67 19.42
N ARG A 232 -11.80 11.65 20.29
CA ARG A 232 -10.59 12.43 20.07
C ARG A 232 -9.81 11.97 18.83
N ILE A 233 -9.89 10.68 18.51
CA ILE A 233 -9.26 10.14 17.31
C ILE A 233 -9.98 10.57 16.04
N ARG A 234 -11.32 10.65 16.10
CA ARG A 234 -12.12 11.06 14.95
C ARG A 234 -11.99 12.56 14.68
N MET A 235 -12.06 13.36 15.74
CA MET A 235 -11.96 14.81 15.64
C MET A 235 -10.54 15.28 15.26
N GLY A 236 -9.54 14.50 15.67
CA GLY A 236 -8.14 14.88 15.49
C GLY A 236 -7.67 15.82 16.59
N GLN A 237 -8.17 15.61 17.81
CA GLN A 237 -7.84 16.46 18.96
C GLN A 237 -6.63 15.94 19.73
N TYR A 238 -5.47 16.52 19.43
CA TYR A 238 -4.24 16.24 20.17
C TYR A 238 -3.44 17.53 20.32
N GLU A 239 -2.38 17.47 21.13
CA GLU A 239 -1.57 18.64 21.48
C GLU A 239 -0.09 18.28 21.38
N PHE A 240 0.77 19.29 21.39
CA PHE A 240 2.21 19.07 21.52
C PHE A 240 2.71 19.73 22.82
N PRO A 241 2.31 19.15 23.98
CA PRO A 241 2.53 19.86 25.24
C PRO A 241 3.99 19.94 25.67
N ASN A 242 4.29 20.94 26.50
CA ASN A 242 5.58 21.02 27.18
C ASN A 242 5.47 20.17 28.45
N PRO A 243 6.61 19.68 28.97
CA PRO A 243 7.99 19.86 28.52
C PRO A 243 8.46 18.91 27.44
N GLU A 244 7.61 17.98 27.01
CA GLU A 244 8.05 16.89 26.15
C GLU A 244 8.30 17.31 24.70
N TRP A 245 7.63 18.38 24.26
CA TRP A 245 7.78 18.89 22.88
C TRP A 245 8.47 20.25 22.82
N SER A 246 8.94 20.75 23.96
CA SER A 246 9.58 22.06 24.04
C SER A 246 10.76 22.19 23.10
N GLU A 247 11.59 21.15 23.07
CA GLU A 247 12.81 21.14 22.26
C GLU A 247 12.59 20.67 20.82
N VAL A 248 11.43 20.08 20.54
CA VAL A 248 11.14 19.52 19.22
C VAL A 248 10.78 20.63 18.24
N SER A 249 11.29 20.55 17.02
CA SER A 249 11.12 21.61 16.03
C SER A 249 9.74 21.62 15.39
N GLU A 250 9.37 22.75 14.79
CA GLU A 250 8.12 22.90 14.06
C GLU A 250 8.09 22.00 12.81
N GLU A 251 9.26 21.77 12.23
CA GLU A 251 9.42 20.88 11.07
C GLU A 251 8.93 19.46 11.39
N VAL A 252 9.27 18.98 12.59
CA VAL A 252 8.87 17.64 13.02
C VAL A 252 7.39 17.60 13.40
N LYS A 253 6.90 18.63 14.09
CA LYS A 253 5.49 18.74 14.46
C LYS A 253 4.59 18.77 13.24
N MET A 254 4.96 19.55 12.22
CA MET A 254 4.20 19.62 10.97
C MET A 254 4.21 18.30 10.19
N LEU A 255 5.30 17.54 10.31
CA LEU A 255 5.38 16.22 9.70
C LEU A 255 4.39 15.26 10.38
N ILE A 256 4.27 15.36 11.70
CA ILE A 256 3.28 14.57 12.44
C ILE A 256 1.85 15.02 12.11
N ARG A 257 1.64 16.32 11.94
CA ARG A 257 0.32 16.83 11.58
C ARG A 257 -0.15 16.25 10.26
N ASN A 258 0.74 16.17 9.29
CA ASN A 258 0.41 15.63 7.96
C ASN A 258 0.39 14.11 7.89
N LEU A 259 0.76 13.44 8.98
CA LEU A 259 0.58 11.99 9.09
C LEU A 259 -0.70 11.64 9.85
N LEU A 260 -1.09 12.47 10.81
CA LEU A 260 -2.26 12.24 11.65
C LEU A 260 -3.50 13.05 11.21
N LYS A 261 -3.66 13.22 9.89
CA LYS A 261 -4.86 13.89 9.37
C LYS A 261 -6.07 12.98 9.51
N THR A 262 -7.24 13.57 9.76
CA THR A 262 -8.49 12.81 9.90
C THR A 262 -8.87 12.18 8.56
N GLU A 263 -8.75 12.96 7.49
CA GLU A 263 -9.09 12.47 6.16
C GLU A 263 -7.91 11.73 5.55
N PRO A 264 -8.06 10.43 5.26
CA PRO A 264 -6.95 9.65 4.72
C PRO A 264 -6.40 10.13 3.36
N THR A 265 -7.25 10.71 2.52
CA THR A 265 -6.83 11.22 1.21
C THR A 265 -6.09 12.57 1.34
N GLN A 266 -6.24 13.19 2.51
CA GLN A 266 -5.49 14.40 2.88
C GLN A 266 -4.13 14.04 3.49
N ARG A 267 -3.85 12.74 3.58
CA ARG A 267 -2.69 12.24 4.32
C ARG A 267 -1.48 12.03 3.41
N MET A 268 -0.29 12.23 3.99
CA MET A 268 0.97 12.13 3.25
C MET A 268 1.24 10.69 2.79
N THR A 269 1.82 10.55 1.60
CA THR A 269 2.15 9.24 1.05
C THR A 269 3.56 8.79 1.47
N ILE A 270 3.82 7.48 1.42
CA ILE A 270 5.10 6.92 1.85
C ILE A 270 6.29 7.49 1.04
N THR A 271 6.08 7.74 -0.24
CA THR A 271 7.12 8.35 -1.08
C THR A 271 7.45 9.77 -0.62
N GLU A 272 6.42 10.51 -0.22
CA GLU A 272 6.60 11.86 0.31
C GLU A 272 7.25 11.84 1.70
N PHE A 273 6.92 10.82 2.49
CA PHE A 273 7.52 10.65 3.81
C PHE A 273 9.02 10.36 3.70
N MET A 274 9.39 9.48 2.78
CA MET A 274 10.80 9.10 2.59
C MET A 274 11.63 10.20 1.90
N ASN A 275 10.97 11.16 1.24
CA ASN A 275 11.65 12.31 0.64
C ASN A 275 11.65 13.57 1.53
N HIS A 276 11.02 13.48 2.69
CA HIS A 276 11.01 14.57 3.67
C HIS A 276 12.39 14.70 4.31
N PRO A 277 12.95 15.94 4.36
CA PRO A 277 14.34 16.15 4.82
C PRO A 277 14.68 15.55 6.19
N TRP A 278 13.71 15.51 7.09
CA TRP A 278 13.89 14.91 8.42
C TRP A 278 14.16 13.40 8.37
N ILE A 279 13.66 12.75 7.31
CA ILE A 279 13.85 11.31 7.13
C ILE A 279 15.04 10.98 6.22
N MET A 280 15.18 11.71 5.12
CA MET A 280 16.29 11.49 4.17
C MET A 280 17.65 11.74 4.79
N GLN A 281 17.78 12.91 5.42
CA GLN A 281 19.01 13.29 6.10
C GLN A 281 18.80 13.18 7.59
N SER A 282 18.81 11.93 8.08
CA SER A 282 18.69 11.65 9.51
C SER A 282 19.90 12.20 10.26
N THR A 283 21.03 12.30 9.57
CA THR A 283 22.26 12.78 10.17
C THR A 283 22.23 14.28 10.46
N LYS A 284 21.60 15.08 9.60
CA LYS A 284 21.54 16.53 9.79
C LYS A 284 20.63 16.90 10.96
N VAL A 285 19.66 16.03 11.27
CA VAL A 285 18.78 16.23 12.43
C VAL A 285 19.59 16.33 13.72
N PRO A 286 19.35 17.39 14.51
CA PRO A 286 20.17 17.62 15.71
C PRO A 286 20.03 16.53 16.78
N GLN A 287 21.01 16.49 17.67
CA GLN A 287 21.08 15.50 18.75
C GLN A 287 20.34 15.97 20.00
N THR A 288 19.21 16.67 19.80
CA THR A 288 18.47 17.26 20.91
C THR A 288 17.88 16.17 21.81
N PRO A 289 18.02 16.32 23.14
CA PRO A 289 17.57 15.29 24.05
C PRO A 289 16.06 15.28 24.25
N LEU A 290 15.49 14.07 24.31
CA LEU A 290 14.05 13.87 24.44
C LEU A 290 13.71 13.26 25.79
N HIS A 291 12.44 13.39 26.20
CA HIS A 291 11.95 12.82 27.45
C HIS A 291 11.46 11.37 27.28
N THR A 292 11.57 10.82 26.07
CA THR A 292 10.92 9.55 25.74
C THR A 292 11.37 8.37 26.61
N SER A 293 12.65 8.33 26.94
CA SER A 293 13.19 7.28 27.82
C SER A 293 12.61 7.36 29.23
N ARG A 294 12.58 8.57 29.80
CA ARG A 294 12.09 8.76 31.17
C ARG A 294 10.57 8.62 31.24
N VAL A 295 9.88 9.16 30.23
CA VAL A 295 8.42 9.14 30.21
C VAL A 295 7.89 7.71 30.14
N LEU A 296 8.51 6.89 29.28
CA LEU A 296 8.16 5.47 29.16
C LEU A 296 8.39 4.73 30.46
N LYS A 297 9.52 5.03 31.11
CA LYS A 297 9.92 4.41 32.39
C LYS A 297 8.84 4.42 33.49
N GLU A 298 7.92 5.38 33.43
CA GLU A 298 6.88 5.53 34.45
C GLU A 298 5.56 4.86 34.07
N ASP A 299 5.65 3.70 33.41
CA ASP A 299 4.49 2.97 32.89
C ASP A 299 3.63 3.82 31.97
N HIS B 1 -53.02 -12.41 37.40
CA HIS B 1 -52.71 -11.03 37.89
C HIS B 1 -51.39 -10.52 37.35
N VAL B 2 -51.19 -9.22 37.48
CA VAL B 2 -50.22 -8.50 36.67
C VAL B 2 -49.12 -7.83 37.49
N LYS B 3 -47.99 -7.62 36.84
CA LYS B 3 -46.90 -6.80 37.38
C LYS B 3 -46.79 -5.52 36.56
N SER B 4 -46.02 -4.57 37.06
CA SER B 4 -45.81 -3.31 36.36
C SER B 4 -44.85 -3.49 35.19
N GLY B 5 -44.88 -2.53 34.26
CA GLY B 5 -43.95 -2.47 33.15
C GLY B 5 -42.71 -1.69 33.55
N LEU B 6 -41.71 -1.69 32.68
CA LEU B 6 -40.44 -0.99 32.94
C LEU B 6 -40.65 0.52 32.85
N GLN B 7 -40.45 1.23 33.96
CA GLN B 7 -40.65 2.67 34.01
C GLN B 7 -39.66 3.45 33.14
N ILE B 8 -38.37 3.15 33.27
CA ILE B 8 -37.29 3.81 32.51
C ILE B 8 -37.23 5.33 32.72
N LYS B 9 -36.57 5.76 33.79
CA LYS B 9 -36.46 7.17 34.15
C LYS B 9 -35.53 7.94 33.20
N LYS B 10 -35.74 9.26 33.15
CA LYS B 10 -34.95 10.13 32.29
C LYS B 10 -33.98 11.03 33.06
N ASN B 11 -34.35 11.44 34.28
CA ASN B 11 -33.49 12.34 35.07
C ASN B 11 -32.14 11.72 35.40
N ALA B 12 -31.15 12.56 35.70
CA ALA B 12 -29.77 12.11 35.87
C ALA B 12 -29.59 11.27 37.14
N ILE B 13 -28.99 10.09 36.99
CA ILE B 13 -28.73 9.21 38.15
C ILE B 13 -27.90 9.87 39.24
N ILE B 14 -27.05 10.85 38.85
CA ILE B 14 -26.27 11.62 39.83
C ILE B 14 -27.16 12.32 40.85
N ASP B 15 -28.41 12.58 40.48
CA ASP B 15 -29.40 13.17 41.39
C ASP B 15 -29.88 12.15 42.44
N ASP B 16 -30.04 10.90 42.03
CA ASP B 16 -30.57 9.85 42.91
C ASP B 16 -29.48 8.98 43.54
N TYR B 17 -28.36 8.81 42.85
CA TYR B 17 -27.27 7.96 43.33
C TYR B 17 -25.91 8.64 43.22
N LYS B 18 -25.01 8.31 44.14
CA LYS B 18 -23.61 8.70 44.04
C LYS B 18 -22.85 7.59 43.32
N VAL B 19 -22.26 7.92 42.17
CA VAL B 19 -21.55 6.94 41.34
C VAL B 19 -20.05 6.92 41.66
N THR B 20 -19.60 5.83 42.31
CA THR B 20 -18.18 5.67 42.65
C THR B 20 -17.41 5.07 41.46
N SER B 21 -16.11 4.83 41.66
CA SER B 21 -15.26 4.21 40.64
C SER B 21 -14.89 2.75 40.97
N GLN B 22 -15.37 2.25 42.11
CA GLN B 22 -15.08 0.86 42.52
C GLN B 22 -15.74 -0.10 41.54
N VAL B 23 -14.91 -0.77 40.73
CA VAL B 23 -15.40 -1.71 39.74
C VAL B 23 -15.63 -3.09 40.37
N LEU B 24 -16.83 -3.63 40.21
CA LEU B 24 -17.20 -4.95 40.75
C LEU B 24 -17.15 -6.05 39.68
N GLY B 25 -16.73 -5.71 38.47
CA GLY B 25 -16.57 -6.68 37.39
C GLY B 25 -16.55 -6.06 36.00
N LEU B 26 -16.00 -6.80 35.04
CA LEU B 26 -15.98 -6.40 33.63
C LEU B 26 -16.36 -7.59 32.75
N GLY B 27 -17.28 -7.39 31.80
CA GLY B 27 -17.80 -8.49 31.00
C GLY B 27 -18.50 -8.08 29.71
N ILE B 28 -19.65 -8.70 29.45
CA ILE B 28 -20.39 -8.52 28.19
C ILE B 28 -21.04 -7.14 28.09
N ASN B 29 -20.51 -6.31 27.18
CA ASN B 29 -21.04 -4.97 26.88
C ASN B 29 -20.38 -3.84 27.68
N GLY B 30 -19.92 -4.14 28.89
CA GLY B 30 -19.28 -3.13 29.74
C GLY B 30 -19.16 -3.54 31.20
N LYS B 31 -18.31 -2.84 31.93
CA LYS B 31 -18.04 -3.17 33.33
C LYS B 31 -19.18 -2.74 34.25
N VAL B 32 -19.21 -3.33 35.45
CA VAL B 32 -20.20 -2.99 36.46
C VAL B 32 -19.56 -2.22 37.62
N LEU B 33 -19.88 -0.93 37.72
CA LEU B 33 -19.45 -0.10 38.84
C LEU B 33 -20.40 -0.28 40.02
N GLN B 34 -19.97 0.20 41.19
CA GLN B 34 -20.81 0.18 42.39
C GLN B 34 -21.22 1.60 42.76
N ILE B 35 -22.52 1.80 43.00
CA ILE B 35 -23.06 3.12 43.33
C ILE B 35 -23.60 3.11 44.76
N PHE B 36 -24.20 4.23 45.18
CA PHE B 36 -24.84 4.35 46.48
C PHE B 36 -26.10 5.21 46.38
N ASN B 37 -27.19 4.76 47.00
CA ASN B 37 -28.41 5.55 47.07
C ASN B 37 -28.21 6.75 47.99
N LYS B 38 -28.57 7.93 47.51
CA LYS B 38 -28.36 9.18 48.27
C LYS B 38 -29.40 9.39 49.38
N ARG B 39 -30.65 8.99 49.11
CA ARG B 39 -31.72 9.07 50.11
C ARG B 39 -31.39 8.26 51.35
N THR B 40 -31.29 6.94 51.18
CA THR B 40 -30.83 6.05 52.23
C THR B 40 -29.31 5.99 52.15
N GLN B 41 -28.70 4.84 52.45
CA GLN B 41 -27.27 4.63 52.18
C GLN B 41 -27.01 3.24 51.61
N GLU B 42 -28.00 2.70 50.89
CA GLU B 42 -27.91 1.36 50.31
C GLU B 42 -26.90 1.32 49.18
N LYS B 43 -26.42 0.12 48.87
CA LYS B 43 -25.37 -0.07 47.85
C LYS B 43 -25.92 0.02 46.42
N PHE B 44 -26.46 -1.08 45.91
CA PHE B 44 -26.87 -1.22 44.50
C PHE B 44 -25.70 -1.21 43.52
N ALA B 45 -25.80 -2.05 42.48
CA ALA B 45 -24.77 -2.15 41.44
C ALA B 45 -25.26 -1.49 40.16
N LEU B 46 -24.34 -0.88 39.42
CA LEU B 46 -24.65 -0.17 38.18
C LEU B 46 -23.99 -0.88 36.99
N LYS B 47 -24.78 -1.18 35.96
CA LYS B 47 -24.26 -1.70 34.69
C LYS B 47 -24.56 -0.70 33.59
N MET B 48 -23.54 -0.36 32.81
CA MET B 48 -23.58 0.78 31.90
C MET B 48 -23.58 0.34 30.42
N LEU B 49 -24.71 0.54 29.76
CA LEU B 49 -24.88 0.14 28.35
C LEU B 49 -25.18 1.36 27.49
N GLN B 50 -24.65 1.38 26.27
CA GLN B 50 -24.95 2.45 25.32
C GLN B 50 -26.21 2.10 24.52
N ASP B 51 -27.07 3.08 24.31
CA ASP B 51 -28.38 2.85 23.70
C ASP B 51 -28.25 2.39 22.26
N CYS B 52 -28.73 1.18 22.01
CA CYS B 52 -28.77 0.60 20.67
C CYS B 52 -29.68 -0.63 20.73
N PRO B 53 -30.74 -0.65 19.89
CA PRO B 53 -31.63 -1.80 19.84
C PRO B 53 -30.87 -3.15 19.83
N LYS B 54 -30.67 -3.70 21.04
CA LYS B 54 -29.76 -4.82 21.31
C LYS B 54 -29.40 -4.76 22.79
N ALA B 55 -28.96 -3.59 23.22
CA ALA B 55 -28.85 -3.27 24.64
C ALA B 55 -30.25 -3.01 25.20
N ARG B 56 -31.08 -2.39 24.38
CA ARG B 56 -32.48 -2.11 24.74
C ARG B 56 -33.30 -3.41 24.78
N ARG B 57 -32.82 -4.45 24.11
CA ARG B 57 -33.37 -5.81 24.22
C ARG B 57 -33.04 -6.38 25.59
N GLU B 58 -31.78 -6.27 26.01
CA GLU B 58 -31.33 -6.79 27.30
C GLU B 58 -32.19 -6.25 28.45
N VAL B 59 -32.35 -4.93 28.49
CA VAL B 59 -33.12 -4.27 29.56
C VAL B 59 -34.59 -4.71 29.56
N GLU B 60 -35.10 -5.05 28.39
CA GLU B 60 -36.49 -5.50 28.25
C GLU B 60 -36.66 -6.94 28.74
N LEU B 61 -35.76 -7.82 28.31
CA LEU B 61 -35.79 -9.23 28.72
C LEU B 61 -35.45 -9.39 30.21
N HIS B 62 -34.40 -8.70 30.65
CA HIS B 62 -34.00 -8.72 32.07
C HIS B 62 -35.18 -8.33 32.96
N TRP B 63 -35.90 -7.28 32.57
CA TRP B 63 -37.02 -6.77 33.36
C TRP B 63 -38.16 -7.80 33.49
N ARG B 64 -38.36 -8.62 32.47
CA ARG B 64 -39.37 -9.68 32.53
C ARG B 64 -38.89 -10.81 33.44
N ALA B 65 -37.61 -11.16 33.32
CA ALA B 65 -37.00 -12.21 34.15
C ALA B 65 -36.76 -11.74 35.58
N SER B 66 -36.76 -10.42 35.79
CA SER B 66 -36.50 -9.82 37.10
C SER B 66 -37.54 -10.19 38.17
N GLN B 67 -38.74 -10.58 37.74
CA GLN B 67 -39.80 -10.98 38.67
C GLN B 67 -39.45 -12.29 39.40
N CYS B 68 -38.61 -13.13 38.78
CA CYS B 68 -38.12 -14.36 39.39
C CYS B 68 -37.13 -14.06 40.52
N PRO B 69 -37.27 -14.75 41.68
CA PRO B 69 -36.39 -14.51 42.83
C PRO B 69 -34.93 -14.94 42.65
N HIS B 70 -34.67 -15.90 41.76
CA HIS B 70 -33.30 -16.37 41.51
C HIS B 70 -32.63 -15.67 40.32
N ILE B 71 -33.18 -14.52 39.92
CA ILE B 71 -32.55 -13.65 38.92
C ILE B 71 -32.44 -12.25 39.52
N VAL B 72 -31.36 -11.55 39.21
CA VAL B 72 -31.03 -10.28 39.86
C VAL B 72 -32.04 -9.18 39.51
N ARG B 73 -32.66 -8.60 40.53
CA ARG B 73 -33.64 -7.52 40.32
C ARG B 73 -32.95 -6.26 39.83
N ILE B 74 -33.53 -5.64 38.81
CA ILE B 74 -33.13 -4.28 38.42
C ILE B 74 -34.09 -3.30 39.08
N VAL B 75 -33.55 -2.44 39.94
CA VAL B 75 -34.36 -1.50 40.72
C VAL B 75 -34.83 -0.33 39.85
N ASP B 76 -33.98 0.13 38.94
CA ASP B 76 -34.33 1.18 37.99
C ASP B 76 -33.49 1.10 36.72
N VAL B 77 -34.05 1.61 35.63
CA VAL B 77 -33.35 1.79 34.37
C VAL B 77 -33.39 3.28 34.04
N TYR B 78 -32.24 3.86 33.74
CA TYR B 78 -32.14 5.29 33.43
C TYR B 78 -31.71 5.51 31.98
N GLU B 79 -32.35 6.45 31.30
CA GLU B 79 -31.92 6.91 29.98
C GLU B 79 -31.23 8.27 30.12
N ASN B 80 -29.90 8.27 30.01
CA ASN B 80 -29.10 9.49 30.18
C ASN B 80 -28.15 9.73 29.01
N LEU B 81 -27.56 10.93 29.00
CA LEU B 81 -26.51 11.29 28.05
C LEU B 81 -25.17 11.30 28.76
N TYR B 82 -24.39 10.23 28.57
CA TYR B 82 -23.01 10.19 29.06
C TYR B 82 -22.09 10.65 27.94
N ALA B 83 -21.16 11.54 28.28
CA ALA B 83 -20.30 12.20 27.30
C ALA B 83 -21.14 13.04 26.34
N GLY B 84 -21.67 12.41 25.30
CA GLY B 84 -22.64 13.05 24.41
C GLY B 84 -23.45 12.07 23.58
N ARG B 85 -23.74 10.92 24.16
CA ARG B 85 -24.44 9.84 23.45
C ARG B 85 -25.38 9.12 24.41
N LYS B 86 -26.44 8.54 23.84
CA LYS B 86 -27.49 7.91 24.64
C LYS B 86 -26.96 6.69 25.40
N CYS B 87 -27.34 6.59 26.67
CA CYS B 87 -26.92 5.49 27.53
C CYS B 87 -28.09 4.94 28.35
N LEU B 88 -28.06 3.63 28.58
CA LEU B 88 -29.00 2.97 29.48
C LEU B 88 -28.24 2.52 30.72
N LEU B 89 -28.54 3.16 31.85
CA LEU B 89 -27.90 2.83 33.12
C LEU B 89 -28.80 1.92 33.96
N ILE B 90 -28.49 0.62 33.99
CA ILE B 90 -29.28 -0.36 34.74
C ILE B 90 -28.78 -0.45 36.18
N VAL B 91 -29.56 0.07 37.12
CA VAL B 91 -29.25 -0.05 38.54
C VAL B 91 -29.85 -1.36 39.05
N MET B 92 -29.02 -2.18 39.71
CA MET B 92 -29.44 -3.50 40.20
C MET B 92 -29.19 -3.63 41.69
N GLU B 93 -29.82 -4.63 42.30
CA GLU B 93 -29.57 -4.97 43.70
C GLU B 93 -28.13 -5.47 43.83
N CYS B 94 -27.47 -5.12 44.93
CA CYS B 94 -26.07 -5.49 45.13
C CYS B 94 -25.98 -6.96 45.57
N LEU B 95 -25.12 -7.71 44.88
CA LEU B 95 -24.87 -9.11 45.19
C LEU B 95 -23.42 -9.25 45.61
N ASP B 96 -23.12 -8.78 46.82
CA ASP B 96 -21.76 -8.80 47.35
C ASP B 96 -21.39 -10.11 48.06
N GLY B 97 -22.16 -11.18 47.80
CA GLY B 97 -21.86 -12.51 48.32
C GLY B 97 -20.83 -13.27 47.51
N GLY B 98 -20.22 -12.62 46.51
CA GLY B 98 -19.19 -13.24 45.68
C GLY B 98 -19.76 -14.14 44.60
N GLU B 99 -18.88 -14.77 43.83
CA GLU B 99 -19.31 -15.74 42.82
C GLU B 99 -19.67 -17.06 43.49
N LEU B 100 -20.36 -17.92 42.75
CA LEU B 100 -20.79 -19.22 43.24
C LEU B 100 -19.60 -20.03 43.78
N PHE B 101 -18.58 -20.18 42.95
CA PHE B 101 -17.40 -20.99 43.31
C PHE B 101 -16.38 -20.24 44.15
N SER B 102 -16.57 -18.93 44.34
CA SER B 102 -15.78 -18.18 45.31
C SER B 102 -16.20 -18.54 46.72
N ARG B 103 -17.49 -18.77 46.93
CA ARG B 103 -18.02 -19.20 48.22
C ARG B 103 -17.64 -20.63 48.58
N ILE B 104 -17.73 -21.52 47.58
CA ILE B 104 -17.39 -22.94 47.78
C ILE B 104 -15.89 -23.14 48.03
N GLN B 105 -15.08 -22.16 47.62
CA GLN B 105 -13.62 -22.22 47.77
C GLN B 105 -13.14 -21.97 49.20
N ASP B 106 -14.07 -21.89 50.16
CA ASP B 106 -13.74 -21.74 51.57
C ASP B 106 -14.85 -22.27 52.46
N ALA B 111 -17.32 -28.88 55.03
CA ALA B 111 -17.40 -30.16 54.33
C ALA B 111 -17.79 -29.99 52.87
N PHE B 112 -18.93 -29.33 52.65
CA PHE B 112 -19.59 -29.20 51.33
C PHE B 112 -20.05 -30.55 50.78
N THR B 113 -21.34 -30.84 50.99
CA THR B 113 -21.91 -32.14 50.69
C THR B 113 -22.64 -32.17 49.34
N GLU B 114 -23.02 -33.37 48.92
CA GLU B 114 -23.84 -33.56 47.71
C GLU B 114 -25.17 -32.85 47.85
N ARG B 115 -25.75 -32.92 49.04
CA ARG B 115 -27.02 -32.24 49.35
C ARG B 115 -26.94 -30.75 49.06
N GLU B 116 -25.86 -30.11 49.49
CA GLU B 116 -25.64 -28.70 49.21
C GLU B 116 -25.54 -28.43 47.70
N ALA B 117 -24.98 -29.39 46.97
CA ALA B 117 -24.90 -29.30 45.51
C ALA B 117 -26.28 -29.36 44.86
N SER B 118 -27.15 -30.23 45.37
CA SER B 118 -28.53 -30.33 44.88
C SER B 118 -29.32 -29.05 45.14
N GLU B 119 -29.11 -28.45 46.30
CA GLU B 119 -29.79 -27.21 46.67
C GLU B 119 -29.35 -26.02 45.79
N ILE B 120 -28.09 -26.02 45.38
CA ILE B 120 -27.57 -24.99 44.47
C ILE B 120 -28.06 -25.22 43.03
N MET B 121 -28.15 -26.48 42.60
CA MET B 121 -28.63 -26.80 41.25
C MET B 121 -30.15 -26.64 41.09
N LYS B 122 -30.87 -26.60 42.21
CA LYS B 122 -32.30 -26.30 42.17
C LYS B 122 -32.53 -24.80 42.04
N SER B 123 -31.69 -24.02 42.71
CA SER B 123 -31.76 -22.55 42.63
C SER B 123 -31.48 -22.04 41.23
N ILE B 124 -30.46 -22.61 40.59
CA ILE B 124 -30.09 -22.26 39.22
C ILE B 124 -31.14 -22.79 38.24
N GLY B 125 -31.66 -23.99 38.52
CA GLY B 125 -32.71 -24.60 37.70
C GLY B 125 -34.03 -23.85 37.76
N GLU B 126 -34.35 -23.29 38.92
CA GLU B 126 -35.53 -22.43 39.06
C GLU B 126 -35.43 -21.24 38.12
N ALA B 127 -34.27 -20.58 38.14
CA ALA B 127 -34.01 -19.44 37.28
C ALA B 127 -34.19 -19.78 35.79
N ILE B 128 -33.59 -20.89 35.35
CA ILE B 128 -33.71 -21.33 33.96
C ILE B 128 -35.12 -21.84 33.63
N GLN B 129 -35.85 -22.34 34.64
CA GLN B 129 -37.23 -22.77 34.44
C GLN B 129 -38.13 -21.57 34.15
N TYR B 130 -38.01 -20.51 34.94
CA TYR B 130 -38.86 -19.33 34.74
C TYR B 130 -38.54 -18.60 33.44
N LEU B 131 -37.26 -18.60 33.04
CA LEU B 131 -36.87 -18.02 31.76
C LEU B 131 -37.51 -18.76 30.58
N HIS B 132 -37.36 -20.09 30.57
CA HIS B 132 -37.91 -20.92 29.50
C HIS B 132 -39.45 -20.95 29.48
N SER B 133 -40.08 -20.68 30.62
CA SER B 133 -41.54 -20.59 30.71
C SER B 133 -42.06 -19.33 30.02
N ILE B 134 -41.25 -18.28 30.02
CA ILE B 134 -41.60 -17.00 29.38
C ILE B 134 -40.82 -16.78 28.07
N ASN B 135 -40.39 -17.88 27.45
CA ASN B 135 -39.69 -17.84 26.15
C ASN B 135 -38.43 -16.99 26.15
N ILE B 136 -37.55 -17.25 27.11
CA ILE B 136 -36.26 -16.57 27.21
C ILE B 136 -35.17 -17.63 27.31
N ALA B 137 -34.13 -17.50 26.49
CA ALA B 137 -32.95 -18.34 26.59
C ALA B 137 -31.77 -17.46 26.98
N HIS B 138 -31.12 -17.78 28.09
CA HIS B 138 -30.03 -16.94 28.62
C HIS B 138 -28.81 -17.00 27.73
N ARG B 139 -28.46 -18.21 27.28
CA ARG B 139 -27.38 -18.44 26.31
C ARG B 139 -25.98 -18.06 26.79
N ASP B 140 -25.82 -17.81 28.09
CA ASP B 140 -24.52 -17.49 28.68
C ASP B 140 -24.48 -17.83 30.18
N VAL B 141 -25.14 -18.92 30.54
CA VAL B 141 -25.15 -19.38 31.92
C VAL B 141 -23.77 -19.98 32.20
N LYS B 142 -22.98 -19.26 33.00
CA LYS B 142 -21.64 -19.71 33.37
C LYS B 142 -21.40 -19.37 34.84
N PRO B 143 -20.40 -20.01 35.47
CA PRO B 143 -20.12 -19.77 36.89
C PRO B 143 -20.02 -18.31 37.29
N GLU B 144 -19.45 -17.48 36.43
CA GLU B 144 -19.15 -16.09 36.74
C GLU B 144 -20.40 -15.22 36.84
N ASN B 145 -21.49 -15.66 36.19
CA ASN B 145 -22.77 -14.95 36.23
C ASN B 145 -23.70 -15.44 37.36
N LEU B 146 -23.18 -16.23 38.28
CA LEU B 146 -23.95 -16.72 39.43
C LEU B 146 -23.37 -16.12 40.72
N LEU B 147 -24.10 -15.18 41.31
CA LEU B 147 -23.63 -14.44 42.47
C LEU B 147 -24.61 -14.53 43.63
N TYR B 148 -24.06 -14.60 44.85
CA TYR B 148 -24.87 -14.62 46.08
C TYR B 148 -25.22 -13.20 46.52
N THR B 149 -26.28 -13.07 47.30
CA THR B 149 -26.77 -11.77 47.77
C THR B 149 -25.90 -11.18 48.87
N SER B 150 -25.62 -11.98 49.90
CA SER B 150 -24.81 -11.55 51.03
C SER B 150 -23.89 -12.68 51.48
N LYS B 151 -22.95 -12.37 52.37
CA LYS B 151 -22.03 -13.37 52.89
C LYS B 151 -22.72 -14.34 53.87
N ARG B 152 -23.83 -13.90 54.46
CA ARG B 152 -24.59 -14.71 55.40
C ARG B 152 -24.92 -16.10 54.85
N PRO B 153 -24.72 -17.16 55.66
CA PRO B 153 -25.14 -18.49 55.25
C PRO B 153 -26.67 -18.63 55.26
N ASN B 154 -27.25 -18.48 54.07
CA ASN B 154 -28.71 -18.41 53.82
C ASN B 154 -29.07 -17.42 52.69
N ALA B 155 -28.04 -16.77 52.13
CA ALA B 155 -28.21 -15.88 50.98
C ALA B 155 -28.63 -16.61 49.72
N ILE B 156 -29.34 -15.90 48.85
CA ILE B 156 -29.92 -16.50 47.64
C ILE B 156 -28.97 -16.36 46.46
N LEU B 157 -28.71 -17.49 45.79
CA LEU B 157 -27.89 -17.50 44.58
C LEU B 157 -28.73 -17.02 43.40
N LYS B 158 -28.23 -16.01 42.69
CA LYS B 158 -28.97 -15.38 41.60
C LYS B 158 -28.19 -15.31 40.29
N LEU B 159 -28.91 -15.46 39.18
CA LEU B 159 -28.34 -15.39 37.83
C LEU B 159 -28.32 -13.94 37.36
N THR B 160 -27.32 -13.58 36.55
CA THR B 160 -27.14 -12.21 36.08
C THR B 160 -26.66 -12.15 34.63
N ASP B 161 -26.59 -10.93 34.09
CA ASP B 161 -26.08 -10.67 32.73
C ASP B 161 -26.95 -11.28 31.61
N PHE B 162 -27.88 -10.46 31.11
CA PHE B 162 -28.77 -10.88 30.01
C PHE B 162 -28.29 -10.35 28.65
N GLY B 163 -26.97 -10.19 28.51
CA GLY B 163 -26.37 -9.67 27.29
C GLY B 163 -26.58 -10.59 26.10
N PHE B 164 -26.44 -11.89 26.32
CA PHE B 164 -26.66 -12.90 25.27
C PHE B 164 -28.10 -13.43 25.25
N ALA B 165 -28.99 -12.83 26.06
CA ALA B 165 -30.36 -13.30 26.17
C ALA B 165 -31.15 -13.03 24.87
N LYS B 166 -32.03 -13.96 24.53
CA LYS B 166 -32.83 -13.90 23.29
C LYS B 166 -34.20 -14.56 23.47
N GLU B 167 -35.22 -14.00 22.83
CA GLU B 167 -36.57 -14.61 22.83
C GLU B 167 -36.60 -15.84 21.94
N THR B 168 -37.29 -16.88 22.40
CA THR B 168 -37.31 -18.17 21.70
C THR B 168 -38.55 -18.34 20.81
N THR B 169 -39.02 -17.25 20.20
CA THR B 169 -40.18 -17.31 19.30
C THR B 169 -39.95 -16.41 18.08
N PRO B 181 -55.82 -25.19 19.79
CA PRO B 181 -56.60 -26.21 20.47
C PRO B 181 -55.86 -26.84 21.65
N TYR B 182 -56.47 -27.89 22.24
CA TYR B 182 -55.90 -28.58 23.41
C TYR B 182 -55.13 -29.84 23.05
N TYR B 183 -55.23 -30.27 21.78
CA TYR B 183 -54.63 -31.51 21.31
C TYR B 183 -53.40 -31.26 20.41
N VAL B 184 -53.10 -29.99 20.14
CA VAL B 184 -52.03 -29.63 19.21
C VAL B 184 -50.64 -29.86 19.81
N ALA B 185 -49.69 -30.22 18.96
CA ALA B 185 -48.31 -30.51 19.39
C ALA B 185 -47.51 -29.22 19.58
N PRO B 186 -46.41 -29.29 20.35
CA PRO B 186 -45.61 -28.09 20.63
C PRO B 186 -45.00 -27.44 19.39
N GLU B 187 -44.50 -28.26 18.46
CA GLU B 187 -43.86 -27.75 17.23
C GLU B 187 -44.84 -27.00 16.32
N VAL B 188 -46.14 -27.29 16.46
CA VAL B 188 -47.19 -26.60 15.69
C VAL B 188 -47.64 -25.30 16.38
N LEU B 189 -46.80 -24.75 17.27
CA LEU B 189 -47.07 -23.47 17.93
C LEU B 189 -45.98 -22.45 17.59
N TYR B 194 -33.18 -23.94 18.41
CA TYR B 194 -33.16 -24.47 19.77
C TYR B 194 -32.11 -23.77 20.64
N ASP B 195 -32.49 -22.58 21.13
CA ASP B 195 -31.64 -21.77 22.00
C ASP B 195 -31.82 -22.12 23.48
N LYS B 196 -32.90 -22.81 23.80
CA LYS B 196 -33.18 -23.22 25.19
C LYS B 196 -32.25 -24.36 25.64
N SER B 197 -32.09 -25.37 24.78
CA SER B 197 -31.19 -26.50 25.03
C SER B 197 -29.76 -26.07 25.36
N CYS B 198 -29.35 -24.93 24.81
CA CYS B 198 -28.07 -24.29 25.13
C CYS B 198 -27.84 -24.13 26.63
N ASP B 199 -28.91 -23.77 27.35
CA ASP B 199 -28.82 -23.55 28.81
C ASP B 199 -28.76 -24.85 29.61
N MET B 200 -29.29 -25.93 29.06
CA MET B 200 -29.27 -27.23 29.74
C MET B 200 -27.89 -27.88 29.67
N TRP B 201 -27.14 -27.60 28.61
CA TRP B 201 -25.73 -27.96 28.55
C TRP B 201 -24.96 -27.19 29.61
N SER B 202 -25.29 -25.91 29.78
CA SER B 202 -24.65 -25.07 30.78
C SER B 202 -24.88 -25.60 32.19
N LEU B 203 -26.11 -26.02 32.48
CA LEU B 203 -26.41 -26.60 33.78
C LEU B 203 -25.64 -27.89 34.03
N GLY B 204 -25.41 -28.66 32.96
CA GLY B 204 -24.60 -29.88 33.03
C GLY B 204 -23.15 -29.63 33.42
N VAL B 205 -22.56 -28.55 32.91
CA VAL B 205 -21.19 -28.20 33.26
C VAL B 205 -21.11 -27.66 34.68
N ILE B 206 -22.07 -26.79 35.04
CA ILE B 206 -22.12 -26.23 36.39
C ILE B 206 -22.28 -27.34 37.42
N MET B 207 -23.20 -28.27 37.16
CA MET B 207 -23.40 -29.42 38.05
C MET B 207 -22.13 -30.26 38.16
N TYR B 208 -21.49 -30.51 37.03
CA TYR B 208 -20.25 -31.30 36.99
C TYR B 208 -19.16 -30.70 37.88
N ILE B 209 -18.97 -29.38 37.78
CA ILE B 209 -17.93 -28.69 38.55
C ILE B 209 -18.24 -28.69 40.04
N LEU B 210 -19.52 -28.54 40.38
CA LEU B 210 -19.95 -28.55 41.77
C LEU B 210 -19.71 -29.89 42.45
N LEU B 211 -19.78 -30.98 41.70
CA LEU B 211 -19.65 -32.33 42.26
C LEU B 211 -18.19 -32.81 42.37
N CYS B 212 -17.28 -32.19 41.63
CA CYS B 212 -15.86 -32.61 41.68
C CYS B 212 -14.85 -31.48 41.85
N GLY B 213 -15.16 -30.28 41.35
CA GLY B 213 -14.30 -29.12 41.53
C GLY B 213 -13.56 -28.67 40.28
N TYR B 214 -13.58 -29.50 39.24
CA TYR B 214 -12.98 -29.15 37.95
C TYR B 214 -13.99 -29.38 36.83
N PRO B 215 -13.76 -28.73 35.67
CA PRO B 215 -14.72 -28.90 34.58
C PRO B 215 -14.57 -30.24 33.84
N PRO B 216 -15.60 -30.63 33.08
CA PRO B 216 -15.55 -31.87 32.30
C PRO B 216 -14.68 -31.78 31.04
N PHE B 217 -14.37 -30.56 30.61
CA PHE B 217 -13.51 -30.33 29.45
C PHE B 217 -12.44 -29.29 29.76
N TYR B 218 -11.20 -29.57 29.37
CA TYR B 218 -10.09 -28.62 29.54
C TYR B 218 -8.90 -28.96 28.62
N SER B 219 -7.83 -28.15 28.69
CA SER B 219 -6.59 -28.43 27.97
C SER B 219 -5.38 -28.13 28.87
N GLY B 228 -7.86 -28.88 20.34
CA GLY B 228 -7.62 -29.96 21.30
C GLY B 228 -8.81 -30.20 22.20
N MET B 229 -9.05 -29.28 23.13
CA MET B 229 -10.22 -29.33 24.01
C MET B 229 -11.51 -29.19 23.20
N LYS B 230 -11.46 -28.36 22.16
CA LYS B 230 -12.60 -28.17 21.24
C LYS B 230 -13.14 -29.53 20.81
N THR B 231 -12.24 -30.39 20.33
CA THR B 231 -12.59 -31.75 19.91
C THR B 231 -13.35 -32.52 21.00
N ARG B 232 -12.82 -32.49 22.22
CA ARG B 232 -13.42 -33.21 23.35
C ARG B 232 -14.85 -32.78 23.65
N ILE B 233 -15.15 -31.48 23.47
CA ILE B 233 -16.51 -30.97 23.66
C ILE B 233 -17.45 -31.44 22.56
N ARG B 234 -16.97 -31.50 21.32
CA ARG B 234 -17.75 -31.95 20.17
C ARG B 234 -18.03 -33.45 20.22
N MET B 235 -17.00 -34.22 20.58
CA MET B 235 -17.09 -35.69 20.67
C MET B 235 -17.87 -36.15 21.91
N GLY B 236 -17.91 -35.32 22.94
CA GLY B 236 -18.53 -35.67 24.21
C GLY B 236 -17.64 -36.57 25.04
N GLN B 237 -16.33 -36.35 24.96
CA GLN B 237 -15.35 -37.13 25.70
C GLN B 237 -15.07 -36.50 27.05
N TYR B 238 -15.64 -37.11 28.09
CA TYR B 238 -15.29 -36.75 29.47
C TYR B 238 -15.36 -37.99 30.34
N GLU B 239 -14.98 -37.85 31.60
CA GLU B 239 -14.91 -38.98 32.50
C GLU B 239 -15.44 -38.60 33.88
N PHE B 240 -15.69 -39.60 34.73
CA PHE B 240 -16.00 -39.36 36.14
C PHE B 240 -14.89 -40.01 36.97
N PRO B 241 -13.69 -39.39 36.98
CA PRO B 241 -12.53 -40.07 37.55
C PRO B 241 -12.57 -40.18 39.07
N ASN B 242 -11.84 -41.16 39.60
CA ASN B 242 -11.64 -41.28 41.03
C ASN B 242 -10.44 -40.42 41.42
N PRO B 243 -10.43 -39.89 42.66
CA PRO B 243 -11.36 -40.10 43.77
C PRO B 243 -12.67 -39.31 43.70
N GLU B 244 -12.66 -38.20 42.97
CA GLU B 244 -13.69 -37.16 43.10
C GLU B 244 -15.13 -37.61 42.82
N TRP B 245 -15.30 -38.71 42.09
CA TRP B 245 -16.62 -39.22 41.72
C TRP B 245 -16.94 -40.59 42.31
N SER B 246 -16.08 -41.07 43.21
CA SER B 246 -16.24 -42.41 43.79
C SER B 246 -17.51 -42.55 44.60
N GLU B 247 -17.78 -41.54 45.43
CA GLU B 247 -18.96 -41.55 46.31
C GLU B 247 -20.22 -40.98 45.65
N VAL B 248 -20.08 -40.39 44.47
CA VAL B 248 -21.23 -39.86 43.73
C VAL B 248 -22.01 -41.02 43.12
N SER B 249 -23.33 -40.98 43.21
CA SER B 249 -24.19 -42.09 42.79
C SER B 249 -24.28 -42.20 41.27
N GLU B 250 -24.78 -43.34 40.80
CA GLU B 250 -24.99 -43.56 39.37
C GLU B 250 -26.16 -42.73 38.84
N GLU B 251 -27.14 -42.49 39.73
CA GLU B 251 -28.29 -41.64 39.45
C GLU B 251 -27.86 -40.25 38.99
N VAL B 252 -26.99 -39.62 39.78
CA VAL B 252 -26.50 -38.27 39.50
C VAL B 252 -25.62 -38.25 38.25
N LYS B 253 -24.78 -39.27 38.08
CA LYS B 253 -23.94 -39.40 36.90
C LYS B 253 -24.79 -39.44 35.63
N MET B 254 -25.89 -40.20 35.67
CA MET B 254 -26.83 -40.27 34.56
C MET B 254 -27.52 -38.93 34.28
N LEU B 255 -27.79 -38.16 35.33
CA LEU B 255 -28.39 -36.83 35.19
C LEU B 255 -27.46 -35.86 34.47
N ILE B 256 -26.16 -35.98 34.74
CA ILE B 256 -25.15 -35.17 34.05
C ILE B 256 -24.93 -35.65 32.63
N ARG B 257 -24.98 -36.96 32.43
CA ARG B 257 -24.88 -37.56 31.08
C ARG B 257 -25.94 -37.02 30.14
N ASN B 258 -27.20 -37.04 30.57
CA ASN B 258 -28.33 -36.54 29.77
C ASN B 258 -28.31 -35.03 29.52
N LEU B 259 -27.63 -34.29 30.40
CA LEU B 259 -27.42 -32.85 30.19
C LEU B 259 -26.24 -32.56 29.27
N LEU B 260 -25.27 -33.47 29.22
CA LEU B 260 -24.07 -33.29 28.40
C LEU B 260 -24.07 -34.20 27.16
N LYS B 261 -25.23 -34.36 26.53
CA LYS B 261 -25.31 -35.06 25.26
C LYS B 261 -24.82 -34.11 24.18
N THR B 262 -24.19 -34.63 23.15
CA THR B 262 -23.69 -33.81 22.04
C THR B 262 -24.85 -33.20 21.25
N GLU B 263 -25.85 -34.02 20.94
CA GLU B 263 -27.02 -33.59 20.20
C GLU B 263 -27.99 -32.86 21.13
N PRO B 264 -28.27 -31.57 20.86
CA PRO B 264 -29.17 -30.78 21.73
C PRO B 264 -30.62 -31.27 21.79
N THR B 265 -31.13 -31.83 20.70
CA THR B 265 -32.49 -32.42 20.68
C THR B 265 -32.57 -33.68 21.54
N GLN B 266 -31.42 -34.33 21.74
CA GLN B 266 -31.30 -35.52 22.57
C GLN B 266 -31.06 -35.15 24.05
N ARG B 267 -31.09 -33.85 24.34
CA ARG B 267 -30.75 -33.32 25.66
C ARG B 267 -32.00 -33.14 26.52
N MET B 268 -31.80 -33.14 27.83
CA MET B 268 -32.90 -33.05 28.79
C MET B 268 -33.45 -31.62 28.82
N THR B 269 -34.77 -31.49 28.94
CA THR B 269 -35.42 -30.18 29.04
C THR B 269 -35.32 -29.68 30.49
N ILE B 270 -35.75 -28.44 30.73
CA ILE B 270 -35.71 -27.86 32.08
C ILE B 270 -36.78 -28.48 32.98
N THR B 271 -37.98 -28.71 32.43
CA THR B 271 -39.08 -29.30 33.19
C THR B 271 -38.75 -30.72 33.64
N GLU B 272 -38.09 -31.49 32.77
CA GLU B 272 -37.60 -32.83 33.12
C GLU B 272 -36.51 -32.77 34.18
N PHE B 273 -35.69 -31.72 34.11
CA PHE B 273 -34.62 -31.49 35.09
C PHE B 273 -35.18 -31.18 36.46
N MET B 274 -36.20 -30.33 36.52
CA MET B 274 -36.82 -29.93 37.79
C MET B 274 -37.63 -31.05 38.43
N ASN B 275 -38.22 -31.92 37.61
CA ASN B 275 -38.98 -33.07 38.10
C ASN B 275 -38.11 -34.29 38.46
N HIS B 276 -36.80 -34.20 38.23
CA HIS B 276 -35.86 -35.28 38.57
C HIS B 276 -35.83 -35.45 40.09
N PRO B 277 -35.78 -36.71 40.57
CA PRO B 277 -35.81 -36.95 42.02
C PRO B 277 -34.66 -36.30 42.78
N TRP B 278 -33.48 -36.24 42.15
CA TRP B 278 -32.31 -35.61 42.76
C TRP B 278 -32.54 -34.13 43.01
N ILE B 279 -33.21 -33.47 42.06
CA ILE B 279 -33.47 -32.03 42.16
C ILE B 279 -34.70 -31.74 43.04
N MET B 280 -35.77 -32.51 42.85
CA MET B 280 -36.98 -32.34 43.64
C MET B 280 -36.71 -32.53 45.12
N GLN B 281 -36.48 -33.77 45.53
CA GLN B 281 -36.20 -34.08 46.93
C GLN B 281 -34.76 -33.73 47.27
N SER B 282 -34.51 -32.46 47.57
CA SER B 282 -33.18 -31.99 47.92
C SER B 282 -32.81 -32.34 49.36
N THR B 283 -33.70 -33.02 50.07
CA THR B 283 -33.42 -33.52 51.42
C THR B 283 -33.06 -35.01 51.41
N LYS B 284 -33.74 -35.80 50.58
CA LYS B 284 -33.47 -37.25 50.49
C LYS B 284 -32.02 -37.51 50.03
N VAL B 285 -31.50 -36.62 49.18
CA VAL B 285 -30.12 -36.70 48.71
C VAL B 285 -29.14 -36.73 49.89
N PRO B 286 -28.26 -37.76 49.93
CA PRO B 286 -27.33 -37.92 51.04
C PRO B 286 -26.40 -36.72 51.29
N GLN B 287 -25.86 -36.65 52.49
CA GLN B 287 -24.88 -35.62 52.88
C GLN B 287 -23.45 -36.05 52.53
N THR B 288 -23.29 -36.84 51.46
CA THR B 288 -21.99 -37.39 51.08
C THR B 288 -20.96 -36.28 50.87
N PRO B 289 -19.77 -36.41 51.49
CA PRO B 289 -18.78 -35.34 51.36
C PRO B 289 -18.14 -35.30 49.97
N LEU B 290 -17.96 -34.10 49.44
CA LEU B 290 -17.39 -33.93 48.10
C LEU B 290 -15.99 -33.32 48.16
N HIS B 291 -15.20 -33.57 47.12
CA HIS B 291 -13.84 -33.05 47.02
C HIS B 291 -13.77 -31.60 46.49
N THR B 292 -14.92 -31.06 46.07
CA THR B 292 -14.99 -29.79 45.33
C THR B 292 -14.22 -28.62 45.94
N SER B 293 -14.50 -28.31 47.20
CA SER B 293 -13.87 -27.17 47.88
C SER B 293 -12.35 -27.29 47.92
N ARG B 294 -11.86 -28.51 48.15
CA ARG B 294 -10.42 -28.78 48.19
C ARG B 294 -9.83 -28.67 46.79
N VAL B 295 -10.52 -29.27 45.81
CA VAL B 295 -10.10 -29.24 44.41
C VAL B 295 -10.07 -27.81 43.85
N LEU B 296 -11.04 -26.99 44.26
CA LEU B 296 -11.08 -25.57 43.88
C LEU B 296 -9.92 -24.77 44.49
N LYS B 297 -9.56 -25.08 45.74
CA LYS B 297 -8.55 -24.31 46.46
C LYS B 297 -7.17 -24.38 45.78
N GLU B 298 -6.93 -25.44 45.02
CA GLU B 298 -5.73 -25.55 44.19
C GLU B 298 -5.88 -24.68 42.95
N ASP B 299 -4.99 -23.70 42.81
CA ASP B 299 -5.16 -22.55 41.92
C ASP B 299 -6.39 -21.74 42.35
N HIS C 1 -25.85 36.15 -25.59
CA HIS C 1 -25.78 35.13 -24.49
C HIS C 1 -26.20 33.71 -24.93
N VAL C 2 -27.06 33.63 -25.93
CA VAL C 2 -27.51 32.33 -26.45
C VAL C 2 -26.74 31.94 -27.71
N LYS C 3 -26.46 30.65 -27.84
CA LYS C 3 -25.67 30.11 -28.96
C LYS C 3 -26.43 28.99 -29.67
N SER C 4 -26.21 28.86 -30.98
CA SER C 4 -26.97 27.91 -31.79
C SER C 4 -26.71 26.44 -31.43
N GLY C 5 -27.58 25.57 -31.91
CA GLY C 5 -27.47 24.12 -31.71
C GLY C 5 -26.85 23.46 -32.92
N LEU C 6 -26.82 22.12 -32.91
CA LEU C 6 -26.21 21.35 -33.99
C LEU C 6 -27.19 21.09 -35.14
N GLN C 7 -26.97 21.74 -36.27
CA GLN C 7 -27.85 21.63 -37.44
C GLN C 7 -27.92 20.21 -38.01
N ILE C 8 -26.78 19.52 -38.01
CA ILE C 8 -26.65 18.12 -38.47
C ILE C 8 -27.32 17.81 -39.83
N LYS C 9 -26.56 18.02 -40.91
CA LYS C 9 -27.05 17.89 -42.29
C LYS C 9 -27.16 16.43 -42.73
N LYS C 10 -28.05 16.18 -43.69
CA LYS C 10 -28.31 14.83 -44.18
C LYS C 10 -27.84 14.55 -45.62
N ASN C 11 -27.63 15.60 -46.41
CA ASN C 11 -27.09 15.46 -47.77
C ASN C 11 -25.66 14.90 -47.76
N ALA C 12 -25.22 14.37 -48.89
CA ALA C 12 -23.88 13.78 -49.00
C ALA C 12 -22.79 14.85 -49.00
N ILE C 13 -21.72 14.63 -48.24
CA ILE C 13 -20.60 15.59 -48.17
C ILE C 13 -19.91 15.78 -49.51
N ILE C 14 -20.02 14.79 -50.40
CA ILE C 14 -19.48 14.90 -51.75
C ILE C 14 -20.13 16.07 -52.53
N ASP C 15 -21.36 16.43 -52.17
CA ASP C 15 -22.05 17.58 -52.77
C ASP C 15 -21.36 18.90 -52.44
N ASP C 16 -20.81 19.02 -51.22
CA ASP C 16 -20.20 20.26 -50.75
C ASP C 16 -18.67 20.21 -50.65
N TYR C 17 -18.11 19.03 -50.44
CA TYR C 17 -16.67 18.87 -50.21
C TYR C 17 -16.05 17.82 -51.14
N LYS C 18 -14.82 18.09 -51.59
CA LYS C 18 -14.05 17.12 -52.36
C LYS C 18 -13.16 16.31 -51.41
N VAL C 19 -13.54 15.07 -51.17
CA VAL C 19 -12.81 14.20 -50.23
C VAL C 19 -11.57 13.61 -50.91
N THR C 20 -10.40 14.00 -50.41
CA THR C 20 -9.11 13.52 -50.93
C THR C 20 -8.47 12.48 -49.99
N SER C 21 -7.40 11.85 -50.47
CA SER C 21 -6.76 10.73 -49.78
C SER C 21 -5.56 11.14 -48.90
N GLN C 22 -5.28 12.43 -48.82
CA GLN C 22 -4.16 12.93 -48.01
C GLN C 22 -4.47 12.77 -46.52
N VAL C 23 -4.00 11.67 -45.93
CA VAL C 23 -4.25 11.37 -44.53
C VAL C 23 -3.48 12.33 -43.62
N LEU C 24 -4.09 12.70 -42.49
CA LEU C 24 -3.49 13.63 -41.54
C LEU C 24 -3.56 13.10 -40.09
N GLY C 25 -3.40 11.79 -39.92
CA GLY C 25 -3.27 11.19 -38.58
C GLY C 25 -4.19 10.02 -38.31
N LEU C 26 -4.07 9.46 -37.11
CA LEU C 26 -4.93 8.37 -36.62
C LEU C 26 -5.12 8.45 -35.10
N GLY C 27 -6.33 8.17 -34.64
CA GLY C 27 -6.64 8.16 -33.21
C GLY C 27 -7.86 7.32 -32.89
N ILE C 28 -8.53 7.67 -31.79
CA ILE C 28 -9.71 6.92 -31.33
C ILE C 28 -10.87 6.97 -32.33
N ASN C 29 -11.22 5.81 -32.88
CA ASN C 29 -12.38 5.62 -33.76
C ASN C 29 -12.29 6.30 -35.14
N GLY C 30 -11.07 6.37 -35.69
CA GLY C 30 -10.88 6.77 -37.09
C GLY C 30 -9.56 7.45 -37.41
N LYS C 31 -9.32 7.66 -38.71
CA LYS C 31 -8.14 8.37 -39.19
C LYS C 31 -8.55 9.60 -40.00
N VAL C 32 -8.06 10.76 -39.58
CA VAL C 32 -8.51 12.05 -40.13
C VAL C 32 -8.00 12.27 -41.56
N LEU C 33 -8.92 12.61 -42.47
CA LEU C 33 -8.57 12.87 -43.87
C LEU C 33 -8.81 14.33 -44.27
N GLN C 34 -7.97 14.85 -45.16
CA GLN C 34 -8.12 16.22 -45.67
C GLN C 34 -9.16 16.25 -46.78
N ILE C 35 -10.04 17.25 -46.74
CA ILE C 35 -11.04 17.47 -47.78
C ILE C 35 -10.83 18.87 -48.37
N PHE C 36 -11.71 19.29 -49.27
CA PHE C 36 -11.68 20.65 -49.82
C PHE C 36 -13.10 21.13 -50.10
N ASN C 37 -13.43 22.34 -49.65
CA ASN C 37 -14.71 22.95 -49.95
C ASN C 37 -14.81 23.24 -51.46
N LYS C 38 -15.91 22.83 -52.06
CA LYS C 38 -16.13 23.00 -53.51
C LYS C 38 -16.51 24.44 -53.86
N ARG C 39 -17.32 25.08 -53.01
CA ARG C 39 -17.68 26.48 -53.17
C ARG C 39 -16.44 27.38 -53.22
N THR C 40 -15.68 27.39 -52.12
CA THR C 40 -14.44 28.13 -52.01
C THR C 40 -13.29 27.19 -52.41
N GLN C 41 -12.11 27.35 -51.80
CA GLN C 41 -11.02 26.37 -51.94
C GLN C 41 -10.34 26.09 -50.60
N GLU C 42 -11.05 26.33 -49.49
CA GLU C 42 -10.48 26.16 -48.15
C GLU C 42 -10.23 24.67 -47.85
N LYS C 43 -9.28 24.43 -46.95
CA LYS C 43 -8.86 23.06 -46.65
C LYS C 43 -9.94 22.27 -45.89
N PHE C 44 -10.05 22.50 -44.59
CA PHE C 44 -10.91 21.71 -43.69
C PHE C 44 -10.46 20.25 -43.55
N ALA C 45 -10.71 19.70 -42.36
CA ALA C 45 -10.35 18.31 -42.03
C ALA C 45 -11.61 17.49 -41.74
N LEU C 46 -11.56 16.21 -42.10
CA LEU C 46 -12.70 15.31 -41.94
C LEU C 46 -12.34 14.18 -40.98
N LYS C 47 -13.11 14.06 -39.90
CA LYS C 47 -12.98 12.93 -38.97
C LYS C 47 -14.18 12.01 -39.18
N MET C 48 -13.90 10.74 -39.45
CA MET C 48 -14.95 9.76 -39.80
C MET C 48 -15.29 8.87 -38.59
N LEU C 49 -16.55 8.94 -38.16
CA LEU C 49 -17.08 8.11 -37.09
C LEU C 49 -18.30 7.35 -37.61
N GLN C 50 -18.49 6.12 -37.14
CA GLN C 50 -19.72 5.38 -37.43
C GLN C 50 -20.73 5.61 -36.29
N ASP C 51 -22.00 5.66 -36.64
CA ASP C 51 -23.06 6.07 -35.73
C ASP C 51 -23.37 4.95 -34.72
N CYS C 52 -23.31 5.27 -33.44
CA CYS C 52 -23.54 4.28 -32.37
C CYS C 52 -23.62 4.89 -30.96
N PRO C 53 -24.71 5.61 -30.62
CA PRO C 53 -24.80 6.40 -29.40
C PRO C 53 -23.53 6.44 -28.52
N LYS C 54 -22.48 7.04 -29.06
CA LYS C 54 -21.14 7.10 -28.45
C LYS C 54 -20.27 8.02 -29.31
N ALA C 55 -20.29 7.77 -30.61
CA ALA C 55 -19.82 8.73 -31.61
C ALA C 55 -20.76 9.93 -31.62
N ARG C 56 -22.04 9.66 -31.41
CA ARG C 56 -23.04 10.72 -31.27
C ARG C 56 -22.82 11.54 -29.99
N ARG C 57 -22.28 10.90 -28.95
CA ARG C 57 -21.84 11.63 -27.74
C ARG C 57 -20.62 12.49 -28.04
N GLU C 58 -19.68 11.97 -28.83
CA GLU C 58 -18.46 12.72 -29.18
C GLU C 58 -18.79 14.02 -29.91
N VAL C 59 -19.71 13.96 -30.88
CA VAL C 59 -20.11 15.14 -31.65
C VAL C 59 -20.93 16.11 -30.79
N GLU C 60 -21.78 15.56 -29.92
CA GLU C 60 -22.65 16.35 -29.05
C GLU C 60 -21.83 17.21 -28.09
N LEU C 61 -20.82 16.61 -27.47
CA LEU C 61 -19.96 17.31 -26.51
C LEU C 61 -19.04 18.29 -27.24
N HIS C 62 -18.39 17.80 -28.30
CA HIS C 62 -17.47 18.62 -29.12
C HIS C 62 -18.14 19.93 -29.54
N TRP C 63 -19.41 19.85 -29.95
CA TRP C 63 -20.15 21.03 -30.37
C TRP C 63 -20.40 22.03 -29.24
N ARG C 64 -20.61 21.54 -28.03
CA ARG C 64 -20.75 22.42 -26.87
C ARG C 64 -19.41 23.10 -26.56
N ALA C 65 -18.34 22.33 -26.65
CA ALA C 65 -16.98 22.82 -26.40
C ALA C 65 -16.43 23.63 -27.56
N SER C 66 -17.00 23.44 -28.76
CA SER C 66 -16.54 24.10 -29.98
C SER C 66 -16.50 25.63 -29.87
N GLN C 67 -17.37 26.19 -29.03
CA GLN C 67 -17.49 27.64 -28.86
C GLN C 67 -16.25 28.25 -28.21
N CYS C 68 -15.53 27.44 -27.44
CA CYS C 68 -14.27 27.88 -26.82
C CYS C 68 -13.20 28.15 -27.87
N PRO C 69 -12.54 29.32 -27.81
CA PRO C 69 -11.49 29.66 -28.78
C PRO C 69 -10.38 28.61 -28.90
N HIS C 70 -9.99 28.02 -27.77
CA HIS C 70 -8.90 27.04 -27.75
C HIS C 70 -9.39 25.59 -27.93
N ILE C 71 -10.56 25.41 -28.55
CA ILE C 71 -11.04 24.09 -28.94
C ILE C 71 -11.37 24.10 -30.42
N VAL C 72 -10.96 23.04 -31.13
CA VAL C 72 -11.12 22.99 -32.58
C VAL C 72 -12.58 23.13 -32.98
N ARG C 73 -12.87 24.08 -33.87
CA ARG C 73 -14.24 24.29 -34.34
C ARG C 73 -14.67 23.17 -35.28
N ILE C 74 -15.87 22.65 -35.06
CA ILE C 74 -16.51 21.74 -36.00
C ILE C 74 -17.53 22.54 -36.82
N VAL C 75 -17.21 22.74 -38.10
CA VAL C 75 -18.01 23.62 -38.97
C VAL C 75 -19.36 23.01 -39.36
N ASP C 76 -19.36 21.71 -39.68
CA ASP C 76 -20.59 20.99 -40.01
C ASP C 76 -20.46 19.52 -39.61
N VAL C 77 -21.60 18.90 -39.31
CA VAL C 77 -21.66 17.47 -39.04
C VAL C 77 -22.67 16.84 -40.00
N TYR C 78 -22.24 15.78 -40.68
CA TYR C 78 -23.06 15.13 -41.71
C TYR C 78 -23.39 13.70 -41.31
N GLU C 79 -24.67 13.35 -41.43
CA GLU C 79 -25.13 11.97 -41.24
C GLU C 79 -25.35 11.35 -42.62
N ASN C 80 -24.53 10.36 -42.96
CA ASN C 80 -24.53 9.75 -44.29
C ASN C 80 -24.48 8.23 -44.24
N LEU C 81 -24.55 7.60 -45.41
CA LEU C 81 -24.41 6.16 -45.56
C LEU C 81 -23.14 5.82 -46.34
N TYR C 82 -22.12 5.35 -45.63
CA TYR C 82 -20.87 4.90 -46.26
C TYR C 82 -20.86 3.38 -46.33
N ALA C 83 -20.57 2.85 -47.51
CA ALA C 83 -20.70 1.42 -47.81
C ALA C 83 -22.18 1.00 -47.71
N GLY C 84 -22.69 0.89 -46.49
CA GLY C 84 -24.11 0.63 -46.26
C GLY C 84 -24.54 0.79 -44.80
N ARG C 85 -23.96 1.75 -44.10
CA ARG C 85 -24.28 1.98 -42.69
C ARG C 85 -24.19 3.45 -42.30
N LYS C 86 -24.87 3.81 -41.21
CA LYS C 86 -24.93 5.20 -40.75
C LYS C 86 -23.57 5.67 -40.27
N CYS C 87 -23.16 6.84 -40.74
CA CYS C 87 -21.85 7.42 -40.41
C CYS C 87 -21.98 8.90 -40.08
N LEU C 88 -21.22 9.32 -39.07
CA LEU C 88 -21.11 10.73 -38.73
C LEU C 88 -19.79 11.26 -39.29
N LEU C 89 -19.89 12.10 -40.32
CA LEU C 89 -18.73 12.78 -40.86
C LEU C 89 -18.63 14.16 -40.21
N ILE C 90 -17.60 14.36 -39.40
CA ILE C 90 -17.39 15.63 -38.73
C ILE C 90 -16.40 16.46 -39.54
N VAL C 91 -16.83 17.65 -39.97
CA VAL C 91 -15.96 18.58 -40.71
C VAL C 91 -15.47 19.67 -39.75
N MET C 92 -14.16 19.85 -39.68
CA MET C 92 -13.53 20.78 -38.73
C MET C 92 -12.69 21.83 -39.44
N GLU C 93 -12.25 22.82 -38.68
CA GLU C 93 -11.26 23.78 -39.15
C GLU C 93 -9.91 23.08 -39.30
N CYS C 94 -9.10 23.55 -40.26
CA CYS C 94 -7.80 22.97 -40.53
C CYS C 94 -6.77 23.39 -39.49
N LEU C 95 -6.07 22.41 -38.92
CA LEU C 95 -5.00 22.68 -37.96
C LEU C 95 -3.67 22.18 -38.54
N ASP C 96 -3.20 22.88 -39.57
CA ASP C 96 -1.97 22.51 -40.27
C ASP C 96 -0.73 23.17 -39.67
N GLY C 97 -0.86 23.67 -38.44
CA GLY C 97 0.27 24.28 -37.73
C GLY C 97 1.14 23.28 -37.01
N GLY C 98 0.79 21.99 -37.08
CA GLY C 98 1.54 20.93 -36.43
C GLY C 98 1.21 20.81 -34.95
N GLU C 99 1.67 19.73 -34.34
CA GLU C 99 1.44 19.47 -32.91
C GLU C 99 2.16 20.52 -32.05
N LEU C 100 1.91 20.48 -30.75
CA LEU C 100 2.53 21.42 -29.82
C LEU C 100 4.05 21.31 -29.82
N PHE C 101 4.56 20.12 -29.53
CA PHE C 101 6.01 19.92 -29.37
C PHE C 101 6.78 19.86 -30.69
N SER C 102 6.08 19.60 -31.80
CA SER C 102 6.70 19.66 -33.12
C SER C 102 7.23 21.06 -33.40
N ARG C 103 6.42 22.06 -33.04
CA ARG C 103 6.82 23.47 -33.12
C ARG C 103 8.01 23.79 -32.21
N ILE C 104 7.97 23.25 -30.99
CA ILE C 104 9.06 23.43 -30.03
C ILE C 104 10.33 22.72 -30.51
N GLN C 105 10.16 21.67 -31.32
CA GLN C 105 11.27 20.87 -31.82
C GLN C 105 12.26 21.64 -32.70
N ASP C 106 11.81 22.73 -33.31
CA ASP C 106 12.68 23.59 -34.14
C ASP C 106 12.37 25.06 -33.95
N ALA C 111 15.06 30.44 -28.83
CA ALA C 111 15.49 30.31 -27.45
C ALA C 111 14.51 29.47 -26.63
N PHE C 112 13.22 29.76 -26.79
CA PHE C 112 12.13 29.16 -26.01
C PHE C 112 12.28 29.36 -24.49
N THR C 113 11.54 30.35 -23.98
CA THR C 113 11.67 30.81 -22.60
C THR C 113 10.61 30.20 -21.68
N GLU C 114 10.78 30.43 -20.37
CA GLU C 114 9.79 30.06 -19.37
C GLU C 114 8.50 30.85 -19.53
N ARG C 115 8.62 32.08 -20.03
CA ARG C 115 7.46 32.93 -20.32
C ARG C 115 6.58 32.31 -21.41
N GLU C 116 7.21 31.73 -22.43
CA GLU C 116 6.47 31.09 -23.52
C GLU C 116 5.69 29.89 -23.02
N ALA C 117 6.33 29.06 -22.18
CA ALA C 117 5.68 27.89 -21.62
C ALA C 117 4.44 28.28 -20.81
N SER C 118 4.54 29.37 -20.05
CA SER C 118 3.40 29.89 -19.29
C SER C 118 2.23 30.27 -20.19
N GLU C 119 2.55 30.94 -21.31
CA GLU C 119 1.54 31.32 -22.29
C GLU C 119 0.88 30.10 -22.95
N ILE C 120 1.66 29.05 -23.16
CA ILE C 120 1.14 27.79 -23.71
C ILE C 120 0.18 27.12 -22.72
N MET C 121 0.59 26.99 -21.47
CA MET C 121 -0.23 26.36 -20.43
C MET C 121 -1.52 27.13 -20.16
N LYS C 122 -1.47 28.45 -20.28
CA LYS C 122 -2.66 29.28 -20.12
C LYS C 122 -3.67 28.99 -21.22
N SER C 123 -3.19 28.79 -22.44
CA SER C 123 -4.06 28.45 -23.57
C SER C 123 -4.71 27.08 -23.40
N ILE C 124 -3.92 26.10 -22.98
CA ILE C 124 -4.42 24.74 -22.70
C ILE C 124 -5.37 24.77 -21.51
N GLY C 125 -5.09 25.67 -20.56
CA GLY C 125 -5.93 25.85 -19.39
C GLY C 125 -7.30 26.41 -19.72
N GLU C 126 -7.34 27.45 -20.54
CA GLU C 126 -8.62 28.07 -20.95
C GLU C 126 -9.56 27.05 -21.57
N ALA C 127 -9.00 26.08 -22.30
CA ALA C 127 -9.77 24.99 -22.90
C ALA C 127 -10.39 24.12 -21.82
N ILE C 128 -9.55 23.61 -20.92
CA ILE C 128 -9.99 22.75 -19.82
C ILE C 128 -10.93 23.50 -18.86
N GLN C 129 -10.69 24.79 -18.68
CA GLN C 129 -11.55 25.63 -17.84
C GLN C 129 -12.97 25.72 -18.40
N TYR C 130 -13.07 25.96 -19.70
CA TYR C 130 -14.39 26.02 -20.34
C TYR C 130 -15.06 24.65 -20.31
N LEU C 131 -14.30 23.62 -20.66
CA LEU C 131 -14.80 22.24 -20.63
C LEU C 131 -15.35 21.86 -19.25
N HIS C 132 -14.60 22.19 -18.20
CA HIS C 132 -14.99 21.88 -16.82
C HIS C 132 -16.11 22.77 -16.30
N SER C 133 -16.17 24.01 -16.76
CA SER C 133 -17.24 24.93 -16.36
C SER C 133 -18.60 24.56 -16.98
N ILE C 134 -18.58 23.77 -18.05
CA ILE C 134 -19.82 23.26 -18.64
C ILE C 134 -19.96 21.74 -18.38
N ASN C 135 -19.23 21.25 -17.39
CA ASN C 135 -19.30 19.85 -16.92
C ASN C 135 -18.95 18.82 -17.99
N ILE C 136 -17.78 19.01 -18.62
CA ILE C 136 -17.25 18.05 -19.58
C ILE C 136 -15.82 17.73 -19.21
N ALA C 137 -15.53 16.46 -18.96
CA ALA C 137 -14.18 16.00 -18.72
C ALA C 137 -13.62 15.53 -20.06
N HIS C 138 -12.50 16.10 -20.49
CA HIS C 138 -11.90 15.75 -21.77
C HIS C 138 -11.34 14.34 -21.74
N ARG C 139 -10.63 14.01 -20.64
CA ARG C 139 -10.19 12.64 -20.33
C ARG C 139 -8.94 12.15 -21.09
N ASP C 140 -8.67 12.70 -22.27
CA ASP C 140 -7.48 12.33 -23.04
C ASP C 140 -6.72 13.56 -23.51
N VAL C 141 -6.30 14.40 -22.56
CA VAL C 141 -5.42 15.52 -22.86
C VAL C 141 -4.01 14.97 -22.97
N LYS C 142 -3.48 14.98 -24.20
CA LYS C 142 -2.11 14.54 -24.45
C LYS C 142 -1.48 15.43 -25.53
N PRO C 143 -0.14 15.45 -25.60
CA PRO C 143 0.57 16.29 -26.56
C PRO C 143 0.14 16.15 -28.01
N GLU C 144 -0.44 15.00 -28.37
CA GLU C 144 -0.86 14.72 -29.74
C GLU C 144 -2.14 15.46 -30.11
N ASN C 145 -2.98 15.72 -29.12
CA ASN C 145 -4.27 16.38 -29.34
C ASN C 145 -4.21 17.90 -29.13
N LEU C 146 -3.01 18.46 -29.21
CA LEU C 146 -2.81 19.91 -29.08
C LEU C 146 -2.14 20.43 -30.34
N LEU C 147 -2.95 20.91 -31.28
CA LEU C 147 -2.44 21.35 -32.59
C LEU C 147 -2.61 22.86 -32.76
N TYR C 148 -1.65 23.47 -33.46
CA TYR C 148 -1.72 24.88 -33.82
C TYR C 148 -2.54 25.06 -35.10
N THR C 149 -3.13 26.24 -35.27
CA THR C 149 -3.94 26.55 -36.45
C THR C 149 -3.09 26.71 -37.71
N SER C 150 -1.96 27.40 -37.58
CA SER C 150 -1.06 27.67 -38.70
C SER C 150 0.39 27.67 -38.22
N LYS C 151 1.31 27.90 -39.14
CA LYS C 151 2.74 28.04 -38.82
C LYS C 151 3.07 29.44 -38.27
N ARG C 152 2.30 30.44 -38.70
CA ARG C 152 2.46 31.85 -38.30
C ARG C 152 2.69 32.00 -36.78
N PRO C 153 3.77 32.72 -36.39
CA PRO C 153 4.11 32.89 -34.97
C PRO C 153 3.14 33.83 -34.23
N ASN C 154 2.16 33.24 -33.54
CA ASN C 154 0.95 33.92 -33.01
C ASN C 154 -0.31 33.09 -33.26
N ALA C 155 -0.18 32.00 -34.04
CA ALA C 155 -1.27 31.05 -34.26
C ALA C 155 -1.74 30.46 -32.94
N ILE C 156 -3.03 30.11 -32.88
CA ILE C 156 -3.67 29.67 -31.65
C ILE C 156 -3.52 28.16 -31.43
N LEU C 157 -3.04 27.78 -30.25
CA LEU C 157 -3.00 26.38 -29.83
C LEU C 157 -4.41 25.96 -29.47
N LYS C 158 -4.89 24.86 -30.06
CA LYS C 158 -6.25 24.38 -29.83
C LYS C 158 -6.29 22.90 -29.48
N LEU C 159 -7.20 22.54 -28.57
CA LEU C 159 -7.41 21.17 -28.13
C LEU C 159 -8.33 20.45 -29.12
N THR C 160 -8.17 19.13 -29.22
CA THR C 160 -8.89 18.33 -30.21
C THR C 160 -9.26 16.95 -29.70
N ASP C 161 -10.07 16.24 -30.49
CA ASP C 161 -10.49 14.86 -30.21
C ASP C 161 -11.27 14.69 -28.91
N PHE C 162 -12.58 14.47 -29.03
CA PHE C 162 -13.46 14.28 -27.87
C PHE C 162 -14.00 12.83 -27.80
N GLY C 163 -13.21 11.88 -28.26
CA GLY C 163 -13.58 10.47 -28.25
C GLY C 163 -13.82 9.94 -26.84
N PHE C 164 -13.00 10.39 -25.90
CA PHE C 164 -13.08 9.94 -24.51
C PHE C 164 -13.93 10.86 -23.61
N ALA C 165 -14.46 11.94 -24.17
CA ALA C 165 -15.19 12.95 -23.40
C ALA C 165 -16.47 12.39 -22.76
N LYS C 166 -16.78 12.89 -21.55
CA LYS C 166 -17.93 12.41 -20.78
C LYS C 166 -18.48 13.54 -19.90
N GLU C 167 -19.80 13.58 -19.76
CA GLU C 167 -20.46 14.57 -18.92
C GLU C 167 -20.29 14.21 -17.45
N THR C 168 -19.95 15.20 -16.64
CA THR C 168 -19.59 14.98 -15.23
C THR C 168 -20.74 15.23 -14.26
N THR C 169 -21.95 14.83 -14.65
CA THR C 169 -23.15 14.98 -13.80
C THR C 169 -24.15 13.84 -14.03
N PRO C 181 -30.23 26.65 -3.04
CA PRO C 181 -29.90 27.83 -2.25
C PRO C 181 -28.52 28.41 -2.56
N TYR C 182 -28.22 29.56 -1.97
CA TYR C 182 -26.95 30.25 -2.20
C TYR C 182 -25.83 29.76 -1.27
N TYR C 183 -26.22 29.16 -0.15
CA TYR C 183 -25.28 28.67 0.86
C TYR C 183 -24.94 27.18 0.69
N VAL C 184 -25.56 26.51 -0.27
CA VAL C 184 -25.40 25.06 -0.45
C VAL C 184 -23.99 24.68 -0.90
N ALA C 185 -23.53 23.51 -0.47
CA ALA C 185 -22.19 23.03 -0.79
C ALA C 185 -22.16 22.44 -2.21
N PRO C 186 -20.97 22.38 -2.83
CA PRO C 186 -20.87 21.86 -4.20
C PRO C 186 -21.27 20.38 -4.32
N GLU C 187 -20.94 19.59 -3.31
CA GLU C 187 -21.24 18.15 -3.32
C GLU C 187 -22.73 17.84 -3.15
N VAL C 188 -23.50 18.79 -2.60
CA VAL C 188 -24.95 18.63 -2.41
C VAL C 188 -25.72 19.34 -3.53
N LEU C 189 -25.43 18.94 -4.77
CA LEU C 189 -26.10 19.48 -5.95
C LEU C 189 -26.44 18.35 -6.93
N TYR C 194 -14.89 11.45 -10.10
CA TYR C 194 -13.98 12.56 -10.33
C TYR C 194 -13.21 12.43 -11.66
N ASP C 195 -13.95 12.54 -12.76
CA ASP C 195 -13.34 12.52 -14.10
C ASP C 195 -12.55 13.80 -14.35
N LYS C 196 -13.00 14.93 -13.78
CA LYS C 196 -12.35 16.22 -14.01
C LYS C 196 -10.90 16.22 -13.54
N SER C 197 -10.64 15.69 -12.34
CA SER C 197 -9.29 15.67 -11.78
C SER C 197 -8.28 15.00 -12.73
N CYS C 198 -8.76 14.08 -13.54
CA CYS C 198 -7.94 13.42 -14.55
C CYS C 198 -7.27 14.39 -15.53
N ASP C 199 -8.04 15.38 -16.00
CA ASP C 199 -7.51 16.40 -16.91
C ASP C 199 -6.37 17.20 -16.30
N MET C 200 -6.41 17.38 -14.99
CA MET C 200 -5.40 18.17 -14.28
C MET C 200 -4.06 17.43 -14.14
N TRP C 201 -4.11 16.11 -13.99
CA TRP C 201 -2.90 15.29 -14.04
C TRP C 201 -2.18 15.48 -15.36
N SER C 202 -2.96 15.44 -16.45
CA SER C 202 -2.42 15.64 -17.78
C SER C 202 -1.74 17.00 -17.89
N LEU C 203 -2.43 18.05 -17.46
CA LEU C 203 -1.85 19.40 -17.44
C LEU C 203 -0.52 19.45 -16.70
N GLY C 204 -0.40 18.66 -15.65
CA GLY C 204 0.85 18.54 -14.90
C GLY C 204 1.96 17.88 -15.70
N VAL C 205 1.61 16.84 -16.47
CA VAL C 205 2.58 16.14 -17.31
C VAL C 205 2.98 16.98 -18.51
N ILE C 206 2.01 17.66 -19.11
CA ILE C 206 2.27 18.57 -20.25
C ILE C 206 3.22 19.68 -19.81
N MET C 207 2.94 20.27 -18.65
CA MET C 207 3.78 21.33 -18.10
C MET C 207 5.20 20.84 -17.78
N TYR C 208 5.32 19.60 -17.31
CA TYR C 208 6.63 19.02 -16.99
C TYR C 208 7.47 18.81 -18.25
N ILE C 209 6.83 18.36 -19.33
CA ILE C 209 7.52 18.18 -20.60
C ILE C 209 7.95 19.54 -21.18
N LEU C 210 7.05 20.53 -21.11
CA LEU C 210 7.32 21.87 -21.65
C LEU C 210 8.53 22.57 -21.03
N LEU C 211 8.87 22.22 -19.79
CA LEU C 211 9.93 22.91 -19.05
C LEU C 211 11.32 22.28 -19.23
N CYS C 212 11.37 20.96 -19.41
CA CYS C 212 12.65 20.25 -19.55
C CYS C 212 12.81 19.47 -20.87
N GLY C 213 11.71 19.04 -21.48
CA GLY C 213 11.75 18.33 -22.76
C GLY C 213 11.60 16.82 -22.68
N TYR C 214 11.42 16.29 -21.47
CA TYR C 214 11.13 14.86 -21.28
C TYR C 214 10.06 14.68 -20.20
N PRO C 215 9.27 13.60 -20.30
CA PRO C 215 8.17 13.40 -19.35
C PRO C 215 8.67 13.02 -17.95
N PRO C 216 7.80 13.13 -16.94
CA PRO C 216 8.17 12.77 -15.56
C PRO C 216 8.22 11.26 -15.30
N PHE C 217 7.59 10.47 -16.17
CA PHE C 217 7.59 9.02 -16.03
C PHE C 217 7.95 8.35 -17.36
N TYR C 218 8.91 7.44 -17.33
CA TYR C 218 9.35 6.72 -18.53
C TYR C 218 10.12 5.44 -18.19
N SER C 219 10.41 4.63 -19.21
CA SER C 219 11.21 3.41 -19.04
C SER C 219 12.11 3.18 -20.24
N GLY C 228 7.08 -1.64 -14.19
CA GLY C 228 8.21 -0.74 -14.02
C GLY C 228 7.79 0.72 -13.99
N MET C 229 7.47 1.24 -15.16
CA MET C 229 6.98 2.62 -15.29
C MET C 229 5.62 2.80 -14.64
N LYS C 230 4.81 1.74 -14.68
CA LYS C 230 3.47 1.76 -14.09
C LYS C 230 3.54 1.96 -12.57
N THR C 231 4.61 1.45 -11.95
CA THR C 231 4.80 1.56 -10.50
C THR C 231 5.16 2.99 -10.07
N ARG C 232 6.11 3.59 -10.79
CA ARG C 232 6.53 4.96 -10.52
C ARG C 232 5.36 5.96 -10.55
N ILE C 233 4.40 5.71 -11.44
CA ILE C 233 3.20 6.55 -11.54
C ILE C 233 2.32 6.39 -10.30
N ARG C 234 2.08 5.15 -9.89
CA ARG C 234 1.29 4.85 -8.69
C ARG C 234 1.90 5.42 -7.41
N MET C 235 3.23 5.37 -7.32
CA MET C 235 3.96 5.88 -6.17
C MET C 235 4.16 7.40 -6.23
N GLY C 236 4.22 7.94 -7.44
CA GLY C 236 4.51 9.37 -7.64
C GLY C 236 5.99 9.66 -7.51
N GLN C 237 6.81 8.85 -8.20
CA GLN C 237 8.27 8.98 -8.13
C GLN C 237 8.78 9.71 -9.36
N TYR C 238 9.15 10.98 -9.17
CA TYR C 238 9.74 11.79 -10.23
C TYR C 238 10.62 12.90 -9.65
N GLU C 239 11.76 13.12 -10.30
CA GLU C 239 12.73 14.10 -9.87
C GLU C 239 12.60 15.35 -10.72
N PHE C 240 13.27 16.42 -10.30
CA PHE C 240 13.46 17.61 -11.15
C PHE C 240 14.95 17.71 -11.46
N PRO C 241 15.45 16.84 -12.36
CA PRO C 241 16.91 16.67 -12.50
C PRO C 241 17.65 17.85 -13.13
N ASN C 242 18.86 18.11 -12.64
CA ASN C 242 19.77 19.07 -13.26
C ASN C 242 20.35 18.45 -14.53
N PRO C 243 20.79 19.28 -15.49
CA PRO C 243 20.83 20.74 -15.50
C PRO C 243 19.56 21.42 -16.01
N GLU C 244 18.51 20.64 -16.33
CA GLU C 244 17.33 21.20 -16.98
C GLU C 244 16.50 22.07 -16.03
N TRP C 245 16.24 21.58 -14.83
CA TRP C 245 15.38 22.27 -13.86
C TRP C 245 16.13 23.23 -12.94
N SER C 246 17.46 23.30 -13.08
CA SER C 246 18.28 24.17 -12.23
C SER C 246 17.80 25.62 -12.25
N GLU C 247 17.46 26.13 -13.43
CA GLU C 247 16.99 27.50 -13.58
C GLU C 247 15.55 27.69 -13.14
N VAL C 248 14.77 26.62 -13.15
CA VAL C 248 13.33 26.69 -12.85
C VAL C 248 13.10 26.95 -11.36
N SER C 249 12.17 27.85 -11.06
CA SER C 249 11.88 28.26 -9.68
C SER C 249 11.11 27.19 -8.92
N GLU C 250 11.13 27.29 -7.59
CA GLU C 250 10.41 26.37 -6.73
C GLU C 250 8.89 26.60 -6.78
N GLU C 251 8.50 27.82 -7.16
CA GLU C 251 7.09 28.17 -7.37
C GLU C 251 6.47 27.29 -8.45
N VAL C 252 7.17 27.19 -9.58
CA VAL C 252 6.70 26.39 -10.73
C VAL C 252 6.78 24.89 -10.43
N LYS C 253 7.85 24.46 -9.77
CA LYS C 253 7.99 23.06 -9.35
C LYS C 253 6.86 22.64 -8.43
N MET C 254 6.49 23.51 -7.49
CA MET C 254 5.40 23.23 -6.56
C MET C 254 4.05 23.11 -7.28
N LEU C 255 3.84 23.98 -8.27
CA LEU C 255 2.62 23.94 -9.08
C LEU C 255 2.52 22.61 -9.83
N ILE C 256 3.66 22.09 -10.28
CA ILE C 256 3.73 20.77 -10.91
C ILE C 256 3.48 19.66 -9.89
N ARG C 257 4.02 19.82 -8.68
CA ARG C 257 3.80 18.84 -7.61
C ARG C 257 2.32 18.72 -7.27
N ASN C 258 1.65 19.86 -7.17
CA ASN C 258 0.23 19.90 -6.80
C ASN C 258 -0.68 19.44 -7.93
N LEU C 259 -0.14 19.35 -9.14
CA LEU C 259 -0.85 18.78 -10.29
C LEU C 259 -0.58 17.29 -10.46
N LEU C 260 0.65 16.87 -10.15
CA LEU C 260 1.05 15.46 -10.23
C LEU C 260 0.95 14.75 -8.87
N LYS C 261 -0.14 14.99 -8.15
CA LYS C 261 -0.39 14.32 -6.87
C LYS C 261 -1.04 12.98 -7.13
N THR C 262 -0.56 11.94 -6.47
CA THR C 262 -1.09 10.58 -6.64
C THR C 262 -2.59 10.51 -6.37
N GLU C 263 -3.03 11.22 -5.34
CA GLU C 263 -4.42 11.22 -4.92
C GLU C 263 -5.20 12.29 -5.69
N PRO C 264 -6.26 11.87 -6.43
CA PRO C 264 -7.00 12.82 -7.28
C PRO C 264 -7.79 13.88 -6.53
N THR C 265 -8.22 13.58 -5.31
CA THR C 265 -8.92 14.55 -4.47
C THR C 265 -7.96 15.62 -3.95
N GLN C 266 -6.69 15.28 -3.86
CA GLN C 266 -5.64 16.19 -3.39
C GLN C 266 -5.16 17.13 -4.50
N ARG C 267 -5.59 16.84 -5.72
CA ARG C 267 -5.10 17.50 -6.93
C ARG C 267 -5.73 18.90 -7.11
N MET C 268 -4.95 19.81 -7.66
CA MET C 268 -5.39 21.19 -7.89
C MET C 268 -6.55 21.25 -8.89
N THR C 269 -7.47 22.18 -8.68
CA THR C 269 -8.60 22.39 -9.61
C THR C 269 -8.21 23.36 -10.72
N ILE C 270 -8.98 23.35 -11.80
CA ILE C 270 -8.67 24.22 -12.94
C ILE C 270 -8.81 25.71 -12.59
N THR C 271 -9.81 26.05 -11.77
CA THR C 271 -10.01 27.43 -11.33
C THR C 271 -8.84 27.91 -10.47
N GLU C 272 -8.35 27.03 -9.59
CA GLU C 272 -7.13 27.32 -8.83
C GLU C 272 -5.92 27.44 -9.76
N PHE C 273 -5.88 26.61 -10.80
CA PHE C 273 -4.79 26.61 -11.77
C PHE C 273 -4.71 27.92 -12.57
N MET C 274 -5.86 28.43 -12.99
CA MET C 274 -5.92 29.68 -13.75
C MET C 274 -5.75 30.90 -12.85
N ASN C 275 -6.01 30.75 -11.55
CA ASN C 275 -5.78 31.83 -10.58
C ASN C 275 -4.33 31.90 -10.07
N HIS C 276 -3.51 30.90 -10.42
CA HIS C 276 -2.12 30.83 -9.96
C HIS C 276 -1.27 31.93 -10.62
N PRO C 277 -0.44 32.64 -9.83
CA PRO C 277 0.32 33.77 -10.37
C PRO C 277 1.17 33.47 -11.61
N TRP C 278 1.67 32.23 -11.71
CA TRP C 278 2.43 31.80 -12.88
C TRP C 278 1.58 31.83 -14.14
N ILE C 279 0.33 31.35 -14.02
CA ILE C 279 -0.58 31.31 -15.16
C ILE C 279 -1.25 32.67 -15.42
N MET C 280 -1.70 33.33 -14.36
CA MET C 280 -2.34 34.65 -14.50
C MET C 280 -1.39 35.64 -15.15
N GLN C 281 -0.26 35.87 -14.50
CA GLN C 281 0.72 36.86 -14.95
C GLN C 281 1.82 36.19 -15.78
N SER C 282 1.51 35.96 -17.06
CA SER C 282 2.49 35.39 -18.01
C SER C 282 3.44 36.48 -18.54
N THR C 283 3.60 37.56 -17.78
CA THR C 283 4.51 38.65 -18.12
C THR C 283 5.52 38.91 -16.99
N LYS C 284 5.07 38.75 -15.74
CA LYS C 284 5.99 38.79 -14.60
C LYS C 284 6.90 37.56 -14.60
N VAL C 285 6.46 36.51 -15.29
CA VAL C 285 7.26 35.29 -15.44
C VAL C 285 8.52 35.63 -16.24
N PRO C 286 9.71 35.22 -15.74
CA PRO C 286 10.98 35.54 -16.41
C PRO C 286 11.05 35.05 -17.85
N GLN C 287 12.04 35.53 -18.58
CA GLN C 287 12.32 35.00 -19.92
C GLN C 287 13.51 34.01 -19.87
N THR C 288 13.66 33.28 -18.77
CA THR C 288 14.80 32.38 -18.60
C THR C 288 14.71 31.24 -19.62
N PRO C 289 15.81 30.96 -20.35
CA PRO C 289 15.78 29.96 -21.41
C PRO C 289 15.71 28.52 -20.87
N LEU C 290 14.94 27.68 -21.55
CA LEU C 290 14.77 26.28 -21.19
C LEU C 290 15.49 25.36 -22.17
N HIS C 291 15.79 24.16 -21.72
CA HIS C 291 16.43 23.13 -22.56
C HIS C 291 15.43 22.45 -23.50
N THR C 292 14.13 22.62 -23.21
CA THR C 292 13.04 21.93 -23.92
C THR C 292 13.29 21.66 -25.40
N SER C 293 13.62 22.71 -26.14
CA SER C 293 13.84 22.62 -27.59
C SER C 293 14.99 21.68 -27.94
N ARG C 294 16.10 21.80 -27.21
CA ARG C 294 17.28 20.96 -27.45
C ARG C 294 16.98 19.49 -27.18
N VAL C 295 16.47 19.19 -25.98
CA VAL C 295 16.21 17.81 -25.56
C VAL C 295 15.25 17.08 -26.51
N LEU C 296 14.16 17.75 -26.88
CA LEU C 296 13.17 17.17 -27.81
C LEU C 296 13.78 16.80 -29.16
N LYS C 297 14.82 17.53 -29.58
CA LYS C 297 15.51 17.25 -30.84
C LYS C 297 16.39 15.98 -30.78
N GLU C 298 16.66 15.48 -29.57
CA GLU C 298 17.33 14.17 -29.39
C GLU C 298 16.27 13.06 -29.42
N ASP C 299 15.43 13.09 -30.47
CA ASP C 299 14.18 12.31 -30.53
C ASP C 299 13.47 12.22 -29.18
N HIS D 1 -21.03 14.53 35.37
CA HIS D 1 -20.56 14.01 34.05
C HIS D 1 -21.75 13.61 33.18
N VAL D 2 -22.72 12.92 33.79
CA VAL D 2 -23.91 12.46 33.09
C VAL D 2 -24.91 13.60 32.98
N LYS D 3 -25.83 13.47 32.03
CA LYS D 3 -26.86 14.48 31.80
C LYS D 3 -28.21 13.80 31.59
N SER D 4 -29.30 14.45 32.01
CA SER D 4 -30.62 13.82 31.95
C SER D 4 -31.14 13.70 30.52
N GLY D 5 -32.08 12.78 30.32
CA GLY D 5 -32.69 12.53 29.01
C GLY D 5 -33.92 13.38 28.78
N LEU D 6 -34.57 13.16 27.63
CA LEU D 6 -35.72 13.98 27.22
C LEU D 6 -37.02 13.50 27.87
N GLN D 7 -37.55 14.35 28.76
CA GLN D 7 -38.75 14.02 29.55
C GLN D 7 -40.02 13.80 28.72
N ILE D 8 -40.16 14.57 27.64
CA ILE D 8 -41.29 14.51 26.70
C ILE D 8 -42.69 14.37 27.34
N LYS D 9 -43.36 15.52 27.54
CA LYS D 9 -44.66 15.56 28.20
C LYS D 9 -45.81 15.15 27.29
N LYS D 10 -46.94 14.79 27.91
CA LYS D 10 -48.14 14.37 27.18
C LYS D 10 -49.35 15.29 27.38
N ASN D 11 -49.41 15.99 28.50
CA ASN D 11 -50.51 16.95 28.75
C ASN D 11 -50.48 18.11 27.74
N ALA D 12 -51.64 18.73 27.52
CA ALA D 12 -51.76 19.81 26.54
C ALA D 12 -50.92 21.03 26.94
N ILE D 13 -50.28 21.67 25.96
CA ILE D 13 -49.46 22.86 26.23
C ILE D 13 -50.29 24.06 26.68
N ILE D 14 -51.60 24.03 26.39
CA ILE D 14 -52.53 25.05 26.85
C ILE D 14 -52.77 25.02 28.37
N ASP D 15 -52.34 23.93 29.03
CA ASP D 15 -52.33 23.86 30.49
C ASP D 15 -51.23 24.74 31.05
N ASP D 16 -50.06 24.69 30.42
CA ASP D 16 -48.83 25.32 30.94
C ASP D 16 -48.48 26.64 30.26
N TYR D 17 -48.80 26.78 28.98
CA TYR D 17 -48.48 27.98 28.22
C TYR D 17 -49.71 28.59 27.56
N LYS D 18 -49.72 29.91 27.44
CA LYS D 18 -50.70 30.62 26.64
C LYS D 18 -50.15 30.73 25.23
N VAL D 19 -50.82 30.08 24.28
CA VAL D 19 -50.39 30.10 22.88
C VAL D 19 -51.01 31.28 22.14
N THR D 20 -50.18 32.14 21.57
CA THR D 20 -50.62 33.31 20.80
C THR D 20 -50.32 33.12 19.32
N SER D 21 -50.55 34.16 18.52
CA SER D 21 -50.31 34.10 17.08
C SER D 21 -49.17 35.03 16.63
N GLN D 22 -48.28 35.39 17.55
CA GLN D 22 -47.13 36.24 17.22
C GLN D 22 -46.07 35.40 16.52
N VAL D 23 -46.14 35.37 15.19
CA VAL D 23 -45.17 34.63 14.38
C VAL D 23 -43.78 35.23 14.55
N LEU D 24 -42.79 34.36 14.79
CA LEU D 24 -41.39 34.78 14.89
C LEU D 24 -40.53 34.21 13.74
N GLY D 25 -41.16 33.52 12.78
CA GLY D 25 -40.47 33.05 11.57
C GLY D 25 -41.09 31.83 10.92
N LEU D 26 -40.66 31.53 9.69
CA LEU D 26 -41.05 30.33 8.96
C LEU D 26 -39.85 29.73 8.21
N GLY D 27 -39.56 28.44 8.44
CA GLY D 27 -38.40 27.77 7.83
C GLY D 27 -38.56 26.28 7.54
N ILE D 28 -37.87 25.45 8.32
CA ILE D 28 -37.89 24.00 8.16
C ILE D 28 -38.97 23.35 9.03
N ASN D 29 -39.95 22.70 8.37
CA ASN D 29 -41.00 21.90 9.03
C ASN D 29 -42.25 22.69 9.44
N GLY D 30 -42.09 23.97 9.75
CA GLY D 30 -43.22 24.84 10.09
C GLY D 30 -42.87 26.30 10.36
N LYS D 31 -43.73 26.98 11.11
CA LYS D 31 -43.51 28.36 11.55
C LYS D 31 -43.30 28.42 13.06
N VAL D 32 -42.45 29.34 13.52
CA VAL D 32 -42.12 29.47 14.94
C VAL D 32 -42.91 30.60 15.60
N LEU D 33 -43.92 30.23 16.39
CA LEU D 33 -44.80 31.22 17.06
C LEU D 33 -44.20 31.67 18.39
N GLN D 34 -44.91 32.56 19.09
CA GLN D 34 -44.50 33.00 20.41
C GLN D 34 -45.56 32.67 21.45
N ILE D 35 -45.14 32.05 22.55
CA ILE D 35 -46.03 31.67 23.64
C ILE D 35 -45.62 32.39 24.93
N PHE D 36 -46.38 32.18 26.01
CA PHE D 36 -46.10 32.79 27.31
C PHE D 36 -46.40 31.80 28.43
N ASN D 37 -45.40 31.54 29.28
CA ASN D 37 -45.59 30.63 30.41
C ASN D 37 -46.61 31.20 31.38
N LYS D 38 -47.62 30.40 31.70
CA LYS D 38 -48.75 30.85 32.54
C LYS D 38 -48.37 30.99 34.01
N ARG D 39 -47.36 30.24 34.45
CA ARG D 39 -46.85 30.35 35.82
C ARG D 39 -46.16 31.71 36.03
N THR D 40 -45.06 31.93 35.31
CA THR D 40 -44.35 33.22 35.34
C THR D 40 -44.95 34.11 34.24
N GLN D 41 -44.12 34.90 33.57
CA GLN D 41 -44.53 35.60 32.34
C GLN D 41 -43.40 35.60 31.30
N GLU D 42 -42.60 34.53 31.29
CA GLU D 42 -41.51 34.40 30.34
C GLU D 42 -42.05 34.08 28.96
N LYS D 43 -41.34 34.53 27.92
CA LYS D 43 -41.79 34.34 26.55
C LYS D 43 -41.70 32.86 26.12
N PHE D 44 -40.52 32.44 25.68
CA PHE D 44 -40.31 31.15 24.99
C PHE D 44 -40.93 31.15 23.58
N ALA D 45 -40.20 30.56 22.64
CA ALA D 45 -40.70 30.32 21.30
C ALA D 45 -41.23 28.89 21.20
N LEU D 46 -42.20 28.69 20.31
CA LEU D 46 -42.79 27.37 20.11
C LEU D 46 -42.65 26.93 18.64
N LYS D 47 -41.86 25.91 18.40
CA LYS D 47 -41.79 25.28 17.07
C LYS D 47 -42.84 24.18 17.02
N MET D 48 -43.37 23.92 15.83
CA MET D 48 -44.49 23.01 15.66
C MET D 48 -44.21 22.01 14.53
N LEU D 49 -43.99 20.75 14.90
CA LEU D 49 -43.86 19.66 13.93
C LEU D 49 -45.00 18.66 14.08
N GLN D 50 -45.22 17.86 13.04
CA GLN D 50 -46.11 16.70 13.13
C GLN D 50 -45.24 15.45 13.28
N ASP D 51 -45.73 14.49 14.06
CA ASP D 51 -44.95 13.30 14.38
C ASP D 51 -44.81 12.40 13.16
N CYS D 52 -43.58 11.98 12.88
CA CYS D 52 -43.26 11.10 11.75
C CYS D 52 -41.75 10.82 11.75
N PRO D 53 -41.32 9.67 12.30
CA PRO D 53 -39.89 9.37 12.47
C PRO D 53 -38.94 10.20 11.57
N LYS D 54 -38.74 11.45 11.98
CA LYS D 54 -38.00 12.46 11.20
C LYS D 54 -38.05 13.78 11.97
N ALA D 55 -39.27 14.18 12.34
CA ALA D 55 -39.46 15.23 13.33
C ALA D 55 -38.98 14.72 14.68
N ARG D 56 -39.26 13.43 14.94
CA ARG D 56 -38.79 12.77 16.16
C ARG D 56 -37.27 12.60 16.18
N ARG D 57 -36.64 12.56 15.01
CA ARG D 57 -35.18 12.61 14.90
C ARG D 57 -34.65 14.02 15.24
N GLU D 58 -35.30 15.04 14.69
CA GLU D 58 -34.92 16.44 14.94
C GLU D 58 -34.87 16.76 16.42
N VAL D 59 -35.97 16.48 17.12
CA VAL D 59 -36.06 16.70 18.56
C VAL D 59 -35.02 15.88 19.32
N GLU D 60 -34.74 14.66 18.83
CA GLU D 60 -33.76 13.77 19.46
C GLU D 60 -32.31 14.25 19.30
N LEU D 61 -32.01 14.89 18.17
CA LEU D 61 -30.67 15.43 17.94
C LEU D 61 -30.49 16.78 18.65
N HIS D 62 -31.50 17.65 18.51
CA HIS D 62 -31.49 18.98 19.13
C HIS D 62 -31.30 18.89 20.65
N TRP D 63 -31.98 17.94 21.27
CA TRP D 63 -31.89 17.74 22.72
C TRP D 63 -30.46 17.39 23.18
N ARG D 64 -29.73 16.63 22.36
CA ARG D 64 -28.35 16.30 22.66
C ARG D 64 -27.45 17.51 22.45
N ALA D 65 -27.72 18.26 21.38
CA ALA D 65 -26.97 19.48 21.06
C ALA D 65 -27.31 20.63 22.01
N SER D 66 -28.48 20.54 22.65
CA SER D 66 -28.98 21.58 23.55
C SER D 66 -28.06 21.85 24.74
N GLN D 67 -27.24 20.87 25.11
CA GLN D 67 -26.32 21.01 26.24
C GLN D 67 -25.19 22.01 25.95
N CYS D 68 -25.04 22.40 24.69
CA CYS D 68 -24.07 23.41 24.30
C CYS D 68 -24.60 24.83 24.57
N PRO D 69 -23.74 25.73 25.08
CA PRO D 69 -24.12 27.13 25.28
C PRO D 69 -24.50 27.90 24.00
N HIS D 70 -23.95 27.50 22.85
CA HIS D 70 -24.20 28.19 21.57
C HIS D 70 -25.20 27.46 20.66
N ILE D 71 -26.06 26.66 21.28
CA ILE D 71 -27.17 26.01 20.58
C ILE D 71 -28.44 26.35 21.36
N VAL D 72 -29.56 26.49 20.67
CA VAL D 72 -30.81 26.92 21.30
C VAL D 72 -31.28 25.84 22.27
N ARG D 73 -31.58 26.25 23.51
CA ARG D 73 -32.13 25.33 24.50
C ARG D 73 -33.59 25.04 24.20
N ILE D 74 -33.95 23.75 24.25
CA ILE D 74 -35.36 23.37 24.23
C ILE D 74 -35.75 23.04 25.67
N VAL D 75 -36.70 23.82 26.21
CA VAL D 75 -37.08 23.71 27.62
C VAL D 75 -37.99 22.52 27.87
N ASP D 76 -38.92 22.27 26.95
CA ASP D 76 -39.84 21.12 27.05
C ASP D 76 -40.35 20.71 25.67
N VAL D 77 -40.63 19.42 25.52
CA VAL D 77 -41.18 18.87 24.27
C VAL D 77 -42.49 18.17 24.57
N TYR D 78 -43.56 18.59 23.91
CA TYR D 78 -44.90 18.04 24.14
C TYR D 78 -45.36 17.17 22.98
N GLU D 79 -46.04 16.07 23.30
CA GLU D 79 -46.67 15.20 22.30
C GLU D 79 -48.19 15.35 22.43
N ASN D 80 -48.78 16.19 21.57
CA ASN D 80 -50.21 16.52 21.64
C ASN D 80 -50.94 16.25 20.34
N LEU D 81 -52.27 16.13 20.44
CA LEU D 81 -53.14 15.96 19.29
C LEU D 81 -53.67 17.33 18.86
N TYR D 82 -53.10 17.87 17.78
CA TYR D 82 -53.63 19.09 17.16
C TYR D 82 -54.46 18.71 15.95
N ALA D 83 -55.64 19.31 15.83
CA ALA D 83 -56.63 18.93 14.83
C ALA D 83 -57.09 17.50 15.09
N GLY D 84 -56.36 16.52 14.55
CA GLY D 84 -56.63 15.11 14.81
C GLY D 84 -55.47 14.19 14.47
N ARG D 85 -54.25 14.64 14.76
CA ARG D 85 -53.04 13.85 14.51
C ARG D 85 -51.93 14.15 15.52
N LYS D 86 -50.96 13.23 15.62
CA LYS D 86 -49.84 13.35 16.56
C LYS D 86 -48.93 14.52 16.18
N CYS D 87 -48.66 15.39 17.15
CA CYS D 87 -47.80 16.56 16.92
C CYS D 87 -46.75 16.70 18.01
N LEU D 88 -45.54 17.09 17.61
CA LEU D 88 -44.45 17.35 18.55
C LEU D 88 -44.23 18.85 18.67
N LEU D 89 -44.68 19.44 19.78
CA LEU D 89 -44.51 20.87 20.02
C LEU D 89 -43.25 21.12 20.84
N ILE D 90 -42.24 21.70 20.20
CA ILE D 90 -40.96 21.99 20.84
C ILE D 90 -40.99 23.40 21.44
N VAL D 91 -40.77 23.49 22.75
CA VAL D 91 -40.68 24.78 23.43
C VAL D 91 -39.22 25.16 23.55
N MET D 92 -38.85 26.34 23.08
CA MET D 92 -37.46 26.79 23.07
C MET D 92 -37.30 28.14 23.74
N GLU D 93 -36.07 28.46 24.15
CA GLU D 93 -35.76 29.74 24.77
C GLU D 93 -35.92 30.88 23.76
N CYS D 94 -36.28 32.05 24.27
CA CYS D 94 -36.61 33.22 23.44
C CYS D 94 -35.34 33.91 22.92
N LEU D 95 -35.10 33.79 21.62
CA LEU D 95 -33.95 34.43 20.98
C LEU D 95 -34.39 35.70 20.25
N ASP D 96 -34.64 36.75 21.03
CA ASP D 96 -35.14 38.02 20.48
C ASP D 96 -34.03 39.08 20.32
N GLY D 97 -32.83 38.64 19.97
CA GLY D 97 -31.71 39.53 19.66
C GLY D 97 -31.53 39.76 18.17
N GLY D 98 -32.36 39.11 17.36
CA GLY D 98 -32.32 39.25 15.91
C GLY D 98 -31.31 38.33 15.28
N GLU D 99 -31.29 38.30 13.95
CA GLU D 99 -30.36 37.47 13.20
C GLU D 99 -28.97 38.11 13.22
N LEU D 100 -27.94 37.31 12.97
CA LEU D 100 -26.54 37.76 13.02
C LEU D 100 -26.33 39.04 12.22
N PHE D 101 -26.68 38.98 10.93
CA PHE D 101 -26.40 40.10 10.02
C PHE D 101 -27.43 41.23 10.10
N SER D 102 -28.49 41.04 10.87
CA SER D 102 -29.40 42.14 11.20
C SER D 102 -28.72 43.08 12.20
N ARG D 103 -28.05 42.50 13.19
CA ARG D 103 -27.29 43.27 14.18
C ARG D 103 -26.13 44.04 13.55
N ILE D 104 -25.42 43.39 12.62
CA ILE D 104 -24.28 44.02 11.95
C ILE D 104 -24.75 45.12 10.97
N GLN D 105 -26.04 45.12 10.65
CA GLN D 105 -26.61 46.07 9.71
C GLN D 105 -26.85 47.47 10.31
N ASP D 106 -26.59 47.63 11.60
CA ASP D 106 -26.71 48.95 12.26
C ASP D 106 -25.73 49.11 13.42
N ALA D 111 -18.61 50.80 13.74
CA ALA D 111 -17.23 50.48 13.36
C ALA D 111 -17.11 49.06 12.80
N PHE D 112 -17.36 48.08 13.65
CA PHE D 112 -17.22 46.64 13.31
C PHE D 112 -15.86 46.28 12.72
N THR D 113 -15.02 45.65 13.53
CA THR D 113 -13.62 45.39 13.18
C THR D 113 -13.37 43.91 12.86
N GLU D 114 -12.17 43.61 12.38
CA GLU D 114 -11.76 42.23 12.05
C GLU D 114 -11.68 41.34 13.29
N ARG D 115 -11.26 41.91 14.41
CA ARG D 115 -11.19 41.19 15.68
C ARG D 115 -12.57 40.70 16.13
N GLU D 116 -13.58 41.52 15.91
CA GLU D 116 -14.95 41.17 16.24
C GLU D 116 -15.41 39.98 15.39
N ALA D 117 -15.04 40.01 14.11
CA ALA D 117 -15.32 38.91 13.18
C ALA D 117 -14.67 37.61 13.66
N SER D 118 -13.46 37.71 14.22
CA SER D 118 -12.77 36.54 14.77
C SER D 118 -13.59 35.90 15.88
N GLU D 119 -14.14 36.73 16.76
CA GLU D 119 -14.92 36.25 17.91
C GLU D 119 -16.24 35.62 17.50
N ILE D 120 -16.97 36.28 16.59
CA ILE D 120 -18.25 35.76 16.12
C ILE D 120 -18.09 34.36 15.52
N MET D 121 -17.04 34.16 14.72
CA MET D 121 -16.76 32.86 14.11
C MET D 121 -16.33 31.81 15.14
N LYS D 122 -15.76 32.25 16.25
CA LYS D 122 -15.45 31.35 17.34
C LYS D 122 -16.72 30.90 18.07
N SER D 123 -17.73 31.77 18.13
CA SER D 123 -19.02 31.42 18.72
C SER D 123 -19.71 30.34 17.89
N ILE D 124 -19.79 30.58 16.59
CA ILE D 124 -20.40 29.62 15.66
C ILE D 124 -19.55 28.35 15.57
N GLY D 125 -18.23 28.52 15.56
CA GLY D 125 -17.30 27.39 15.54
C GLY D 125 -17.44 26.44 16.71
N GLU D 126 -17.72 26.99 17.90
CA GLU D 126 -17.97 26.18 19.10
C GLU D 126 -19.25 25.35 18.97
N ALA D 127 -20.28 25.96 18.39
CA ALA D 127 -21.54 25.27 18.14
C ALA D 127 -21.33 24.05 17.26
N ILE D 128 -20.51 24.21 16.21
CA ILE D 128 -20.20 23.11 15.29
C ILE D 128 -19.21 22.12 15.93
N GLN D 129 -18.27 22.63 16.71
CA GLN D 129 -17.29 21.77 17.38
C GLN D 129 -17.96 20.74 18.28
N TYR D 130 -18.96 21.17 19.06
CA TYR D 130 -19.66 20.28 19.97
C TYR D 130 -20.56 19.28 19.22
N LEU D 131 -21.23 19.75 18.18
CA LEU D 131 -22.08 18.87 17.36
C LEU D 131 -21.23 17.78 16.70
N HIS D 132 -20.12 18.16 16.10
CA HIS D 132 -19.22 17.21 15.45
C HIS D 132 -18.55 16.26 16.43
N SER D 133 -18.37 16.69 17.68
CA SER D 133 -17.75 15.86 18.71
C SER D 133 -18.69 14.76 19.19
N ILE D 134 -20.00 14.98 19.02
CA ILE D 134 -21.01 13.96 19.34
C ILE D 134 -21.66 13.37 18.08
N ASN D 135 -20.94 13.44 16.96
CA ASN D 135 -21.37 12.83 15.70
C ASN D 135 -22.69 13.38 15.14
N ILE D 136 -22.79 14.72 15.12
CA ILE D 136 -23.98 15.40 14.58
C ILE D 136 -23.53 16.46 13.59
N ALA D 137 -23.98 16.35 12.35
CA ALA D 137 -23.78 17.40 11.35
C ALA D 137 -25.06 18.20 11.29
N HIS D 138 -24.96 19.52 11.31
CA HIS D 138 -26.14 20.38 11.25
C HIS D 138 -26.77 20.32 9.87
N ARG D 139 -25.93 20.41 8.84
CA ARG D 139 -26.34 20.31 7.45
C ARG D 139 -27.20 21.47 6.95
N ASP D 140 -27.17 22.59 7.68
CA ASP D 140 -27.97 23.78 7.31
C ASP D 140 -27.51 25.03 8.07
N VAL D 141 -26.20 25.18 8.26
CA VAL D 141 -25.66 26.34 8.99
C VAL D 141 -25.67 27.56 8.08
N LYS D 142 -26.77 28.32 8.12
CA LYS D 142 -26.94 29.49 7.28
C LYS D 142 -27.11 30.75 8.15
N PRO D 143 -26.93 31.95 7.56
CA PRO D 143 -27.13 33.20 8.28
C PRO D 143 -28.44 33.27 9.06
N GLU D 144 -29.53 32.84 8.42
CA GLU D 144 -30.88 32.89 8.98
C GLU D 144 -31.03 32.09 10.29
N ASN D 145 -30.21 31.05 10.46
CA ASN D 145 -30.25 30.18 11.65
C ASN D 145 -29.31 30.61 12.79
N LEU D 146 -28.78 31.83 12.72
CA LEU D 146 -27.86 32.34 13.76
C LEU D 146 -28.44 33.58 14.43
N LEU D 147 -29.17 33.35 15.52
CA LEU D 147 -29.88 34.41 16.24
C LEU D 147 -29.21 34.72 17.57
N TYR D 148 -29.29 35.98 18.00
CA TYR D 148 -28.80 36.39 19.32
C TYR D 148 -29.89 36.16 20.36
N THR D 149 -29.49 36.11 21.62
CA THR D 149 -30.42 35.90 22.73
C THR D 149 -31.17 37.16 23.10
N SER D 150 -30.50 38.31 23.02
CA SER D 150 -31.10 39.59 23.38
C SER D 150 -30.40 40.74 22.67
N LYS D 151 -30.95 41.95 22.83
CA LYS D 151 -30.34 43.15 22.26
C LYS D 151 -29.19 43.68 23.12
N ARG D 152 -29.19 43.32 24.40
CA ARG D 152 -28.12 43.71 25.33
C ARG D 152 -26.74 43.33 24.80
N PRO D 153 -25.79 44.27 24.82
CA PRO D 153 -24.43 43.90 24.42
C PRO D 153 -23.84 42.94 25.44
N ASN D 154 -23.37 41.79 24.96
CA ASN D 154 -22.98 40.61 25.78
C ASN D 154 -23.95 39.43 25.61
N ALA D 155 -24.96 39.60 24.76
CA ALA D 155 -25.84 38.50 24.41
C ALA D 155 -25.07 37.41 23.67
N ILE D 156 -25.57 36.18 23.76
CA ILE D 156 -24.91 35.03 23.15
C ILE D 156 -25.50 34.72 21.78
N LEU D 157 -24.64 34.53 20.78
CA LEU D 157 -25.08 34.06 19.46
C LEU D 157 -25.21 32.54 19.49
N LYS D 158 -26.37 32.04 19.09
CA LYS D 158 -26.65 30.60 19.11
C LYS D 158 -27.13 30.10 17.75
N LEU D 159 -26.94 28.81 17.52
CA LEU D 159 -27.37 28.15 16.28
C LEU D 159 -28.75 27.51 16.50
N THR D 160 -29.52 27.35 15.42
CA THR D 160 -30.88 26.86 15.53
C THR D 160 -31.30 26.00 14.34
N ASP D 161 -32.43 25.31 14.50
CA ASP D 161 -33.03 24.46 13.45
C ASP D 161 -32.20 23.20 13.16
N PHE D 162 -32.67 22.07 13.69
CA PHE D 162 -32.01 20.78 13.45
C PHE D 162 -32.86 19.89 12.53
N GLY D 163 -33.60 20.54 11.62
CA GLY D 163 -34.46 19.84 10.68
C GLY D 163 -33.69 18.98 9.68
N PHE D 164 -32.53 19.48 9.24
CA PHE D 164 -31.69 18.77 8.29
C PHE D 164 -30.57 17.98 8.95
N ALA D 165 -30.50 18.02 10.28
CA ALA D 165 -29.42 17.36 11.03
C ALA D 165 -29.54 15.83 10.96
N LYS D 166 -28.38 15.18 11.02
CA LYS D 166 -28.27 13.72 10.87
C LYS D 166 -27.13 13.19 11.74
N GLU D 167 -27.23 11.92 12.14
CA GLU D 167 -26.14 11.27 12.87
C GLU D 167 -25.12 10.73 11.87
N THR D 168 -23.86 11.08 12.07
CA THR D 168 -22.80 10.86 11.07
C THR D 168 -22.23 9.44 11.06
N THR D 169 -22.62 8.62 12.03
CA THR D 169 -22.21 7.21 12.07
C THR D 169 -23.40 6.30 11.81
N PRO D 181 -8.55 -0.19 19.92
CA PRO D 181 -7.19 0.06 20.42
C PRO D 181 -6.81 1.54 20.38
N TYR D 182 -5.52 1.82 20.56
CA TYR D 182 -5.00 3.21 20.64
C TYR D 182 -4.19 3.63 19.39
N TYR D 183 -3.89 2.66 18.53
CA TYR D 183 -3.12 2.88 17.30
C TYR D 183 -4.01 2.91 16.05
N VAL D 184 -5.30 2.63 16.23
CA VAL D 184 -6.24 2.48 15.11
C VAL D 184 -6.59 3.84 14.47
N ALA D 185 -6.76 3.82 13.15
CA ALA D 185 -7.05 5.03 12.38
C ALA D 185 -8.54 5.41 12.49
N PRO D 186 -8.88 6.68 12.17
CA PRO D 186 -10.27 7.15 12.27
C PRO D 186 -11.26 6.44 11.36
N GLU D 187 -10.84 6.15 10.13
CA GLU D 187 -11.70 5.48 9.14
C GLU D 187 -12.06 4.03 9.51
N VAL D 188 -11.20 3.39 10.29
CA VAL D 188 -11.41 2.00 10.70
C VAL D 188 -12.43 1.89 11.86
N LEU D 189 -12.73 3.03 12.48
CA LEU D 189 -13.80 3.10 13.49
C LEU D 189 -15.16 3.20 12.80
N TYR D 194 -19.28 11.72 4.44
CA TYR D 194 -18.75 12.94 5.03
C TYR D 194 -19.78 14.09 5.02
N ASP D 195 -20.73 14.03 5.96
CA ASP D 195 -21.71 15.09 6.13
C ASP D 195 -21.10 16.28 6.89
N LYS D 196 -20.15 15.99 7.77
CA LYS D 196 -19.49 17.01 8.60
C LYS D 196 -18.82 18.12 7.76
N SER D 197 -18.19 17.74 6.65
CA SER D 197 -17.52 18.72 5.79
C SER D 197 -18.47 19.81 5.26
N CYS D 198 -19.76 19.50 5.18
CA CYS D 198 -20.77 20.44 4.69
C CYS D 198 -20.88 21.69 5.55
N ASP D 199 -20.89 21.50 6.86
CA ASP D 199 -20.94 22.61 7.82
C ASP D 199 -19.70 23.49 7.72
N MET D 200 -18.56 22.88 7.38
CA MET D 200 -17.29 23.60 7.24
C MET D 200 -17.26 24.48 5.99
N TRP D 201 -18.01 24.09 4.95
CA TRP D 201 -18.24 24.97 3.81
C TRP D 201 -19.09 26.16 4.23
N SER D 202 -20.11 25.89 5.03
CA SER D 202 -21.02 26.91 5.54
C SER D 202 -20.30 27.96 6.39
N LEU D 203 -19.38 27.51 7.25
CA LEU D 203 -18.59 28.43 8.07
C LEU D 203 -17.77 29.37 7.21
N GLY D 204 -17.14 28.82 6.16
CA GLY D 204 -16.37 29.61 5.22
C GLY D 204 -17.19 30.70 4.53
N VAL D 205 -18.41 30.37 4.14
CA VAL D 205 -19.32 31.34 3.53
C VAL D 205 -19.72 32.40 4.56
N ILE D 206 -20.13 31.95 5.74
CA ILE D 206 -20.49 32.86 6.83
C ILE D 206 -19.34 33.82 7.14
N MET D 207 -18.12 33.29 7.18
CA MET D 207 -16.94 34.11 7.44
C MET D 207 -16.70 35.10 6.31
N TYR D 208 -16.92 34.65 5.08
CA TYR D 208 -16.74 35.50 3.91
C TYR D 208 -17.69 36.70 3.96
N ILE D 209 -18.96 36.45 4.26
CA ILE D 209 -19.96 37.53 4.34
C ILE D 209 -19.64 38.48 5.50
N LEU D 210 -19.18 37.92 6.62
CA LEU D 210 -18.79 38.72 7.78
C LEU D 210 -17.68 39.71 7.46
N LEU D 211 -16.75 39.32 6.59
CA LEU D 211 -15.55 40.09 6.32
C LEU D 211 -15.70 41.14 5.22
N CYS D 212 -16.79 41.07 4.45
CA CYS D 212 -17.04 42.04 3.37
C CYS D 212 -18.48 42.55 3.28
N GLY D 213 -19.43 41.75 3.72
CA GLY D 213 -20.84 42.14 3.71
C GLY D 213 -21.59 41.67 2.47
N TYR D 214 -21.02 40.71 1.74
CA TYR D 214 -21.72 40.04 0.65
C TYR D 214 -21.19 38.61 0.50
N PRO D 215 -22.01 37.70 -0.06
CA PRO D 215 -21.57 36.32 -0.18
C PRO D 215 -20.58 36.14 -1.33
N PRO D 216 -19.83 35.03 -1.30
CA PRO D 216 -18.85 34.74 -2.34
C PRO D 216 -19.48 34.33 -3.68
N PHE D 217 -20.75 33.91 -3.64
CA PHE D 217 -21.45 33.48 -4.86
C PHE D 217 -22.79 34.20 -5.03
N TYR D 218 -23.05 34.66 -6.26
CA TYR D 218 -24.33 35.27 -6.64
C TYR D 218 -24.44 35.36 -8.17
N SER D 219 -25.66 35.53 -8.67
CA SER D 219 -25.89 35.61 -10.13
C SER D 219 -26.11 37.04 -10.60
N GLY D 228 -26.27 29.71 -13.51
CA GLY D 228 -25.24 30.73 -13.61
C GLY D 228 -24.38 30.77 -12.37
N MET D 229 -25.03 30.93 -11.22
CA MET D 229 -24.35 30.89 -9.92
C MET D 229 -23.97 29.46 -9.53
N LYS D 230 -24.83 28.50 -9.87
CA LYS D 230 -24.61 27.08 -9.60
C LYS D 230 -23.23 26.61 -10.10
N THR D 231 -22.83 27.08 -11.28
CA THR D 231 -21.54 26.70 -11.87
C THR D 231 -20.35 27.26 -11.08
N ARG D 232 -20.44 28.52 -10.66
CA ARG D 232 -19.37 29.14 -9.89
C ARG D 232 -19.13 28.44 -8.54
N ILE D 233 -20.16 27.81 -7.99
CA ILE D 233 -20.02 27.02 -6.75
C ILE D 233 -19.29 25.70 -7.01
N ARG D 234 -19.63 25.04 -8.12
CA ARG D 234 -18.93 23.82 -8.53
C ARG D 234 -17.47 24.11 -8.83
N MET D 235 -17.23 25.18 -9.59
CA MET D 235 -15.88 25.60 -9.96
C MET D 235 -15.11 26.21 -8.78
N GLY D 236 -15.83 26.75 -7.81
CA GLY D 236 -15.23 27.48 -6.71
C GLY D 236 -14.69 28.81 -7.18
N GLN D 237 -15.46 29.47 -8.05
CA GLN D 237 -15.06 30.76 -8.62
C GLN D 237 -15.61 31.90 -7.77
N TYR D 238 -14.75 32.44 -6.91
CA TYR D 238 -15.05 33.65 -6.14
C TYR D 238 -13.80 34.51 -6.09
N GLU D 239 -13.98 35.76 -5.67
CA GLU D 239 -12.90 36.73 -5.65
C GLU D 239 -12.80 37.37 -4.26
N PHE D 240 -11.68 38.04 -4.00
CA PHE D 240 -11.54 38.91 -2.85
C PHE D 240 -11.37 40.33 -3.37
N PRO D 241 -12.46 40.93 -3.87
CA PRO D 241 -12.33 42.19 -4.60
C PRO D 241 -12.05 43.39 -3.71
N ASN D 242 -11.28 44.34 -4.24
CA ASN D 242 -11.08 45.63 -3.58
C ASN D 242 -12.30 46.51 -3.81
N PRO D 243 -12.55 47.50 -2.93
CA PRO D 243 -11.77 47.90 -1.75
C PRO D 243 -11.97 47.03 -0.51
N GLU D 244 -13.16 46.45 -0.36
CA GLU D 244 -13.53 45.71 0.85
C GLU D 244 -12.37 44.89 1.44
N TRP D 245 -11.80 44.00 0.63
CA TRP D 245 -10.80 43.04 1.08
C TRP D 245 -9.35 43.57 1.10
N SER D 246 -9.16 44.83 0.73
CA SER D 246 -7.83 45.44 0.69
C SER D 246 -7.10 45.34 2.03
N GLU D 247 -7.83 45.57 3.12
CA GLU D 247 -7.26 45.60 4.46
C GLU D 247 -7.27 44.24 5.17
N VAL D 248 -8.03 43.29 4.65
CA VAL D 248 -8.09 41.96 5.26
C VAL D 248 -6.79 41.20 4.99
N SER D 249 -6.30 40.48 5.99
CA SER D 249 -5.00 39.80 5.92
C SER D 249 -5.03 38.59 5.00
N GLU D 250 -3.84 38.19 4.54
CA GLU D 250 -3.70 36.99 3.71
C GLU D 250 -3.90 35.71 4.53
N GLU D 251 -3.61 35.78 5.83
CA GLU D 251 -3.88 34.69 6.75
C GLU D 251 -5.37 34.33 6.74
N VAL D 252 -6.23 35.36 6.77
CA VAL D 252 -7.67 35.14 6.84
C VAL D 252 -8.23 34.69 5.49
N LYS D 253 -7.69 35.25 4.41
CA LYS D 253 -8.09 34.83 3.07
C LYS D 253 -7.74 33.36 2.85
N MET D 254 -6.54 32.97 3.29
CA MET D 254 -6.12 31.56 3.23
C MET D 254 -7.07 30.65 4.00
N LEU D 255 -7.49 31.10 5.18
CA LEU D 255 -8.44 30.33 5.99
C LEU D 255 -9.74 30.14 5.23
N ILE D 256 -10.25 31.22 4.62
CA ILE D 256 -11.46 31.14 3.81
C ILE D 256 -11.27 30.22 2.61
N ARG D 257 -10.08 30.27 2.00
CA ARG D 257 -9.76 29.38 0.89
C ARG D 257 -9.88 27.91 1.29
N ASN D 258 -9.26 27.54 2.41
CA ASN D 258 -9.25 26.14 2.86
C ASN D 258 -10.59 25.66 3.40
N LEU D 259 -11.52 26.59 3.64
CA LEU D 259 -12.89 26.23 4.01
C LEU D 259 -13.81 26.14 2.78
N LEU D 260 -13.55 26.97 1.78
CA LEU D 260 -14.36 26.99 0.55
C LEU D 260 -13.75 26.16 -0.57
N LYS D 261 -13.10 25.05 -0.22
CA LYS D 261 -12.52 24.16 -1.23
C LYS D 261 -13.66 23.41 -1.92
N THR D 262 -13.49 23.16 -3.21
CA THR D 262 -14.50 22.46 -4.00
C THR D 262 -14.64 21.00 -3.56
N GLU D 263 -13.49 20.35 -3.37
CA GLU D 263 -13.45 18.96 -2.97
C GLU D 263 -13.61 18.87 -1.45
N PRO D 264 -14.64 18.14 -0.96
CA PRO D 264 -14.92 18.12 0.48
C PRO D 264 -13.84 17.45 1.36
N THR D 265 -13.17 16.42 0.85
CA THR D 265 -12.10 15.75 1.60
C THR D 265 -10.87 16.66 1.78
N GLN D 266 -10.75 17.68 0.94
CA GLN D 266 -9.65 18.64 1.02
C GLN D 266 -9.90 19.74 2.05
N ARG D 267 -11.14 19.84 2.52
CA ARG D 267 -11.56 20.94 3.41
C ARG D 267 -11.02 20.78 4.84
N MET D 268 -11.06 21.89 5.59
CA MET D 268 -10.54 21.94 6.97
C MET D 268 -11.53 21.35 7.98
N THR D 269 -11.01 20.61 8.96
CA THR D 269 -11.84 20.03 10.03
C THR D 269 -12.12 21.05 11.13
N ILE D 270 -13.17 20.84 11.91
CA ILE D 270 -13.55 21.78 12.96
C ILE D 270 -12.51 21.89 14.08
N THR D 271 -11.77 20.80 14.32
CA THR D 271 -10.64 20.82 15.25
C THR D 271 -9.48 21.67 14.71
N GLU D 272 -9.23 21.56 13.41
CA GLU D 272 -8.23 22.39 12.74
C GLU D 272 -8.68 23.85 12.64
N PHE D 273 -9.99 24.05 12.54
CA PHE D 273 -10.57 25.39 12.50
C PHE D 273 -10.40 26.12 13.84
N MET D 274 -10.79 25.47 14.94
CA MET D 274 -10.77 26.10 16.26
C MET D 274 -9.34 26.31 16.81
N ASN D 275 -8.38 25.54 16.31
CA ASN D 275 -6.97 25.71 16.68
C ASN D 275 -6.22 26.71 15.80
N HIS D 276 -6.88 27.19 14.75
CA HIS D 276 -6.29 28.16 13.83
C HIS D 276 -6.04 29.49 14.55
N PRO D 277 -4.83 30.07 14.39
CA PRO D 277 -4.44 31.26 15.17
C PRO D 277 -5.33 32.49 14.96
N TRP D 278 -6.02 32.59 13.83
CA TRP D 278 -7.00 33.65 13.61
C TRP D 278 -8.26 33.43 14.47
N ILE D 279 -8.58 32.17 14.75
CA ILE D 279 -9.67 31.84 15.67
C ILE D 279 -9.20 31.87 17.12
N MET D 280 -8.13 31.15 17.43
CA MET D 280 -7.61 31.02 18.81
C MET D 280 -7.29 32.37 19.44
N GLN D 281 -6.32 33.08 18.86
CA GLN D 281 -5.90 34.38 19.40
C GLN D 281 -6.72 35.49 18.75
N SER D 282 -7.92 35.70 19.30
CA SER D 282 -8.78 36.81 18.88
C SER D 282 -8.12 38.14 19.24
N THR D 283 -7.47 38.19 20.40
CA THR D 283 -6.88 39.43 20.92
C THR D 283 -5.61 39.87 20.17
N LYS D 284 -4.99 38.97 19.41
CA LYS D 284 -3.81 39.32 18.62
C LYS D 284 -4.14 39.73 17.18
N VAL D 285 -5.34 39.41 16.71
CA VAL D 285 -5.78 39.84 15.36
C VAL D 285 -6.13 41.33 15.40
N PRO D 286 -5.76 42.10 14.35
CA PRO D 286 -5.88 43.56 14.36
C PRO D 286 -7.32 44.10 14.41
N GLN D 287 -7.46 45.32 14.93
CA GLN D 287 -8.76 46.00 15.02
C GLN D 287 -9.08 46.76 13.74
N THR D 288 -8.68 46.19 12.60
CA THR D 288 -8.84 46.84 11.30
C THR D 288 -10.33 46.81 10.90
N PRO D 289 -10.89 47.99 10.54
CA PRO D 289 -12.32 48.12 10.27
C PRO D 289 -12.74 47.51 8.94
N LEU D 290 -13.90 46.85 8.93
CA LEU D 290 -14.43 46.18 7.74
C LEU D 290 -15.62 46.95 7.15
N HIS D 291 -15.90 46.68 5.87
CA HIS D 291 -17.00 47.34 5.16
C HIS D 291 -18.35 46.65 5.36
N THR D 292 -18.38 45.58 6.14
CA THR D 292 -19.56 44.72 6.26
C THR D 292 -20.83 45.47 6.65
N SER D 293 -20.71 46.43 7.57
CA SER D 293 -21.88 47.18 8.04
C SER D 293 -22.48 48.10 6.97
N ARG D 294 -21.64 48.78 6.20
CA ARG D 294 -22.12 49.70 5.16
C ARG D 294 -22.68 48.92 3.97
N VAL D 295 -22.02 47.81 3.63
CA VAL D 295 -22.43 46.99 2.48
C VAL D 295 -23.78 46.30 2.72
N LEU D 296 -24.05 45.91 3.96
CA LEU D 296 -25.32 45.26 4.32
C LEU D 296 -26.51 46.22 4.24
N LYS D 297 -26.26 47.52 4.38
CA LYS D 297 -27.32 48.53 4.23
C LYS D 297 -27.91 48.55 2.81
N GLU D 298 -27.09 48.17 1.82
CA GLU D 298 -27.53 48.15 0.42
C GLU D 298 -28.43 46.93 0.18
N ASP D 299 -29.74 47.16 0.23
CA ASP D 299 -30.77 46.11 0.12
C ASP D 299 -30.67 45.13 1.29
N HIS E 1 64.93 -4.76 9.66
CA HIS E 1 65.78 -3.97 8.73
C HIS E 1 65.69 -4.52 7.31
N VAL E 2 66.05 -5.80 7.17
CA VAL E 2 66.36 -6.40 5.89
C VAL E 2 65.63 -7.73 5.67
N LYS E 3 64.96 -7.85 4.53
CA LYS E 3 64.28 -9.08 4.13
C LYS E 3 65.05 -9.80 3.03
N SER E 4 64.66 -11.04 2.77
CA SER E 4 65.33 -11.87 1.76
C SER E 4 64.99 -11.44 0.34
N GLY E 5 65.81 -11.91 -0.61
CA GLY E 5 65.54 -11.74 -2.04
C GLY E 5 64.73 -12.93 -2.55
N LEU E 6 64.40 -12.90 -3.83
CA LEU E 6 63.62 -13.99 -4.43
C LEU E 6 64.53 -15.17 -4.75
N GLN E 7 64.30 -16.30 -4.07
CA GLN E 7 65.15 -17.49 -4.20
C GLN E 7 65.07 -18.16 -5.57
N ILE E 8 63.90 -18.05 -6.22
CA ILE E 8 63.63 -18.59 -7.56
C ILE E 8 64.16 -20.03 -7.80
N LYS E 9 63.31 -21.02 -7.55
CA LYS E 9 63.69 -22.44 -7.66
C LYS E 9 63.73 -22.90 -9.11
N LYS E 10 64.44 -24.02 -9.34
CA LYS E 10 64.58 -24.60 -10.68
C LYS E 10 63.96 -26.00 -10.84
N ASN E 11 63.82 -26.75 -9.74
CA ASN E 11 63.19 -28.07 -9.80
C ASN E 11 61.71 -27.99 -10.19
N ALA E 12 61.15 -29.11 -10.67
CA ALA E 12 59.76 -29.14 -11.13
C ALA E 12 58.76 -28.93 -9.98
N ILE E 13 57.62 -28.31 -10.29
CA ILE E 13 56.62 -28.01 -9.27
C ILE E 13 55.92 -29.30 -8.84
N ILE E 14 55.90 -30.30 -9.72
CA ILE E 14 55.31 -31.61 -9.41
C ILE E 14 56.01 -32.32 -8.25
N ASP E 15 57.28 -31.99 -8.02
CA ASP E 15 58.03 -32.52 -6.88
C ASP E 15 57.49 -32.02 -5.54
N ASP E 16 57.03 -30.76 -5.52
CA ASP E 16 56.61 -30.11 -4.27
C ASP E 16 55.09 -29.91 -4.18
N TYR E 17 54.41 -29.71 -5.31
CA TYR E 17 52.97 -29.46 -5.33
C TYR E 17 52.25 -30.42 -6.27
N LYS E 18 50.98 -30.69 -5.96
CA LYS E 18 50.09 -31.40 -6.86
C LYS E 18 49.22 -30.37 -7.59
N VAL E 19 49.35 -30.31 -8.91
CA VAL E 19 48.61 -29.33 -9.72
C VAL E 19 47.30 -29.92 -10.25
N THR E 20 46.18 -29.43 -9.72
CA THR E 20 44.84 -29.86 -10.16
C THR E 20 44.31 -28.90 -11.23
N SER E 21 43.10 -29.17 -11.72
CA SER E 21 42.48 -28.39 -12.80
C SER E 21 41.50 -27.32 -12.30
N GLN E 22 41.35 -27.20 -10.98
CA GLN E 22 40.38 -26.26 -10.40
C GLN E 22 40.78 -24.80 -10.64
N VAL E 23 40.19 -24.19 -11.68
CA VAL E 23 40.53 -22.82 -12.07
C VAL E 23 39.86 -21.80 -11.15
N LEU E 24 40.66 -20.95 -10.53
CA LEU E 24 40.15 -19.89 -9.64
C LEU E 24 39.85 -18.59 -10.40
N GLY E 25 40.36 -18.46 -11.62
CA GLY E 25 40.03 -17.30 -12.46
C GLY E 25 40.77 -17.23 -13.79
N LEU E 26 40.48 -16.17 -14.53
CA LEU E 26 41.24 -15.79 -15.73
C LEU E 26 41.51 -14.29 -15.67
N GLY E 27 42.66 -13.86 -16.16
CA GLY E 27 43.03 -12.45 -16.13
C GLY E 27 44.11 -12.07 -17.13
N ILE E 28 45.01 -11.19 -16.70
CA ILE E 28 46.10 -10.70 -17.54
C ILE E 28 47.24 -11.71 -17.58
N ASN E 29 47.65 -12.09 -18.79
CA ASN E 29 48.75 -13.04 -19.04
C ASN E 29 48.29 -14.50 -19.09
N GLY E 30 47.54 -14.94 -18.08
CA GLY E 30 47.06 -16.32 -18.02
C GLY E 30 46.24 -16.63 -16.77
N LYS E 31 45.54 -17.77 -16.81
CA LYS E 31 44.63 -18.16 -15.71
C LYS E 31 45.39 -18.55 -14.44
N VAL E 32 44.65 -18.65 -13.33
CA VAL E 32 45.21 -18.98 -12.02
C VAL E 32 44.65 -20.30 -11.51
N LEU E 33 45.42 -21.38 -11.64
CA LEU E 33 45.00 -22.70 -11.18
C LEU E 33 45.27 -22.88 -9.68
N GLN E 34 44.54 -23.78 -9.06
CA GLN E 34 44.78 -24.14 -7.65
C GLN E 34 45.67 -25.38 -7.61
N ILE E 35 46.63 -25.38 -6.69
CA ILE E 35 47.52 -26.51 -6.47
C ILE E 35 47.47 -26.91 -4.99
N PHE E 36 48.22 -27.95 -4.63
CA PHE E 36 48.29 -28.40 -3.24
C PHE E 36 49.71 -28.80 -2.89
N ASN E 37 50.20 -28.34 -1.73
CA ASN E 37 51.53 -28.69 -1.25
C ASN E 37 51.56 -30.18 -0.88
N LYS E 38 52.59 -30.88 -1.35
CA LYS E 38 52.71 -32.33 -1.10
C LYS E 38 53.19 -32.65 0.32
N ARG E 39 53.98 -31.76 0.91
CA ARG E 39 54.45 -31.95 2.30
C ARG E 39 53.31 -31.80 3.29
N THR E 40 52.63 -30.65 3.24
CA THR E 40 51.44 -30.40 4.07
C THR E 40 50.19 -30.78 3.27
N GLN E 41 49.08 -30.06 3.48
CA GLN E 41 47.91 -30.15 2.61
C GLN E 41 47.36 -28.77 2.27
N GLU E 42 48.15 -27.72 2.48
CA GLU E 42 47.70 -26.36 2.24
C GLU E 42 47.38 -26.15 0.76
N LYS E 43 46.46 -25.23 0.47
CA LYS E 43 45.99 -24.99 -0.88
C LYS E 43 47.05 -24.29 -1.73
N PHE E 44 47.16 -22.96 -1.57
CA PHE E 44 47.96 -22.10 -2.45
C PHE E 44 47.36 -21.99 -3.86
N ALA E 45 47.53 -20.82 -4.47
CA ALA E 45 47.12 -20.59 -5.86
C ALA E 45 48.37 -20.52 -6.73
N LEU E 46 48.23 -20.94 -7.99
CA LEU E 46 49.34 -20.99 -8.95
C LEU E 46 49.05 -20.10 -10.15
N LYS E 47 49.85 -19.05 -10.35
CA LYS E 47 49.76 -18.23 -11.55
C LYS E 47 50.78 -18.71 -12.56
N MET E 48 50.34 -18.83 -13.81
CA MET E 48 51.16 -19.38 -14.89
C MET E 48 51.56 -18.28 -15.87
N LEU E 49 52.87 -18.03 -16.01
CA LEU E 49 53.39 -17.12 -17.03
C LEU E 49 54.52 -17.78 -17.80
N GLN E 50 54.73 -17.34 -19.05
CA GLN E 50 55.84 -17.83 -19.87
C GLN E 50 57.01 -16.86 -19.81
N ASP E 51 58.21 -17.40 -19.73
CA ASP E 51 59.40 -16.62 -19.36
C ASP E 51 59.86 -15.63 -20.43
N CYS E 52 59.81 -14.35 -20.08
CA CYS E 52 60.29 -13.28 -20.93
C CYS E 52 60.47 -12.02 -20.08
N PRO E 53 61.54 -11.23 -20.34
CA PRO E 53 61.68 -9.93 -19.69
C PRO E 53 60.41 -9.07 -19.80
N LYS E 54 59.51 -9.27 -18.83
CA LYS E 54 58.17 -8.66 -18.79
C LYS E 54 57.35 -9.44 -17.75
N ALA E 55 57.27 -10.75 -17.96
CA ALA E 55 56.76 -11.67 -16.94
C ALA E 55 57.76 -11.72 -15.78
N ARG E 56 59.05 -11.64 -16.11
CA ARG E 56 60.12 -11.59 -15.11
C ARG E 56 60.16 -10.24 -14.37
N ARG E 57 59.63 -9.19 -15.01
CA ARG E 57 59.45 -7.90 -14.33
C ARG E 57 58.34 -8.00 -13.28
N GLU E 58 57.22 -8.63 -13.64
CA GLU E 58 56.09 -8.80 -12.73
C GLU E 58 56.53 -9.48 -11.43
N VAL E 59 57.10 -10.68 -11.57
CA VAL E 59 57.54 -11.47 -10.41
C VAL E 59 58.49 -10.69 -9.49
N GLU E 60 59.31 -9.82 -10.09
CA GLU E 60 60.24 -8.99 -9.32
C GLU E 60 59.51 -7.88 -8.57
N LEU E 61 58.62 -7.17 -9.27
CA LEU E 61 57.82 -6.10 -8.64
C LEU E 61 56.80 -6.66 -7.65
N HIS E 62 56.35 -7.89 -7.88
CA HIS E 62 55.43 -8.57 -6.97
C HIS E 62 56.16 -8.94 -5.68
N TRP E 63 57.36 -9.50 -5.83
CA TRP E 63 58.17 -9.91 -4.69
C TRP E 63 58.53 -8.75 -3.77
N ARG E 64 58.77 -7.57 -4.35
CA ARG E 64 59.02 -6.37 -3.56
C ARG E 64 57.76 -5.93 -2.82
N ALA E 65 56.63 -5.99 -3.53
CA ALA E 65 55.33 -5.62 -2.97
C ALA E 65 54.80 -6.65 -1.98
N SER E 66 55.31 -7.88 -2.07
CA SER E 66 54.86 -9.00 -1.24
C SER E 66 55.05 -8.78 0.27
N GLN E 67 55.97 -7.89 0.64
CA GLN E 67 56.24 -7.59 2.06
C GLN E 67 55.09 -6.81 2.72
N CYS E 68 54.25 -6.18 1.90
CA CYS E 68 53.08 -5.43 2.40
C CYS E 68 51.96 -6.39 2.82
N PRO E 69 51.40 -6.19 4.03
CA PRO E 69 50.33 -7.07 4.53
C PRO E 69 49.09 -7.14 3.63
N HIS E 70 48.77 -6.06 2.95
CA HIS E 70 47.58 -6.01 2.09
C HIS E 70 47.89 -6.27 0.61
N ILE E 71 48.90 -7.11 0.35
CA ILE E 71 49.22 -7.57 -1.00
C ILE E 71 49.46 -9.08 -0.96
N VAL E 72 49.04 -9.78 -2.01
CA VAL E 72 49.12 -11.24 -2.04
C VAL E 72 50.57 -11.71 -1.92
N ARG E 73 50.84 -12.55 -0.93
CA ARG E 73 52.18 -13.12 -0.75
C ARG E 73 52.46 -14.17 -1.82
N ILE E 74 53.58 -14.04 -2.50
CA ILE E 74 54.11 -15.14 -3.31
C ILE E 74 55.04 -15.96 -2.41
N VAL E 75 54.74 -17.25 -2.28
CA VAL E 75 55.48 -18.14 -1.39
C VAL E 75 56.70 -18.72 -2.09
N ASP E 76 56.55 -19.02 -3.39
CA ASP E 76 57.65 -19.54 -4.21
C ASP E 76 57.46 -19.18 -5.68
N VAL E 77 58.60 -19.05 -6.38
CA VAL E 77 58.62 -18.83 -7.83
C VAL E 77 59.48 -19.92 -8.46
N TYR E 78 58.96 -20.60 -9.48
CA TYR E 78 59.65 -21.71 -10.12
C TYR E 78 59.99 -21.38 -11.57
N GLU E 79 61.22 -21.67 -11.99
CA GLU E 79 61.61 -21.57 -13.40
C GLU E 79 61.64 -22.98 -14.00
N ASN E 80 60.60 -23.32 -14.77
CA ASN E 80 60.46 -24.66 -15.33
C ASN E 80 60.21 -24.67 -16.83
N LEU E 81 60.23 -25.87 -17.42
CA LEU E 81 59.95 -26.06 -18.84
C LEU E 81 58.59 -26.74 -19.02
N TYR E 82 57.60 -25.99 -19.51
CA TYR E 82 56.28 -26.53 -19.80
C TYR E 82 56.16 -26.75 -21.31
N ALA E 83 55.76 -27.96 -21.71
CA ALA E 83 55.72 -28.37 -23.11
C ALA E 83 57.11 -28.40 -23.72
N GLY E 84 57.65 -27.22 -24.05
CA GLY E 84 59.03 -27.09 -24.52
C GLY E 84 59.53 -25.67 -24.53
N ARG E 85 59.19 -24.91 -23.49
CA ARG E 85 59.54 -23.50 -23.40
C ARG E 85 59.60 -23.04 -21.94
N LYS E 86 60.45 -22.06 -21.68
CA LYS E 86 60.70 -21.56 -20.33
C LYS E 86 59.44 -20.94 -19.72
N CYS E 87 59.16 -21.27 -18.46
CA CYS E 87 57.97 -20.78 -17.78
C CYS E 87 58.26 -20.39 -16.33
N LEU E 88 57.64 -19.29 -15.90
CA LEU E 88 57.67 -18.87 -14.50
C LEU E 88 56.34 -19.26 -13.87
N LEU E 89 56.41 -20.10 -12.85
CA LEU E 89 55.22 -20.48 -12.08
C LEU E 89 55.28 -19.79 -10.71
N ILE E 90 54.35 -18.86 -10.47
CA ILE E 90 54.31 -18.08 -9.24
C ILE E 90 53.30 -18.66 -8.25
N VAL E 91 53.80 -19.36 -7.23
CA VAL E 91 52.93 -19.94 -6.20
C VAL E 91 52.61 -18.87 -5.16
N MET E 92 51.32 -18.63 -4.93
CA MET E 92 50.86 -17.57 -4.05
C MET E 92 50.00 -18.12 -2.92
N GLU E 93 49.81 -17.31 -1.89
CA GLU E 93 48.92 -17.68 -0.79
C GLU E 93 47.47 -17.72 -1.27
N CYS E 94 46.67 -18.54 -0.62
CA CYS E 94 45.30 -18.76 -1.06
C CYS E 94 44.40 -17.63 -0.59
N LEU E 95 43.60 -17.10 -1.52
CA LEU E 95 42.61 -16.08 -1.23
C LEU E 95 41.22 -16.60 -1.62
N ASP E 96 40.66 -17.46 -0.78
CA ASP E 96 39.35 -18.07 -1.05
C ASP E 96 38.19 -17.35 -0.35
N GLY E 97 38.44 -16.10 0.06
CA GLY E 97 37.39 -15.25 0.62
C GLY E 97 36.56 -14.54 -0.43
N GLY E 98 36.91 -14.72 -1.70
CA GLY E 98 36.19 -14.11 -2.82
C GLY E 98 36.67 -12.69 -3.08
N GLU E 99 35.97 -12.00 -3.98
CA GLU E 99 36.30 -10.61 -4.30
C GLU E 99 35.73 -9.68 -3.25
N LEU E 100 36.16 -8.41 -3.31
CA LEU E 100 35.72 -7.39 -2.35
C LEU E 100 34.20 -7.27 -2.36
N PHE E 101 33.62 -6.95 -3.52
CA PHE E 101 32.18 -6.73 -3.63
C PHE E 101 31.33 -7.99 -3.56
N SER E 102 31.95 -9.16 -3.75
CA SER E 102 31.25 -10.44 -3.57
C SER E 102 30.78 -10.59 -2.13
N ARG E 103 31.67 -10.25 -1.19
CA ARG E 103 31.35 -10.29 0.23
C ARG E 103 30.26 -9.29 0.60
N ILE E 104 30.36 -8.07 0.05
CA ILE E 104 29.40 -7.00 0.33
C ILE E 104 28.01 -7.34 -0.23
N GLN E 105 27.97 -8.23 -1.23
CA GLN E 105 26.72 -8.61 -1.89
C GLN E 105 25.83 -9.51 -1.04
N ASP E 106 26.32 -9.94 0.12
CA ASP E 106 25.55 -10.79 1.05
C ASP E 106 26.08 -10.69 2.47
N ALA E 111 24.21 -5.16 7.06
CA ALA E 111 23.87 -3.75 7.01
C ALA E 111 24.86 -2.96 6.14
N PHE E 112 26.15 -3.11 6.45
CA PHE E 112 27.25 -2.41 5.75
C PHE E 112 27.21 -0.88 5.89
N THR E 113 27.94 -0.39 6.88
CA THR E 113 27.94 1.04 7.23
C THR E 113 29.06 1.81 6.53
N GLU E 114 29.00 3.13 6.66
CA GLU E 114 30.05 4.02 6.16
C GLU E 114 31.37 3.79 6.91
N ARG E 115 31.30 3.34 8.16
CA ARG E 115 32.51 3.02 8.92
C ARG E 115 33.27 1.86 8.29
N GLU E 116 32.54 0.84 7.84
CA GLU E 116 33.15 -0.27 7.11
C GLU E 116 33.78 0.22 5.82
N ALA E 117 33.07 1.07 5.09
CA ALA E 117 33.58 1.66 3.84
C ALA E 117 34.93 2.34 4.06
N SER E 118 35.07 3.06 5.17
CA SER E 118 36.35 3.69 5.54
C SER E 118 37.43 2.63 5.77
N GLU E 119 37.09 1.63 6.57
CA GLU E 119 38.02 0.56 6.91
C GLU E 119 38.57 -0.13 5.66
N ILE E 120 37.68 -0.45 4.71
CA ILE E 120 38.08 -1.11 3.48
C ILE E 120 38.97 -0.22 2.63
N MET E 121 38.66 1.08 2.59
CA MET E 121 39.46 2.04 1.83
C MET E 121 40.83 2.29 2.47
N LYS E 122 40.93 2.13 3.79
CA LYS E 122 42.22 2.26 4.46
C LYS E 122 43.13 1.06 4.14
N SER E 123 42.54 -0.13 4.05
CA SER E 123 43.30 -1.33 3.69
C SER E 123 43.88 -1.26 2.28
N ILE E 124 43.05 -0.85 1.32
CA ILE E 124 43.48 -0.72 -0.06
C ILE E 124 44.53 0.40 -0.17
N GLY E 125 44.30 1.47 0.58
CA GLY E 125 45.23 2.60 0.61
C GLY E 125 46.60 2.28 1.19
N GLU E 126 46.62 1.42 2.21
CA GLU E 126 47.89 0.97 2.81
C GLU E 126 48.77 0.22 1.80
N ALA E 127 48.14 -0.60 0.96
CA ALA E 127 48.85 -1.30 -0.11
C ALA E 127 49.48 -0.30 -1.09
N ILE E 128 48.69 0.64 -1.58
CA ILE E 128 49.16 1.64 -2.54
C ILE E 128 50.24 2.54 -1.91
N GLN E 129 50.06 2.88 -0.64
CA GLN E 129 51.07 3.64 0.09
C GLN E 129 52.43 2.93 0.05
N TYR E 130 52.42 1.61 0.26
CA TYR E 130 53.66 0.83 0.24
C TYR E 130 54.24 0.69 -1.16
N LEU E 131 53.38 0.51 -2.16
CA LEU E 131 53.82 0.43 -3.56
C LEU E 131 54.45 1.75 -4.01
N HIS E 132 53.78 2.85 -3.71
CA HIS E 132 54.23 4.18 -4.09
C HIS E 132 55.50 4.61 -3.35
N SER E 133 55.68 4.12 -2.13
CA SER E 133 56.86 4.45 -1.34
C SER E 133 58.12 3.70 -1.81
N ILE E 134 57.93 2.60 -2.53
CA ILE E 134 59.04 1.89 -3.17
C ILE E 134 59.01 2.05 -4.70
N ASN E 135 58.36 3.14 -5.15
CA ASN E 135 58.31 3.52 -6.56
C ASN E 135 57.74 2.44 -7.49
N ILE E 136 56.58 1.91 -7.10
CA ILE E 136 55.83 0.95 -7.91
C ILE E 136 54.43 1.52 -8.13
N ALA E 137 53.97 1.47 -9.38
CA ALA E 137 52.58 1.81 -9.70
C ALA E 137 51.89 0.52 -10.13
N HIS E 138 50.73 0.24 -9.54
CA HIS E 138 50.00 -1.00 -9.85
C HIS E 138 49.39 -0.94 -11.24
N ARG E 139 48.75 0.20 -11.54
CA ARG E 139 48.22 0.51 -12.89
C ARG E 139 46.99 -0.32 -13.29
N ASP E 140 46.41 -1.05 -12.32
CA ASP E 140 45.24 -1.89 -12.56
C ASP E 140 44.56 -2.25 -11.25
N VAL E 141 44.42 -1.27 -10.36
CA VAL E 141 43.73 -1.48 -9.08
C VAL E 141 42.22 -1.50 -9.36
N LYS E 142 41.67 -2.68 -9.58
CA LYS E 142 40.25 -2.84 -9.89
C LYS E 142 39.59 -3.81 -8.90
N PRO E 143 38.25 -3.78 -8.81
CA PRO E 143 37.54 -4.61 -7.84
C PRO E 143 37.91 -6.10 -7.91
N GLU E 144 38.09 -6.59 -9.14
CA GLU E 144 38.41 -7.99 -9.38
C GLU E 144 39.74 -8.40 -8.71
N ASN E 145 40.66 -7.45 -8.61
CA ASN E 145 41.99 -7.68 -8.03
C ASN E 145 42.07 -7.51 -6.51
N LEU E 146 40.96 -7.19 -5.86
CA LEU E 146 40.90 -7.06 -4.41
C LEU E 146 40.18 -8.25 -3.80
N LEU E 147 40.94 -9.25 -3.36
CA LEU E 147 40.38 -10.48 -2.80
C LEU E 147 40.59 -10.55 -1.28
N TYR E 148 39.69 -11.27 -0.61
CA TYR E 148 39.81 -11.57 0.82
C TYR E 148 40.51 -12.91 1.03
N THR E 149 41.24 -13.04 2.13
CA THR E 149 41.99 -14.25 2.43
C THR E 149 41.09 -15.45 2.72
N SER E 150 40.11 -15.23 3.60
CA SER E 150 39.17 -16.28 4.01
C SER E 150 37.75 -15.73 4.10
N LYS E 151 36.79 -16.60 4.41
CA LYS E 151 35.39 -16.19 4.60
C LYS E 151 35.16 -15.61 5.99
N ARG E 152 35.99 -16.00 6.95
CA ARG E 152 35.92 -15.50 8.33
C ARG E 152 35.78 -13.98 8.35
N PRO E 153 34.80 -13.45 9.11
CA PRO E 153 34.76 -12.00 9.29
C PRO E 153 35.94 -11.55 10.15
N ASN E 154 36.77 -10.68 9.58
CA ASN E 154 38.12 -10.29 10.07
C ASN E 154 39.23 -10.75 9.13
N ALA E 155 38.85 -11.28 7.97
CA ALA E 155 39.82 -11.61 6.91
C ALA E 155 40.44 -10.33 6.36
N ILE E 156 41.68 -10.44 5.88
CA ILE E 156 42.42 -9.30 5.35
C ILE E 156 42.19 -9.16 3.84
N LEU E 157 41.86 -7.95 3.41
CA LEU E 157 41.72 -7.64 1.98
C LEU E 157 43.08 -7.38 1.37
N LYS E 158 43.40 -8.10 0.31
CA LYS E 158 44.71 -7.99 -0.34
C LYS E 158 44.60 -7.69 -1.84
N LEU E 159 45.54 -6.88 -2.33
CA LEU E 159 45.63 -6.50 -3.73
C LEU E 159 46.38 -7.57 -4.51
N THR E 160 45.98 -7.80 -5.76
CA THR E 160 46.60 -8.84 -6.58
C THR E 160 46.82 -8.45 -8.05
N ASP E 161 47.57 -9.29 -8.76
CA ASP E 161 47.82 -9.14 -10.20
C ASP E 161 48.71 -7.93 -10.53
N PHE E 162 50.01 -8.18 -10.70
CA PHE E 162 50.97 -7.14 -11.06
C PHE E 162 51.37 -7.21 -12.54
N GLY E 163 50.42 -7.60 -13.38
CA GLY E 163 50.65 -7.68 -14.83
C GLY E 163 50.98 -6.35 -15.46
N PHE E 164 50.32 -5.29 -14.99
CA PHE E 164 50.55 -3.94 -15.50
C PHE E 164 51.52 -3.13 -14.62
N ALA E 165 52.13 -3.79 -13.63
CA ALA E 165 53.00 -3.10 -12.67
C ALA E 165 54.28 -2.60 -13.31
N LYS E 166 54.65 -1.35 -13.00
CA LYS E 166 55.82 -0.70 -13.57
C LYS E 166 56.53 0.19 -12.54
N GLU E 167 57.87 0.23 -12.59
CA GLU E 167 58.65 1.10 -11.72
C GLU E 167 58.52 2.56 -12.18
N THR E 168 58.43 3.48 -11.21
CA THR E 168 58.18 4.90 -11.53
C THR E 168 59.45 5.75 -11.71
N THR E 169 60.61 5.11 -11.82
CA THR E 169 61.88 5.82 -11.98
C THR E 169 62.81 5.09 -12.94
N PRO E 181 70.37 16.66 -1.60
CA PRO E 181 70.39 17.42 -0.36
C PRO E 181 69.08 17.37 0.43
N TYR E 182 68.98 18.19 1.47
CA TYR E 182 67.82 18.24 2.37
C TYR E 182 66.87 19.40 2.05
N TYR E 183 67.24 20.20 1.06
CA TYR E 183 66.45 21.37 0.64
C TYR E 183 65.92 21.24 -0.80
N VAL E 184 66.23 20.13 -1.46
CA VAL E 184 65.90 19.94 -2.87
C VAL E 184 64.43 19.54 -3.05
N ALA E 185 63.87 19.88 -4.21
CA ALA E 185 62.47 19.57 -4.52
C ALA E 185 62.30 18.14 -5.04
N PRO E 186 61.08 17.59 -4.95
CA PRO E 186 60.85 16.20 -5.37
C PRO E 186 61.07 15.96 -6.86
N GLU E 187 60.69 16.92 -7.70
CA GLU E 187 60.86 16.78 -9.15
C GLU E 187 62.32 16.68 -9.59
N VAL E 188 63.22 17.30 -8.82
CA VAL E 188 64.66 17.30 -9.12
C VAL E 188 65.38 16.14 -8.40
N LEU E 189 64.77 14.96 -8.43
CA LEU E 189 65.37 13.73 -7.89
C LEU E 189 65.44 12.66 -8.97
N TYR E 194 53.41 10.33 -15.16
CA TYR E 194 52.80 10.20 -13.84
C TYR E 194 51.90 8.95 -13.77
N ASP E 195 52.54 7.79 -13.66
CA ASP E 195 51.82 6.53 -13.56
C ASP E 195 51.17 6.32 -12.17
N LYS E 196 51.73 6.97 -11.15
CA LYS E 196 51.20 6.86 -9.79
C LYS E 196 49.81 7.50 -9.64
N SER E 197 49.56 8.57 -10.37
CA SER E 197 48.26 9.26 -10.31
C SER E 197 47.10 8.37 -10.75
N CYS E 198 47.37 7.41 -11.63
CA CYS E 198 46.33 6.51 -12.13
C CYS E 198 45.76 5.58 -11.07
N ASP E 199 46.57 5.22 -10.07
CA ASP E 199 46.12 4.41 -8.94
C ASP E 199 45.17 5.22 -8.05
N MET E 200 45.37 6.53 -7.99
CA MET E 200 44.54 7.42 -7.17
C MET E 200 43.16 7.65 -7.79
N TRP E 201 43.06 7.47 -9.09
CA TRP E 201 41.77 7.44 -9.76
C TRP E 201 41.05 6.13 -9.43
N SER E 202 41.81 5.04 -9.39
CA SER E 202 41.27 3.72 -9.06
C SER E 202 40.59 3.71 -7.69
N LEU E 203 41.30 4.22 -6.68
CA LEU E 203 40.76 4.32 -5.32
C LEU E 203 39.51 5.20 -5.24
N GLY E 204 39.43 6.22 -6.09
CA GLY E 204 38.25 7.07 -6.19
C GLY E 204 37.05 6.31 -6.73
N VAL E 205 37.28 5.43 -7.69
CA VAL E 205 36.22 4.62 -8.28
C VAL E 205 35.77 3.50 -7.32
N ILE E 206 36.73 2.85 -6.67
CA ILE E 206 36.42 1.81 -5.67
C ILE E 206 35.60 2.41 -4.53
N MET E 207 36.00 3.59 -4.09
CA MET E 207 35.31 4.29 -3.00
C MET E 207 33.89 4.68 -3.40
N TYR E 208 33.74 5.21 -4.61
CA TYR E 208 32.42 5.63 -5.10
C TYR E 208 31.43 4.48 -5.08
N ILE E 209 31.88 3.31 -5.55
CA ILE E 209 31.05 2.11 -5.55
C ILE E 209 30.75 1.66 -4.12
N LEU E 210 31.75 1.72 -3.24
CA LEU E 210 31.61 1.25 -1.86
C LEU E 210 30.52 1.97 -1.06
N LEU E 211 30.21 3.22 -1.43
CA LEU E 211 29.17 3.99 -0.72
C LEU E 211 27.77 3.82 -1.30
N CYS E 212 27.65 3.62 -2.61
CA CYS E 212 26.33 3.55 -3.26
C CYS E 212 25.99 2.23 -3.98
N GLY E 213 27.00 1.42 -4.27
CA GLY E 213 26.79 0.11 -4.88
C GLY E 213 26.84 0.08 -6.40
N TYR E 214 27.10 1.23 -7.03
CA TYR E 214 27.28 1.31 -8.48
C TYR E 214 28.40 2.27 -8.83
N PRO E 215 29.05 2.07 -10.00
CA PRO E 215 30.17 2.91 -10.38
C PRO E 215 29.76 4.30 -10.88
N PRO E 216 30.67 5.28 -10.80
CA PRO E 216 30.37 6.66 -11.21
C PRO E 216 30.25 6.86 -12.73
N PHE E 217 30.66 5.87 -13.52
CA PHE E 217 30.56 5.96 -14.98
C PHE E 217 30.03 4.65 -15.57
N TYR E 218 29.11 4.75 -16.53
CA TYR E 218 28.54 3.59 -17.21
C TYR E 218 27.84 3.94 -18.54
N SER E 219 27.39 2.92 -19.28
CA SER E 219 26.61 3.11 -20.51
C SER E 219 25.41 2.17 -20.51
N GLY E 228 30.50 7.14 -25.62
CA GLY E 228 29.43 7.62 -24.75
C GLY E 228 29.86 7.72 -23.30
N MET E 229 30.17 6.56 -22.72
CA MET E 229 30.76 6.49 -21.38
C MET E 229 32.17 7.07 -21.40
N LYS E 230 32.92 6.72 -22.44
CA LYS E 230 34.26 7.27 -22.68
C LYS E 230 34.24 8.79 -22.49
N THR E 231 33.25 9.44 -23.08
CA THR E 231 33.10 10.89 -23.03
C THR E 231 32.88 11.43 -21.60
N ARG E 232 32.02 10.75 -20.85
CA ARG E 232 31.74 11.16 -19.47
C ARG E 232 32.94 11.03 -18.52
N ILE E 233 33.85 10.11 -18.84
CA ILE E 233 35.08 9.93 -18.07
C ILE E 233 36.08 11.06 -18.35
N ARG E 234 36.23 11.41 -19.63
CA ARG E 234 37.11 12.52 -20.04
C ARG E 234 36.56 13.87 -19.56
N MET E 235 35.25 14.03 -19.62
CA MET E 235 34.57 15.23 -19.15
C MET E 235 34.41 15.29 -17.62
N GLY E 236 34.57 14.15 -16.96
CA GLY E 236 34.37 14.08 -15.51
C GLY E 236 32.92 14.32 -15.14
N GLN E 237 32.01 13.70 -15.89
CA GLN E 237 30.57 13.85 -15.66
C GLN E 237 30.02 12.71 -14.80
N TYR E 238 29.84 12.99 -13.51
CA TYR E 238 29.25 12.02 -12.60
C TYR E 238 28.49 12.72 -11.48
N GLU E 239 27.43 12.09 -11.01
CA GLU E 239 26.51 12.67 -10.02
C GLU E 239 26.68 11.96 -8.67
N PHE E 240 26.09 12.55 -7.63
CA PHE E 240 25.91 11.89 -6.33
C PHE E 240 24.41 11.75 -6.05
N PRO E 241 23.72 10.87 -6.79
CA PRO E 241 22.25 10.87 -6.78
C PRO E 241 21.59 10.32 -5.51
N ASN E 242 20.48 10.94 -5.11
CA ASN E 242 19.60 10.39 -4.08
C ASN E 242 18.83 9.19 -4.62
N PRO E 243 18.41 8.27 -3.73
CA PRO E 243 18.52 8.29 -2.27
C PRO E 243 19.84 7.73 -1.72
N GLU E 244 20.72 7.22 -2.57
CA GLU E 244 21.92 6.54 -2.10
C GLU E 244 22.86 7.48 -1.35
N TRP E 245 23.12 8.64 -1.95
CA TRP E 245 24.11 9.59 -1.42
C TRP E 245 23.54 10.66 -0.47
N SER E 246 22.24 10.57 -0.17
CA SER E 246 21.59 11.51 0.75
C SER E 246 22.32 11.59 2.07
N GLU E 247 22.58 10.43 2.67
CA GLU E 247 23.17 10.36 4.01
C GLU E 247 24.67 10.63 4.01
N VAL E 248 25.32 10.48 2.86
CA VAL E 248 26.78 10.61 2.78
C VAL E 248 27.22 12.07 2.92
N SER E 249 28.19 12.30 3.81
CA SER E 249 28.61 13.67 4.14
C SER E 249 29.40 14.35 3.01
N GLU E 250 29.36 15.69 3.02
CA GLU E 250 30.05 16.50 2.01
C GLU E 250 31.57 16.32 2.06
N GLU E 251 32.09 16.06 3.26
CA GLU E 251 33.50 15.73 3.48
C GLU E 251 33.93 14.54 2.60
N VAL E 252 33.12 13.48 2.62
CA VAL E 252 33.40 12.26 1.87
C VAL E 252 33.26 12.49 0.36
N LYS E 253 32.20 13.19 -0.03
CA LYS E 253 31.99 13.52 -1.44
C LYS E 253 33.14 14.34 -2.00
N MET E 254 33.64 15.31 -1.22
CA MET E 254 34.78 16.13 -1.62
C MET E 254 36.06 15.30 -1.80
N LEU E 255 36.25 14.30 -0.93
CA LEU E 255 37.39 13.38 -1.04
C LEU E 255 37.34 12.64 -2.36
N ILE E 256 36.16 12.16 -2.73
CA ILE E 256 35.96 11.46 -4.00
C ILE E 256 36.23 12.39 -5.19
N ARG E 257 35.79 13.65 -5.09
CA ARG E 257 36.05 14.65 -6.14
C ARG E 257 37.55 14.82 -6.41
N ASN E 258 38.30 15.07 -5.34
CA ASN E 258 39.75 15.29 -5.43
C ASN E 258 40.54 14.06 -5.88
N LEU E 259 39.91 12.89 -5.84
CA LEU E 259 40.49 11.68 -6.43
C LEU E 259 40.05 11.51 -7.89
N LEU E 260 38.83 11.92 -8.21
CA LEU E 260 38.29 11.76 -9.56
C LEU E 260 38.39 13.05 -10.39
N LYS E 261 39.49 13.80 -10.22
CA LYS E 261 39.75 14.98 -11.03
C LYS E 261 40.23 14.50 -12.39
N THR E 262 39.73 15.13 -13.45
CA THR E 262 40.10 14.74 -14.81
C THR E 262 41.58 14.93 -15.09
N GLU E 263 42.13 16.05 -14.61
CA GLU E 263 43.56 16.33 -14.76
C GLU E 263 44.39 15.57 -13.71
N PRO E 264 45.26 14.64 -14.14
CA PRO E 264 45.98 13.80 -13.17
C PRO E 264 46.91 14.55 -12.21
N THR E 265 47.50 15.66 -12.65
CA THR E 265 48.35 16.48 -11.78
C THR E 265 47.52 17.20 -10.70
N GLN E 266 46.24 17.38 -10.98
CA GLN E 266 45.31 17.99 -10.05
C GLN E 266 44.82 16.98 -9.00
N ARG E 267 45.28 15.74 -9.09
CA ARG E 267 44.75 14.63 -8.29
C ARG E 267 45.48 14.48 -6.97
N MET E 268 44.73 14.05 -5.95
CA MET E 268 45.25 13.84 -4.60
C MET E 268 46.23 12.67 -4.57
N THR E 269 47.37 12.85 -3.90
CA THR E 269 48.38 11.80 -3.78
C THR E 269 47.97 10.75 -2.75
N ILE E 270 48.75 9.68 -2.65
CA ILE E 270 48.46 8.60 -1.70
C ILE E 270 48.68 9.02 -0.24
N THR E 271 49.69 9.85 0.01
CA THR E 271 49.98 10.32 1.35
C THR E 271 48.89 11.25 1.88
N GLU E 272 48.42 12.15 1.01
CA GLU E 272 47.35 13.07 1.37
C GLU E 272 46.03 12.31 1.61
N PHE E 273 45.89 11.16 0.92
CA PHE E 273 44.72 10.31 1.08
C PHE E 273 44.74 9.61 2.44
N MET E 274 45.87 9.00 2.78
CA MET E 274 46.00 8.27 4.04
C MET E 274 45.97 9.20 5.27
N ASN E 275 46.36 10.45 5.08
CA ASN E 275 46.31 11.46 6.16
C ASN E 275 44.96 12.18 6.26
N HIS E 276 44.01 11.83 5.39
CA HIS E 276 42.68 12.43 5.41
C HIS E 276 41.88 11.90 6.60
N PRO E 277 41.18 12.79 7.35
CA PRO E 277 40.49 12.38 8.58
C PRO E 277 39.55 11.17 8.42
N TRP E 278 38.82 11.11 7.30
CA TRP E 278 37.95 9.98 7.00
C TRP E 278 38.70 8.65 6.97
N ILE E 279 39.97 8.70 6.58
CA ILE E 279 40.82 7.51 6.53
C ILE E 279 41.55 7.29 7.85
N MET E 280 42.23 8.33 8.35
CA MET E 280 43.02 8.21 9.58
C MET E 280 42.17 7.70 10.74
N GLN E 281 41.13 8.46 11.09
CA GLN E 281 40.18 8.03 12.12
C GLN E 281 39.03 7.24 11.48
N SER E 282 39.24 5.93 11.32
CA SER E 282 38.20 5.02 10.83
C SER E 282 37.41 4.46 12.00
N THR E 283 37.08 5.33 12.95
CA THR E 283 36.32 4.99 14.14
C THR E 283 35.45 6.16 14.61
N LYS E 284 35.90 7.39 14.35
CA LYS E 284 35.03 8.57 14.48
C LYS E 284 33.91 8.51 13.43
N VAL E 285 34.23 7.98 12.25
CA VAL E 285 33.28 7.87 11.14
C VAL E 285 31.97 7.25 11.61
N PRO E 286 30.83 7.92 11.36
CA PRO E 286 29.53 7.41 11.78
C PRO E 286 29.22 6.01 11.26
N GLN E 287 28.33 5.31 11.96
CA GLN E 287 27.87 3.98 11.56
C GLN E 287 26.67 4.07 10.61
N THR E 288 26.56 5.19 9.87
CA THR E 288 25.42 5.41 8.98
C THR E 288 25.35 4.31 7.92
N PRO E 289 24.16 3.70 7.76
CA PRO E 289 24.00 2.59 6.81
C PRO E 289 24.00 3.03 5.34
N LEU E 290 24.65 2.24 4.50
CA LEU E 290 24.75 2.50 3.07
C LEU E 290 23.78 1.60 2.29
N HIS E 291 23.43 2.03 1.09
CA HIS E 291 22.57 1.23 0.20
C HIS E 291 23.36 0.17 -0.56
N THR E 292 24.70 0.26 -0.52
CA THR E 292 25.58 -0.59 -1.32
C THR E 292 25.09 -2.03 -1.47
N SER E 293 24.99 -2.74 -0.34
CA SER E 293 24.67 -4.16 -0.34
C SER E 293 23.38 -4.47 -1.11
N ARG E 294 22.36 -3.64 -0.92
CA ARG E 294 21.09 -3.79 -1.64
C ARG E 294 21.27 -3.54 -3.13
N VAL E 295 21.94 -2.44 -3.48
CA VAL E 295 22.11 -2.05 -4.87
C VAL E 295 23.05 -3.00 -5.64
N LEU E 296 23.98 -3.62 -4.91
CA LEU E 296 24.88 -4.60 -5.50
C LEU E 296 24.10 -5.87 -5.87
N LYS E 297 23.08 -6.21 -5.08
CA LYS E 297 22.21 -7.38 -5.36
C LYS E 297 21.30 -7.13 -6.56
N GLU E 298 21.93 -6.86 -7.69
CA GLU E 298 21.29 -6.74 -8.99
C GLU E 298 22.37 -7.22 -9.96
N ASP E 299 22.22 -6.95 -11.25
CA ASP E 299 23.21 -7.39 -12.23
C ASP E 299 23.98 -6.22 -12.84
N HIS F 1 -25.81 24.67 40.11
CA HIS F 1 -24.79 25.72 40.40
C HIS F 1 -24.20 25.55 41.80
N VAL F 2 -24.84 24.73 42.62
CA VAL F 2 -24.53 24.62 44.05
C VAL F 2 -23.79 23.32 44.39
N LYS F 3 -22.89 23.40 45.36
CA LYS F 3 -22.09 22.24 45.80
C LYS F 3 -22.51 21.79 47.20
N SER F 4 -22.13 20.56 47.54
CA SER F 4 -22.49 19.97 48.83
C SER F 4 -21.61 20.47 49.97
N GLY F 5 -22.12 20.37 51.19
CA GLY F 5 -21.40 20.75 52.40
C GLY F 5 -20.59 19.60 52.96
N LEU F 6 -19.80 19.88 54.00
CA LEU F 6 -18.90 18.88 54.56
C LEU F 6 -19.66 17.86 55.40
N GLN F 7 -19.56 16.59 55.02
CA GLN F 7 -20.32 15.50 55.66
C GLN F 7 -19.83 15.15 57.07
N ILE F 8 -18.51 15.23 57.27
CA ILE F 8 -17.86 15.06 58.58
C ILE F 8 -18.33 13.86 59.42
N LYS F 9 -17.77 12.69 59.15
CA LYS F 9 -18.22 11.42 59.72
C LYS F 9 -17.81 11.25 61.18
N LYS F 10 -18.53 10.38 61.89
CA LYS F 10 -18.31 10.13 63.32
C LYS F 10 -17.78 8.72 63.65
N ASN F 11 -17.97 7.77 62.74
CA ASN F 11 -17.44 6.42 62.93
C ASN F 11 -15.91 6.38 62.90
N ALA F 12 -15.32 5.27 63.34
CA ALA F 12 -13.87 5.14 63.36
C ALA F 12 -13.30 4.96 61.94
N ILE F 13 -12.18 5.62 61.65
CA ILE F 13 -11.50 5.48 60.34
C ILE F 13 -11.03 4.05 60.09
N ILE F 14 -10.78 3.30 61.17
CA ILE F 14 -10.35 1.91 61.05
C ILE F 14 -11.43 1.00 60.44
N ASP F 15 -12.69 1.44 60.52
CA ASP F 15 -13.80 0.75 59.85
C ASP F 15 -13.68 0.84 58.33
N ASP F 16 -13.25 2.01 57.85
CA ASP F 16 -13.24 2.31 56.42
C ASP F 16 -11.84 2.24 55.79
N TYR F 17 -10.80 2.55 56.58
CA TYR F 17 -9.42 2.57 56.07
C TYR F 17 -8.49 1.71 56.92
N LYS F 18 -7.42 1.23 56.29
CA LYS F 18 -6.33 0.56 57.00
C LYS F 18 -5.23 1.60 57.23
N VAL F 19 -5.01 1.97 58.48
CA VAL F 19 -4.03 3.00 58.84
C VAL F 19 -2.64 2.37 59.05
N THR F 20 -1.70 2.71 58.17
CA THR F 20 -0.31 2.21 58.25
C THR F 20 0.59 3.25 58.94
N SER F 21 1.91 3.03 58.89
CA SER F 21 2.88 3.96 59.50
C SER F 21 3.81 4.62 58.48
N GLN F 22 3.49 4.52 57.19
CA GLN F 22 4.34 5.09 56.13
C GLN F 22 4.20 6.61 56.07
N VAL F 23 5.09 7.31 56.79
CA VAL F 23 5.04 8.77 56.84
C VAL F 23 5.34 9.37 55.46
N LEU F 24 4.60 10.42 55.10
CA LEU F 24 4.77 11.11 53.81
C LEU F 24 5.21 12.58 53.98
N GLY F 25 5.30 13.05 55.22
CA GLY F 25 5.78 14.41 55.51
C GLY F 25 5.37 14.93 56.88
N LEU F 26 6.14 15.88 57.40
CA LEU F 26 5.77 16.62 58.61
C LEU F 26 5.56 18.09 58.21
N GLY F 27 4.48 18.70 58.72
CA GLY F 27 4.15 20.10 58.38
C GLY F 27 3.32 20.81 59.44
N ILE F 28 2.43 21.68 58.98
CA ILE F 28 1.60 22.49 59.88
C ILE F 28 0.55 21.67 60.63
N ASN F 29 0.89 21.32 61.88
CA ASN F 29 -0.01 20.61 62.81
C ASN F 29 0.50 19.24 63.26
N GLY F 30 1.36 18.61 62.46
CA GLY F 30 1.86 17.25 62.78
C GLY F 30 2.59 16.56 61.64
N LYS F 31 2.22 15.30 61.38
CA LYS F 31 2.76 14.51 60.26
C LYS F 31 1.66 13.79 59.46
N VAL F 32 1.87 13.68 58.14
CA VAL F 32 0.89 13.09 57.22
C VAL F 32 1.20 11.62 56.89
N LEU F 33 0.36 10.71 57.40
CA LEU F 33 0.55 9.27 57.17
C LEU F 33 -0.08 8.80 55.86
N GLN F 34 0.20 7.55 55.49
CA GLN F 34 -0.36 6.91 54.31
C GLN F 34 -1.30 5.79 54.73
N ILE F 35 -2.55 5.84 54.26
CA ILE F 35 -3.54 4.81 54.59
C ILE F 35 -3.99 4.09 53.31
N PHE F 36 -4.90 3.13 53.46
CA PHE F 36 -5.43 2.37 52.32
C PHE F 36 -6.90 2.06 52.54
N ASN F 37 -7.74 2.39 51.55
CA ASN F 37 -9.18 2.13 51.64
C ASN F 37 -9.44 0.63 51.67
N LYS F 38 -10.23 0.18 52.63
CA LYS F 38 -10.50 -1.24 52.85
C LYS F 38 -11.45 -1.83 51.81
N ARG F 39 -12.40 -1.02 51.33
CA ARG F 39 -13.32 -1.44 50.27
C ARG F 39 -12.56 -1.72 48.97
N THR F 40 -11.92 -0.68 48.42
CA THR F 40 -11.08 -0.81 47.24
C THR F 40 -9.64 -1.11 47.70
N GLN F 41 -8.63 -0.53 47.06
CA GLN F 41 -7.26 -0.58 47.58
C GLN F 41 -6.54 0.78 47.48
N GLU F 42 -7.30 1.84 47.19
CA GLU F 42 -6.71 3.15 46.87
C GLU F 42 -6.01 3.77 48.07
N LYS F 43 -4.90 4.46 47.81
CA LYS F 43 -4.03 4.96 48.88
C LYS F 43 -4.71 6.00 49.76
N PHE F 44 -4.80 7.24 49.29
CA PHE F 44 -5.20 8.38 50.12
C PHE F 44 -4.20 8.66 51.26
N ALA F 45 -3.94 9.94 51.51
CA ALA F 45 -3.08 10.35 52.61
C ALA F 45 -3.94 10.87 53.77
N LEU F 46 -3.45 10.70 55.00
CA LEU F 46 -4.18 11.05 56.21
C LEU F 46 -3.43 12.10 57.00
N LYS F 47 -3.99 13.31 57.09
CA LYS F 47 -3.44 14.34 57.97
C LYS F 47 -4.12 14.22 59.33
N MET F 48 -3.38 14.53 60.39
CA MET F 48 -3.82 14.27 61.76
C MET F 48 -3.80 15.55 62.59
N LEU F 49 -4.98 16.06 62.92
CA LEU F 49 -5.13 17.27 63.73
C LEU F 49 -5.98 16.98 64.96
N GLN F 50 -5.62 17.59 66.09
CA GLN F 50 -6.43 17.50 67.30
C GLN F 50 -7.55 18.55 67.25
N ASP F 51 -8.72 18.19 67.75
CA ASP F 51 -9.88 19.06 67.63
C ASP F 51 -9.72 20.31 68.47
N CYS F 52 -9.99 21.46 67.85
CA CYS F 52 -9.97 22.75 68.51
C CYS F 52 -10.39 23.81 67.50
N PRO F 53 -11.21 24.79 67.94
CA PRO F 53 -11.47 25.94 67.07
C PRO F 53 -10.15 26.54 66.56
N LYS F 54 -9.80 26.17 65.32
CA LYS F 54 -8.51 26.50 64.67
C LYS F 54 -8.19 25.40 63.66
N ALA F 55 -8.18 24.16 64.13
CA ALA F 55 -8.15 22.98 63.25
C ALA F 55 -9.50 22.82 62.57
N ARG F 56 -10.55 23.24 63.26
CA ARG F 56 -11.89 23.25 62.71
C ARG F 56 -12.09 24.38 61.69
N ARG F 57 -11.20 25.37 61.73
CA ARG F 57 -11.12 26.39 60.69
C ARG F 57 -10.36 25.84 59.48
N GLU F 58 -9.22 25.19 59.73
CA GLU F 58 -8.43 24.60 58.65
C GLU F 58 -9.29 23.72 57.76
N VAL F 59 -9.90 22.69 58.35
CA VAL F 59 -10.77 21.78 57.60
C VAL F 59 -11.90 22.53 56.86
N GLU F 60 -12.47 23.53 57.51
CA GLU F 60 -13.61 24.29 56.94
C GLU F 60 -13.19 25.08 55.70
N LEU F 61 -12.04 25.72 55.74
CA LEU F 61 -11.53 26.49 54.61
C LEU F 61 -11.02 25.56 53.50
N HIS F 62 -10.35 24.47 53.89
CA HIS F 62 -9.86 23.48 52.94
C HIS F 62 -11.01 22.90 52.13
N TRP F 63 -12.12 22.62 52.79
CA TRP F 63 -13.30 22.06 52.13
C TRP F 63 -13.84 22.99 51.06
N ARG F 64 -13.87 24.29 51.34
CA ARG F 64 -14.33 25.26 50.36
C ARG F 64 -13.32 25.33 49.22
N ALA F 65 -12.04 25.42 49.55
CA ALA F 65 -10.96 25.45 48.56
C ALA F 65 -10.77 24.13 47.80
N SER F 66 -11.39 23.05 48.32
CA SER F 66 -11.31 21.73 47.69
C SER F 66 -11.95 21.66 46.31
N GLN F 67 -12.87 22.58 46.02
CA GLN F 67 -13.59 22.59 44.74
C GLN F 67 -12.68 22.94 43.56
N CYS F 68 -11.58 23.64 43.84
CA CYS F 68 -10.60 24.00 42.82
C CYS F 68 -9.81 22.76 42.40
N PRO F 69 -9.61 22.57 41.09
CA PRO F 69 -8.76 21.48 40.59
C PRO F 69 -7.31 21.49 41.12
N HIS F 70 -6.74 22.69 41.30
CA HIS F 70 -5.34 22.84 41.72
C HIS F 70 -5.13 22.87 43.23
N ILE F 71 -6.09 22.34 44.00
CA ILE F 71 -5.96 22.22 45.45
C ILE F 71 -6.29 20.78 45.84
N VAL F 72 -5.60 20.27 46.86
CA VAL F 72 -5.72 18.86 47.26
C VAL F 72 -7.13 18.59 47.74
N ARG F 73 -7.82 17.62 47.11
CA ARG F 73 -9.17 17.25 47.54
C ARG F 73 -9.13 16.52 48.87
N ILE F 74 -10.07 16.84 49.76
CA ILE F 74 -10.29 16.03 50.94
C ILE F 74 -11.50 15.13 50.67
N VAL F 75 -11.31 13.82 50.81
CA VAL F 75 -12.36 12.85 50.48
C VAL F 75 -13.33 12.62 51.64
N ASP F 76 -12.83 12.73 52.87
CA ASP F 76 -13.64 12.58 54.08
C ASP F 76 -12.94 13.27 55.25
N VAL F 77 -13.74 13.80 56.17
CA VAL F 77 -13.22 14.28 57.47
C VAL F 77 -13.86 13.44 58.59
N TYR F 78 -13.03 12.92 59.48
CA TYR F 78 -13.50 12.05 60.57
C TYR F 78 -13.28 12.67 61.93
N GLU F 79 -14.33 12.71 62.74
CA GLU F 79 -14.24 13.14 64.14
C GLU F 79 -14.19 11.92 65.05
N ASN F 80 -13.00 11.61 65.54
CA ASN F 80 -12.77 10.43 66.35
C ASN F 80 -12.00 10.76 67.63
N LEU F 81 -12.04 9.83 68.58
CA LEU F 81 -11.23 9.93 69.79
C LEU F 81 -9.96 9.12 69.61
N TYR F 82 -8.83 9.82 69.51
CA TYR F 82 -7.52 9.19 69.50
C TYR F 82 -6.92 9.30 70.89
N ALA F 83 -6.61 8.16 71.48
CA ALA F 83 -6.20 8.09 72.89
C ALA F 83 -7.41 8.42 73.77
N GLY F 84 -7.59 9.70 74.10
CA GLY F 84 -8.72 10.13 74.93
C GLY F 84 -9.06 11.59 74.73
N ARG F 85 -9.07 12.03 73.48
CA ARG F 85 -9.37 13.42 73.13
C ARG F 85 -9.87 13.55 71.69
N LYS F 86 -10.69 14.57 71.45
CA LYS F 86 -11.30 14.80 70.14
C LYS F 86 -10.25 15.09 69.07
N CYS F 87 -10.40 14.46 67.91
CA CYS F 87 -9.49 14.66 66.77
C CYS F 87 -10.25 14.97 65.50
N LEU F 88 -9.56 15.63 64.57
CA LEU F 88 -10.04 15.77 63.20
C LEU F 88 -9.08 15.01 62.31
N LEU F 89 -9.58 13.93 61.70
CA LEU F 89 -8.79 13.10 60.79
C LEU F 89 -9.23 13.38 59.35
N ILE F 90 -8.33 14.00 58.58
CA ILE F 90 -8.63 14.39 57.20
C ILE F 90 -8.03 13.40 56.19
N VAL F 91 -8.89 12.76 55.41
CA VAL F 91 -8.47 11.84 54.35
C VAL F 91 -8.42 12.58 53.02
N MET F 92 -7.22 12.74 52.47
CA MET F 92 -7.01 13.48 51.22
C MET F 92 -6.60 12.54 50.11
N GLU F 93 -6.73 13.00 48.87
CA GLU F 93 -6.21 12.28 47.71
C GLU F 93 -4.68 12.20 47.83
N CYS F 94 -4.10 11.16 47.22
CA CYS F 94 -2.68 10.86 47.38
C CYS F 94 -1.81 11.49 46.29
N LEU F 95 -1.10 12.56 46.65
CA LEU F 95 -0.25 13.30 45.71
C LEU F 95 1.18 12.76 45.72
N ASP F 96 1.39 11.64 45.02
CA ASP F 96 2.71 10.97 45.02
C ASP F 96 3.56 11.29 43.78
N GLY F 97 3.35 12.48 43.20
CA GLY F 97 4.18 12.98 42.12
C GLY F 97 5.41 13.72 42.60
N GLY F 98 5.56 13.87 43.92
CA GLY F 98 6.70 14.56 44.51
C GLY F 98 6.51 16.07 44.53
N GLU F 99 7.42 16.76 45.23
CA GLU F 99 7.39 18.21 45.30
C GLU F 99 7.70 18.81 43.92
N LEU F 100 7.34 20.07 43.75
CA LEU F 100 7.56 20.79 42.49
C LEU F 100 9.04 20.77 42.10
N PHE F 101 9.89 21.32 42.96
CA PHE F 101 11.30 21.49 42.62
C PHE F 101 12.08 20.17 42.64
N SER F 102 11.56 19.18 43.35
CA SER F 102 12.15 17.84 43.32
C SER F 102 11.99 17.22 41.92
N ARG F 103 10.87 17.50 41.28
CA ARG F 103 10.63 17.10 39.89
C ARG F 103 11.54 17.86 38.92
N ILE F 104 11.69 19.17 39.12
CA ILE F 104 12.57 19.98 38.30
C ILE F 104 14.06 19.61 38.52
N GLN F 105 14.35 18.97 39.66
CA GLN F 105 15.72 18.58 40.01
C GLN F 105 16.26 17.40 39.17
N ASP F 106 15.49 16.93 38.19
CA ASP F 106 15.95 15.85 37.30
C ASP F 106 15.17 15.81 36.00
N ALA F 111 15.94 19.70 29.60
CA ALA F 111 15.76 21.02 29.00
C ALA F 111 15.23 22.07 29.97
N PHE F 112 13.95 21.95 30.31
CA PHE F 112 13.21 22.93 31.14
C PHE F 112 13.32 24.37 30.64
N THR F 113 12.24 24.85 30.02
CA THR F 113 12.24 26.14 29.32
C THR F 113 11.51 27.22 30.12
N GLU F 114 11.65 28.47 29.67
CA GLU F 114 10.94 29.59 30.28
C GLU F 114 9.43 29.48 30.09
N ARG F 115 9.01 28.82 29.01
CA ARG F 115 7.59 28.58 28.76
C ARG F 115 6.97 27.64 29.80
N GLU F 116 7.70 26.61 30.19
CA GLU F 116 7.28 25.74 31.28
C GLU F 116 7.03 26.54 32.56
N ALA F 117 7.98 27.40 32.90
CA ALA F 117 7.87 28.27 34.06
C ALA F 117 6.57 29.07 34.05
N SER F 118 6.14 29.50 32.87
CA SER F 118 4.89 30.24 32.72
C SER F 118 3.65 29.34 32.94
N GLU F 119 3.74 28.08 32.55
CA GLU F 119 2.65 27.14 32.75
C GLU F 119 2.56 26.68 34.20
N ILE F 120 3.71 26.47 34.82
CA ILE F 120 3.77 26.11 36.23
C ILE F 120 3.17 27.23 37.08
N MET F 121 3.56 28.47 36.79
CA MET F 121 3.08 29.63 37.54
C MET F 121 1.60 29.95 37.28
N LYS F 122 1.08 29.51 36.13
CA LYS F 122 -0.35 29.63 35.87
C LYS F 122 -1.15 28.61 36.68
N SER F 123 -0.56 27.45 36.95
CA SER F 123 -1.20 26.42 37.79
C SER F 123 -1.34 26.90 39.22
N ILE F 124 -0.25 27.41 39.78
CA ILE F 124 -0.23 27.89 41.15
C ILE F 124 -1.10 29.13 41.28
N GLY F 125 -1.03 30.00 40.27
CA GLY F 125 -1.83 31.24 40.24
C GLY F 125 -3.32 30.98 40.23
N GLU F 126 -3.75 29.92 39.54
CA GLU F 126 -5.17 29.55 39.50
C GLU F 126 -5.70 29.12 40.86
N ALA F 127 -4.87 28.40 41.61
CA ALA F 127 -5.23 27.99 42.97
C ALA F 127 -5.41 29.21 43.87
N ILE F 128 -4.46 30.14 43.80
CA ILE F 128 -4.56 31.40 44.54
C ILE F 128 -5.75 32.23 44.05
N GLN F 129 -5.98 32.25 42.74
CA GLN F 129 -7.12 32.99 42.18
C GLN F 129 -8.46 32.51 42.74
N TYR F 130 -8.62 31.20 42.87
CA TYR F 130 -9.86 30.65 43.42
C TYR F 130 -9.98 30.99 44.90
N LEU F 131 -8.91 30.74 45.66
CA LEU F 131 -8.89 31.06 47.08
C LEU F 131 -9.31 32.51 47.29
N HIS F 132 -8.66 33.42 46.57
CA HIS F 132 -8.90 34.84 46.76
C HIS F 132 -10.32 35.26 46.39
N SER F 133 -10.92 34.58 45.42
CA SER F 133 -12.29 34.89 44.98
C SER F 133 -13.35 34.48 45.99
N ILE F 134 -13.00 33.55 46.88
CA ILE F 134 -13.90 33.13 47.97
C ILE F 134 -13.42 33.68 49.33
N ASN F 135 -12.62 34.74 49.29
CA ASN F 135 -12.07 35.38 50.49
C ASN F 135 -11.33 34.39 51.39
N ILE F 136 -10.25 33.82 50.86
CA ILE F 136 -9.40 32.90 51.59
C ILE F 136 -7.96 33.19 51.22
N ALA F 137 -7.15 33.58 52.20
CA ALA F 137 -5.71 33.71 52.00
C ALA F 137 -5.06 32.42 52.49
N HIS F 138 -4.07 31.93 51.76
CA HIS F 138 -3.38 30.70 52.12
C HIS F 138 -2.33 30.97 53.20
N ARG F 139 -1.63 32.09 53.06
CA ARG F 139 -0.69 32.60 54.08
C ARG F 139 0.60 31.78 54.25
N ASP F 140 0.75 30.69 53.52
CA ASP F 140 1.97 29.87 53.58
C ASP F 140 2.16 29.09 52.27
N VAL F 141 2.16 29.83 51.16
CA VAL F 141 2.44 29.25 49.85
C VAL F 141 3.95 29.15 49.67
N LYS F 142 4.49 27.95 49.89
CA LYS F 142 5.93 27.70 49.76
C LYS F 142 6.16 26.46 48.90
N PRO F 143 7.40 26.26 48.42
CA PRO F 143 7.73 25.09 47.60
C PRO F 143 7.21 23.75 48.18
N GLU F 144 7.42 23.54 49.47
CA GLU F 144 7.08 22.28 50.13
C GLU F 144 5.59 21.92 50.03
N ASN F 145 4.73 22.93 49.87
CA ASN F 145 3.28 22.72 49.81
C ASN F 145 2.69 22.70 48.38
N LEU F 146 3.52 22.40 47.38
CA LEU F 146 3.06 22.27 45.99
C LEU F 146 3.51 20.93 45.40
N LEU F 147 2.63 19.93 45.46
CA LEU F 147 2.97 18.57 45.02
C LEU F 147 2.25 18.20 43.73
N TYR F 148 2.83 17.27 42.98
CA TYR F 148 2.19 16.71 41.77
C TYR F 148 1.37 15.47 42.13
N THR F 149 0.30 15.22 41.37
CA THR F 149 -0.60 14.07 41.62
C THR F 149 0.08 12.72 41.38
N SER F 150 0.89 12.66 40.33
CA SER F 150 1.57 11.42 39.90
C SER F 150 2.85 11.73 39.14
N LYS F 151 3.63 10.69 38.87
CA LYS F 151 4.88 10.84 38.09
C LYS F 151 4.60 10.98 36.60
N ARG F 152 3.43 10.56 36.15
CA ARG F 152 3.03 10.68 34.74
C ARG F 152 3.15 12.13 34.26
N PRO F 153 3.72 12.34 33.06
CA PRO F 153 3.79 13.69 32.50
C PRO F 153 2.43 14.16 31.98
N ASN F 154 1.82 15.08 32.72
CA ASN F 154 0.41 15.53 32.59
C ASN F 154 -0.30 15.54 33.96
N ALA F 155 0.38 15.03 34.98
CA ALA F 155 -0.11 15.10 36.35
C ALA F 155 -0.28 16.55 36.76
N ILE F 156 -1.26 16.80 37.61
CA ILE F 156 -1.63 18.16 38.01
C ILE F 156 -0.85 18.58 39.25
N LEU F 157 -0.41 19.84 39.27
CA LEU F 157 0.24 20.42 40.44
C LEU F 157 -0.84 21.01 41.35
N LYS F 158 -0.77 20.70 42.64
CA LYS F 158 -1.82 21.09 43.59
C LYS F 158 -1.25 21.69 44.87
N LEU F 159 -1.89 22.76 45.35
CA LEU F 159 -1.49 23.44 46.58
C LEU F 159 -2.04 22.71 47.80
N THR F 160 -1.30 22.74 48.90
CA THR F 160 -1.63 21.92 50.07
C THR F 160 -1.38 22.65 51.39
N ASP F 161 -1.85 22.06 52.50
CA ASP F 161 -1.68 22.60 53.86
C ASP F 161 -2.40 23.94 54.09
N PHE F 162 -3.59 23.87 54.68
CA PHE F 162 -4.36 25.07 55.00
C PHE F 162 -4.26 25.46 56.47
N GLY F 163 -3.12 25.14 57.08
CA GLY F 163 -2.89 25.40 58.50
C GLY F 163 -2.85 26.88 58.86
N PHE F 164 -2.32 27.69 57.97
CA PHE F 164 -2.24 29.14 58.20
C PHE F 164 -3.34 29.90 57.46
N ALA F 165 -4.25 29.19 56.81
CA ALA F 165 -5.30 29.82 56.03
C ALA F 165 -6.24 30.64 56.92
N LYS F 166 -6.67 31.79 56.41
CA LYS F 166 -7.55 32.70 57.15
C LYS F 166 -8.48 33.42 56.20
N GLU F 167 -9.72 33.65 56.64
CA GLU F 167 -10.66 34.44 55.86
C GLU F 167 -10.30 35.92 55.92
N THR F 168 -10.42 36.60 54.78
CA THR F 168 -10.05 38.02 54.69
C THR F 168 -11.18 38.97 55.12
N THR F 169 -12.30 38.41 55.61
CA THR F 169 -13.42 39.21 56.09
C THR F 169 -14.02 38.59 57.35
N PRO F 181 -24.78 48.79 46.10
CA PRO F 181 -24.91 49.40 44.78
C PRO F 181 -23.85 48.90 43.80
N TYR F 182 -23.84 49.47 42.59
CA TYR F 182 -22.92 49.05 41.51
C TYR F 182 -21.73 50.00 41.34
N TYR F 183 -21.86 51.23 41.83
CA TYR F 183 -20.81 52.25 41.73
C TYR F 183 -19.85 52.22 42.93
N VAL F 184 -20.22 51.47 43.98
CA VAL F 184 -19.48 51.46 45.24
C VAL F 184 -18.08 50.83 45.09
N ALA F 185 -17.13 51.32 45.89
CA ALA F 185 -15.73 50.88 45.82
C ALA F 185 -15.48 49.60 46.63
N PRO F 186 -14.30 48.96 46.44
CA PRO F 186 -13.97 47.73 47.18
C PRO F 186 -13.84 47.93 48.69
N GLU F 187 -13.15 48.99 49.10
CA GLU F 187 -12.93 49.27 50.53
C GLU F 187 -14.20 49.63 51.31
N VAL F 188 -15.25 50.03 50.60
CA VAL F 188 -16.54 50.38 51.21
C VAL F 188 -17.42 49.14 51.48
N LEU F 189 -16.99 47.97 51.01
CA LEU F 189 -17.71 46.72 51.23
C LEU F 189 -17.31 46.11 52.57
N TYR F 194 -4.60 43.04 55.23
CA TYR F 194 -4.40 42.75 53.81
C TYR F 194 -3.68 41.41 53.60
N ASP F 195 -4.27 40.34 54.13
CA ASP F 195 -3.64 39.02 54.14
C ASP F 195 -3.46 38.41 52.73
N LYS F 196 -4.24 38.89 51.75
CA LYS F 196 -4.16 38.38 50.38
C LYS F 196 -2.85 38.74 49.69
N SER F 197 -2.35 39.96 49.93
CA SER F 197 -1.11 40.44 49.33
C SER F 197 0.09 39.55 49.70
N CYS F 198 0.00 38.90 50.86
CA CYS F 198 1.02 37.97 51.34
C CYS F 198 1.25 36.77 50.40
N ASP F 199 0.18 36.24 49.83
CA ASP F 199 0.28 35.15 48.85
C ASP F 199 0.91 35.59 47.53
N MET F 200 0.78 36.87 47.20
CA MET F 200 1.37 37.43 45.99
C MET F 200 2.90 37.53 46.12
N TRP F 201 3.38 37.82 47.32
CA TRP F 201 4.82 37.78 47.60
C TRP F 201 5.36 36.37 47.36
N SER F 202 4.64 35.37 47.86
CA SER F 202 5.05 33.98 47.73
C SER F 202 5.15 33.50 46.29
N LEU F 203 4.21 33.94 45.45
CA LEU F 203 4.28 33.63 44.02
C LEU F 203 5.53 34.24 43.39
N GLY F 204 5.87 35.46 43.81
CA GLY F 204 7.12 36.10 43.37
C GLY F 204 8.36 35.30 43.73
N VAL F 205 8.33 34.63 44.88
CA VAL F 205 9.46 33.81 45.32
C VAL F 205 9.52 32.50 44.55
N ILE F 206 8.37 31.84 44.39
CA ILE F 206 8.28 30.58 43.64
C ILE F 206 8.62 30.81 42.16
N MET F 207 8.26 31.98 41.65
CA MET F 207 8.60 32.40 40.28
C MET F 207 10.11 32.59 40.14
N TYR F 208 10.70 33.26 41.13
CA TYR F 208 12.13 33.55 41.14
C TYR F 208 12.99 32.27 41.14
N ILE F 209 12.60 31.30 41.96
CA ILE F 209 13.37 30.05 42.08
C ILE F 209 13.19 29.18 40.82
N LEU F 210 11.99 29.20 40.25
CA LEU F 210 11.71 28.49 38.99
C LEU F 210 12.61 28.92 37.83
N LEU F 211 12.98 30.19 37.81
CA LEU F 211 13.73 30.76 36.68
C LEU F 211 15.25 30.59 36.77
N CYS F 212 15.80 30.56 37.98
CA CYS F 212 17.27 30.43 38.16
C CYS F 212 17.74 29.30 39.08
N GLY F 213 16.84 28.73 39.89
CA GLY F 213 17.18 27.58 40.74
C GLY F 213 17.66 27.92 42.14
N TYR F 214 17.60 29.19 42.52
CA TYR F 214 17.89 29.62 43.88
C TYR F 214 16.96 30.78 44.27
N PRO F 215 16.68 30.94 45.58
CA PRO F 215 15.77 31.98 46.02
C PRO F 215 16.42 33.37 46.01
N PRO F 216 15.60 34.43 46.06
CA PRO F 216 16.14 35.79 46.02
C PRO F 216 16.80 36.26 47.32
N PHE F 217 16.57 35.54 48.42
CA PHE F 217 17.14 35.89 49.73
C PHE F 217 17.74 34.68 50.44
N TYR F 218 18.99 34.82 50.90
CA TYR F 218 19.69 33.78 51.66
C TYR F 218 20.81 34.38 52.51
N SER F 219 21.40 33.59 53.40
CA SER F 219 22.55 34.03 54.20
C SER F 219 23.74 33.08 54.04
N GLY F 228 21.01 39.04 59.08
CA GLY F 228 21.72 39.12 57.80
C GLY F 228 20.78 39.02 56.61
N MET F 229 20.09 37.88 56.52
CA MET F 229 19.08 37.68 55.48
C MET F 229 17.82 38.52 55.77
N LYS F 230 17.42 38.57 57.03
CA LYS F 230 16.26 39.36 57.47
C LYS F 230 16.31 40.80 56.94
N THR F 231 17.48 41.43 57.05
CA THR F 231 17.67 42.81 56.60
C THR F 231 17.39 42.97 55.10
N ARG F 232 17.94 42.06 54.30
CA ARG F 232 17.77 42.09 52.85
C ARG F 232 16.30 41.97 52.41
N ILE F 233 15.51 41.20 53.15
CA ILE F 233 14.10 41.02 52.82
C ILE F 233 13.31 42.29 53.10
N ARG F 234 13.68 42.99 54.19
CA ARG F 234 13.04 44.25 54.58
C ARG F 234 13.37 45.37 53.60
N MET F 235 14.63 45.46 53.20
CA MET F 235 15.09 46.47 52.25
C MET F 235 14.62 46.15 50.83
N GLY F 236 14.50 44.86 50.53
CA GLY F 236 14.18 44.41 49.17
C GLY F 236 15.43 44.34 48.31
N GLN F 237 16.53 43.90 48.92
CA GLN F 237 17.82 43.80 48.24
C GLN F 237 17.99 42.41 47.62
N TYR F 238 17.70 42.32 46.33
CA TYR F 238 17.93 41.10 45.56
C TYR F 238 18.40 41.46 44.16
N GLU F 239 19.02 40.50 43.48
CA GLU F 239 19.60 40.73 42.17
C GLU F 239 18.98 39.78 41.14
N PHE F 240 19.32 40.01 39.88
CA PHE F 240 19.08 39.03 38.82
C PHE F 240 20.46 38.68 38.24
N PRO F 241 21.24 37.87 38.98
CA PRO F 241 22.65 37.69 38.62
C PRO F 241 22.90 36.77 37.42
N ASN F 242 23.91 37.12 36.62
CA ASN F 242 24.34 36.28 35.50
C ASN F 242 25.17 35.11 36.03
N PRO F 243 25.25 34.00 35.29
CA PRO F 243 24.72 33.75 33.94
C PRO F 243 23.29 33.19 33.90
N GLU F 244 22.62 33.13 35.05
CA GLU F 244 21.31 32.49 35.11
C GLU F 244 20.21 33.35 34.47
N TRP F 245 20.18 34.64 34.80
CA TRP F 245 19.12 35.55 34.34
C TRP F 245 19.44 36.27 33.02
N SER F 246 20.49 35.83 32.33
CA SER F 246 20.95 36.49 31.10
C SER F 246 19.94 36.36 29.96
N GLU F 247 19.41 35.15 29.78
CA GLU F 247 18.43 34.88 28.73
C GLU F 247 16.99 35.15 29.17
N VAL F 248 16.79 35.45 30.45
CA VAL F 248 15.46 35.72 30.99
C VAL F 248 15.04 37.14 30.64
N SER F 249 13.81 37.28 30.14
CA SER F 249 13.33 38.56 29.59
C SER F 249 13.09 39.62 30.66
N GLU F 250 13.15 40.88 30.24
CA GLU F 250 12.88 42.02 31.12
C GLU F 250 11.41 42.08 31.54
N GLU F 251 10.52 41.56 30.68
CA GLU F 251 9.10 41.43 31.01
C GLU F 251 8.91 40.57 32.26
N VAL F 252 9.59 39.42 32.29
CA VAL F 252 9.50 38.49 33.42
C VAL F 252 10.15 39.05 34.68
N LYS F 253 11.30 39.71 34.52
CA LYS F 253 11.97 40.36 35.65
C LYS F 253 11.05 41.42 36.25
N MET F 254 10.41 42.22 35.40
CA MET F 254 9.49 43.27 35.86
C MET F 254 8.26 42.71 36.58
N LEU F 255 7.82 41.51 36.19
CA LEU F 255 6.73 40.84 36.89
C LEU F 255 7.15 40.44 38.29
N ILE F 256 8.39 39.93 38.41
CA ILE F 256 8.94 39.54 39.71
C ILE F 256 9.21 40.76 40.59
N ARG F 257 9.60 41.87 39.97
CA ARG F 257 9.75 43.15 40.69
C ARG F 257 8.42 43.61 41.32
N ASN F 258 7.34 43.49 40.56
CA ASN F 258 6.01 43.92 41.04
C ASN F 258 5.44 42.99 42.10
N LEU F 259 5.89 41.73 42.10
CA LEU F 259 5.43 40.75 43.09
C LEU F 259 6.30 40.75 44.35
N LEU F 260 7.55 41.18 44.25
CA LEU F 260 8.47 41.18 45.40
C LEU F 260 8.65 42.58 46.01
N LYS F 261 7.67 43.46 45.85
CA LYS F 261 7.76 44.81 46.41
C LYS F 261 7.75 44.70 47.93
N THR F 262 8.54 45.53 48.59
CA THR F 262 8.58 45.55 50.06
C THR F 262 7.22 45.92 50.65
N GLU F 263 6.62 46.98 50.11
CA GLU F 263 5.31 47.45 50.56
C GLU F 263 4.23 46.53 49.98
N PRO F 264 3.31 46.03 50.82
CA PRO F 264 2.29 45.10 50.35
C PRO F 264 1.17 45.74 49.54
N THR F 265 0.80 46.99 49.87
CA THR F 265 -0.21 47.71 49.10
C THR F 265 0.28 48.06 47.70
N GLN F 266 1.60 48.10 47.54
CA GLN F 266 2.24 48.40 46.24
C GLN F 266 2.34 47.15 45.34
N ARG F 267 1.79 46.03 45.80
CA ARG F 267 2.01 44.73 45.18
C ARG F 267 0.86 44.36 44.24
N MET F 268 1.17 43.56 43.23
CA MET F 268 0.20 43.16 42.20
C MET F 268 -0.84 42.20 42.77
N THR F 269 -2.08 42.30 42.31
CA THR F 269 -3.15 41.40 42.76
C THR F 269 -3.17 40.13 41.91
N ILE F 270 -4.03 39.18 42.27
CA ILE F 270 -4.10 37.89 41.56
C ILE F 270 -4.86 37.99 40.23
N THR F 271 -5.82 38.91 40.13
CA THR F 271 -6.51 39.17 38.86
C THR F 271 -5.58 39.87 37.86
N GLU F 272 -4.70 40.73 38.38
CA GLU F 272 -3.67 41.38 37.55
C GLU F 272 -2.54 40.43 37.16
N PHE F 273 -2.28 39.43 38.00
CA PHE F 273 -1.23 38.44 37.74
C PHE F 273 -1.65 37.45 36.68
N MET F 274 -2.89 36.99 36.74
CA MET F 274 -3.40 36.01 35.78
C MET F 274 -3.63 36.65 34.41
N ASN F 275 -3.96 37.93 34.40
CA ASN F 275 -4.15 38.70 33.17
C ASN F 275 -2.86 39.31 32.62
N HIS F 276 -1.73 39.08 33.30
CA HIS F 276 -0.43 39.56 32.83
C HIS F 276 0.02 38.73 31.62
N PRO F 277 0.44 39.40 30.53
CA PRO F 277 0.70 38.66 29.29
C PRO F 277 1.57 37.42 29.46
N TRP F 278 2.60 37.51 30.30
CA TRP F 278 3.48 36.36 30.55
C TRP F 278 2.76 35.14 31.09
N ILE F 279 1.66 35.35 31.82
CA ILE F 279 0.85 34.25 32.36
C ILE F 279 -0.27 33.85 31.39
N MET F 280 -0.96 34.85 30.83
CA MET F 280 -2.05 34.61 29.88
C MET F 280 -1.59 33.76 28.72
N GLN F 281 -0.69 34.29 27.91
CA GLN F 281 -0.14 33.56 26.77
C GLN F 281 1.03 32.68 27.23
N SER F 282 0.69 31.53 27.80
CA SER F 282 1.68 30.49 28.10
C SER F 282 2.06 29.77 26.81
N THR F 283 2.23 30.52 25.72
CA THR F 283 2.52 29.98 24.39
C THR F 283 3.29 30.95 23.49
N LYS F 284 3.13 32.27 23.69
CA LYS F 284 3.95 33.28 23.02
C LYS F 284 5.27 33.53 23.77
N VAL F 285 5.31 33.12 25.04
CA VAL F 285 6.55 33.19 25.82
C VAL F 285 7.55 32.19 25.25
N PRO F 286 8.82 32.61 25.08
CA PRO F 286 9.80 31.78 24.35
C PRO F 286 10.19 30.47 25.05
N GLN F 287 10.85 29.60 24.29
CA GLN F 287 11.34 28.31 24.78
C GLN F 287 12.79 28.42 25.22
N THR F 288 13.16 29.56 25.84
CA THR F 288 14.54 29.82 26.25
C THR F 288 14.91 28.94 27.46
N PRO F 289 15.98 28.15 27.34
CA PRO F 289 16.33 27.21 28.40
C PRO F 289 16.86 27.90 29.66
N LEU F 290 16.51 27.35 30.82
CA LEU F 290 16.87 27.94 32.11
C LEU F 290 17.87 27.06 32.86
N HIS F 291 18.58 27.65 33.81
CA HIS F 291 19.59 26.94 34.59
C HIS F 291 19.01 26.19 35.81
N THR F 292 17.70 26.33 36.03
CA THR F 292 17.02 25.84 37.24
C THR F 292 17.28 24.36 37.55
N SER F 293 17.32 23.53 36.52
CA SER F 293 17.50 22.08 36.70
C SER F 293 18.87 21.73 37.27
N ARG F 294 19.93 22.28 36.68
CA ARG F 294 21.30 21.97 37.10
C ARG F 294 21.60 22.64 38.44
N VAL F 295 21.13 23.88 38.61
CA VAL F 295 21.35 24.64 39.83
C VAL F 295 20.75 23.93 41.05
N LEU F 296 19.54 23.39 40.89
CA LEU F 296 18.88 22.64 41.97
C LEU F 296 19.63 21.36 42.35
N LYS F 297 20.22 20.69 41.36
CA LYS F 297 21.01 19.47 41.63
C LYS F 297 22.25 19.75 42.48
N GLU F 298 22.76 20.98 42.41
CA GLU F 298 23.97 21.37 43.14
C GLU F 298 23.70 21.76 44.59
N ASP F 299 22.51 21.49 45.11
CA ASP F 299 22.06 21.98 46.41
C ASP F 299 22.20 23.51 46.47
N HIS G 1 19.82 11.03 -32.67
CA HIS G 1 21.11 10.44 -32.19
C HIS G 1 22.08 10.12 -33.34
N VAL G 2 21.68 10.49 -34.57
CA VAL G 2 22.54 10.35 -35.76
C VAL G 2 22.18 11.41 -36.78
N LYS G 3 23.13 12.27 -37.11
CA LYS G 3 22.90 13.39 -38.02
C LYS G 3 23.72 13.32 -39.31
N SER G 4 23.31 14.15 -40.27
CA SER G 4 23.85 14.10 -41.63
C SER G 4 25.28 14.60 -41.70
N GLY G 5 26.06 14.03 -42.61
CA GLY G 5 27.41 14.50 -42.90
C GLY G 5 27.38 15.71 -43.79
N LEU G 6 28.55 16.32 -44.03
CA LEU G 6 28.66 17.53 -44.84
C LEU G 6 28.47 17.21 -46.33
N GLN G 7 27.34 17.66 -46.88
CA GLN G 7 26.99 17.40 -48.29
C GLN G 7 28.02 17.92 -49.30
N ILE G 8 28.60 19.08 -49.00
CA ILE G 8 29.66 19.72 -49.83
C ILE G 8 29.32 19.84 -51.32
N LYS G 9 28.60 20.91 -51.68
CA LYS G 9 28.12 21.11 -53.05
C LYS G 9 29.25 21.53 -54.00
N LYS G 10 29.12 21.15 -55.27
CA LYS G 10 30.14 21.44 -56.29
C LYS G 10 29.73 22.57 -57.25
N ASN G 11 28.44 22.69 -57.56
CA ASN G 11 27.95 23.72 -58.47
C ASN G 11 28.27 25.15 -58.00
N ALA G 12 28.10 26.13 -58.91
CA ALA G 12 28.43 27.52 -58.59
C ALA G 12 27.46 28.09 -57.55
N ILE G 13 27.96 28.97 -56.69
CA ILE G 13 27.11 29.60 -55.66
C ILE G 13 26.22 30.64 -56.33
N ILE G 14 26.75 31.28 -57.38
CA ILE G 14 26.00 32.29 -58.14
C ILE G 14 24.67 31.76 -58.70
N ASP G 15 24.58 30.43 -58.89
CA ASP G 15 23.33 29.78 -59.27
C ASP G 15 22.28 29.89 -58.16
N ASP G 16 22.73 29.78 -56.91
CA ASP G 16 21.84 29.73 -55.75
C ASP G 16 21.80 31.03 -54.93
N TYR G 17 22.87 31.82 -54.98
CA TYR G 17 22.98 33.03 -54.17
C TYR G 17 23.50 34.23 -54.96
N LYS G 18 22.99 35.42 -54.64
CA LYS G 18 23.51 36.68 -55.18
C LYS G 18 24.60 37.20 -54.24
N VAL G 19 25.82 37.27 -54.75
CA VAL G 19 26.97 37.69 -53.96
C VAL G 19 27.22 39.20 -54.10
N THR G 20 27.05 39.93 -52.99
CA THR G 20 27.28 41.37 -52.95
C THR G 20 28.66 41.70 -52.36
N SER G 21 29.03 42.98 -52.37
CA SER G 21 30.35 43.44 -51.92
C SER G 21 30.36 43.97 -50.47
N GLN G 22 29.25 43.79 -49.76
CA GLN G 22 29.11 44.32 -48.40
C GLN G 22 29.88 43.48 -47.37
N VAL G 23 30.94 44.05 -46.83
CA VAL G 23 31.82 43.33 -45.90
C VAL G 23 31.29 43.41 -44.46
N LEU G 24 31.14 42.25 -43.83
CA LEU G 24 30.64 42.16 -42.45
C LEU G 24 31.74 41.84 -41.44
N GLY G 25 32.99 41.78 -41.90
CA GLY G 25 34.14 41.61 -41.01
C GLY G 25 35.42 41.18 -41.72
N LEU G 26 36.50 41.08 -40.94
CA LEU G 26 37.77 40.54 -41.39
C LEU G 26 38.39 39.73 -40.25
N GLY G 27 39.00 38.59 -40.59
CA GLY G 27 39.60 37.72 -39.57
C GLY G 27 40.58 36.70 -40.11
N ILE G 28 40.71 35.59 -39.38
CA ILE G 28 41.70 34.55 -39.70
C ILE G 28 41.34 33.75 -40.95
N ASN G 29 41.90 34.18 -42.09
CA ASN G 29 41.74 33.51 -43.39
C ASN G 29 41.34 34.51 -44.48
N GLY G 30 40.39 35.38 -44.17
CA GLY G 30 39.89 36.35 -45.15
C GLY G 30 38.84 37.28 -44.57
N LYS G 31 37.91 37.72 -45.42
CA LYS G 31 36.83 38.63 -45.01
C LYS G 31 35.44 38.06 -45.36
N VAL G 32 34.50 38.16 -44.42
CA VAL G 32 33.13 37.67 -44.61
C VAL G 32 32.27 38.69 -45.37
N LEU G 33 31.59 38.22 -46.41
CA LEU G 33 30.66 39.06 -47.17
C LEU G 33 29.22 38.62 -46.95
N GLN G 34 28.29 39.56 -47.19
CA GLN G 34 26.86 39.27 -47.13
C GLN G 34 26.37 38.87 -48.51
N ILE G 35 25.54 37.84 -48.57
CA ILE G 35 24.95 37.36 -49.83
C ILE G 35 23.43 37.36 -49.69
N PHE G 36 22.74 36.85 -50.72
CA PHE G 36 21.28 36.74 -50.68
C PHE G 36 20.83 35.47 -51.41
N ASN G 37 19.92 34.72 -50.81
CA ASN G 37 19.36 33.53 -51.46
C ASN G 37 18.44 33.95 -52.62
N LYS G 38 18.63 33.34 -53.78
CA LYS G 38 17.86 33.70 -54.98
C LYS G 38 16.44 33.13 -54.99
N ARG G 39 16.23 32.04 -54.25
CA ARG G 39 14.89 31.45 -54.09
C ARG G 39 14.02 32.36 -53.21
N THR G 40 14.44 32.55 -51.96
CA THR G 40 13.76 33.42 -51.02
C THR G 40 14.38 34.82 -51.12
N GLN G 41 14.51 35.52 -50.00
CA GLN G 41 15.25 36.80 -49.96
C GLN G 41 16.12 36.94 -48.71
N GLU G 42 16.44 35.82 -48.06
CA GLU G 42 17.16 35.83 -46.78
C GLU G 42 18.61 36.28 -46.95
N LYS G 43 19.19 36.81 -45.88
CA LYS G 43 20.53 37.39 -45.92
C LYS G 43 21.62 36.30 -46.03
N PHE G 44 21.86 35.57 -44.95
CA PHE G 44 23.01 34.66 -44.83
C PHE G 44 24.35 35.39 -44.94
N ALA G 45 25.41 34.75 -44.43
CA ALA G 45 26.75 35.29 -44.50
C ALA G 45 27.65 34.32 -45.27
N LEU G 46 28.65 34.86 -45.94
CA LEU G 46 29.58 34.07 -46.76
C LEU G 46 31.01 34.26 -46.25
N LYS G 47 31.69 33.16 -45.99
CA LYS G 47 33.11 33.18 -45.63
C LYS G 47 33.90 32.49 -46.75
N MET G 48 35.04 33.08 -47.10
CA MET G 48 35.81 32.65 -48.27
C MET G 48 37.19 32.13 -47.85
N LEU G 49 37.38 30.81 -47.97
CA LEU G 49 38.69 30.20 -47.75
C LEU G 49 39.19 29.55 -49.04
N GLN G 50 40.50 29.34 -49.12
CA GLN G 50 41.11 28.58 -50.20
C GLN G 50 41.39 27.15 -49.71
N ASP G 51 41.22 26.17 -50.60
CA ASP G 51 41.34 24.76 -50.23
C ASP G 51 42.80 24.35 -49.96
N CYS G 52 43.06 23.80 -48.78
CA CYS G 52 44.44 23.52 -48.35
C CYS G 52 44.52 22.70 -47.05
N PRO G 53 44.09 21.43 -47.09
CA PRO G 53 43.86 20.62 -45.88
C PRO G 53 44.14 21.32 -44.54
N LYS G 54 43.33 22.33 -44.23
CA LYS G 54 43.52 23.20 -43.06
C LYS G 54 42.30 24.11 -42.93
N ALA G 55 41.90 24.70 -44.06
CA ALA G 55 40.56 25.27 -44.19
C ALA G 55 39.54 24.13 -44.29
N ARG G 56 39.92 23.04 -44.95
CA ARG G 56 39.09 21.83 -45.01
C ARG G 56 38.91 21.17 -43.64
N ARG G 57 39.84 21.43 -42.72
CA ARG G 57 39.70 21.05 -41.31
C ARG G 57 38.71 21.98 -40.61
N GLU G 58 38.82 23.28 -40.89
CA GLU G 58 37.93 24.28 -40.29
C GLU G 58 36.47 23.98 -40.62
N VAL G 59 36.20 23.72 -41.90
CA VAL G 59 34.84 23.36 -42.33
C VAL G 59 34.39 22.05 -41.70
N GLU G 60 35.32 21.11 -41.54
CA GLU G 60 35.02 19.81 -40.94
C GLU G 60 34.63 19.94 -39.48
N LEU G 61 35.40 20.71 -38.70
CA LEU G 61 35.11 20.91 -37.29
C LEU G 61 33.87 21.78 -37.10
N HIS G 62 33.78 22.89 -37.83
CA HIS G 62 32.62 23.78 -37.75
C HIS G 62 31.33 23.01 -37.97
N TRP G 63 31.34 22.09 -38.93
CA TRP G 63 30.16 21.28 -39.24
C TRP G 63 29.73 20.38 -38.08
N ARG G 64 30.70 19.79 -37.38
CA ARG G 64 30.39 18.96 -36.21
C ARG G 64 29.84 19.83 -35.08
N ALA G 65 30.46 20.98 -34.87
CA ALA G 65 30.01 21.95 -33.86
C ALA G 65 28.69 22.62 -34.22
N SER G 66 28.36 22.67 -35.50
CA SER G 66 27.17 23.35 -36.00
C SER G 66 25.85 22.89 -35.35
N GLN G 67 25.82 21.67 -34.83
CA GLN G 67 24.63 21.12 -34.18
C GLN G 67 24.29 21.87 -32.89
N CYS G 68 25.32 22.40 -32.23
CA CYS G 68 25.14 23.15 -30.99
C CYS G 68 24.42 24.47 -31.24
N PRO G 69 23.36 24.76 -30.46
CA PRO G 69 22.58 25.99 -30.64
C PRO G 69 23.37 27.30 -30.54
N HIS G 70 24.40 27.33 -29.68
CA HIS G 70 25.22 28.52 -29.48
C HIS G 70 26.49 28.53 -30.35
N ILE G 71 26.43 27.85 -31.49
CA ILE G 71 27.49 27.90 -32.49
C ILE G 71 26.86 28.27 -33.82
N VAL G 72 27.59 29.03 -34.63
CA VAL G 72 27.06 29.55 -35.90
C VAL G 72 26.79 28.41 -36.87
N ARG G 73 25.53 28.29 -37.29
CA ARG G 73 25.13 27.26 -38.24
C ARG G 73 25.72 27.54 -39.61
N ILE G 74 26.21 26.48 -40.27
CA ILE G 74 26.63 26.58 -41.66
C ILE G 74 25.61 25.84 -42.54
N VAL G 75 24.93 26.59 -43.41
CA VAL G 75 23.85 26.06 -44.24
C VAL G 75 24.37 25.26 -45.44
N ASP G 76 25.47 25.72 -46.02
CA ASP G 76 26.10 25.03 -47.14
C ASP G 76 27.59 25.36 -47.22
N VAL G 77 28.33 24.45 -47.85
CA VAL G 77 29.76 24.66 -48.15
C VAL G 77 30.03 24.29 -49.60
N TYR G 78 30.38 25.29 -50.41
CA TYR G 78 30.62 25.11 -51.84
C TYR G 78 32.11 24.99 -52.14
N GLU G 79 32.47 24.01 -52.96
CA GLU G 79 33.84 23.88 -53.47
C GLU G 79 33.85 24.40 -54.90
N ASN G 80 34.36 25.62 -55.07
CA ASN G 80 34.36 26.32 -56.36
C ASN G 80 35.74 26.82 -56.76
N LEU G 81 35.91 27.06 -58.06
CA LEU G 81 37.12 27.68 -58.59
C LEU G 81 36.94 29.18 -58.63
N TYR G 82 37.69 29.90 -57.80
CA TYR G 82 37.71 31.36 -57.83
C TYR G 82 39.01 31.84 -58.47
N ALA G 83 38.89 32.64 -59.53
CA ALA G 83 40.03 33.03 -60.37
C ALA G 83 40.56 31.83 -61.13
N GLY G 84 41.27 30.95 -60.43
CA GLY G 84 41.74 29.69 -60.99
C GLY G 84 42.33 28.78 -59.94
N ARG G 85 41.64 28.62 -58.81
CA ARG G 85 42.11 27.79 -57.72
C ARG G 85 40.97 27.36 -56.79
N LYS G 86 41.09 26.15 -56.25
CA LYS G 86 40.04 25.55 -55.44
C LYS G 86 39.75 26.42 -54.21
N CYS G 87 38.48 26.66 -53.93
CA CYS G 87 38.06 27.49 -52.80
C CYS G 87 36.84 26.92 -52.08
N LEU G 88 36.87 26.99 -50.76
CA LEU G 88 35.74 26.55 -49.93
C LEU G 88 34.92 27.77 -49.48
N LEU G 89 33.78 27.98 -50.13
CA LEU G 89 32.89 29.08 -49.76
C LEU G 89 31.89 28.58 -48.72
N ILE G 90 32.01 29.08 -47.48
CA ILE G 90 31.16 28.66 -46.37
C ILE G 90 29.97 29.61 -46.16
N VAL G 91 28.77 29.11 -46.42
CA VAL G 91 27.54 29.90 -46.23
C VAL G 91 26.96 29.64 -44.85
N MET G 92 26.94 30.67 -44.00
CA MET G 92 26.49 30.56 -42.62
C MET G 92 25.19 31.33 -42.43
N GLU G 93 24.54 31.12 -41.28
CA GLU G 93 23.38 31.90 -40.90
C GLU G 93 23.79 33.36 -40.67
N CYS G 94 22.82 34.26 -40.83
CA CYS G 94 23.08 35.69 -40.66
C CYS G 94 23.02 36.08 -39.19
N LEU G 95 24.09 36.72 -38.71
CA LEU G 95 24.15 37.23 -37.35
C LEU G 95 24.29 38.75 -37.39
N ASP G 96 23.15 39.43 -37.33
CA ASP G 96 23.12 40.90 -37.43
C ASP G 96 22.83 41.57 -36.09
N GLY G 97 22.95 40.81 -35.01
CA GLY G 97 22.74 41.34 -33.66
C GLY G 97 23.95 42.05 -33.09
N GLY G 98 25.06 42.06 -33.83
CA GLY G 98 26.27 42.77 -33.42
C GLY G 98 27.13 41.96 -32.46
N GLU G 99 28.34 42.47 -32.19
CA GLU G 99 29.27 41.80 -31.28
C GLU G 99 28.78 41.88 -29.85
N LEU G 100 29.19 40.89 -29.05
CA LEU G 100 28.73 40.73 -27.66
C LEU G 100 28.70 42.03 -26.90
N PHE G 101 29.83 42.71 -26.82
CA PHE G 101 29.96 43.94 -26.04
C PHE G 101 29.39 45.18 -26.73
N SER G 102 29.12 45.10 -28.03
CA SER G 102 28.47 46.20 -28.76
C SER G 102 27.04 46.41 -28.28
N ARG G 103 26.36 45.32 -27.94
CA ARG G 103 25.04 45.39 -27.31
C ARG G 103 25.11 45.92 -25.86
N ILE G 104 26.17 45.55 -25.15
CA ILE G 104 26.39 46.01 -23.77
C ILE G 104 26.79 47.49 -23.73
N GLN G 105 27.36 47.98 -24.83
CA GLN G 105 27.83 49.36 -24.94
C GLN G 105 26.68 50.38 -24.97
N ASP G 106 25.46 49.90 -25.25
CA ASP G 106 24.29 50.77 -25.36
C ASP G 106 23.00 50.00 -25.08
N ALA G 111 21.17 49.56 -18.01
CA ALA G 111 21.41 49.20 -16.61
C ALA G 111 22.47 48.11 -16.51
N PHE G 112 22.13 46.92 -17.03
CA PHE G 112 23.00 45.74 -17.02
C PHE G 112 23.39 45.25 -15.62
N THR G 113 23.02 44.01 -15.31
CA THR G 113 23.18 43.45 -13.98
C THR G 113 24.16 42.28 -13.95
N GLU G 114 24.52 41.84 -12.75
CA GLU G 114 25.37 40.67 -12.54
C GLU G 114 24.64 39.39 -12.97
N ARG G 115 23.32 39.40 -12.89
CA ARG G 115 22.49 38.29 -13.34
C ARG G 115 22.58 38.10 -14.86
N GLU G 116 22.43 39.18 -15.60
CA GLU G 116 22.57 39.14 -17.07
C GLU G 116 23.95 38.65 -17.49
N ALA G 117 24.98 39.12 -16.77
CA ALA G 117 26.35 38.68 -17.00
C ALA G 117 26.51 37.16 -16.80
N SER G 118 25.81 36.61 -15.81
CA SER G 118 25.83 35.16 -15.57
C SER G 118 25.19 34.39 -16.74
N GLU G 119 24.08 34.92 -17.27
CA GLU G 119 23.36 34.29 -18.37
C GLU G 119 24.18 34.28 -19.64
N ILE G 120 24.92 35.36 -19.88
CA ILE G 120 25.80 35.45 -21.05
C ILE G 120 26.90 34.40 -20.94
N MET G 121 27.49 34.27 -19.76
CA MET G 121 28.56 33.30 -19.53
C MET G 121 28.09 31.84 -19.61
N LYS G 122 26.81 31.61 -19.32
CA LYS G 122 26.23 30.27 -19.47
C LYS G 122 26.05 29.90 -20.94
N SER G 123 25.59 30.85 -21.75
CA SER G 123 25.45 30.67 -23.21
C SER G 123 26.78 30.35 -23.86
N ILE G 124 27.81 31.14 -23.53
CA ILE G 124 29.15 30.91 -24.02
C ILE G 124 29.67 29.56 -23.50
N GLY G 125 29.35 29.24 -22.26
CA GLY G 125 29.77 27.97 -21.65
C GLY G 125 29.20 26.72 -22.32
N GLU G 126 27.98 26.83 -22.83
CA GLU G 126 27.34 25.71 -23.55
C GLU G 126 28.03 25.42 -24.87
N ALA G 127 28.40 26.48 -25.58
CA ALA G 127 29.16 26.36 -26.82
C ALA G 127 30.50 25.65 -26.58
N ILE G 128 31.15 25.99 -25.47
CA ILE G 128 32.42 25.38 -25.10
C ILE G 128 32.21 23.95 -24.58
N GLN G 129 31.13 23.75 -23.82
CA GLN G 129 30.82 22.42 -23.29
C GLN G 129 30.54 21.40 -24.38
N TYR G 130 29.85 21.81 -25.44
CA TYR G 130 29.56 20.91 -26.56
C TYR G 130 30.84 20.57 -27.33
N LEU G 131 31.65 21.59 -27.60
CA LEU G 131 32.91 21.42 -28.34
C LEU G 131 33.88 20.51 -27.58
N HIS G 132 34.03 20.75 -26.28
CA HIS G 132 34.93 19.95 -25.45
C HIS G 132 34.45 18.52 -25.30
N SER G 133 33.12 18.32 -25.32
CA SER G 133 32.54 16.98 -25.19
C SER G 133 32.74 16.14 -26.46
N ILE G 134 32.94 16.81 -27.60
CA ILE G 134 33.23 16.12 -28.87
C ILE G 134 34.72 16.26 -29.26
N ASN G 135 35.56 16.54 -28.26
CA ASN G 135 37.01 16.67 -28.46
C ASN G 135 37.39 17.73 -29.48
N ILE G 136 36.91 18.94 -29.28
CA ILE G 136 37.26 20.08 -30.12
C ILE G 136 37.58 21.28 -29.25
N ALA G 137 38.75 21.87 -29.45
CA ALA G 137 39.10 23.13 -28.83
C ALA G 137 38.87 24.25 -29.85
N HIS G 138 38.34 25.38 -29.39
CA HIS G 138 38.09 26.53 -30.26
C HIS G 138 39.38 27.34 -30.39
N ARG G 139 40.12 27.45 -29.29
CA ARG G 139 41.45 28.04 -29.25
C ARG G 139 41.50 29.56 -29.48
N ASP G 140 40.41 30.13 -30.00
CA ASP G 140 40.36 31.56 -30.31
C ASP G 140 39.00 32.15 -29.91
N VAL G 141 38.61 31.91 -28.65
CA VAL G 141 37.38 32.46 -28.10
C VAL G 141 37.64 33.88 -27.60
N LYS G 142 37.14 34.87 -28.33
CA LYS G 142 37.36 36.27 -27.99
C LYS G 142 36.10 37.08 -28.25
N PRO G 143 35.98 38.27 -27.62
CA PRO G 143 34.81 39.13 -27.79
C PRO G 143 34.33 39.30 -29.23
N GLU G 144 35.28 39.43 -30.15
CA GLU G 144 34.97 39.68 -31.57
C GLU G 144 34.21 38.52 -32.22
N ASN G 145 34.51 37.30 -31.79
CA ASN G 145 33.87 36.10 -32.35
C ASN G 145 32.54 35.72 -31.68
N LEU G 146 31.95 36.63 -30.92
CA LEU G 146 30.67 36.38 -30.25
C LEU G 146 29.61 37.38 -30.73
N LEU G 147 28.77 36.94 -31.67
CA LEU G 147 27.75 37.79 -32.28
C LEU G 147 26.33 37.30 -31.96
N TYR G 148 25.40 38.23 -31.84
CA TYR G 148 23.98 37.91 -31.64
C TYR G 148 23.29 37.63 -32.97
N THR G 149 22.21 36.85 -32.92
CA THR G 149 21.45 36.47 -34.10
C THR G 149 20.65 37.64 -34.68
N SER G 150 20.03 38.43 -33.80
CA SER G 150 19.20 39.56 -34.21
C SER G 150 19.22 40.68 -33.17
N LYS G 151 18.65 41.82 -33.52
CA LYS G 151 18.53 42.96 -32.59
C LYS G 151 17.47 42.73 -31.51
N ARG G 152 16.52 41.83 -31.79
CA ARG G 152 15.49 41.45 -30.82
C ARG G 152 16.07 41.03 -29.46
N PRO G 153 15.59 41.63 -28.35
CA PRO G 153 16.05 41.23 -27.02
C PRO G 153 15.49 39.86 -26.62
N ASN G 154 16.39 38.86 -26.57
CA ASN G 154 16.07 37.42 -26.47
C ASN G 154 16.91 36.64 -27.49
N ALA G 155 17.42 37.34 -28.51
CA ALA G 155 18.25 36.75 -29.55
C ALA G 155 19.39 35.94 -28.96
N ILE G 156 19.76 34.86 -29.64
CA ILE G 156 20.76 33.93 -29.12
C ILE G 156 22.17 34.41 -29.44
N LEU G 157 23.04 34.38 -28.42
CA LEU G 157 24.45 34.65 -28.60
C LEU G 157 25.08 33.38 -29.17
N LYS G 158 25.89 33.53 -30.22
CA LYS G 158 26.53 32.38 -30.87
C LYS G 158 28.02 32.62 -31.07
N LEU G 159 28.78 31.53 -31.01
CA LEU G 159 30.22 31.54 -31.17
C LEU G 159 30.55 31.18 -32.62
N THR G 160 31.57 31.81 -33.17
CA THR G 160 31.93 31.68 -34.58
C THR G 160 33.43 31.56 -34.78
N ASP G 161 33.83 31.29 -36.03
CA ASP G 161 35.24 31.29 -36.44
C ASP G 161 36.02 30.09 -35.89
N PHE G 162 36.16 29.05 -36.69
CA PHE G 162 36.84 27.82 -36.28
C PHE G 162 38.21 27.67 -36.98
N GLY G 163 38.83 28.79 -37.32
CA GLY G 163 40.13 28.78 -37.99
C GLY G 163 41.26 28.19 -37.16
N PHE G 164 41.24 28.48 -35.85
CA PHE G 164 42.25 27.96 -34.93
C PHE G 164 41.80 26.69 -34.22
N ALA G 165 40.62 26.19 -34.57
CA ALA G 165 40.07 24.99 -33.95
C ALA G 165 40.91 23.75 -34.25
N LYS G 166 40.93 22.81 -33.31
CA LYS G 166 41.73 21.59 -33.43
C LYS G 166 41.07 20.45 -32.65
N GLU G 167 41.28 19.21 -33.13
CA GLU G 167 40.84 18.03 -32.38
C GLU G 167 41.81 17.75 -31.24
N THR G 168 41.28 17.38 -30.07
CA THR G 168 42.10 17.15 -28.88
C THR G 168 42.45 15.67 -28.67
N THR G 169 42.75 14.96 -29.75
CA THR G 169 43.19 13.55 -29.68
C THR G 169 44.27 13.28 -30.73
N PRO G 181 37.83 0.14 -20.05
CA PRO G 181 36.95 -0.31 -18.97
C PRO G 181 36.29 0.85 -18.21
N TYR G 182 35.53 0.49 -17.17
CA TYR G 182 34.78 1.46 -16.37
C TYR G 182 35.56 1.98 -15.14
N TYR G 183 36.77 1.46 -14.94
CA TYR G 183 37.67 1.89 -13.86
C TYR G 183 38.91 2.62 -14.39
N VAL G 184 39.08 2.65 -15.71
CA VAL G 184 40.28 3.23 -16.33
C VAL G 184 40.26 4.76 -16.26
N ALA G 185 41.44 5.34 -16.00
CA ALA G 185 41.57 6.78 -15.81
C ALA G 185 41.47 7.52 -17.15
N PRO G 186 41.16 8.84 -17.10
CA PRO G 186 41.07 9.63 -18.32
C PRO G 186 42.39 9.72 -19.11
N GLU G 187 43.52 9.88 -18.41
CA GLU G 187 44.82 9.99 -19.08
C GLU G 187 45.27 8.70 -19.77
N VAL G 188 44.70 7.56 -19.37
CA VAL G 188 45.01 6.27 -19.98
C VAL G 188 44.02 5.93 -21.11
N LEU G 189 43.38 6.95 -21.69
CA LEU G 189 42.51 6.78 -22.86
C LEU G 189 43.13 7.48 -24.06
N TYR G 194 47.13 19.87 -23.88
CA TYR G 194 46.05 20.51 -23.15
C TYR G 194 45.59 21.82 -23.82
N ASP G 195 45.00 21.68 -25.00
CA ASP G 195 44.48 22.83 -25.74
C ASP G 195 43.11 23.29 -25.20
N LYS G 196 42.40 22.39 -24.52
CA LYS G 196 41.09 22.72 -23.95
C LYS G 196 41.18 23.79 -22.86
N SER G 197 42.26 23.78 -22.08
CA SER G 197 42.49 24.77 -21.03
C SER G 197 42.62 26.20 -21.58
N CYS G 198 42.98 26.35 -22.86
CA CYS G 198 43.00 27.65 -23.53
C CYS G 198 41.63 28.34 -23.51
N ASP G 199 40.59 27.54 -23.77
CA ASP G 199 39.22 28.06 -23.84
C ASP G 199 38.72 28.50 -22.46
N MET G 200 39.20 27.85 -21.41
CA MET G 200 38.80 28.20 -20.05
C MET G 200 39.40 29.54 -19.62
N TRP G 201 40.64 29.81 -20.00
CA TRP G 201 41.26 31.12 -19.77
C TRP G 201 40.46 32.21 -20.50
N SER G 202 40.06 31.92 -21.72
CA SER G 202 39.29 32.86 -22.54
C SER G 202 37.94 33.23 -21.91
N LEU G 203 37.26 32.24 -21.33
CA LEU G 203 36.04 32.48 -20.56
C LEU G 203 36.32 33.41 -19.37
N GLY G 204 37.47 33.22 -18.72
CA GLY G 204 37.88 34.04 -17.59
C GLY G 204 38.06 35.50 -17.95
N VAL G 205 38.66 35.76 -19.11
CA VAL G 205 38.85 37.13 -19.60
C VAL G 205 37.51 37.75 -20.00
N ILE G 206 36.72 37.01 -20.77
CA ILE G 206 35.38 37.44 -21.18
C ILE G 206 34.50 37.76 -19.97
N MET G 207 34.54 36.88 -18.97
CA MET G 207 33.77 37.09 -17.73
C MET G 207 34.25 38.33 -16.97
N TYR G 208 35.56 38.59 -17.00
CA TYR G 208 36.14 39.74 -16.30
C TYR G 208 35.71 41.06 -16.93
N ILE G 209 35.67 41.11 -18.25
CA ILE G 209 35.25 42.32 -18.97
C ILE G 209 33.75 42.56 -18.76
N LEU G 210 32.96 41.50 -18.88
CA LEU G 210 31.50 41.59 -18.68
C LEU G 210 31.13 42.28 -17.36
N LEU G 211 31.91 42.04 -16.31
CA LEU G 211 31.58 42.55 -14.99
C LEU G 211 32.00 44.01 -14.76
N CYS G 212 33.18 44.39 -15.24
CA CYS G 212 33.70 45.76 -15.02
C CYS G 212 33.75 46.63 -16.27
N GLY G 213 33.94 46.01 -17.43
CA GLY G 213 33.92 46.72 -18.71
C GLY G 213 35.28 46.83 -19.38
N TYR G 214 36.33 46.48 -18.65
CA TYR G 214 37.70 46.51 -19.18
C TYR G 214 38.40 45.18 -18.91
N PRO G 215 39.38 44.82 -19.75
CA PRO G 215 40.07 43.54 -19.57
C PRO G 215 41.01 43.54 -18.35
N PRO G 216 41.38 42.36 -17.85
CA PRO G 216 42.28 42.26 -16.71
C PRO G 216 43.73 42.59 -17.03
N PHE G 217 44.10 42.54 -18.31
CA PHE G 217 45.47 42.87 -18.76
C PHE G 217 45.44 43.84 -19.94
N TYR G 218 46.13 44.98 -19.78
CA TYR G 218 46.27 45.99 -20.84
C TYR G 218 47.63 46.69 -20.73
N SER G 219 47.93 47.57 -21.68
CA SER G 219 49.17 48.36 -21.64
C SER G 219 48.89 49.81 -22.02
N GLY G 228 55.64 44.98 -21.49
CA GLY G 228 55.07 45.35 -20.21
C GLY G 228 53.88 44.49 -19.82
N MET G 229 52.88 44.43 -20.71
CA MET G 229 51.68 43.63 -20.50
C MET G 229 51.99 42.13 -20.53
N LYS G 230 52.93 41.75 -21.39
CA LYS G 230 53.30 40.35 -21.56
C LYS G 230 53.74 39.70 -20.24
N THR G 231 54.47 40.46 -19.42
CA THR G 231 54.92 39.97 -18.12
C THR G 231 53.79 39.84 -17.10
N ARG G 232 52.79 40.72 -17.17
CA ARG G 232 51.62 40.64 -16.26
C ARG G 232 50.78 39.38 -16.49
N ILE G 233 50.68 38.95 -17.74
CA ILE G 233 49.95 37.73 -18.11
C ILE G 233 50.69 36.49 -17.61
N ARG G 234 52.00 36.47 -17.81
CA ARG G 234 52.83 35.34 -17.38
C ARG G 234 52.83 35.23 -15.85
N MET G 235 52.93 36.38 -15.18
CA MET G 235 52.92 36.43 -13.72
C MET G 235 51.51 36.23 -13.12
N GLY G 236 50.49 36.60 -13.87
CA GLY G 236 49.11 36.56 -13.39
C GLY G 236 48.82 37.72 -12.44
N GLN G 237 49.29 38.91 -12.81
CA GLN G 237 49.09 40.12 -12.00
C GLN G 237 47.88 40.91 -12.50
N TYR G 238 46.75 40.73 -11.82
CA TYR G 238 45.55 41.51 -12.10
C TYR G 238 44.80 41.79 -10.80
N GLU G 239 44.01 42.86 -10.80
CA GLU G 239 43.31 43.32 -9.61
C GLU G 239 41.80 43.31 -9.84
N PHE G 240 41.04 43.50 -8.77
CA PHE G 240 39.60 43.74 -8.84
C PHE G 240 39.32 45.12 -8.24
N PRO G 241 39.68 46.20 -8.98
CA PRO G 241 39.66 47.53 -8.37
C PRO G 241 38.28 48.08 -8.03
N ASN G 242 38.25 49.07 -7.14
CA ASN G 242 37.04 49.83 -6.86
C ASN G 242 37.00 51.06 -7.77
N PRO G 243 35.79 51.58 -8.07
CA PRO G 243 34.46 51.20 -7.57
C PRO G 243 33.75 50.09 -8.34
N GLU G 244 34.35 49.58 -9.42
CA GLU G 244 33.66 48.59 -10.27
C GLU G 244 33.37 47.28 -9.54
N TRP G 245 34.42 46.71 -8.92
CA TRP G 245 34.30 45.41 -8.25
C TRP G 245 33.93 45.50 -6.76
N SER G 246 33.36 46.63 -6.35
CA SER G 246 32.90 46.79 -4.97
C SER G 246 31.66 45.94 -4.70
N GLU G 247 30.72 45.94 -5.64
CA GLU G 247 29.45 45.23 -5.50
C GLU G 247 29.50 43.80 -6.04
N VAL G 248 30.60 43.43 -6.69
CA VAL G 248 30.76 42.07 -7.22
C VAL G 248 31.20 41.13 -6.10
N SER G 249 30.53 39.97 -6.03
CA SER G 249 30.70 39.05 -4.91
C SER G 249 32.02 38.29 -4.92
N GLU G 250 32.39 37.77 -3.75
CA GLU G 250 33.61 36.96 -3.59
C GLU G 250 33.50 35.64 -4.35
N GLU G 251 32.27 35.13 -4.48
CA GLU G 251 32.01 33.90 -5.22
C GLU G 251 32.38 34.04 -6.69
N VAL G 252 32.05 35.19 -7.27
CA VAL G 252 32.35 35.48 -8.67
C VAL G 252 33.85 35.70 -8.88
N LYS G 253 34.48 36.44 -7.96
CA LYS G 253 35.91 36.70 -8.02
C LYS G 253 36.74 35.43 -7.94
N MET G 254 36.31 34.47 -7.13
CA MET G 254 36.99 33.18 -7.00
C MET G 254 36.86 32.33 -8.26
N LEU G 255 35.72 32.44 -8.94
CA LEU G 255 35.52 31.76 -10.22
C LEU G 255 36.46 32.33 -11.28
N ILE G 256 36.60 33.66 -11.31
CA ILE G 256 37.56 34.32 -12.18
C ILE G 256 38.99 33.90 -11.85
N ARG G 257 39.32 33.91 -10.56
CA ARG G 257 40.66 33.52 -10.08
C ARG G 257 41.07 32.13 -10.57
N ASN G 258 40.18 31.15 -10.43
CA ASN G 258 40.47 29.78 -10.83
C ASN G 258 40.44 29.58 -12.36
N LEU G 259 39.80 30.51 -13.07
CA LEU G 259 39.81 30.49 -14.54
C LEU G 259 41.05 31.18 -15.11
N LEU G 260 41.54 32.21 -14.40
CA LEU G 260 42.71 32.97 -14.84
C LEU G 260 43.96 32.55 -14.06
N LYS G 261 44.13 31.25 -13.85
CA LYS G 261 45.35 30.73 -13.24
C LYS G 261 46.43 30.74 -14.30
N THR G 262 47.68 30.95 -13.87
CA THR G 262 48.83 30.94 -14.76
C THR G 262 49.06 29.54 -15.33
N GLU G 263 48.95 28.53 -14.46
CA GLU G 263 49.17 27.14 -14.84
C GLU G 263 47.86 26.55 -15.40
N PRO G 264 47.90 25.98 -16.63
CA PRO G 264 46.68 25.47 -17.25
C PRO G 264 46.12 24.18 -16.63
N THR G 265 46.98 23.33 -16.08
CA THR G 265 46.53 22.11 -15.42
C THR G 265 45.84 22.43 -14.09
N GLN G 266 46.13 23.61 -13.55
CA GLN G 266 45.54 24.10 -12.31
C GLN G 266 44.17 24.72 -12.56
N ARG G 267 43.87 24.96 -13.84
CA ARG G 267 42.67 25.70 -14.25
C ARG G 267 41.42 24.84 -14.13
N MET G 268 40.26 25.49 -14.05
CA MET G 268 38.98 24.79 -13.93
C MET G 268 38.54 24.24 -15.29
N THR G 269 37.95 23.04 -15.29
CA THR G 269 37.42 22.43 -16.52
C THR G 269 36.05 23.01 -16.88
N ILE G 270 35.57 22.72 -18.09
CA ILE G 270 34.28 23.24 -18.55
C ILE G 270 33.10 22.58 -17.84
N THR G 271 33.23 21.32 -17.46
CA THR G 271 32.18 20.62 -16.71
C THR G 271 32.02 21.23 -15.32
N GLU G 272 33.15 21.52 -14.67
CA GLU G 272 33.14 22.17 -13.36
C GLU G 272 32.57 23.58 -13.46
N PHE G 273 32.96 24.31 -14.51
CA PHE G 273 32.47 25.66 -14.78
C PHE G 273 30.94 25.70 -14.90
N MET G 274 30.38 24.77 -15.68
CA MET G 274 28.94 24.72 -15.89
C MET G 274 28.19 24.22 -14.66
N ASN G 275 28.85 23.40 -13.83
CA ASN G 275 28.27 22.94 -12.56
C ASN G 275 28.44 23.93 -11.40
N HIS G 276 29.15 25.03 -11.65
CA HIS G 276 29.33 26.08 -10.64
C HIS G 276 27.98 26.76 -10.36
N PRO G 277 27.69 27.09 -9.09
CA PRO G 277 26.38 27.67 -8.73
C PRO G 277 26.09 29.03 -9.37
N TRP G 278 27.14 29.79 -9.67
CA TRP G 278 26.98 31.08 -10.34
C TRP G 278 26.53 30.92 -11.80
N ILE G 279 26.85 29.76 -12.41
CA ILE G 279 26.45 29.45 -13.79
C ILE G 279 25.18 28.59 -13.84
N MET G 280 25.10 27.54 -13.01
CA MET G 280 23.91 26.68 -12.98
C MET G 280 22.69 27.50 -12.63
N GLN G 281 22.72 28.14 -11.46
CA GLN G 281 21.63 28.99 -11.02
C GLN G 281 21.91 30.43 -11.44
N SER G 282 21.53 30.76 -12.67
CA SER G 282 21.64 32.12 -13.19
C SER G 282 20.52 33.03 -12.66
N THR G 283 19.55 32.44 -11.96
CA THR G 283 18.42 33.19 -11.42
C THR G 283 18.64 33.57 -9.95
N LYS G 284 19.37 32.74 -9.21
CA LYS G 284 19.67 33.04 -7.80
C LYS G 284 20.76 34.11 -7.65
N VAL G 285 21.54 34.33 -8.71
CA VAL G 285 22.53 35.41 -8.73
C VAL G 285 21.82 36.77 -8.60
N PRO G 286 22.38 37.69 -7.78
CA PRO G 286 21.72 38.99 -7.58
C PRO G 286 21.56 39.85 -8.83
N GLN G 287 20.66 40.83 -8.75
CA GLN G 287 20.45 41.82 -9.81
C GLN G 287 21.33 43.07 -9.60
N THR G 288 22.33 42.96 -8.74
CA THR G 288 23.24 44.08 -8.46
C THR G 288 23.80 44.65 -9.77
N PRO G 289 23.64 45.99 -9.97
CA PRO G 289 24.03 46.62 -11.23
C PRO G 289 25.55 46.70 -11.43
N LEU G 290 25.97 46.71 -12.68
CA LEU G 290 27.40 46.79 -13.02
C LEU G 290 27.72 48.09 -13.76
N HIS G 291 28.99 48.48 -13.71
CA HIS G 291 29.49 49.68 -14.40
C HIS G 291 29.85 49.41 -15.86
N THR G 292 29.77 48.15 -16.27
CA THR G 292 30.27 47.69 -17.57
C THR G 292 29.87 48.58 -18.75
N SER G 293 28.58 48.86 -18.86
CA SER G 293 28.04 49.63 -20.00
C SER G 293 28.58 51.07 -20.05
N ARG G 294 28.82 51.64 -18.87
CA ARG G 294 29.35 53.00 -18.77
C ARG G 294 30.85 53.04 -19.07
N VAL G 295 31.56 51.98 -18.71
CA VAL G 295 33.00 51.88 -18.95
C VAL G 295 33.32 51.67 -20.43
N LEU G 296 32.58 50.77 -21.07
CA LEU G 296 32.77 50.49 -22.51
C LEU G 296 32.39 51.68 -23.39
N LYS G 297 31.52 52.55 -22.88
CA LYS G 297 31.16 53.80 -23.56
C LYS G 297 32.40 54.67 -23.78
N GLU G 298 33.34 54.63 -22.84
CA GLU G 298 34.59 55.39 -22.93
C GLU G 298 35.65 54.63 -23.73
N ASP G 299 35.42 54.47 -25.03
CA ASP G 299 36.32 53.76 -25.95
C ASP G 299 36.58 52.29 -25.59
N HIS H 1 32.66 -21.24 42.28
CA HIS H 1 31.41 -21.94 42.69
C HIS H 1 31.27 -23.24 41.89
N VAL H 2 31.01 -23.13 40.59
CA VAL H 2 30.97 -24.29 39.69
C VAL H 2 31.57 -23.89 38.35
N LYS H 3 32.45 -24.74 37.81
CA LYS H 3 33.05 -24.49 36.50
C LYS H 3 32.71 -25.60 35.51
N SER H 4 32.93 -25.31 34.23
CA SER H 4 32.58 -26.22 33.16
C SER H 4 33.54 -27.41 33.10
N GLY H 5 33.05 -28.52 32.53
CA GLY H 5 33.88 -29.70 32.30
C GLY H 5 34.55 -29.63 30.95
N LEU H 6 35.49 -30.53 30.72
CA LEU H 6 36.30 -30.52 29.50
C LEU H 6 35.45 -30.84 28.26
N GLN H 7 35.25 -29.82 27.42
CA GLN H 7 34.45 -29.96 26.21
C GLN H 7 35.01 -30.98 25.22
N ILE H 8 36.34 -31.07 25.16
CA ILE H 8 37.10 -32.01 24.30
C ILE H 8 36.57 -32.18 22.87
N LYS H 9 37.15 -31.45 21.93
CA LYS H 9 36.67 -31.37 20.54
C LYS H 9 37.17 -32.52 19.66
N LYS H 10 36.35 -32.93 18.69
CA LYS H 10 36.68 -34.05 17.80
C LYS H 10 37.18 -33.61 16.42
N ASN H 11 36.66 -32.50 15.91
CA ASN H 11 37.06 -31.97 14.58
C ASN H 11 38.56 -31.70 14.51
N ALA H 12 39.11 -31.68 13.30
CA ALA H 12 40.55 -31.52 13.11
C ALA H 12 41.01 -30.14 13.58
N ILE H 13 42.17 -30.08 14.23
CA ILE H 13 42.74 -28.80 14.69
C ILE H 13 43.09 -27.86 13.53
N ILE H 14 43.35 -28.43 12.35
CA ILE H 14 43.65 -27.64 11.16
C ILE H 14 42.48 -26.77 10.72
N ASP H 15 41.27 -27.13 11.13
CA ASP H 15 40.08 -26.33 10.87
C ASP H 15 40.09 -25.01 11.64
N ASP H 16 40.60 -25.03 12.87
CA ASP H 16 40.62 -23.87 13.75
C ASP H 16 42.00 -23.23 13.94
N TYR H 17 43.07 -23.99 13.69
CA TYR H 17 44.44 -23.52 13.91
C TYR H 17 45.36 -23.82 12.72
N LYS H 18 46.33 -22.94 12.50
CA LYS H 18 47.43 -23.23 11.57
C LYS H 18 48.54 -23.85 12.38
N VAL H 19 48.94 -25.07 12.03
CA VAL H 19 50.06 -25.75 12.70
C VAL H 19 51.36 -25.50 11.95
N THR H 20 52.33 -24.89 12.63
CA THR H 20 53.64 -24.57 12.05
C THR H 20 54.73 -25.47 12.62
N SER H 21 55.96 -25.28 12.14
CA SER H 21 57.10 -26.10 12.57
C SER H 21 58.05 -25.35 13.51
N GLN H 22 57.51 -24.40 14.29
CA GLN H 22 58.29 -23.64 15.26
C GLN H 22 58.30 -24.37 16.61
N VAL H 23 59.32 -25.20 16.81
CA VAL H 23 59.44 -25.97 18.05
C VAL H 23 59.83 -25.05 19.21
N LEU H 24 59.05 -25.12 20.29
CA LEU H 24 59.30 -24.31 21.49
C LEU H 24 59.96 -25.12 22.62
N GLY H 25 60.03 -26.45 22.46
CA GLY H 25 60.73 -27.29 23.43
C GLY H 25 60.49 -28.78 23.26
N LEU H 26 61.02 -29.56 24.20
CA LEU H 26 60.77 -31.00 24.28
C LEU H 26 60.65 -31.40 25.75
N GLY H 27 59.93 -32.48 26.02
CA GLY H 27 59.70 -32.94 27.39
C GLY H 27 59.31 -34.40 27.51
N ILE H 28 58.63 -34.74 28.61
CA ILE H 28 58.33 -36.13 28.95
C ILE H 28 56.96 -36.57 28.41
N ASN H 29 56.94 -36.97 27.14
CA ASN H 29 55.72 -37.36 26.43
C ASN H 29 55.73 -36.89 24.97
N GLY H 30 56.43 -35.79 24.68
CA GLY H 30 56.55 -35.27 23.33
C GLY H 30 57.09 -33.86 23.27
N LYS H 31 57.18 -33.33 22.06
CA LYS H 31 57.65 -31.95 21.84
C LYS H 31 56.48 -30.99 21.83
N VAL H 32 56.77 -29.69 21.99
CA VAL H 32 55.76 -28.64 21.92
C VAL H 32 55.98 -27.80 20.66
N LEU H 33 54.91 -27.58 19.91
CA LEU H 33 54.94 -26.77 18.69
C LEU H 33 54.09 -25.51 18.85
N GLN H 34 54.46 -24.46 18.11
CA GLN H 34 53.74 -23.20 18.14
C GLN H 34 52.71 -23.16 17.01
N ILE H 35 51.44 -23.06 17.37
CA ILE H 35 50.35 -22.96 16.40
C ILE H 35 49.85 -21.52 16.32
N PHE H 36 48.85 -21.28 15.46
CA PHE H 36 48.22 -19.96 15.33
C PHE H 36 46.72 -20.14 15.17
N ASN H 37 45.94 -19.38 15.94
CA ASN H 37 44.48 -19.41 15.84
C ASN H 37 44.03 -18.79 14.52
N LYS H 38 43.32 -19.56 13.69
CA LYS H 38 42.87 -19.08 12.38
C LYS H 38 41.87 -17.93 12.48
N ARG H 39 41.10 -17.91 13.57
CA ARG H 39 40.14 -16.82 13.82
C ARG H 39 40.87 -15.50 14.04
N THR H 40 41.60 -15.40 15.15
CA THR H 40 42.39 -14.21 15.48
C THR H 40 43.76 -14.32 14.80
N GLN H 41 44.82 -13.90 15.49
CA GLN H 41 46.19 -14.25 15.10
C GLN H 41 47.04 -14.61 16.32
N GLU H 42 46.38 -15.00 17.42
CA GLU H 42 47.07 -15.34 18.66
C GLU H 42 47.87 -16.62 18.49
N LYS H 43 48.92 -16.77 19.31
CA LYS H 43 49.84 -17.90 19.16
C LYS H 43 49.23 -19.20 19.68
N PHE H 44 49.29 -19.43 21.00
CA PHE H 44 48.98 -20.72 21.62
C PHE H 44 50.01 -21.80 21.27
N ALA H 45 50.30 -22.65 22.24
CA ALA H 45 51.25 -23.76 22.06
C ALA H 45 50.50 -25.09 22.00
N LEU H 46 51.07 -26.04 21.28
CA LEU H 46 50.43 -27.33 21.03
C LEU H 46 51.26 -28.49 21.57
N LYS H 47 50.78 -29.13 22.63
CA LYS H 47 51.43 -30.35 23.14
C LYS H 47 50.73 -31.56 22.55
N MET H 48 51.50 -32.49 22.02
CA MET H 48 50.97 -33.65 21.29
C MET H 48 51.21 -34.94 22.07
N LEU H 49 50.13 -35.66 22.36
CA LEU H 49 50.21 -36.99 22.98
C LEU H 49 49.39 -37.98 22.18
N GLN H 50 49.76 -39.26 22.25
CA GLN H 50 48.96 -40.33 21.67
C GLN H 50 47.95 -40.85 22.69
N ASP H 51 46.76 -41.20 22.23
CA ASP H 51 45.66 -41.53 23.13
C ASP H 51 45.86 -42.89 23.80
N CYS H 52 45.94 -42.87 25.13
CA CYS H 52 46.05 -44.07 25.95
C CYS H 52 45.88 -43.69 27.42
N PRO H 53 44.92 -44.30 28.13
CA PRO H 53 44.69 -44.00 29.54
C PRO H 53 46.00 -43.79 30.31
N LYS H 54 46.43 -42.54 30.36
CA LYS H 54 47.75 -42.13 30.88
C LYS H 54 48.01 -40.71 30.39
N ALA H 55 47.95 -40.54 29.06
CA ALA H 55 47.94 -39.22 28.45
C ALA H 55 46.57 -38.57 28.69
N ARG H 56 45.52 -39.38 28.70
CA ARG H 56 44.16 -38.92 28.99
C ARG H 56 44.03 -38.53 30.47
N ARG H 57 44.88 -39.12 31.32
CA ARG H 57 45.00 -38.70 32.71
C ARG H 57 45.65 -37.32 32.83
N GLU H 58 46.68 -37.09 32.01
CA GLU H 58 47.39 -35.81 32.03
C GLU H 58 46.45 -34.65 31.74
N VAL H 59 45.68 -34.75 30.65
CA VAL H 59 44.75 -33.68 30.27
C VAL H 59 43.66 -33.51 31.33
N GLU H 60 43.21 -34.63 31.91
CA GLU H 60 42.16 -34.63 32.93
C GLU H 60 42.61 -33.86 34.18
N LEU H 61 43.80 -34.19 34.68
CA LEU H 61 44.36 -33.52 35.86
C LEU H 61 44.78 -32.08 35.54
N HIS H 62 45.33 -31.86 34.35
CA HIS H 62 45.75 -30.52 33.91
C HIS H 62 44.56 -29.57 33.85
N TRP H 63 43.43 -30.06 33.36
CA TRP H 63 42.21 -29.27 33.21
C TRP H 63 41.62 -28.81 34.55
N ARG H 64 41.70 -29.67 35.56
CA ARG H 64 41.25 -29.31 36.90
C ARG H 64 42.17 -28.23 37.50
N ALA H 65 43.48 -28.42 37.32
CA ALA H 65 44.47 -27.46 37.81
C ALA H 65 44.50 -26.19 36.96
N SER H 66 43.97 -26.26 35.75
CA SER H 66 43.94 -25.11 34.82
C SER H 66 43.34 -23.85 35.45
N GLN H 67 42.37 -24.03 36.35
CA GLN H 67 41.67 -22.92 36.98
C GLN H 67 42.62 -22.03 37.81
N CYS H 68 43.70 -22.62 38.33
CA CYS H 68 44.71 -21.89 39.10
C CYS H 68 45.47 -20.86 38.25
N PRO H 69 45.51 -19.59 38.69
CA PRO H 69 46.20 -18.52 37.96
C PRO H 69 47.68 -18.77 37.65
N HIS H 70 48.38 -19.53 38.51
CA HIS H 70 49.80 -19.84 38.30
C HIS H 70 50.00 -21.21 37.65
N ILE H 71 49.02 -21.67 36.88
CA ILE H 71 49.11 -22.91 36.13
C ILE H 71 48.75 -22.62 34.67
N VAL H 72 49.49 -23.23 33.75
CA VAL H 72 49.27 -23.00 32.32
C VAL H 72 47.85 -23.43 31.93
N ARG H 73 47.06 -22.48 31.45
CA ARG H 73 45.69 -22.78 31.01
C ARG H 73 45.71 -23.58 29.73
N ILE H 74 44.80 -24.55 29.63
CA ILE H 74 44.56 -25.26 28.38
C ILE H 74 43.25 -24.72 27.80
N VAL H 75 43.34 -24.11 26.62
CA VAL H 75 42.19 -23.47 25.98
C VAL H 75 41.29 -24.51 25.29
N ASP H 76 41.91 -25.51 24.67
CA ASP H 76 41.19 -26.58 23.98
C ASP H 76 41.96 -27.90 24.06
N VAL H 77 41.22 -29.00 24.04
CA VAL H 77 41.80 -30.33 23.86
C VAL H 77 41.11 -30.99 22.68
N TYR H 78 41.89 -31.50 21.74
CA TYR H 78 41.36 -32.12 20.53
C TYR H 78 41.65 -33.63 20.50
N GLU H 79 40.68 -34.42 20.06
CA GLU H 79 40.87 -35.84 19.82
C GLU H 79 40.86 -36.10 18.31
N ASN H 80 42.04 -36.26 17.74
CA ASN H 80 42.21 -36.41 16.28
C ASN H 80 42.96 -37.69 15.92
N LEU H 81 42.94 -38.00 14.63
CA LEU H 81 43.71 -39.11 14.08
C LEU H 81 44.92 -38.58 13.32
N TYR H 82 46.11 -38.77 13.88
CA TYR H 82 47.36 -38.40 13.22
C TYR H 82 48.06 -39.65 12.68
N ALA H 83 48.48 -39.59 11.42
CA ALA H 83 49.08 -40.73 10.73
C ALA H 83 48.05 -41.86 10.56
N GLY H 84 47.74 -42.53 11.66
CA GLY H 84 46.69 -43.53 11.67
C GLY H 84 46.41 -44.08 13.06
N ARG H 85 46.29 -43.17 14.03
CA ARG H 85 46.06 -43.55 15.42
C ARG H 85 45.48 -42.39 16.23
N LYS H 86 44.80 -42.71 17.32
CA LYS H 86 44.16 -41.71 18.16
C LYS H 86 45.21 -40.82 18.83
N CYS H 87 44.95 -39.52 18.85
CA CYS H 87 45.87 -38.53 19.42
C CYS H 87 45.14 -37.46 20.19
N LEU H 88 45.74 -37.05 21.32
CA LEU H 88 45.24 -35.93 22.10
C LEU H 88 46.14 -34.72 21.84
N LEU H 89 45.57 -33.68 21.26
CA LEU H 89 46.29 -32.43 21.01
C LEU H 89 45.84 -31.40 22.05
N ILE H 90 46.73 -31.07 22.97
CA ILE H 90 46.44 -30.08 24.01
C ILE H 90 46.89 -28.69 23.57
N VAL H 91 45.92 -27.80 23.34
CA VAL H 91 46.22 -26.40 23.03
C VAL H 91 46.28 -25.61 24.34
N MET H 92 47.40 -24.94 24.57
CA MET H 92 47.61 -24.14 25.78
C MET H 92 47.90 -22.70 25.42
N GLU H 93 47.81 -21.81 26.41
CA GLU H 93 48.18 -20.41 26.22
C GLU H 93 49.68 -20.31 25.99
N CYS H 94 50.09 -19.27 25.29
CA CYS H 94 51.49 -19.08 24.94
C CYS H 94 52.28 -18.55 26.13
N LEU H 95 53.38 -19.21 26.46
CA LEU H 95 54.29 -18.73 27.50
C LEU H 95 55.65 -18.43 26.90
N ASP H 96 55.75 -17.28 26.21
CA ASP H 96 56.99 -16.89 25.52
C ASP H 96 57.90 -16.00 26.39
N GLY H 97 57.67 -16.00 27.70
CA GLY H 97 58.49 -15.21 28.63
C GLY H 97 59.81 -15.87 29.00
N GLY H 98 60.02 -17.11 28.57
CA GLY H 98 61.24 -17.84 28.87
C GLY H 98 61.19 -18.52 30.23
N GLU H 99 62.14 -19.42 30.47
CA GLU H 99 62.20 -20.16 31.73
C GLU H 99 62.49 -19.24 32.92
N LEU H 100 62.18 -19.71 34.12
CA LEU H 100 62.34 -18.92 35.34
C LEU H 100 63.75 -18.36 35.49
N PHE H 101 64.75 -19.21 35.33
CA PHE H 101 66.15 -18.82 35.53
C PHE H 101 66.81 -18.19 34.30
N SER H 102 66.19 -18.33 33.13
CA SER H 102 66.63 -17.62 31.92
C SER H 102 66.44 -16.11 32.09
N ARG H 103 65.33 -15.74 32.74
CA ARG H 103 65.07 -14.35 33.10
C ARG H 103 66.08 -13.82 34.12
N ILE H 104 66.38 -14.64 35.13
CA ILE H 104 67.33 -14.26 36.19
C ILE H 104 68.78 -14.23 35.68
N GLN H 105 69.02 -14.85 34.53
CA GLN H 105 70.36 -14.85 33.91
C GLN H 105 70.72 -13.50 33.28
N ASP H 106 69.72 -12.63 33.11
CA ASP H 106 69.95 -11.29 32.56
C ASP H 106 68.98 -10.26 33.16
N ALA H 111 70.07 -6.66 39.36
CA ALA H 111 70.33 -6.76 40.79
C ALA H 111 69.81 -8.07 41.36
N PHE H 112 68.49 -8.22 41.40
CA PHE H 112 67.81 -9.41 41.96
C PHE H 112 67.99 -9.55 43.48
N THR H 113 66.94 -9.23 44.23
CA THR H 113 67.00 -9.19 45.69
C THR H 113 66.40 -10.44 46.34
N GLU H 114 66.57 -10.56 47.65
CA GLU H 114 65.97 -11.63 48.44
C GLU H 114 64.45 -11.48 48.53
N ARG H 115 63.98 -10.23 48.43
CA ARG H 115 62.54 -9.93 48.39
C ARG H 115 61.89 -10.57 47.15
N GLU H 116 62.56 -10.44 46.00
CA GLU H 116 62.08 -11.04 44.76
C GLU H 116 62.04 -12.57 44.87
N ALA H 117 63.04 -13.15 45.53
CA ALA H 117 63.09 -14.60 45.76
C ALA H 117 61.90 -15.10 46.57
N SER H 118 61.43 -14.28 47.51
CA SER H 118 60.23 -14.60 48.29
C SER H 118 58.96 -14.47 47.44
N GLU H 119 58.91 -13.48 46.55
CA GLU H 119 57.78 -13.29 45.65
C GLU H 119 57.68 -14.42 44.62
N ILE H 120 58.82 -14.84 44.10
CA ILE H 120 58.88 -15.95 43.15
C ILE H 120 58.40 -17.25 43.78
N MET H 121 58.89 -17.53 45.00
CA MET H 121 58.52 -18.75 45.72
C MET H 121 57.06 -18.80 46.14
N LYS H 122 56.45 -17.63 46.36
CA LYS H 122 55.03 -17.57 46.71
C LYS H 122 54.16 -17.98 45.52
N SER H 123 54.56 -17.55 44.32
CA SER H 123 53.82 -17.88 43.09
C SER H 123 53.89 -19.36 42.78
N ILE H 124 55.09 -19.95 42.88
CA ILE H 124 55.26 -21.38 42.65
C ILE H 124 54.55 -22.16 43.75
N GLY H 125 54.58 -21.63 44.97
CA GLY H 125 53.87 -22.22 46.10
C GLY H 125 52.37 -22.26 45.94
N GLU H 126 51.80 -21.20 45.36
CA GLU H 126 50.35 -21.12 45.15
C GLU H 126 49.86 -22.15 44.12
N ALA H 127 50.68 -22.44 43.11
CA ALA H 127 50.36 -23.48 42.13
C ALA H 127 50.38 -24.87 42.75
N ILE H 128 51.36 -25.11 43.63
CA ILE H 128 51.45 -26.36 44.38
C ILE H 128 50.32 -26.43 45.40
N GLN H 129 50.01 -25.29 46.03
CA GLN H 129 48.95 -25.23 47.03
C GLN H 129 47.61 -25.65 46.45
N TYR H 130 47.27 -25.13 45.27
CA TYR H 130 46.01 -25.48 44.63
C TYR H 130 45.96 -26.95 44.25
N LEU H 131 47.05 -27.45 43.66
CA LEU H 131 47.14 -28.86 43.25
C LEU H 131 46.88 -29.81 44.41
N HIS H 132 47.51 -29.53 45.54
CA HIS H 132 47.38 -30.38 46.72
C HIS H 132 45.99 -30.25 47.36
N SER H 133 45.38 -29.08 47.22
CA SER H 133 44.02 -28.86 47.74
C SER H 133 42.99 -29.69 46.98
N ILE H 134 43.26 -29.98 45.71
CA ILE H 134 42.39 -30.86 44.91
C ILE H 134 43.01 -32.26 44.73
N ASN H 135 43.87 -32.66 45.67
CA ASN H 135 44.48 -33.99 45.69
C ASN H 135 45.22 -34.33 44.40
N ILE H 136 46.15 -33.47 44.00
CA ILE H 136 47.01 -33.73 42.85
C ILE H 136 48.48 -33.42 43.18
N ALA H 137 49.34 -34.40 42.95
CA ALA H 137 50.79 -34.23 43.14
C ALA H 137 51.44 -34.05 41.78
N HIS H 138 52.13 -32.93 41.60
CA HIS H 138 52.74 -32.60 40.32
C HIS H 138 53.92 -33.50 39.98
N ARG H 139 54.73 -33.84 40.99
CA ARG H 139 55.77 -34.86 40.89
C ARG H 139 56.94 -34.51 39.96
N ASP H 140 56.94 -33.31 39.39
CA ASP H 140 58.02 -32.89 38.50
C ASP H 140 58.10 -31.36 38.41
N VAL H 141 58.16 -30.72 39.58
CA VAL H 141 58.29 -29.27 39.68
C VAL H 141 59.78 -28.90 39.56
N LYS H 142 60.25 -28.81 38.32
CA LYS H 142 61.65 -28.51 38.04
C LYS H 142 61.79 -27.15 37.35
N PRO H 143 63.01 -26.56 37.38
CA PRO H 143 63.28 -25.25 36.76
C PRO H 143 62.84 -25.08 35.30
N GLU H 144 62.90 -26.16 34.52
CA GLU H 144 62.55 -26.11 33.10
C GLU H 144 61.04 -25.97 32.89
N ASN H 145 60.24 -26.40 33.87
CA ASN H 145 58.77 -26.39 33.77
C ASN H 145 58.11 -25.13 34.35
N LEU H 146 58.90 -24.08 34.59
CA LEU H 146 58.38 -22.82 35.12
C LEU H 146 58.63 -21.69 34.13
N LEU H 147 57.59 -21.32 33.40
CA LEU H 147 57.70 -20.34 32.32
C LEU H 147 56.85 -19.09 32.59
N TYR H 148 57.37 -17.93 32.18
CA TYR H 148 56.64 -16.66 32.29
C TYR H 148 55.70 -16.44 31.11
N THR H 149 54.66 -15.65 31.31
CA THR H 149 53.67 -15.37 30.27
C THR H 149 54.26 -14.50 29.15
N SER H 150 54.92 -13.42 29.55
CA SER H 150 55.51 -12.48 28.60
C SER H 150 56.85 -11.94 29.12
N LYS H 151 57.54 -11.16 28.29
CA LYS H 151 58.80 -10.53 28.69
C LYS H 151 58.57 -9.33 29.62
N ARG H 152 57.37 -8.75 29.56
CA ARG H 152 57.00 -7.60 30.39
C ARG H 152 57.27 -7.83 31.89
N PRO H 153 57.94 -6.86 32.55
CA PRO H 153 58.15 -6.98 34.00
C PRO H 153 56.84 -6.76 34.77
N ASN H 154 56.31 -7.85 35.33
CA ASN H 154 54.94 -7.97 35.87
C ASN H 154 54.20 -9.19 35.28
N ALA H 155 54.88 -9.94 34.41
CA ALA H 155 54.34 -11.18 33.85
C ALA H 155 54.22 -12.25 34.92
N ILE H 156 53.26 -13.15 34.74
CA ILE H 156 52.96 -14.18 35.73
C ILE H 156 53.78 -15.43 35.46
N LEU H 157 54.38 -15.97 36.53
CA LEU H 157 55.09 -17.25 36.47
C LEU H 157 54.07 -18.38 36.61
N LYS H 158 54.16 -19.37 35.72
CA LYS H 158 53.22 -20.49 35.73
C LYS H 158 53.94 -21.84 35.67
N LEU H 159 53.28 -22.86 36.22
CA LEU H 159 53.78 -24.23 36.21
C LEU H 159 53.21 -24.96 34.99
N THR H 160 53.99 -25.90 34.46
CA THR H 160 53.60 -26.64 33.26
C THR H 160 53.99 -28.11 33.31
N ASP H 161 53.50 -28.87 32.32
CA ASP H 161 53.81 -30.29 32.13
C ASP H 161 53.25 -31.17 33.25
N PHE H 162 52.11 -31.80 32.99
CA PHE H 162 51.47 -32.68 33.96
C PHE H 162 51.61 -34.17 33.58
N GLY H 163 52.73 -34.51 32.95
CA GLY H 163 53.00 -35.89 32.55
C GLY H 163 53.12 -36.86 33.72
N PHE H 164 53.76 -36.41 34.80
CA PHE H 164 53.96 -37.25 35.98
C PHE H 164 52.93 -36.99 37.08
N ALA H 165 51.96 -36.11 36.82
CA ALA H 165 50.93 -35.79 37.80
C ALA H 165 50.01 -36.98 38.07
N LYS H 166 49.65 -37.15 39.34
CA LYS H 166 48.90 -38.32 39.80
C LYS H 166 47.96 -37.90 40.93
N GLU H 167 46.79 -38.52 41.00
CA GLU H 167 45.85 -38.28 42.09
C GLU H 167 46.36 -38.93 43.36
N THR H 168 46.22 -38.23 44.49
CA THR H 168 46.77 -38.68 45.77
C THR H 168 45.81 -39.57 46.58
N THR H 169 44.78 -40.11 45.92
CA THR H 169 43.88 -41.09 46.54
C THR H 169 43.33 -42.06 45.51
N PRO H 181 33.13 -37.31 60.14
CA PRO H 181 32.86 -36.38 61.22
C PRO H 181 33.79 -35.16 61.20
N TYR H 182 33.72 -34.35 62.27
CA TYR H 182 34.53 -33.14 62.40
C TYR H 182 35.78 -33.37 63.27
N TYR H 183 35.76 -34.43 64.08
CA TYR H 183 36.85 -34.77 65.00
C TYR H 183 37.83 -35.79 64.40
N VAL H 184 37.50 -36.32 63.22
CA VAL H 184 38.29 -37.38 62.59
C VAL H 184 39.65 -36.86 62.11
N ALA H 185 40.66 -37.72 62.21
CA ALA H 185 42.03 -37.37 61.81
C ALA H 185 42.17 -37.45 60.29
N PRO H 186 43.23 -36.84 59.73
CA PRO H 186 43.45 -36.85 58.28
C PRO H 186 43.74 -38.24 57.70
N GLU H 187 44.49 -39.05 58.43
CA GLU H 187 44.83 -40.41 57.98
C GLU H 187 43.61 -41.34 57.92
N VAL H 188 42.58 -41.03 58.71
CA VAL H 188 41.33 -41.80 58.72
C VAL H 188 40.32 -41.17 57.76
N LEU H 189 40.73 -41.00 56.50
CA LEU H 189 39.87 -40.48 55.43
C LEU H 189 40.15 -41.23 54.13
N TYR H 194 52.83 -41.18 49.93
CA TYR H 194 53.05 -39.75 50.17
C TYR H 194 53.76 -39.08 48.99
N ASP H 195 52.98 -38.73 47.96
CA ASP H 195 53.52 -38.08 46.76
C ASP H 195 53.48 -36.55 46.85
N LYS H 196 52.62 -36.01 47.71
CA LYS H 196 52.56 -34.55 47.91
C LYS H 196 53.88 -34.02 48.47
N SER H 197 54.48 -34.76 49.41
CA SER H 197 55.77 -34.37 49.99
C SER H 197 56.87 -34.25 48.93
N CYS H 198 56.75 -35.03 47.85
CA CYS H 198 57.69 -34.98 46.74
C CYS H 198 57.81 -33.58 46.13
N ASP H 199 56.67 -32.89 46.01
CA ASP H 199 56.65 -31.50 45.50
C ASP H 199 57.40 -30.54 46.43
N MET H 200 57.33 -30.79 47.73
CA MET H 200 57.92 -29.89 48.73
C MET H 200 59.45 -29.96 48.73
N TRP H 201 60.01 -31.11 48.36
CA TRP H 201 61.46 -31.23 48.13
C TRP H 201 61.89 -30.34 46.97
N SER H 202 61.11 -30.36 45.89
CA SER H 202 61.43 -29.60 44.70
C SER H 202 61.35 -28.08 44.94
N LEU H 203 60.42 -27.65 45.79
CA LEU H 203 60.39 -26.25 46.24
C LEU H 203 61.70 -25.88 46.94
N GLY H 204 62.23 -26.81 47.73
CA GLY H 204 63.50 -26.61 48.42
C GLY H 204 64.70 -26.48 47.51
N VAL H 205 64.71 -27.26 46.42
CA VAL H 205 65.78 -27.20 45.42
C VAL H 205 65.71 -25.90 44.62
N ILE H 206 64.50 -25.55 44.16
CA ILE H 206 64.27 -24.30 43.43
C ILE H 206 64.71 -23.10 44.28
N MET H 207 64.20 -23.03 45.51
CA MET H 207 64.52 -21.96 46.43
C MET H 207 66.03 -21.82 46.64
N TYR H 208 66.70 -22.97 46.80
CA TYR H 208 68.15 -22.98 47.01
C TYR H 208 68.88 -22.36 45.84
N ILE H 209 68.45 -22.69 44.62
CA ILE H 209 69.05 -22.14 43.40
C ILE H 209 68.76 -20.65 43.26
N LEU H 210 67.55 -20.23 43.62
CA LEU H 210 67.16 -18.82 43.57
C LEU H 210 68.04 -17.91 44.42
N LEU H 211 68.54 -18.41 45.53
CA LEU H 211 69.29 -17.59 46.49
C LEU H 211 70.79 -17.48 46.20
N CYS H 212 71.37 -18.52 45.59
CA CYS H 212 72.81 -18.53 45.30
C CYS H 212 73.17 -18.67 43.81
N GLY H 213 72.34 -19.36 43.04
CA GLY H 213 72.56 -19.52 41.59
C GLY H 213 73.11 -20.87 41.18
N TYR H 214 73.13 -21.82 42.12
CA TYR H 214 73.50 -23.21 41.83
C TYR H 214 72.72 -24.17 42.73
N PRO H 215 72.55 -25.43 42.31
CA PRO H 215 71.76 -26.37 43.10
C PRO H 215 72.52 -26.90 44.33
N PRO H 216 71.79 -27.52 45.28
CA PRO H 216 72.42 -28.05 46.50
C PRO H 216 73.15 -29.37 46.28
N PHE H 217 72.88 -30.07 45.18
CA PHE H 217 73.53 -31.34 44.87
C PHE H 217 74.03 -31.39 43.42
N TYR H 218 75.30 -31.74 43.25
CA TYR H 218 75.91 -31.86 41.91
C TYR H 218 77.11 -32.81 41.92
N SER H 219 77.69 -33.05 40.75
CA SER H 219 78.93 -33.84 40.65
C SER H 219 79.83 -33.30 39.53
N GLY H 228 78.06 -40.92 43.27
CA GLY H 228 78.63 -39.70 43.86
C GLY H 228 77.57 -38.73 44.35
N MET H 229 76.90 -38.08 43.40
CA MET H 229 75.83 -37.14 43.71
C MET H 229 74.63 -37.85 44.32
N LYS H 230 74.33 -39.05 43.82
CA LYS H 230 73.20 -39.85 44.31
C LYS H 230 73.29 -40.03 45.83
N THR H 231 74.49 -40.37 46.31
CA THR H 231 74.72 -40.56 47.75
C THR H 231 74.48 -39.29 48.56
N ARG H 232 74.98 -38.17 48.07
CA ARG H 232 74.81 -36.87 48.74
C ARG H 232 73.34 -36.52 48.96
N ILE H 233 72.51 -36.83 47.97
CA ILE H 233 71.06 -36.62 48.06
C ILE H 233 70.44 -37.55 49.12
N ARG H 234 70.92 -38.79 49.17
CA ARG H 234 70.43 -39.78 50.14
C ARG H 234 70.83 -39.43 51.57
N MET H 235 72.09 -39.00 51.74
CA MET H 235 72.60 -38.60 53.05
C MET H 235 72.11 -37.23 53.47
N GLY H 236 71.79 -36.38 52.50
CA GLY H 236 71.40 -35.00 52.76
C GLY H 236 72.59 -34.12 53.04
N GLN H 237 73.67 -34.35 52.29
CA GLN H 237 74.91 -33.60 52.45
C GLN H 237 74.92 -32.37 51.54
N TYR H 238 74.66 -31.21 52.13
CA TYR H 238 74.76 -29.94 51.41
C TYR H 238 75.14 -28.82 52.36
N GLU H 239 75.79 -27.80 51.79
CA GLU H 239 76.31 -26.67 52.55
C GLU H 239 75.58 -25.40 52.15
N PHE H 240 75.77 -24.33 52.93
CA PHE H 240 75.36 -22.99 52.53
C PHE H 240 76.64 -22.13 52.41
N PRO H 241 77.44 -22.38 51.35
CA PRO H 241 78.79 -21.84 51.32
C PRO H 241 78.88 -20.35 51.05
N ASN H 242 79.90 -19.70 51.62
CA ASN H 242 80.19 -18.30 51.36
C ASN H 242 80.88 -18.15 50.01
N PRO H 243 80.78 -16.96 49.38
CA PRO H 243 80.15 -15.72 49.83
C PRO H 243 78.66 -15.59 49.52
N GLU H 244 78.08 -16.58 48.84
CA GLU H 244 76.70 -16.48 48.36
C GLU H 244 75.68 -16.40 49.49
N TRP H 245 75.83 -17.28 50.48
CA TRP H 245 74.86 -17.40 51.58
C TRP H 245 75.23 -16.58 52.82
N SER H 246 76.24 -15.73 52.72
CA SER H 246 76.70 -14.91 53.84
C SER H 246 75.63 -13.90 54.27
N GLU H 247 75.04 -13.23 53.30
CA GLU H 247 74.02 -12.22 53.55
C GLU H 247 72.65 -12.84 53.88
N VAL H 248 72.41 -14.06 53.40
CA VAL H 248 71.10 -14.71 53.56
C VAL H 248 70.85 -15.11 55.02
N SER H 249 69.64 -14.85 55.49
CA SER H 249 69.30 -15.02 56.91
C SER H 249 69.21 -16.49 57.32
N GLU H 250 69.30 -16.72 58.63
CA GLU H 250 69.18 -18.06 59.21
C GLU H 250 67.73 -18.57 59.13
N GLU H 251 66.78 -17.65 59.08
CA GLU H 251 65.37 -18.00 58.94
C GLU H 251 65.12 -18.72 57.61
N VAL H 252 65.63 -18.14 56.52
CA VAL H 252 65.48 -18.72 55.19
C VAL H 252 66.27 -20.02 55.06
N LYS H 253 67.46 -20.06 55.66
CA LYS H 253 68.27 -21.29 55.69
C LYS H 253 67.53 -22.41 56.42
N MET H 254 66.83 -22.07 57.50
CA MET H 254 66.03 -23.05 58.25
C MET H 254 64.80 -23.51 57.46
N LEU H 255 64.20 -22.61 56.69
CA LEU H 255 63.09 -22.98 55.84
C LEU H 255 63.54 -24.02 54.82
N ILE H 256 64.69 -23.76 54.20
CA ILE H 256 65.27 -24.69 53.22
C ILE H 256 65.62 -26.05 53.85
N ARG H 257 66.10 -26.03 55.09
CA ARG H 257 66.42 -27.27 55.81
C ARG H 257 65.19 -28.16 55.94
N ASN H 258 64.07 -27.58 56.36
CA ASN H 258 62.82 -28.33 56.57
C ASN H 258 62.15 -28.80 55.28
N LEU H 259 62.57 -28.23 54.14
CA LEU H 259 62.09 -28.68 52.83
C LEU H 259 63.01 -29.72 52.20
N LEU H 260 64.31 -29.64 52.48
CA LEU H 260 65.29 -30.59 51.94
C LEU H 260 65.61 -31.73 52.92
N LYS H 261 64.64 -32.10 53.76
CA LYS H 261 64.82 -33.20 54.69
C LYS H 261 64.85 -34.51 53.91
N THR H 262 65.66 -35.46 54.38
CA THR H 262 65.79 -36.76 53.72
C THR H 262 64.51 -37.58 53.85
N GLU H 263 63.97 -37.63 55.07
CA GLU H 263 62.73 -38.35 55.35
C GLU H 263 61.55 -37.48 54.92
N PRO H 264 60.65 -38.03 54.07
CA PRO H 264 59.54 -37.24 53.55
C PRO H 264 58.45 -36.89 54.56
N THR H 265 58.21 -37.76 55.54
CA THR H 265 57.22 -37.51 56.58
C THR H 265 57.70 -36.42 57.55
N GLN H 266 59.01 -36.20 57.58
CA GLN H 266 59.63 -35.16 58.41
C GLN H 266 59.63 -33.78 57.71
N ARG H 267 59.15 -33.76 56.48
CA ARG H 267 59.19 -32.56 55.64
C ARG H 267 58.03 -31.62 55.98
N MET H 268 58.10 -30.40 55.48
CA MET H 268 57.10 -29.38 55.73
C MET H 268 55.96 -29.48 54.69
N THR H 269 54.72 -29.27 55.13
CA THR H 269 53.57 -29.30 54.22
C THR H 269 53.41 -27.98 53.49
N ILE H 270 52.57 -27.98 52.45
CA ILE H 270 52.37 -26.79 51.61
C ILE H 270 51.57 -25.69 52.31
N THR H 271 50.67 -26.08 53.22
CA THR H 271 49.93 -25.10 54.02
C THR H 271 50.84 -24.44 55.05
N GLU H 272 51.75 -25.24 55.61
CA GLU H 272 52.78 -24.71 56.51
C GLU H 272 53.76 -23.81 55.76
N PHE H 273 54.15 -24.23 54.55
CA PHE H 273 55.04 -23.44 53.70
C PHE H 273 54.47 -22.06 53.43
N MET H 274 53.21 -22.01 53.01
CA MET H 274 52.53 -20.75 52.69
C MET H 274 52.19 -19.91 53.91
N ASN H 275 52.23 -20.52 55.10
CA ASN H 275 52.04 -19.78 56.37
C ASN H 275 53.36 -19.31 56.99
N HIS H 276 54.47 -19.61 56.33
CA HIS H 276 55.79 -19.20 56.80
C HIS H 276 55.98 -17.69 56.61
N PRO H 277 56.50 -16.98 57.63
CA PRO H 277 56.59 -15.51 57.55
C PRO H 277 57.37 -14.98 56.35
N TRP H 278 58.37 -15.74 55.90
CA TRP H 278 59.16 -15.36 54.72
C TRP H 278 58.31 -15.34 53.45
N ILE H 279 57.33 -16.24 53.38
CA ILE H 279 56.44 -16.35 52.23
C ILE H 279 55.22 -15.45 52.36
N MET H 280 54.57 -15.47 53.53
CA MET H 280 53.38 -14.65 53.78
C MET H 280 53.68 -13.17 53.54
N GLN H 281 54.61 -12.63 54.32
CA GLN H 281 55.04 -11.24 54.18
C GLN H 281 56.21 -11.16 53.20
N SER H 282 55.88 -11.16 51.90
CA SER H 282 56.87 -11.00 50.85
C SER H 282 57.35 -9.55 50.72
N THR H 283 56.87 -8.67 51.61
CA THR H 283 57.30 -7.29 51.67
C THR H 283 58.30 -7.05 52.82
N LYS H 284 58.09 -7.73 53.95
CA LYS H 284 58.97 -7.56 55.12
C LYS H 284 60.35 -8.17 54.92
N VAL H 285 60.47 -9.11 53.98
CA VAL H 285 61.74 -9.72 53.62
C VAL H 285 62.66 -8.68 52.95
N PRO H 286 63.89 -8.50 53.49
CA PRO H 286 64.82 -7.44 53.03
C PRO H 286 65.12 -7.40 51.54
N GLN H 287 65.70 -6.28 51.10
CA GLN H 287 66.10 -6.08 49.70
C GLN H 287 67.59 -6.46 49.50
N THR H 288 68.08 -7.40 50.30
CA THR H 288 69.49 -7.82 50.25
C THR H 288 69.84 -8.46 48.89
N PRO H 289 70.89 -7.92 48.21
CA PRO H 289 71.25 -8.40 46.88
C PRO H 289 71.97 -9.76 46.91
N LEU H 290 71.60 -10.65 45.99
CA LEU H 290 72.14 -12.00 45.93
C LEU H 290 73.13 -12.14 44.77
N HIS H 291 73.82 -13.27 44.74
CA HIS H 291 74.81 -13.58 43.69
C HIS H 291 74.20 -14.40 42.54
N THR H 292 72.91 -14.70 42.64
CA THR H 292 72.23 -15.61 41.72
C THR H 292 72.38 -15.23 40.23
N SER H 293 72.20 -13.94 39.93
CA SER H 293 72.25 -13.45 38.55
C SER H 293 73.65 -13.54 37.95
N ARG H 294 74.66 -13.36 38.80
CA ARG H 294 76.07 -13.41 38.37
C ARG H 294 76.60 -14.85 38.31
N VAL H 295 76.13 -15.69 39.24
CA VAL H 295 76.54 -17.09 39.29
C VAL H 295 75.96 -17.89 38.13
N LEU H 296 74.69 -17.61 37.80
CA LEU H 296 74.01 -18.26 36.68
C LEU H 296 74.67 -17.98 35.33
N LYS H 297 75.21 -16.76 35.18
CA LYS H 297 75.83 -16.35 33.91
C LYS H 297 77.15 -17.08 33.62
N GLU H 298 77.62 -17.86 34.58
CA GLU H 298 78.87 -18.63 34.44
C GLU H 298 78.64 -20.01 33.79
N ASP H 299 77.47 -20.22 33.20
CA ASP H 299 77.05 -21.52 32.65
C ASP H 299 76.66 -22.50 33.76
N HIS I 1 31.17 -4.57 -68.87
CA HIS I 1 32.65 -4.57 -68.61
C HIS I 1 33.11 -3.42 -67.70
N VAL I 2 32.23 -2.44 -67.46
CA VAL I 2 32.54 -1.33 -66.56
C VAL I 2 31.34 -1.04 -65.68
N LYS I 3 31.51 -1.24 -64.38
CA LYS I 3 30.43 -1.01 -63.41
C LYS I 3 30.53 0.41 -62.85
N SER I 4 30.08 0.62 -61.61
CA SER I 4 30.02 1.96 -61.03
C SER I 4 30.83 2.05 -59.74
N GLY I 5 31.30 3.26 -59.43
CA GLY I 5 32.06 3.51 -58.21
C GLY I 5 31.16 3.65 -57.00
N LEU I 6 31.77 3.72 -55.82
CA LEU I 6 31.02 3.80 -54.56
C LEU I 6 30.42 5.19 -54.38
N GLN I 7 29.09 5.25 -54.34
CA GLN I 7 28.35 6.52 -54.29
C GLN I 7 28.56 7.28 -52.98
N ILE I 8 28.68 6.54 -51.87
CA ILE I 8 28.87 7.08 -50.51
C ILE I 8 27.97 8.29 -50.14
N LYS I 9 26.77 8.01 -49.64
CA LYS I 9 25.81 9.04 -49.26
C LYS I 9 26.24 9.78 -47.99
N LYS I 10 25.81 11.04 -47.87
CA LYS I 10 26.14 11.89 -46.72
C LYS I 10 24.94 12.19 -45.79
N ASN I 11 23.71 11.97 -46.27
CA ASN I 11 22.53 12.15 -45.43
C ASN I 11 22.44 11.07 -44.34
N ALA I 12 21.63 11.33 -43.32
CA ALA I 12 21.48 10.42 -42.19
C ALA I 12 20.82 9.11 -42.61
N ILE I 13 21.23 8.00 -42.00
CA ILE I 13 20.67 6.68 -42.34
C ILE I 13 19.22 6.61 -41.86
N ILE I 14 18.91 7.31 -40.77
CA ILE I 14 17.55 7.35 -40.21
C ILE I 14 16.50 7.88 -41.19
N ASP I 15 16.93 8.72 -42.14
CA ASP I 15 16.06 9.22 -43.21
C ASP I 15 15.60 8.10 -44.15
N ASP I 16 16.48 7.14 -44.41
CA ASP I 16 16.22 6.04 -45.34
C ASP I 16 15.86 4.72 -44.65
N TYR I 17 16.44 4.48 -43.46
CA TYR I 17 16.26 3.22 -42.74
C TYR I 17 15.85 3.44 -41.29
N LYS I 18 15.23 2.42 -40.69
CA LYS I 18 14.93 2.40 -39.25
C LYS I 18 15.92 1.45 -38.57
N VAL I 19 16.78 1.99 -37.71
CA VAL I 19 17.84 1.21 -37.08
C VAL I 19 17.39 0.62 -35.74
N THR I 20 17.12 -0.69 -35.73
CA THR I 20 16.68 -1.37 -34.51
C THR I 20 17.86 -1.91 -33.69
N SER I 21 17.54 -2.40 -32.49
CA SER I 21 18.54 -2.94 -31.56
C SER I 21 18.60 -4.47 -31.64
N GLN I 22 18.64 -4.99 -32.86
CA GLN I 22 18.74 -6.43 -33.11
C GLN I 22 20.18 -6.79 -33.48
N VAL I 23 20.90 -7.37 -32.53
CA VAL I 23 22.30 -7.76 -32.75
C VAL I 23 22.39 -9.11 -33.46
N LEU I 24 22.95 -9.08 -34.68
CA LEU I 24 23.16 -10.30 -35.47
C LEU I 24 24.56 -10.90 -35.23
N GLY I 25 25.54 -10.06 -34.91
CA GLY I 25 26.91 -10.52 -34.61
C GLY I 25 27.82 -9.46 -34.01
N LEU I 26 29.00 -9.90 -33.57
CA LEU I 26 30.02 -9.01 -32.97
C LEU I 26 31.43 -9.53 -33.25
N GLY I 27 32.28 -8.68 -33.85
CA GLY I 27 33.61 -9.11 -34.30
C GLY I 27 34.64 -7.99 -34.41
N ILE I 28 35.48 -8.07 -35.45
CA ILE I 28 36.60 -7.15 -35.64
C ILE I 28 36.15 -5.84 -36.31
N ASN I 29 36.07 -4.78 -35.51
CA ASN I 29 35.67 -3.43 -35.96
C ASN I 29 34.38 -2.93 -35.29
N GLY I 30 33.42 -3.83 -35.10
CA GLY I 30 32.16 -3.48 -34.43
C GLY I 30 31.08 -4.55 -34.55
N LYS I 31 29.96 -4.33 -33.86
CA LYS I 31 28.84 -5.27 -33.85
C LYS I 31 27.86 -5.01 -34.98
N VAL I 32 27.49 -6.06 -35.71
CA VAL I 32 26.58 -5.94 -36.86
C VAL I 32 25.12 -5.96 -36.40
N LEU I 33 24.47 -4.80 -36.43
CA LEU I 33 23.06 -4.67 -36.08
C LEU I 33 22.17 -5.01 -37.27
N GLN I 34 20.86 -5.10 -37.02
CA GLN I 34 19.87 -5.29 -38.08
C GLN I 34 19.01 -4.04 -38.20
N ILE I 35 18.80 -3.58 -39.43
CA ILE I 35 17.98 -2.39 -39.70
C ILE I 35 16.82 -2.75 -40.63
N PHE I 36 16.00 -1.76 -40.96
CA PHE I 36 14.87 -1.96 -41.87
C PHE I 36 14.70 -0.77 -42.82
N ASN I 37 14.47 -1.07 -44.10
CA ASN I 37 14.20 -0.04 -45.09
C ASN I 37 12.86 0.62 -44.80
N LYS I 38 12.83 1.96 -44.87
CA LYS I 38 11.60 2.71 -44.62
C LYS I 38 10.68 2.72 -45.85
N ARG I 39 11.27 2.73 -47.04
CA ARG I 39 10.50 2.67 -48.29
C ARG I 39 9.77 1.34 -48.42
N THR I 40 10.53 0.26 -48.53
CA THR I 40 9.98 -1.10 -48.56
C THR I 40 9.85 -1.58 -47.12
N GLN I 41 9.98 -2.88 -46.90
CA GLN I 41 10.14 -3.43 -45.55
C GLN I 41 11.22 -4.51 -45.52
N GLU I 42 12.24 -4.36 -46.37
CA GLU I 42 13.35 -5.30 -46.45
C GLU I 42 14.31 -5.10 -45.27
N LYS I 43 14.98 -6.18 -44.88
CA LYS I 43 15.84 -6.16 -43.70
C LYS I 43 17.12 -5.34 -43.90
N PHE I 44 18.12 -5.94 -44.54
CA PHE I 44 19.48 -5.38 -44.64
C PHE I 44 20.21 -5.34 -43.29
N ALA I 45 21.47 -5.75 -43.29
CA ALA I 45 22.31 -5.73 -42.09
C ALA I 45 23.19 -4.47 -42.09
N LEU I 46 23.42 -3.92 -40.89
CA LEU I 46 24.25 -2.73 -40.72
C LEU I 46 25.56 -3.08 -40.02
N LYS I 47 26.68 -2.75 -40.66
CA LYS I 47 28.01 -2.81 -40.05
C LYS I 47 28.46 -1.39 -39.78
N MET I 48 29.00 -1.15 -38.58
CA MET I 48 29.35 0.19 -38.13
C MET I 48 30.85 0.31 -37.87
N LEU I 49 31.49 1.23 -38.59
CA LEU I 49 32.89 1.56 -38.36
C LEU I 49 33.03 3.06 -38.15
N GLN I 50 34.05 3.46 -37.40
CA GLN I 50 34.40 4.87 -37.27
C GLN I 50 35.38 5.24 -38.39
N ASP I 51 35.29 6.47 -38.88
CA ASP I 51 36.09 6.92 -40.03
C ASP I 51 37.57 7.07 -39.67
N CYS I 52 38.41 6.31 -40.37
CA CYS I 52 39.86 6.37 -40.21
C CYS I 52 40.51 5.56 -41.33
N PRO I 53 41.35 6.19 -42.18
CA PRO I 53 42.02 5.47 -43.27
C PRO I 53 42.54 4.09 -42.87
N LYS I 54 41.66 3.09 -43.00
CA LYS I 54 41.85 1.73 -42.46
C LYS I 54 40.51 1.02 -42.54
N ALA I 55 39.49 1.64 -41.96
CA ALA I 55 38.09 1.24 -42.17
C ALA I 55 37.62 1.75 -43.53
N ARG I 56 38.12 2.93 -43.92
CA ARG I 56 37.86 3.47 -45.27
C ARG I 56 38.52 2.59 -46.33
N ARG I 57 39.55 1.85 -45.95
CA ARG I 57 40.12 0.80 -46.80
C ARG I 57 39.17 -0.39 -46.90
N GLU I 58 38.62 -0.84 -45.77
CA GLU I 58 37.68 -1.95 -45.76
C GLU I 58 36.52 -1.68 -46.71
N VAL I 59 35.89 -0.52 -46.57
CA VAL I 59 34.75 -0.13 -47.42
C VAL I 59 35.15 -0.02 -48.90
N GLU I 60 36.40 0.36 -49.15
CA GLU I 60 36.92 0.45 -50.52
C GLU I 60 37.14 -0.92 -51.15
N LEU I 61 37.81 -1.82 -50.41
CA LEU I 61 38.08 -3.17 -50.90
C LEU I 61 36.80 -4.00 -51.01
N HIS I 62 35.90 -3.82 -50.05
CA HIS I 62 34.63 -4.56 -50.02
C HIS I 62 33.80 -4.25 -51.26
N TRP I 63 33.74 -2.97 -51.62
CA TRP I 63 32.94 -2.51 -52.77
C TRP I 63 33.42 -3.11 -54.09
N ARG I 64 34.72 -3.32 -54.23
CA ARG I 64 35.27 -3.99 -55.42
C ARG I 64 34.88 -5.47 -55.42
N ALA I 65 35.06 -6.11 -54.26
CA ALA I 65 34.72 -7.53 -54.08
C ALA I 65 33.21 -7.77 -54.02
N SER I 66 32.42 -6.71 -53.83
CA SER I 66 30.96 -6.81 -53.77
C SER I 66 30.32 -7.30 -55.07
N GLN I 67 31.05 -7.19 -56.19
CA GLN I 67 30.54 -7.64 -57.48
C GLN I 67 30.50 -9.17 -57.60
N CYS I 68 31.29 -9.86 -56.78
CA CYS I 68 31.28 -11.32 -56.74
C CYS I 68 29.98 -11.85 -56.14
N PRO I 69 29.33 -12.82 -56.82
CA PRO I 69 28.09 -13.42 -56.29
C PRO I 69 28.24 -14.10 -54.93
N HIS I 70 29.41 -14.68 -54.66
CA HIS I 70 29.67 -15.35 -53.38
C HIS I 70 30.37 -14.44 -52.37
N ILE I 71 30.16 -13.13 -52.49
CA ILE I 71 30.63 -12.15 -51.52
C ILE I 71 29.49 -11.19 -51.21
N VAL I 72 29.32 -10.86 -49.92
CA VAL I 72 28.18 -10.07 -49.46
C VAL I 72 28.12 -8.73 -50.18
N ARG I 73 26.95 -8.41 -50.74
CA ARG I 73 26.75 -7.12 -51.38
C ARG I 73 26.59 -6.02 -50.34
N ILE I 74 27.14 -4.85 -50.63
CA ILE I 74 26.81 -3.64 -49.87
C ILE I 74 25.92 -2.76 -50.75
N VAL I 75 24.74 -2.43 -50.25
CA VAL I 75 23.74 -1.67 -51.01
C VAL I 75 23.98 -0.16 -50.89
N ASP I 76 24.60 0.25 -49.77
CA ASP I 76 24.96 1.66 -49.56
C ASP I 76 26.07 1.82 -48.52
N VAL I 77 26.69 2.99 -48.52
CA VAL I 77 27.65 3.39 -47.49
C VAL I 77 27.35 4.83 -47.06
N TYR I 78 27.20 5.04 -45.76
CA TYR I 78 26.80 6.34 -45.23
C TYR I 78 27.91 6.96 -44.39
N GLU I 79 28.21 8.23 -44.64
CA GLU I 79 29.16 8.99 -43.84
C GLU I 79 28.39 9.93 -42.90
N ASN I 80 28.26 9.52 -41.64
CA ASN I 80 27.48 10.29 -40.67
C ASN I 80 28.22 10.55 -39.37
N LEU I 81 27.70 11.52 -38.62
CA LEU I 81 28.25 11.90 -37.33
C LEU I 81 27.48 11.20 -36.21
N TYR I 82 28.06 10.13 -35.66
CA TYR I 82 27.48 9.44 -34.50
C TYR I 82 28.13 9.96 -33.23
N ALA I 83 27.31 10.46 -32.31
CA ALA I 83 27.78 11.18 -31.12
C ALA I 83 28.46 12.48 -31.54
N GLY I 84 29.74 12.41 -31.89
CA GLY I 84 30.48 13.58 -32.38
C GLY I 84 31.73 13.22 -33.14
N ARG I 85 31.66 12.18 -33.98
CA ARG I 85 32.78 11.79 -34.84
C ARG I 85 32.31 11.17 -36.14
N LYS I 86 33.18 11.21 -37.14
CA LYS I 86 32.88 10.67 -38.47
C LYS I 86 32.72 9.16 -38.39
N CYS I 87 31.64 8.64 -38.97
CA CYS I 87 31.33 7.21 -38.93
C CYS I 87 30.87 6.69 -40.28
N LEU I 88 31.39 5.52 -40.66
CA LEU I 88 31.02 4.87 -41.92
C LEU I 88 30.02 3.75 -41.64
N LEU I 89 28.76 3.96 -42.02
CA LEU I 89 27.71 2.96 -41.85
C LEU I 89 27.46 2.17 -43.13
N ILE I 90 27.95 0.94 -43.17
CA ILE I 90 27.82 0.06 -44.34
C ILE I 90 26.53 -0.74 -44.27
N VAL I 91 25.61 -0.47 -45.20
CA VAL I 91 24.35 -1.23 -45.32
C VAL I 91 24.54 -2.39 -46.30
N MET I 92 24.48 -3.61 -45.78
CA MET I 92 24.72 -4.82 -46.59
C MET I 92 23.44 -5.62 -46.75
N GLU I 93 23.44 -6.57 -47.67
CA GLU I 93 22.29 -7.46 -47.88
C GLU I 93 22.13 -8.43 -46.71
N CYS I 94 20.89 -8.82 -46.45
CA CYS I 94 20.57 -9.70 -45.32
C CYS I 94 21.02 -11.13 -45.60
N LEU I 95 21.79 -11.69 -44.67
CA LEU I 95 22.23 -13.09 -44.75
C LEU I 95 21.77 -13.83 -43.48
N ASP I 96 20.47 -14.12 -43.43
CA ASP I 96 19.87 -14.77 -42.25
C ASP I 96 19.82 -16.29 -42.36
N GLY I 97 20.57 -16.87 -43.29
CA GLY I 97 20.63 -18.32 -43.45
C GLY I 97 21.46 -19.05 -42.40
N GLY I 98 22.17 -18.29 -41.57
CA GLY I 98 23.02 -18.87 -40.52
C GLY I 98 24.44 -19.12 -41.00
N GLU I 99 25.33 -19.42 -40.05
CA GLU I 99 26.73 -19.71 -40.39
C GLU I 99 26.83 -21.06 -41.08
N LEU I 100 27.89 -21.24 -41.87
CA LEU I 100 28.02 -22.42 -42.72
C LEU I 100 27.82 -23.73 -41.95
N PHE I 101 28.50 -23.87 -40.81
CA PHE I 101 28.47 -25.11 -40.05
C PHE I 101 27.24 -25.25 -39.13
N SER I 102 26.56 -24.15 -38.85
CA SER I 102 25.30 -24.18 -38.12
C SER I 102 24.20 -24.87 -38.94
N ARG I 103 24.27 -24.68 -40.26
CA ARG I 103 23.36 -25.35 -41.19
C ARG I 103 23.63 -26.85 -41.28
N ILE I 104 24.90 -27.24 -41.20
CA ILE I 104 25.29 -28.66 -41.26
C ILE I 104 25.03 -29.37 -39.91
N GLN I 105 24.84 -28.58 -38.85
CA GLN I 105 24.74 -29.11 -37.49
C GLN I 105 23.45 -29.86 -37.17
N ASP I 106 22.43 -29.75 -38.02
CA ASP I 106 21.14 -30.40 -37.76
C ASP I 106 20.69 -31.26 -38.93
N ALA I 111 21.82 -36.43 -43.93
CA ALA I 111 22.95 -37.28 -44.29
C ALA I 111 24.22 -36.45 -44.48
N PHE I 112 24.16 -35.49 -45.40
CA PHE I 112 25.30 -34.66 -45.81
C PHE I 112 26.44 -35.49 -46.42
N THR I 113 26.54 -35.43 -47.75
CA THR I 113 27.47 -36.27 -48.51
C THR I 113 28.77 -35.55 -48.86
N GLU I 114 29.72 -36.29 -49.42
CA GLU I 114 30.99 -35.74 -49.91
C GLU I 114 30.77 -34.80 -51.10
N ARG I 115 29.74 -35.10 -51.90
CA ARG I 115 29.37 -34.25 -53.03
C ARG I 115 28.98 -32.83 -52.59
N GLU I 116 28.34 -32.72 -51.44
CA GLU I 116 27.96 -31.41 -50.90
C GLU I 116 29.17 -30.65 -50.37
N ALA I 117 30.14 -31.37 -49.81
CA ALA I 117 31.40 -30.77 -49.38
C ALA I 117 32.17 -30.18 -50.58
N SER I 118 32.06 -30.83 -51.73
CA SER I 118 32.70 -30.36 -52.97
C SER I 118 32.06 -29.07 -53.50
N GLU I 119 30.73 -29.02 -53.48
CA GLU I 119 30.00 -27.84 -53.94
C GLU I 119 30.21 -26.64 -53.01
N ILE I 120 30.36 -26.91 -51.72
CA ILE I 120 30.63 -25.85 -50.73
C ILE I 120 32.00 -25.22 -50.95
N MET I 121 33.02 -26.06 -51.11
CA MET I 121 34.39 -25.59 -51.33
C MET I 121 34.57 -24.86 -52.65
N LYS I 122 33.74 -25.18 -53.64
CA LYS I 122 33.76 -24.46 -54.91
C LYS I 122 33.20 -23.04 -54.71
N SER I 123 32.07 -22.93 -54.03
CA SER I 123 31.44 -21.64 -53.76
C SER I 123 32.38 -20.70 -52.98
N ILE I 124 33.04 -21.25 -51.98
CA ILE I 124 34.02 -20.49 -51.19
C ILE I 124 35.23 -20.19 -52.06
N GLY I 125 35.66 -21.18 -52.84
CA GLY I 125 36.78 -21.02 -53.77
C GLY I 125 36.59 -19.95 -54.82
N GLU I 126 35.37 -19.83 -55.34
CA GLU I 126 35.02 -18.79 -56.31
C GLU I 126 35.22 -17.39 -55.74
N ALA I 127 34.77 -17.19 -54.49
CA ALA I 127 34.95 -15.90 -53.82
C ALA I 127 36.42 -15.54 -53.64
N ILE I 128 37.23 -16.52 -53.26
CA ILE I 128 38.68 -16.32 -53.12
C ILE I 128 39.34 -16.06 -54.48
N GLN I 129 38.83 -16.70 -55.52
CA GLN I 129 39.36 -16.54 -56.87
C GLN I 129 39.15 -15.13 -57.40
N TYR I 130 37.95 -14.58 -57.20
CA TYR I 130 37.67 -13.22 -57.65
C TYR I 130 38.48 -12.20 -56.86
N LEU I 131 38.64 -12.44 -55.55
CA LEU I 131 39.47 -11.57 -54.71
C LEU I 131 40.94 -11.58 -55.17
N HIS I 132 41.47 -12.78 -55.41
CA HIS I 132 42.86 -12.92 -55.84
C HIS I 132 43.09 -12.38 -57.26
N SER I 133 42.08 -12.45 -58.12
CA SER I 133 42.18 -11.96 -59.50
C SER I 133 42.26 -10.43 -59.57
N ILE I 134 41.70 -9.75 -58.58
CA ILE I 134 41.79 -8.29 -58.47
C ILE I 134 42.75 -7.85 -57.35
N ASN I 135 43.72 -8.72 -57.05
CA ASN I 135 44.78 -8.43 -56.08
C ASN I 135 44.28 -8.01 -54.71
N ILE I 136 43.38 -8.83 -54.15
CA ILE I 136 42.86 -8.64 -52.79
C ILE I 136 43.06 -9.93 -52.01
N ALA I 137 43.58 -9.81 -50.79
CA ALA I 137 43.68 -10.94 -49.88
C ALA I 137 42.75 -10.69 -48.70
N HIS I 138 41.84 -11.62 -48.45
CA HIS I 138 40.84 -11.49 -47.39
C HIS I 138 41.49 -11.65 -46.01
N ARG I 139 42.36 -12.65 -45.89
CA ARG I 139 43.19 -12.87 -44.70
C ARG I 139 42.41 -13.23 -43.43
N ASP I 140 41.12 -13.50 -43.59
CA ASP I 140 40.27 -13.88 -42.45
C ASP I 140 39.08 -14.69 -42.97
N VAL I 141 39.37 -15.73 -43.73
CA VAL I 141 38.35 -16.64 -44.24
C VAL I 141 38.14 -17.73 -43.20
N LYS I 142 37.24 -17.48 -42.25
CA LYS I 142 36.96 -18.41 -41.17
C LYS I 142 35.48 -18.79 -41.21
N PRO I 143 35.11 -19.90 -40.57
CA PRO I 143 33.72 -20.38 -40.54
C PRO I 143 32.68 -19.29 -40.26
N GLU I 144 32.99 -18.43 -39.30
CA GLU I 144 32.02 -17.43 -38.83
C GLU I 144 31.65 -16.42 -39.92
N ASN I 145 32.60 -16.10 -40.79
CA ASN I 145 32.38 -15.14 -41.88
C ASN I 145 31.71 -15.73 -43.12
N LEU I 146 31.35 -17.02 -43.07
CA LEU I 146 30.68 -17.68 -44.18
C LEU I 146 29.20 -17.90 -43.85
N LEU I 147 28.35 -17.02 -44.37
CA LEU I 147 26.92 -17.03 -44.07
C LEU I 147 26.07 -17.31 -45.30
N TYR I 148 24.94 -18.01 -45.09
CA TYR I 148 23.96 -18.27 -46.14
C TYR I 148 22.97 -17.12 -46.22
N THR I 149 22.43 -16.91 -47.42
CA THR I 149 21.51 -15.80 -47.68
C THR I 149 20.14 -16.01 -47.05
N SER I 150 19.62 -17.24 -47.15
CA SER I 150 18.31 -17.59 -46.62
C SER I 150 18.32 -19.03 -46.12
N LYS I 151 17.21 -19.44 -45.50
CA LYS I 151 17.09 -20.81 -45.01
C LYS I 151 16.81 -21.83 -46.12
N ARG I 152 16.28 -21.37 -47.26
CA ARG I 152 15.86 -22.27 -48.33
C ARG I 152 17.02 -23.09 -48.90
N PRO I 153 16.79 -24.39 -49.17
CA PRO I 153 17.81 -25.22 -49.78
C PRO I 153 18.03 -24.84 -51.24
N ASN I 154 19.22 -24.28 -51.50
CA ASN I 154 19.60 -23.56 -52.73
C ASN I 154 20.32 -22.26 -52.37
N ALA I 155 20.15 -21.82 -51.12
CA ALA I 155 20.77 -20.60 -50.61
C ALA I 155 22.27 -20.55 -50.92
N ILE I 156 22.74 -19.35 -51.27
CA ILE I 156 24.13 -19.15 -51.68
C ILE I 156 25.01 -18.85 -50.48
N LEU I 157 26.12 -19.59 -50.35
CA LEU I 157 27.10 -19.34 -49.31
C LEU I 157 27.98 -18.16 -49.70
N LYS I 158 27.96 -17.09 -48.89
CA LYS I 158 28.72 -15.88 -49.18
C LYS I 158 29.76 -15.60 -48.10
N LEU I 159 30.84 -14.93 -48.51
CA LEU I 159 31.93 -14.55 -47.61
C LEU I 159 31.74 -13.12 -47.14
N THR I 160 32.20 -12.81 -45.92
CA THR I 160 31.97 -11.50 -45.31
C THR I 160 33.14 -11.01 -44.45
N ASP I 161 33.03 -9.74 -44.01
CA ASP I 161 34.02 -9.10 -43.13
C ASP I 161 35.38 -8.87 -43.79
N PHE I 162 35.60 -7.65 -44.27
CA PHE I 162 36.85 -7.28 -44.94
C PHE I 162 37.74 -6.40 -44.07
N GLY I 163 37.66 -6.61 -42.75
CA GLY I 163 38.46 -5.83 -41.80
C GLY I 163 39.94 -6.07 -41.94
N PHE I 164 40.31 -7.33 -42.17
CA PHE I 164 41.72 -7.71 -42.36
C PHE I 164 42.11 -7.70 -43.85
N ALA I 165 41.29 -7.11 -44.70
CA ALA I 165 41.53 -7.10 -46.14
C ALA I 165 42.66 -6.15 -46.52
N LYS I 166 43.54 -6.62 -47.40
CA LYS I 166 44.68 -5.84 -47.86
C LYS I 166 44.94 -6.10 -49.34
N GLU I 167 45.41 -5.08 -50.05
CA GLU I 167 45.80 -5.24 -51.45
C GLU I 167 47.16 -5.93 -51.49
N THR I 168 47.35 -6.81 -52.46
CA THR I 168 48.60 -7.57 -52.57
C THR I 168 49.73 -6.75 -53.19
N THR I 169 49.39 -5.64 -53.85
CA THR I 169 50.39 -4.74 -54.45
C THR I 169 50.01 -3.27 -54.23
N PRO I 181 55.62 -7.11 -71.17
CA PRO I 181 55.60 -8.01 -72.32
C PRO I 181 54.83 -9.30 -72.06
N TYR I 182 54.80 -10.17 -73.06
CA TYR I 182 54.09 -11.46 -72.98
C TYR I 182 54.99 -12.58 -72.43
N TYR I 183 56.30 -12.35 -72.46
CA TYR I 183 57.30 -13.33 -72.01
C TYR I 183 57.86 -13.00 -70.61
N VAL I 184 57.29 -12.00 -69.95
CA VAL I 184 57.73 -11.61 -68.62
C VAL I 184 57.19 -12.57 -67.56
N ALA I 185 57.92 -12.72 -66.46
CA ALA I 185 57.55 -13.62 -65.37
C ALA I 185 56.67 -12.91 -64.33
N PRO I 186 55.91 -13.69 -63.52
CA PRO I 186 54.98 -13.13 -62.53
C PRO I 186 55.64 -12.28 -61.45
N GLU I 187 56.83 -12.68 -61.01
CA GLU I 187 57.55 -11.97 -59.96
C GLU I 187 58.16 -10.64 -60.42
N VAL I 188 58.40 -10.52 -61.72
CA VAL I 188 59.03 -9.30 -62.29
C VAL I 188 58.01 -8.18 -62.49
N LEU I 189 56.72 -8.48 -62.34
CA LEU I 189 55.66 -7.48 -62.44
C LEU I 189 55.49 -6.74 -61.12
N TYR I 194 53.60 -12.42 -49.58
CA TYR I 194 52.63 -13.45 -49.96
C TYR I 194 51.46 -13.53 -48.97
N ASP I 195 50.48 -12.64 -49.16
CA ASP I 195 49.25 -12.66 -48.37
C ASP I 195 48.17 -13.54 -49.00
N LYS I 196 48.29 -13.83 -50.30
CA LYS I 196 47.33 -14.67 -51.01
C LYS I 196 47.37 -16.13 -50.55
N SER I 197 48.57 -16.64 -50.26
CA SER I 197 48.74 -18.01 -49.75
C SER I 197 48.11 -18.18 -48.37
N CYS I 198 47.91 -17.08 -47.66
CA CYS I 198 47.25 -17.08 -46.36
C CYS I 198 45.82 -17.62 -46.42
N ASP I 199 45.07 -17.21 -47.45
CA ASP I 199 43.70 -17.66 -47.65
C ASP I 199 43.59 -19.13 -48.06
N MET I 200 44.64 -19.66 -48.69
CA MET I 200 44.65 -21.04 -49.17
C MET I 200 44.81 -22.03 -48.01
N TRP I 201 45.43 -21.58 -46.92
CA TRP I 201 45.43 -22.34 -45.66
C TRP I 201 44.04 -22.38 -45.04
N SER I 202 43.32 -21.26 -45.14
CA SER I 202 41.97 -21.16 -44.60
C SER I 202 40.99 -22.11 -45.31
N LEU I 203 41.13 -22.23 -46.63
CA LEU I 203 40.32 -23.17 -47.40
C LEU I 203 40.64 -24.63 -47.06
N GLY I 204 41.88 -24.88 -46.65
CA GLY I 204 42.29 -26.22 -46.20
C GLY I 204 41.60 -26.62 -44.91
N VAL I 205 41.61 -25.72 -43.92
CA VAL I 205 40.98 -25.98 -42.64
C VAL I 205 39.46 -26.11 -42.79
N ILE I 206 38.87 -25.20 -43.55
CA ILE I 206 37.43 -25.26 -43.85
C ILE I 206 37.06 -26.60 -44.51
N MET I 207 37.88 -27.05 -45.46
CA MET I 207 37.67 -28.34 -46.11
C MET I 207 37.79 -29.49 -45.12
N TYR I 208 38.82 -29.42 -44.26
CA TYR I 208 39.06 -30.46 -43.27
C TYR I 208 37.87 -30.61 -42.34
N ILE I 209 37.30 -29.49 -41.89
CA ILE I 209 36.15 -29.51 -40.99
C ILE I 209 34.90 -30.02 -41.71
N LEU I 210 34.72 -29.64 -42.97
CA LEU I 210 33.57 -30.08 -43.77
C LEU I 210 33.47 -31.59 -43.96
N LEU I 211 34.61 -32.28 -43.95
CA LEU I 211 34.65 -33.72 -44.24
C LEU I 211 34.48 -34.60 -43.00
N CYS I 212 34.99 -34.16 -41.86
CA CYS I 212 34.95 -34.96 -40.63
C CYS I 212 34.10 -34.35 -39.51
N GLY I 213 34.07 -33.02 -39.41
CA GLY I 213 33.30 -32.33 -38.40
C GLY I 213 34.12 -31.82 -37.21
N TYR I 214 35.43 -31.71 -37.39
CA TYR I 214 36.31 -31.11 -36.39
C TYR I 214 37.57 -30.56 -37.07
N PRO I 215 38.21 -29.56 -36.44
CA PRO I 215 39.39 -28.96 -37.06
C PRO I 215 40.62 -29.86 -36.96
N PRO I 216 41.60 -29.66 -37.86
CA PRO I 216 42.82 -30.48 -37.85
C PRO I 216 43.77 -30.16 -36.69
N PHE I 217 43.61 -29.00 -36.07
CA PHE I 217 44.44 -28.60 -34.92
C PHE I 217 43.58 -28.15 -33.75
N TYR I 218 43.89 -28.66 -32.56
CA TYR I 218 43.19 -28.26 -31.33
C TYR I 218 44.04 -28.54 -30.09
N SER I 219 43.57 -28.11 -28.92
CA SER I 219 44.24 -28.39 -27.66
C SER I 219 43.29 -29.06 -26.68
N GLY I 228 51.18 -25.47 -27.01
CA GLY I 228 50.66 -26.82 -27.16
C GLY I 228 50.13 -27.06 -28.56
N MET I 229 48.99 -26.44 -28.87
CA MET I 229 48.41 -26.49 -30.21
C MET I 229 49.26 -25.67 -31.19
N LYS I 230 49.69 -24.49 -30.75
CA LYS I 230 50.57 -23.63 -31.53
C LYS I 230 51.66 -24.44 -32.24
N THR I 231 52.33 -25.30 -31.47
CA THR I 231 53.40 -26.16 -31.98
C THR I 231 52.93 -27.04 -33.14
N ARG I 232 51.77 -27.67 -32.99
CA ARG I 232 51.23 -28.57 -34.02
C ARG I 232 50.95 -27.87 -35.35
N ILE I 233 50.53 -26.60 -35.27
CA ILE I 233 50.29 -25.80 -36.48
C ILE I 233 51.61 -25.49 -37.20
N ARG I 234 52.66 -25.23 -36.43
CA ARG I 234 53.99 -24.90 -36.98
C ARG I 234 54.65 -26.13 -37.61
N MET I 235 54.59 -27.25 -36.89
CA MET I 235 55.13 -28.52 -37.35
C MET I 235 54.29 -29.15 -38.46
N GLY I 236 53.00 -28.83 -38.49
CA GLY I 236 52.06 -29.41 -39.44
C GLY I 236 51.62 -30.81 -39.01
N GLN I 237 51.49 -31.02 -37.71
CA GLN I 237 51.09 -32.31 -37.14
C GLN I 237 49.58 -32.46 -37.11
N TYR I 238 49.05 -33.25 -38.04
CA TYR I 238 47.64 -33.60 -38.04
C TYR I 238 47.43 -34.99 -38.64
N GLU I 239 46.29 -35.58 -38.32
CA GLU I 239 45.97 -36.94 -38.73
C GLU I 239 44.68 -36.95 -39.54
N PHE I 240 44.44 -38.03 -40.27
CA PHE I 240 43.14 -38.32 -40.86
C PHE I 240 42.56 -39.55 -40.16
N PRO I 241 42.09 -39.38 -38.91
CA PRO I 241 41.76 -40.55 -38.09
C PRO I 241 40.45 -41.24 -38.45
N ASN I 242 40.40 -42.55 -38.22
CA ASN I 242 39.18 -43.33 -38.37
C ASN I 242 38.27 -43.11 -37.16
N PRO I 243 36.95 -43.36 -37.31
CA PRO I 243 36.24 -43.84 -38.50
C PRO I 243 35.78 -42.74 -39.46
N GLU I 244 36.12 -41.48 -39.16
CA GLU I 244 35.60 -40.35 -39.93
C GLU I 244 36.14 -40.34 -41.36
N TRP I 245 37.47 -40.40 -41.49
CA TRP I 245 38.13 -40.31 -42.80
C TRP I 245 38.29 -41.66 -43.51
N SER I 246 37.65 -42.71 -43.00
CA SER I 246 37.76 -44.04 -43.59
C SER I 246 37.24 -44.08 -45.02
N GLU I 247 36.12 -43.40 -45.24
CA GLU I 247 35.46 -43.40 -46.56
C GLU I 247 35.94 -42.26 -47.47
N VAL I 248 36.77 -41.36 -46.94
CA VAL I 248 37.32 -40.25 -47.73
C VAL I 248 38.50 -40.74 -48.57
N SER I 249 38.53 -40.34 -49.84
CA SER I 249 39.53 -40.83 -50.79
C SER I 249 40.91 -40.20 -50.57
N GLU I 250 41.93 -40.82 -51.16
CA GLU I 250 43.30 -40.31 -51.10
C GLU I 250 43.48 -39.06 -51.98
N GLU I 251 42.62 -38.92 -52.99
CA GLU I 251 42.59 -37.74 -53.84
C GLU I 251 42.26 -36.48 -53.04
N VAL I 252 41.21 -36.54 -52.24
CA VAL I 252 40.76 -35.42 -51.41
C VAL I 252 41.76 -35.11 -50.30
N LYS I 253 42.28 -36.16 -49.67
CA LYS I 253 43.30 -36.02 -48.63
C LYS I 253 44.54 -35.31 -49.18
N MET I 254 44.99 -35.72 -50.36
CA MET I 254 46.13 -35.07 -51.02
C MET I 254 45.89 -33.60 -51.32
N LEU I 255 44.64 -33.23 -51.60
CA LEU I 255 44.29 -31.83 -51.84
C LEU I 255 44.36 -31.03 -50.54
N ILE I 256 43.95 -31.66 -49.44
CA ILE I 256 44.06 -31.03 -48.12
C ILE I 256 45.53 -30.90 -47.72
N ARG I 257 46.33 -31.92 -48.02
CA ARG I 257 47.78 -31.90 -47.75
C ARG I 257 48.47 -30.71 -48.41
N ASN I 258 48.20 -30.50 -49.69
CA ASN I 258 48.80 -29.39 -50.45
C ASN I 258 48.25 -28.01 -50.07
N LEU I 259 47.11 -27.97 -49.38
CA LEU I 259 46.55 -26.73 -48.86
C LEU I 259 47.00 -26.44 -47.43
N LEU I 260 47.38 -27.48 -46.69
CA LEU I 260 47.86 -27.35 -45.30
C LEU I 260 49.37 -27.60 -45.17
N LYS I 261 50.15 -27.07 -46.11
CA LYS I 261 51.60 -27.19 -46.06
C LYS I 261 52.16 -26.12 -45.13
N THR I 262 53.18 -26.48 -44.34
CA THR I 262 53.81 -25.55 -43.40
C THR I 262 54.34 -24.30 -44.11
N GLU I 263 55.09 -24.53 -45.19
CA GLU I 263 55.68 -23.46 -45.98
C GLU I 263 54.63 -22.91 -46.97
N PRO I 264 54.36 -21.59 -46.92
CA PRO I 264 53.35 -20.99 -47.81
C PRO I 264 53.68 -20.96 -49.31
N THR I 265 54.98 -20.91 -49.64
CA THR I 265 55.41 -20.95 -51.05
C THR I 265 55.24 -22.36 -51.65
N GLN I 266 55.14 -23.36 -50.79
CA GLN I 266 54.88 -24.74 -51.20
C GLN I 266 53.38 -25.00 -51.38
N ARG I 267 52.56 -23.98 -51.11
CA ARG I 267 51.11 -24.13 -51.04
C ARG I 267 50.46 -23.92 -52.40
N MET I 268 49.35 -24.62 -52.60
CA MET I 268 48.60 -24.58 -53.87
C MET I 268 47.93 -23.22 -54.05
N THR I 269 47.96 -22.69 -55.27
CA THR I 269 47.34 -21.39 -55.57
C THR I 269 45.83 -21.55 -55.80
N ILE I 270 45.14 -20.42 -55.93
CA ILE I 270 43.68 -20.42 -56.08
C ILE I 270 43.24 -20.93 -57.46
N THR I 271 44.05 -20.67 -58.49
CA THR I 271 43.78 -21.19 -59.83
C THR I 271 44.00 -22.70 -59.88
N GLU I 272 45.08 -23.17 -59.26
CA GLU I 272 45.39 -24.60 -59.16
C GLU I 272 44.37 -25.35 -58.29
N PHE I 273 43.74 -24.63 -57.36
CA PHE I 273 42.68 -25.19 -56.51
C PHE I 273 41.39 -25.38 -57.30
N MET I 274 40.97 -24.34 -58.02
CA MET I 274 39.71 -24.37 -58.76
C MET I 274 39.74 -25.31 -59.97
N ASN I 275 40.94 -25.59 -60.49
CA ASN I 275 41.11 -26.52 -61.60
C ASN I 275 41.30 -27.98 -61.15
N HIS I 276 41.35 -28.20 -59.85
CA HIS I 276 41.43 -29.55 -59.30
C HIS I 276 40.15 -30.31 -59.64
N PRO I 277 40.28 -31.58 -60.10
CA PRO I 277 39.11 -32.34 -60.56
C PRO I 277 38.00 -32.46 -59.51
N TRP I 278 38.39 -32.64 -58.25
CA TRP I 278 37.45 -32.71 -57.14
C TRP I 278 36.58 -31.45 -56.99
N ILE I 279 37.14 -30.30 -57.37
CA ILE I 279 36.41 -29.03 -57.30
C ILE I 279 35.64 -28.76 -58.59
N MET I 280 36.29 -28.96 -59.74
CA MET I 280 35.66 -28.69 -61.04
C MET I 280 34.42 -29.55 -61.24
N GLN I 281 34.61 -30.87 -61.31
CA GLN I 281 33.50 -31.80 -61.42
C GLN I 281 32.94 -32.11 -60.03
N SER I 282 32.03 -31.25 -59.57
CA SER I 282 31.34 -31.46 -58.29
C SER I 282 30.31 -32.59 -58.37
N THR I 283 30.03 -33.06 -59.59
CA THR I 283 29.07 -34.14 -59.81
C THR I 283 29.72 -35.52 -59.85
N LYS I 284 30.96 -35.61 -60.33
CA LYS I 284 31.67 -36.89 -60.42
C LYS I 284 32.11 -37.42 -59.06
N VAL I 285 32.18 -36.54 -58.07
CA VAL I 285 32.50 -36.94 -56.70
C VAL I 285 31.41 -37.88 -56.16
N PRO I 286 31.81 -38.95 -55.45
CA PRO I 286 30.82 -39.92 -54.94
C PRO I 286 29.81 -39.33 -53.94
N GLN I 287 28.66 -40.01 -53.82
CA GLN I 287 27.61 -39.63 -52.87
C GLN I 287 27.84 -40.32 -51.51
N THR I 288 29.10 -40.42 -51.11
CA THR I 288 29.45 -41.09 -49.86
C THR I 288 29.11 -40.18 -48.67
N PRO I 289 28.45 -40.75 -47.63
CA PRO I 289 28.05 -39.96 -46.47
C PRO I 289 29.23 -39.58 -45.56
N LEU I 290 29.07 -38.49 -44.82
CA LEU I 290 30.11 -38.00 -43.90
C LEU I 290 29.59 -37.90 -42.48
N HIS I 291 30.51 -37.97 -41.52
CA HIS I 291 30.18 -37.88 -40.09
C HIS I 291 30.03 -36.44 -39.61
N THR I 292 30.37 -35.47 -40.46
CA THR I 292 30.38 -34.05 -40.12
C THR I 292 29.16 -33.61 -39.31
N SER I 293 27.98 -33.95 -39.81
CA SER I 293 26.73 -33.52 -39.19
C SER I 293 26.56 -34.06 -37.77
N ARG I 294 26.97 -35.31 -37.55
CA ARG I 294 26.85 -35.93 -36.21
C ARG I 294 27.95 -35.46 -35.26
N VAL I 295 29.14 -35.20 -35.80
CA VAL I 295 30.27 -34.76 -34.99
C VAL I 295 30.12 -33.30 -34.54
N LEU I 296 29.57 -32.46 -35.42
CA LEU I 296 29.26 -31.07 -35.07
C LEU I 296 28.28 -30.96 -33.90
N LYS I 297 27.24 -31.81 -33.91
CA LYS I 297 26.24 -31.84 -32.85
C LYS I 297 26.87 -31.84 -31.44
N GLU I 298 27.89 -32.68 -31.27
CA GLU I 298 28.65 -32.74 -30.03
C GLU I 298 29.62 -31.55 -29.97
N ASP I 299 29.35 -30.62 -29.05
CA ASP I 299 30.24 -29.47 -28.85
C ASP I 299 31.53 -29.88 -28.17
N HIS J 1 1.72 -45.87 -21.42
CA HIS J 1 0.35 -45.29 -21.23
C HIS J 1 0.42 -44.03 -20.36
N VAL J 2 1.11 -44.14 -19.23
CA VAL J 2 1.18 -43.08 -18.22
C VAL J 2 2.35 -42.14 -18.47
N LYS J 3 2.12 -40.85 -18.23
CA LYS J 3 3.12 -39.80 -18.44
C LYS J 3 3.15 -38.89 -17.21
N SER J 4 4.30 -38.29 -16.94
CA SER J 4 4.49 -37.52 -15.70
C SER J 4 3.72 -36.19 -15.70
N GLY J 5 3.38 -35.73 -14.50
CA GLY J 5 2.67 -34.46 -14.32
C GLY J 5 3.62 -33.29 -14.25
N LEU J 6 3.07 -32.08 -14.18
CA LEU J 6 3.90 -30.86 -14.20
C LEU J 6 4.63 -30.65 -12.88
N GLN J 7 5.96 -30.68 -12.94
CA GLN J 7 6.81 -30.56 -11.76
C GLN J 7 6.78 -29.17 -11.12
N ILE J 8 6.77 -28.13 -11.97
CA ILE J 8 6.66 -26.72 -11.55
C ILE J 8 7.62 -26.27 -10.42
N LYS J 9 8.83 -25.88 -10.81
CA LYS J 9 9.89 -25.52 -9.85
C LYS J 9 9.68 -24.16 -9.19
N LYS J 10 10.25 -24.00 -8.01
CA LYS J 10 10.08 -22.80 -7.19
C LYS J 10 11.34 -21.94 -7.08
N ASN J 11 12.52 -22.56 -7.19
CA ASN J 11 13.79 -21.81 -7.14
C ASN J 11 13.93 -20.83 -8.32
N ALA J 12 14.90 -19.93 -8.22
CA ALA J 12 15.10 -18.89 -9.24
C ALA J 12 15.63 -19.47 -10.55
N ILE J 13 15.20 -18.90 -11.69
CA ILE J 13 15.63 -19.39 -13.01
C ILE J 13 17.14 -19.14 -13.15
N ILE J 14 17.59 -17.99 -12.65
CA ILE J 14 18.99 -17.59 -12.74
C ILE J 14 19.97 -18.63 -12.19
N ASP J 15 19.52 -19.45 -11.24
CA ASP J 15 20.31 -20.58 -10.73
C ASP J 15 20.63 -21.60 -11.83
N ASP J 16 19.66 -21.83 -12.72
CA ASP J 16 19.77 -22.85 -13.77
C ASP J 16 19.97 -22.28 -15.18
N TYR J 17 19.43 -21.10 -15.45
CA TYR J 17 19.52 -20.48 -16.77
C TYR J 17 20.13 -19.09 -16.69
N LYS J 18 20.72 -18.64 -17.80
CA LYS J 18 21.15 -17.26 -17.96
C LYS J 18 20.09 -16.54 -18.80
N VAL J 19 19.48 -15.51 -18.23
CA VAL J 19 18.44 -14.74 -18.92
C VAL J 19 19.06 -13.56 -19.67
N THR J 20 18.96 -13.57 -21.00
CA THR J 20 19.52 -12.51 -21.84
C THR J 20 18.43 -11.55 -22.35
N SER J 21 18.86 -10.54 -23.10
CA SER J 21 17.96 -9.54 -23.69
C SER J 21 17.78 -9.74 -25.20
N GLN J 22 17.91 -10.98 -25.67
CA GLN J 22 17.66 -11.32 -27.07
C GLN J 22 16.19 -11.72 -27.25
N VAL J 23 15.37 -10.75 -27.65
CA VAL J 23 13.94 -10.98 -27.84
C VAL J 23 13.68 -11.70 -29.15
N LEU J 24 12.83 -12.72 -29.11
CA LEU J 24 12.48 -13.49 -30.30
C LEU J 24 11.07 -13.20 -30.80
N GLY J 25 10.30 -12.40 -30.04
CA GLY J 25 8.97 -11.96 -30.49
C GLY J 25 8.03 -11.51 -29.38
N LEU J 26 6.96 -10.82 -29.78
CA LEU J 26 5.89 -10.44 -28.86
C LEU J 26 4.71 -11.41 -29.00
N GLY J 27 3.70 -11.25 -28.15
CA GLY J 27 2.48 -12.07 -28.25
C GLY J 27 1.53 -11.93 -27.07
N ILE J 28 0.53 -12.79 -27.02
CA ILE J 28 -0.46 -12.76 -25.94
C ILE J 28 0.19 -13.14 -24.61
N ASN J 29 -0.08 -12.33 -23.59
CA ASN J 29 0.42 -12.55 -22.22
C ASN J 29 1.90 -12.20 -21.99
N GLY J 30 2.59 -11.71 -23.02
CA GLY J 30 3.99 -11.28 -22.91
C GLY J 30 4.83 -11.59 -24.14
N LYS J 31 6.04 -11.02 -24.19
CA LYS J 31 6.99 -11.29 -25.28
C LYS J 31 7.92 -12.44 -24.90
N VAL J 32 8.53 -13.06 -25.91
CA VAL J 32 9.41 -14.21 -25.72
C VAL J 32 10.89 -13.84 -25.85
N LEU J 33 11.62 -13.96 -24.74
CA LEU J 33 13.07 -13.75 -24.71
C LEU J 33 13.79 -15.07 -24.98
N GLN J 34 15.10 -15.00 -25.18
CA GLN J 34 15.92 -16.18 -25.44
C GLN J 34 16.92 -16.35 -24.31
N ILE J 35 16.80 -17.45 -23.57
CA ILE J 35 17.66 -17.72 -22.43
C ILE J 35 18.70 -18.77 -22.79
N PHE J 36 19.55 -19.15 -21.83
CA PHE J 36 20.57 -20.17 -22.04
C PHE J 36 20.74 -21.04 -20.81
N ASN J 37 20.78 -22.36 -21.01
CA ASN J 37 21.04 -23.30 -19.93
C ASN J 37 22.48 -23.18 -19.44
N LYS J 38 22.66 -23.13 -18.12
CA LYS J 38 23.99 -22.94 -17.53
C LYS J 38 24.80 -24.23 -17.51
N ARG J 39 24.14 -25.35 -17.19
CA ARG J 39 24.80 -26.66 -17.13
C ARG J 39 25.40 -27.03 -18.48
N THR J 40 24.57 -27.02 -19.52
CA THR J 40 25.02 -27.22 -20.90
C THR J 40 25.24 -25.83 -21.52
N GLN J 41 24.92 -25.67 -22.80
CA GLN J 41 24.88 -24.35 -23.43
C GLN J 41 23.71 -24.23 -24.41
N GLU J 42 22.69 -25.06 -24.24
CA GLU J 42 21.52 -25.04 -25.13
C GLU J 42 20.77 -23.72 -24.98
N LYS J 43 20.04 -23.34 -26.02
CA LYS J 43 19.32 -22.06 -26.03
C LYS J 43 18.07 -22.10 -25.15
N PHE J 44 16.98 -22.67 -25.66
CA PHE J 44 15.65 -22.60 -25.02
C PHE J 44 15.07 -21.19 -25.09
N ALA J 45 13.74 -21.12 -25.22
CA ALA J 45 13.01 -19.85 -25.22
C ALA J 45 12.29 -19.68 -23.89
N LEU J 46 12.03 -18.44 -23.50
CA LEU J 46 11.39 -18.15 -22.22
C LEU J 46 10.17 -17.27 -22.41
N LYS J 47 8.99 -17.82 -22.09
CA LYS J 47 7.76 -17.02 -22.05
C LYS J 47 7.49 -16.58 -20.62
N MET J 48 7.04 -15.33 -20.49
CA MET J 48 7.01 -14.62 -19.21
C MET J 48 5.58 -14.18 -18.87
N LEU J 49 4.90 -15.01 -18.07
CA LEU J 49 3.51 -14.74 -17.66
C LEU J 49 3.47 -14.37 -16.18
N GLN J 50 2.58 -13.44 -15.83
CA GLN J 50 2.31 -13.13 -14.44
C GLN J 50 1.18 -14.04 -13.95
N ASP J 51 1.24 -14.43 -12.67
CA ASP J 51 0.33 -15.42 -12.11
C ASP J 51 -1.07 -14.84 -11.91
N CYS J 52 -2.06 -15.59 -12.41
CA CYS J 52 -3.48 -15.32 -12.19
C CYS J 52 -4.27 -16.42 -12.90
N PRO J 53 -5.12 -17.16 -12.17
CA PRO J 53 -5.93 -18.24 -12.77
C PRO J 53 -6.44 -17.90 -14.18
N LYS J 54 -5.57 -18.13 -15.16
CA LYS J 54 -5.77 -17.72 -16.56
C LYS J 54 -4.45 -17.92 -17.32
N ALA J 55 -3.37 -17.46 -16.70
CA ALA J 55 -2.01 -17.80 -17.12
C ALA J 55 -1.69 -19.22 -16.66
N ARG J 56 -2.16 -19.57 -15.46
CA ARG J 56 -1.98 -20.92 -14.92
C ARG J 56 -2.79 -21.95 -15.69
N ARG J 57 -3.88 -21.51 -16.32
CA ARG J 57 -4.62 -22.35 -17.26
C ARG J 57 -3.79 -22.63 -18.51
N GLU J 58 -3.12 -21.61 -19.03
CA GLU J 58 -2.28 -21.75 -20.21
C GLU J 58 -1.22 -22.83 -20.01
N VAL J 59 -0.43 -22.70 -18.95
CA VAL J 59 0.64 -23.66 -18.66
C VAL J 59 0.07 -25.07 -18.47
N GLU J 60 -1.14 -25.15 -17.93
CA GLU J 60 -1.83 -26.41 -17.67
C GLU J 60 -2.22 -27.12 -18.97
N LEU J 61 -2.82 -26.37 -19.90
CA LEU J 61 -3.23 -26.92 -21.18
C LEU J 61 -2.00 -27.27 -22.03
N HIS J 62 -1.05 -26.32 -22.10
CA HIS J 62 0.17 -26.49 -22.87
C HIS J 62 0.90 -27.79 -22.48
N TRP J 63 1.05 -28.02 -21.18
CA TRP J 63 1.70 -29.23 -20.68
C TRP J 63 1.01 -30.51 -21.16
N ARG J 64 -0.32 -30.52 -21.17
CA ARG J 64 -1.06 -31.68 -21.66
C ARG J 64 -0.84 -31.87 -23.15
N ALA J 65 -0.85 -30.77 -23.89
CA ALA J 65 -0.60 -30.80 -25.34
C ALA J 65 0.87 -31.05 -25.69
N SER J 66 1.76 -30.78 -24.74
CA SER J 66 3.22 -30.86 -24.97
C SER J 66 3.70 -32.20 -25.53
N GLN J 67 3.01 -33.28 -25.17
CA GLN J 67 3.41 -34.62 -25.60
C GLN J 67 3.38 -34.75 -27.13
N CYS J 68 2.45 -34.05 -27.76
CA CYS J 68 2.30 -34.04 -29.22
C CYS J 68 3.53 -33.47 -29.93
N PRO J 69 4.23 -34.29 -30.75
CA PRO J 69 5.45 -33.88 -31.46
C PRO J 69 5.36 -32.56 -32.21
N HIS J 70 4.20 -32.25 -32.79
CA HIS J 70 4.01 -31.02 -33.55
C HIS J 70 3.50 -29.86 -32.68
N ILE J 71 3.68 -29.96 -31.37
CA ILE J 71 3.43 -28.86 -30.44
C ILE J 71 4.70 -28.57 -29.67
N VAL J 72 4.96 -27.29 -29.40
CA VAL J 72 6.18 -26.88 -28.71
C VAL J 72 6.24 -27.44 -27.28
N ARG J 73 7.33 -28.13 -26.97
CA ARG J 73 7.56 -28.69 -25.63
C ARG J 73 7.95 -27.62 -24.63
N ILE J 74 7.39 -27.72 -23.44
CA ILE J 74 7.82 -26.89 -22.31
C ILE J 74 8.69 -27.76 -21.41
N VAL J 75 9.97 -27.41 -21.31
CA VAL J 75 10.95 -28.24 -20.57
C VAL J 75 10.82 -28.08 -19.06
N ASP J 76 10.52 -26.86 -18.62
CA ASP J 76 10.31 -26.55 -17.21
C ASP J 76 9.34 -25.37 -17.10
N VAL J 77 8.71 -25.24 -15.93
CA VAL J 77 7.93 -24.05 -15.59
C VAL J 77 8.36 -23.59 -14.21
N TYR J 78 8.65 -22.30 -14.07
CA TYR J 78 9.15 -21.75 -12.81
C TYR J 78 8.14 -20.77 -12.22
N GLU J 79 7.90 -20.89 -10.92
CA GLU J 79 7.10 -19.93 -10.18
C GLU J 79 8.03 -19.05 -9.36
N ASN J 80 8.20 -17.79 -9.79
CA ASN J 80 9.13 -16.85 -9.16
C ASN J 80 8.50 -15.50 -8.84
N LEU J 81 9.23 -14.70 -8.08
CA LEU J 81 8.86 -13.33 -7.77
C LEU J 81 9.68 -12.35 -8.61
N TYR J 82 9.03 -11.72 -9.59
CA TYR J 82 9.68 -10.71 -10.42
C TYR J 82 9.20 -9.31 -10.02
N ALA J 83 10.16 -8.43 -9.70
CA ALA J 83 9.86 -7.13 -9.08
C ALA J 83 9.28 -7.34 -7.68
N GLY J 84 8.04 -7.79 -7.62
CA GLY J 84 7.39 -8.15 -6.35
C GLY J 84 6.04 -8.82 -6.56
N ARG J 85 5.97 -9.77 -7.49
CA ARG J 85 4.73 -10.48 -7.76
C ARG J 85 4.96 -11.83 -8.42
N LYS J 86 4.03 -12.75 -8.16
CA LYS J 86 4.14 -14.14 -8.62
C LYS J 86 4.16 -14.20 -10.14
N CYS J 87 5.20 -14.84 -10.68
CA CYS J 87 5.34 -14.99 -12.13
C CYS J 87 5.57 -16.44 -12.50
N LEU J 88 4.88 -16.88 -13.56
CA LEU J 88 5.10 -18.21 -14.13
C LEU J 88 6.01 -18.05 -15.35
N LEU J 89 7.24 -18.56 -15.24
CA LEU J 89 8.19 -18.50 -16.35
C LEU J 89 8.24 -19.86 -17.06
N ILE J 90 7.77 -19.88 -18.31
CA ILE J 90 7.71 -21.10 -19.09
C ILE J 90 8.94 -21.23 -19.98
N VAL J 91 9.77 -22.23 -19.70
CA VAL J 91 10.94 -22.52 -20.52
C VAL J 91 10.58 -23.55 -21.58
N MET J 92 10.69 -23.17 -22.86
CA MET J 92 10.31 -24.05 -23.96
C MET J 92 11.53 -24.46 -24.78
N GLU J 93 11.34 -25.48 -25.61
CA GLU J 93 12.36 -25.88 -26.59
C GLU J 93 12.57 -24.76 -27.60
N CYS J 94 13.75 -24.72 -28.20
CA CYS J 94 14.11 -23.64 -29.11
C CYS J 94 13.66 -23.93 -30.54
N LEU J 95 12.79 -23.07 -31.07
CA LEU J 95 12.34 -23.18 -32.46
C LEU J 95 12.94 -22.03 -33.27
N ASP J 96 14.16 -22.22 -33.75
CA ASP J 96 14.86 -21.18 -34.52
C ASP J 96 14.79 -21.40 -36.03
N GLY J 97 13.82 -22.18 -36.49
CA GLY J 97 13.62 -22.46 -37.91
C GLY J 97 12.77 -21.43 -38.65
N GLY J 98 12.33 -20.39 -37.94
CA GLY J 98 11.54 -19.32 -38.54
C GLY J 98 10.06 -19.64 -38.66
N GLU J 99 9.27 -18.61 -38.97
CA GLU J 99 7.83 -18.78 -39.17
C GLU J 99 7.56 -19.58 -40.43
N LEU J 100 6.46 -20.32 -40.44
CA LEU J 100 6.12 -21.20 -41.57
C LEU J 100 6.31 -20.48 -42.91
N PHE J 101 5.64 -19.34 -43.06
CA PHE J 101 5.65 -18.63 -44.34
C PHE J 101 6.92 -17.83 -44.58
N SER J 102 7.72 -17.58 -43.54
CA SER J 102 9.03 -16.99 -43.72
C SER J 102 9.97 -17.95 -44.45
N ARG J 103 9.82 -19.24 -44.16
CA ARG J 103 10.56 -20.29 -44.88
C ARG J 103 10.09 -20.42 -46.34
N ILE J 104 8.79 -20.27 -46.56
CA ILE J 104 8.23 -20.35 -47.91
C ILE J 104 8.51 -19.06 -48.72
N GLN J 105 8.77 -17.96 -48.02
CA GLN J 105 9.01 -16.66 -48.65
C GLN J 105 10.26 -16.61 -49.52
N ASP J 106 11.27 -17.44 -49.19
CA ASP J 106 12.55 -17.40 -49.90
C ASP J 106 12.85 -18.73 -50.56
N ALA J 111 10.91 -24.17 -55.55
CA ALA J 111 9.67 -24.20 -56.31
C ALA J 111 8.46 -24.18 -55.38
N PHE J 112 8.48 -25.05 -54.38
CA PHE J 112 7.35 -25.27 -53.46
C PHE J 112 6.13 -25.83 -54.21
N THR J 113 5.95 -27.14 -54.10
CA THR J 113 4.91 -27.85 -54.84
C THR J 113 3.63 -27.97 -54.02
N GLU J 114 2.57 -28.48 -54.65
CA GLU J 114 1.31 -28.77 -53.96
C GLU J 114 1.49 -29.90 -52.94
N ARG J 115 2.34 -30.86 -53.28
CA ARG J 115 2.67 -31.97 -52.37
C ARG J 115 3.26 -31.46 -51.05
N GLU J 116 4.17 -30.49 -51.15
CA GLU J 116 4.77 -29.89 -49.95
C GLU J 116 3.72 -29.18 -49.09
N ALA J 117 2.70 -28.62 -49.74
CA ALA J 117 1.58 -27.99 -49.04
C ALA J 117 0.78 -29.01 -48.24
N SER J 118 0.55 -30.18 -48.83
CA SER J 118 -0.18 -31.25 -48.15
C SER J 118 0.56 -31.75 -46.91
N GLU J 119 1.88 -31.86 -47.02
CA GLU J 119 2.72 -32.28 -45.91
C GLU J 119 2.74 -31.26 -44.77
N ILE J 120 2.59 -29.98 -45.10
CA ILE J 120 2.50 -28.93 -44.09
C ILE J 120 1.17 -29.01 -43.36
N MET J 121 0.08 -29.11 -44.13
CA MET J 121 -1.27 -29.16 -43.57
C MET J 121 -1.51 -30.39 -42.69
N LYS J 122 -0.80 -31.48 -42.97
CA LYS J 122 -0.91 -32.69 -42.16
C LYS J 122 -0.24 -32.51 -40.79
N SER J 123 0.93 -31.88 -40.78
CA SER J 123 1.65 -31.58 -39.53
C SER J 123 0.82 -30.68 -38.61
N ILE J 124 0.31 -29.59 -39.18
CA ILE J 124 -0.53 -28.66 -38.43
C ILE J 124 -1.83 -29.36 -38.04
N GLY J 125 -2.31 -30.24 -38.92
CA GLY J 125 -3.51 -31.03 -38.64
C GLY J 125 -3.34 -32.04 -37.53
N GLU J 126 -2.13 -32.61 -37.39
CA GLU J 126 -1.84 -33.55 -36.31
C GLU J 126 -1.83 -32.85 -34.94
N ALA J 127 -1.30 -31.64 -34.90
CA ALA J 127 -1.34 -30.81 -33.69
C ALA J 127 -2.78 -30.56 -33.25
N ILE J 128 -3.65 -30.25 -34.20
CA ILE J 128 -5.07 -30.01 -33.93
C ILE J 128 -5.79 -31.32 -33.58
N GLN J 129 -5.40 -32.43 -34.23
CA GLN J 129 -6.02 -33.73 -33.92
C GLN J 129 -5.82 -34.12 -32.47
N TYR J 130 -4.59 -33.94 -31.97
CA TYR J 130 -4.26 -34.30 -30.59
C TYR J 130 -4.95 -33.39 -29.58
N LEU J 131 -4.91 -32.08 -29.85
CA LEU J 131 -5.55 -31.09 -28.96
C LEU J 131 -7.06 -31.32 -28.82
N HIS J 132 -7.71 -31.64 -29.94
CA HIS J 132 -9.15 -31.91 -29.96
C HIS J 132 -9.49 -33.25 -29.32
N SER J 133 -8.56 -34.21 -29.38
CA SER J 133 -8.76 -35.54 -28.79
C SER J 133 -8.65 -35.54 -27.27
N ILE J 134 -8.12 -34.48 -26.68
CA ILE J 134 -8.08 -34.31 -25.22
C ILE J 134 -8.85 -33.06 -24.79
N ASN J 135 -9.81 -32.67 -25.63
CA ASN J 135 -10.73 -31.56 -25.34
C ASN J 135 -10.04 -30.23 -25.07
N ILE J 136 -9.19 -29.82 -26.01
CA ILE J 136 -8.52 -28.52 -25.99
C ILE J 136 -8.74 -27.84 -27.33
N ALA J 137 -9.32 -26.64 -27.30
CA ALA J 137 -9.39 -25.79 -28.48
C ALA J 137 -8.21 -24.83 -28.41
N HIS J 138 -7.48 -24.67 -29.51
CA HIS J 138 -6.35 -23.76 -29.55
C HIS J 138 -6.83 -22.32 -29.64
N ARG J 139 -7.80 -22.09 -30.53
CA ARG J 139 -8.50 -20.79 -30.66
C ARG J 139 -7.63 -19.67 -31.24
N ASP J 140 -6.44 -19.99 -31.74
CA ASP J 140 -5.52 -18.98 -32.26
C ASP J 140 -4.44 -19.62 -33.15
N VAL J 141 -4.86 -20.55 -34.01
CA VAL J 141 -3.95 -21.22 -34.92
C VAL J 141 -3.72 -20.32 -36.13
N LYS J 142 -2.67 -19.51 -36.06
CA LYS J 142 -2.36 -18.55 -37.12
C LYS J 142 -0.96 -18.77 -37.69
N PRO J 143 -0.63 -18.12 -38.83
CA PRO J 143 0.71 -18.17 -39.39
C PRO J 143 1.82 -17.91 -38.38
N GLU J 144 1.67 -16.89 -37.55
CA GLU J 144 2.72 -16.47 -36.62
C GLU J 144 3.01 -17.53 -35.54
N ASN J 145 2.00 -18.32 -35.17
CA ASN J 145 2.14 -19.36 -34.14
C ASN J 145 2.56 -20.72 -34.69
N LEU J 146 3.24 -20.73 -35.85
CA LEU J 146 3.66 -21.98 -36.48
C LEU J 146 5.12 -21.89 -36.87
N LEU J 147 6.00 -22.44 -36.02
CA LEU J 147 7.44 -22.31 -36.20
C LEU J 147 8.14 -23.64 -36.48
N TYR J 148 9.24 -23.56 -37.23
CA TYR J 148 10.09 -24.72 -37.49
C TYR J 148 11.17 -24.82 -36.40
N THR J 149 11.67 -26.04 -36.18
CA THR J 149 12.65 -26.30 -35.13
C THR J 149 14.02 -25.72 -35.47
N SER J 150 14.50 -26.06 -36.65
CA SER J 150 15.80 -25.61 -37.13
C SER J 150 15.72 -25.19 -38.59
N LYS J 151 16.83 -24.69 -39.13
CA LYS J 151 16.89 -24.31 -40.54
C LYS J 151 17.04 -25.50 -41.49
N ARG J 152 17.34 -26.68 -40.96
CA ARG J 152 17.57 -27.86 -41.80
C ARG J 152 16.29 -28.37 -42.47
N PRO J 153 16.35 -28.69 -43.79
CA PRO J 153 15.20 -29.23 -44.51
C PRO J 153 14.85 -30.65 -44.03
N ASN J 154 13.71 -30.76 -43.35
CA ASN J 154 13.28 -31.93 -42.56
C ASN J 154 12.76 -31.47 -41.19
N ALA J 155 13.18 -30.28 -40.76
CA ALA J 155 12.76 -29.71 -39.49
C ALA J 155 11.24 -29.78 -39.32
N ILE J 156 10.80 -30.11 -38.11
CA ILE J 156 9.39 -30.31 -37.83
C ILE J 156 8.69 -28.96 -37.56
N LEU J 157 7.54 -28.76 -38.18
CA LEU J 157 6.71 -27.59 -37.92
C LEU J 157 5.94 -27.84 -36.63
N LYS J 158 5.96 -26.87 -35.73
CA LYS J 158 5.31 -27.01 -34.43
C LYS J 158 4.42 -25.81 -34.10
N LEU J 159 3.27 -26.09 -33.50
CA LEU J 159 2.31 -25.06 -33.08
C LEU J 159 2.73 -24.50 -31.73
N THR J 160 2.43 -23.22 -31.50
CA THR J 160 2.85 -22.53 -30.27
C THR J 160 1.75 -21.60 -29.72
N ASP J 161 2.02 -21.05 -28.53
CA ASP J 161 1.17 -20.04 -27.89
C ASP J 161 -0.24 -20.55 -27.55
N PHE J 162 -0.42 -20.93 -26.27
CA PHE J 162 -1.71 -21.43 -25.79
C PHE J 162 -2.47 -20.40 -24.95
N GLY J 163 -2.20 -19.12 -25.19
CA GLY J 163 -2.85 -18.04 -24.44
C GLY J 163 -4.36 -18.04 -24.57
N PHE J 164 -4.85 -18.35 -25.77
CA PHE J 164 -6.29 -18.37 -26.04
C PHE J 164 -6.90 -19.76 -25.91
N ALA J 165 -6.11 -20.74 -25.48
CA ALA J 165 -6.58 -22.13 -25.40
C ALA J 165 -7.59 -22.34 -24.27
N LYS J 166 -8.59 -23.17 -24.51
CA LYS J 166 -9.68 -23.41 -23.56
C LYS J 166 -10.12 -24.88 -23.58
N GLU J 167 -10.52 -25.38 -22.41
CA GLU J 167 -11.10 -26.72 -22.32
C GLU J 167 -12.51 -26.72 -22.88
N THR J 168 -12.83 -27.72 -23.69
CA THR J 168 -14.12 -27.78 -24.39
C THR J 168 -15.07 -28.84 -23.80
N THR J 169 -15.22 -28.82 -22.48
CA THR J 169 -16.19 -29.70 -21.80
C THR J 169 -16.88 -28.98 -20.65
N PRO J 181 -22.98 -45.56 -22.28
CA PRO J 181 -23.17 -46.75 -23.08
C PRO J 181 -22.52 -46.65 -24.46
N TYR J 182 -22.71 -47.70 -25.26
CA TYR J 182 -22.06 -47.82 -26.57
C TYR J 182 -22.94 -47.35 -27.73
N TYR J 183 -24.21 -47.09 -27.43
CA TYR J 183 -25.19 -46.60 -28.41
C TYR J 183 -25.53 -45.12 -28.22
N VAL J 184 -24.92 -44.49 -27.22
CA VAL J 184 -25.20 -43.08 -26.88
C VAL J 184 -24.60 -42.14 -27.94
N ALA J 185 -25.26 -40.99 -28.14
CA ALA J 185 -24.81 -39.99 -29.09
C ALA J 185 -23.78 -39.05 -28.46
N PRO J 186 -22.97 -38.36 -29.29
CA PRO J 186 -21.93 -37.45 -28.78
C PRO J 186 -22.46 -36.25 -28.01
N GLU J 187 -23.53 -35.63 -28.52
CA GLU J 187 -24.12 -34.45 -27.84
C GLU J 187 -24.73 -34.80 -26.48
N VAL J 188 -25.06 -36.08 -26.27
CA VAL J 188 -25.60 -36.54 -25.00
C VAL J 188 -24.52 -36.66 -23.92
N LEU J 189 -23.26 -36.74 -24.35
CA LEU J 189 -22.14 -36.82 -23.41
C LEU J 189 -21.84 -35.45 -22.81
N TYR J 194 -19.33 -24.50 -29.14
CA TYR J 194 -18.44 -24.96 -30.21
C TYR J 194 -17.24 -24.02 -30.43
N ASP J 195 -16.12 -24.36 -29.81
CA ASP J 195 -14.85 -23.67 -30.02
C ASP J 195 -13.89 -24.48 -30.89
N LYS J 196 -14.11 -25.80 -30.96
CA LYS J 196 -13.29 -26.67 -31.78
C LYS J 196 -13.37 -26.26 -33.26
N SER J 197 -14.56 -25.90 -33.72
CA SER J 197 -14.78 -25.49 -35.11
C SER J 197 -13.98 -24.25 -35.50
N CYS J 198 -13.68 -23.39 -34.51
CA CYS J 198 -12.85 -22.20 -34.71
C CYS J 198 -11.44 -22.52 -35.24
N ASP J 199 -10.90 -23.67 -34.85
CA ASP J 199 -9.59 -24.14 -35.33
C ASP J 199 -9.66 -24.61 -36.78
N MET J 200 -10.79 -25.17 -37.19
CA MET J 200 -10.96 -25.71 -38.54
C MET J 200 -11.10 -24.59 -39.57
N TRP J 201 -11.65 -23.46 -39.16
CA TRP J 201 -11.65 -22.25 -39.99
C TRP J 201 -10.23 -21.81 -40.25
N SER J 202 -9.41 -21.80 -39.20
CA SER J 202 -8.04 -21.31 -39.29
C SER J 202 -7.16 -22.19 -40.18
N LEU J 203 -7.35 -23.50 -40.11
CA LEU J 203 -6.67 -24.42 -41.04
C LEU J 203 -7.09 -24.14 -42.48
N GLY J 204 -8.36 -23.78 -42.68
CA GLY J 204 -8.86 -23.38 -43.98
C GLY J 204 -8.23 -22.12 -44.51
N VAL J 205 -7.83 -21.22 -43.61
CA VAL J 205 -7.12 -20.00 -43.98
C VAL J 205 -5.64 -20.30 -44.26
N ILE J 206 -5.02 -21.11 -43.42
CA ILE J 206 -3.62 -21.53 -43.60
C ILE J 206 -3.44 -22.28 -44.93
N MET J 207 -4.37 -23.19 -45.22
CA MET J 207 -4.34 -23.96 -46.46
C MET J 207 -4.49 -23.06 -47.69
N TYR J 208 -5.33 -22.03 -47.57
CA TYR J 208 -5.56 -21.09 -48.67
C TYR J 208 -4.31 -20.28 -48.96
N ILE J 209 -3.66 -19.75 -47.92
CA ILE J 209 -2.45 -18.95 -48.08
C ILE J 209 -1.30 -19.80 -48.63
N LEU J 210 -1.22 -21.05 -48.17
CA LEU J 210 -0.20 -22.00 -48.64
C LEU J 210 -0.27 -22.27 -50.16
N LEU J 211 -1.48 -22.31 -50.70
CA LEU J 211 -1.69 -22.71 -52.10
C LEU J 211 -1.51 -21.57 -53.12
N CYS J 212 -1.76 -20.33 -52.71
CA CYS J 212 -1.62 -19.18 -53.62
C CYS J 212 -0.62 -18.12 -53.15
N GLY J 213 -0.55 -17.89 -51.84
CA GLY J 213 0.40 -16.93 -51.26
C GLY J 213 -0.23 -15.65 -50.72
N TYR J 214 -1.57 -15.64 -50.61
CA TYR J 214 -2.29 -14.53 -50.00
C TYR J 214 -3.57 -15.07 -49.35
N PRO J 215 -4.11 -14.33 -48.36
CA PRO J 215 -5.31 -14.83 -47.66
C PRO J 215 -6.59 -14.68 -48.49
N PRO J 216 -7.66 -15.38 -48.09
CA PRO J 216 -8.94 -15.32 -48.81
C PRO J 216 -9.70 -14.01 -48.56
N PHE J 217 -9.47 -13.38 -47.42
CA PHE J 217 -10.10 -12.10 -47.09
C PHE J 217 -9.05 -11.02 -46.84
N TYR J 218 -9.26 -9.84 -47.41
CA TYR J 218 -8.31 -8.72 -47.23
C TYR J 218 -8.90 -7.37 -47.64
N SER J 219 -8.16 -6.30 -47.37
CA SER J 219 -8.58 -4.95 -47.73
C SER J 219 -7.37 -4.08 -48.03
N GLY J 228 -15.59 -3.36 -44.12
CA GLY J 228 -15.25 -3.77 -45.48
C GLY J 228 -14.87 -5.23 -45.56
N MET J 229 -13.69 -5.55 -45.02
CA MET J 229 -13.20 -6.94 -44.98
C MET J 229 -14.02 -7.77 -44.00
N LYS J 230 -14.42 -7.14 -42.89
CA LYS J 230 -15.24 -7.80 -41.87
C LYS J 230 -16.52 -8.38 -42.47
N THR J 231 -17.13 -7.64 -43.40
CA THR J 231 -18.35 -8.09 -44.07
C THR J 231 -18.09 -9.29 -44.98
N ARG J 232 -16.99 -9.24 -45.75
CA ARG J 232 -16.61 -10.35 -46.61
C ARG J 232 -16.43 -11.66 -45.83
N ILE J 233 -15.94 -11.58 -44.60
CA ILE J 233 -15.78 -12.75 -43.74
C ILE J 233 -17.14 -13.30 -43.30
N ARG J 234 -18.07 -12.40 -42.94
CA ARG J 234 -19.43 -12.80 -42.55
C ARG J 234 -20.19 -13.45 -43.71
N MET J 235 -20.10 -12.85 -44.89
CA MET J 235 -20.76 -13.35 -46.09
C MET J 235 -20.09 -14.63 -46.61
N GLY J 236 -18.79 -14.77 -46.33
CA GLY J 236 -18.00 -15.87 -46.86
C GLY J 236 -17.62 -15.61 -48.30
N GLN J 237 -17.31 -14.36 -48.62
CA GLN J 237 -16.99 -13.94 -49.97
C GLN J 237 -15.49 -14.06 -50.26
N TYR J 238 -15.15 -15.03 -51.10
CA TYR J 238 -13.77 -15.22 -51.54
C TYR J 238 -13.76 -16.01 -52.85
N GLU J 239 -12.67 -15.84 -53.61
CA GLU J 239 -12.52 -16.44 -54.93
C GLU J 239 -11.32 -17.36 -54.94
N PHE J 240 -11.19 -18.16 -55.99
CA PHE J 240 -9.97 -18.88 -56.32
C PHE J 240 -9.45 -18.33 -57.64
N PRO J 241 -8.87 -17.10 -57.63
CA PRO J 241 -8.57 -16.43 -58.89
C PRO J 241 -7.37 -16.99 -59.64
N ASN J 242 -7.37 -16.80 -60.96
CA ASN J 242 -6.22 -17.14 -61.80
C ASN J 242 -5.16 -16.04 -61.70
N PRO J 243 -3.89 -16.36 -62.00
CA PRO J 243 -3.33 -17.64 -62.43
C PRO J 243 -2.89 -18.54 -61.27
N GLU J 244 -3.09 -18.09 -60.03
CA GLU J 244 -2.60 -18.80 -58.86
C GLU J 244 -3.36 -20.11 -58.64
N TRP J 245 -4.67 -20.07 -58.79
CA TRP J 245 -5.53 -21.24 -58.55
C TRP J 245 -5.91 -22.00 -59.82
N SER J 246 -5.25 -21.68 -60.94
CA SER J 246 -5.54 -22.33 -62.22
C SER J 246 -5.17 -23.81 -62.21
N GLU J 247 -3.99 -24.12 -61.67
CA GLU J 247 -3.48 -25.49 -61.63
C GLU J 247 -3.94 -26.30 -60.42
N VAL J 248 -4.47 -25.61 -59.40
CA VAL J 248 -4.93 -26.29 -58.18
C VAL J 248 -6.21 -27.09 -58.47
N SER J 249 -6.24 -28.33 -57.96
CA SER J 249 -7.34 -29.25 -58.24
C SER J 249 -8.64 -28.81 -57.56
N GLU J 250 -9.76 -29.33 -58.06
CA GLU J 250 -11.08 -29.06 -57.49
C GLU J 250 -11.23 -29.75 -56.13
N GLU J 251 -10.69 -30.96 -56.01
CA GLU J 251 -10.66 -31.70 -54.75
C GLU J 251 -10.18 -30.82 -53.59
N VAL J 252 -9.04 -30.15 -53.79
CA VAL J 252 -8.47 -29.29 -52.76
C VAL J 252 -9.33 -28.06 -52.54
N LYS J 253 -9.76 -27.42 -53.63
CA LYS J 253 -10.67 -26.27 -53.55
C LYS J 253 -11.90 -26.61 -52.74
N MET J 254 -12.46 -27.80 -52.99
CA MET J 254 -13.63 -28.28 -52.24
C MET J 254 -13.34 -28.45 -50.75
N LEU J 255 -12.13 -28.89 -50.41
CA LEU J 255 -11.70 -29.01 -49.02
C LEU J 255 -11.66 -27.63 -48.35
N ILE J 256 -11.15 -26.63 -49.08
CA ILE J 256 -11.09 -25.25 -48.57
C ILE J 256 -12.49 -24.64 -48.46
N ARG J 257 -13.41 -25.04 -49.34
CA ARG J 257 -14.80 -24.60 -49.26
C ARG J 257 -15.47 -25.09 -47.98
N ASN J 258 -15.26 -26.38 -47.68
CA ASN J 258 -15.88 -27.02 -46.51
C ASN J 258 -15.11 -26.78 -45.20
N LEU J 259 -13.97 -26.11 -45.28
CA LEU J 259 -13.26 -25.63 -44.09
C LEU J 259 -13.61 -24.18 -43.79
N LEU J 260 -13.86 -23.39 -44.84
CA LEU J 260 -14.15 -21.96 -44.70
C LEU J 260 -15.65 -21.62 -44.72
N LYS J 261 -16.50 -22.56 -44.30
CA LYS J 261 -17.95 -22.34 -44.30
C LYS J 261 -18.32 -21.27 -43.28
N THR J 262 -19.32 -20.46 -43.59
CA THR J 262 -19.78 -19.40 -42.69
C THR J 262 -20.31 -19.97 -41.39
N GLU J 263 -21.22 -20.93 -41.51
CA GLU J 263 -21.85 -21.58 -40.35
C GLU J 263 -20.90 -22.64 -39.78
N PRO J 264 -20.49 -22.49 -38.50
CA PRO J 264 -19.52 -23.42 -37.90
C PRO J 264 -20.02 -24.86 -37.70
N THR J 265 -21.33 -25.04 -37.60
CA THR J 265 -21.91 -26.39 -37.50
C THR J 265 -21.98 -27.09 -38.86
N GLN J 266 -21.70 -26.35 -39.92
CA GLN J 266 -21.63 -26.88 -41.28
C GLN J 266 -20.20 -27.32 -41.62
N ARG J 267 -19.26 -27.06 -40.71
CA ARG J 267 -17.82 -27.18 -40.98
C ARG J 267 -17.29 -28.59 -40.72
N MET J 268 -16.19 -28.92 -41.39
CA MET J 268 -15.57 -30.25 -41.31
C MET J 268 -14.85 -30.48 -39.98
N THR J 269 -14.96 -31.68 -39.43
CA THR J 269 -14.28 -32.02 -38.18
C THR J 269 -12.82 -32.34 -38.43
N ILE J 270 -12.02 -32.31 -37.37
CA ILE J 270 -10.58 -32.60 -37.49
C ILE J 270 -10.34 -34.07 -37.85
N THR J 271 -11.22 -34.96 -37.40
CA THR J 271 -11.14 -36.38 -37.75
C THR J 271 -11.34 -36.57 -39.25
N GLU J 272 -12.37 -35.91 -39.79
CA GLU J 272 -12.67 -35.98 -41.21
C GLU J 272 -11.58 -35.31 -42.05
N PHE J 273 -11.00 -34.24 -41.53
CA PHE J 273 -9.90 -33.55 -42.19
C PHE J 273 -8.70 -34.46 -42.36
N MET J 274 -8.31 -35.14 -41.27
CA MET J 274 -7.16 -36.04 -41.31
C MET J 274 -7.41 -37.28 -42.18
N ASN J 275 -8.67 -37.62 -42.41
CA ASN J 275 -9.04 -38.76 -43.26
C ASN J 275 -9.26 -38.38 -44.73
N HIS J 276 -9.19 -37.09 -45.03
CA HIS J 276 -9.35 -36.62 -46.41
C HIS J 276 -8.16 -37.12 -47.24
N PRO J 277 -8.44 -37.69 -48.43
CA PRO J 277 -7.38 -38.29 -49.26
C PRO J 277 -6.20 -37.36 -49.59
N TRP J 278 -6.48 -36.07 -49.71
CA TRP J 278 -5.44 -35.08 -49.96
C TRP J 278 -4.49 -34.93 -48.77
N ILE J 279 -5.00 -35.17 -47.57
CA ILE J 279 -4.19 -35.09 -46.34
C ILE J 279 -3.53 -36.44 -46.03
N MET J 280 -4.28 -37.54 -46.15
CA MET J 280 -3.75 -38.87 -45.88
C MET J 280 -2.64 -39.26 -46.86
N GLN J 281 -2.97 -39.32 -48.14
CA GLN J 281 -1.98 -39.62 -49.17
C GLN J 281 -1.28 -38.34 -49.61
N SER J 282 -0.38 -37.85 -48.76
CA SER J 282 0.45 -36.69 -49.06
C SER J 282 1.57 -37.02 -50.04
N THR J 283 1.50 -38.20 -50.66
CA THR J 283 2.41 -38.61 -51.73
C THR J 283 1.67 -38.73 -53.07
N LYS J 284 0.42 -39.19 -53.05
CA LYS J 284 -0.38 -39.28 -54.29
C LYS J 284 -0.68 -37.88 -54.83
N VAL J 285 -0.74 -36.90 -53.94
CA VAL J 285 -0.94 -35.50 -54.32
C VAL J 285 0.16 -35.04 -55.28
N PRO J 286 -0.22 -34.46 -56.43
CA PRO J 286 0.78 -34.06 -57.44
C PRO J 286 1.83 -33.08 -56.94
N GLN J 287 2.93 -32.98 -57.69
CA GLN J 287 4.01 -32.02 -57.39
C GLN J 287 3.86 -30.74 -58.22
N THR J 288 2.62 -30.36 -58.51
CA THR J 288 2.33 -29.14 -59.27
C THR J 288 2.91 -27.90 -58.57
N PRO J 289 3.68 -27.07 -59.30
CA PRO J 289 4.33 -25.90 -58.72
C PRO J 289 3.35 -24.75 -58.44
N LEU J 290 3.42 -24.19 -57.23
CA LEU J 290 2.51 -23.13 -56.80
C LEU J 290 3.20 -21.77 -56.88
N HIS J 291 2.39 -20.71 -56.88
CA HIS J 291 2.89 -19.33 -56.91
C HIS J 291 3.19 -18.77 -55.52
N THR J 292 2.91 -19.55 -54.48
CA THR J 292 3.03 -19.10 -53.09
C THR J 292 4.32 -18.35 -52.79
N SER J 293 5.45 -18.98 -53.12
CA SER J 293 6.77 -18.43 -52.79
C SER J 293 7.02 -17.06 -53.43
N ARG J 294 6.71 -16.95 -54.73
CA ARG J 294 6.85 -15.69 -55.46
C ARG J 294 5.85 -14.63 -54.99
N VAL J 295 4.62 -15.04 -54.70
CA VAL J 295 3.58 -14.11 -54.23
C VAL J 295 3.87 -13.60 -52.82
N LEU J 296 4.40 -14.46 -51.96
CA LEU J 296 4.89 -14.04 -50.64
C LEU J 296 6.01 -13.00 -50.74
N LYS J 297 6.82 -13.09 -51.79
CA LYS J 297 8.00 -12.22 -51.93
C LYS J 297 7.69 -10.82 -52.48
N GLU J 298 6.41 -10.48 -52.62
CA GLU J 298 5.99 -9.12 -52.97
C GLU J 298 5.30 -8.47 -51.77
N ASP J 299 6.07 -8.32 -50.69
CA ASP J 299 5.61 -7.74 -49.41
C ASP J 299 4.53 -8.57 -48.73
N HIS K 1 -58.03 16.25 -41.26
CA HIS K 1 -56.86 16.06 -42.18
C HIS K 1 -55.53 16.22 -41.43
N VAL K 2 -54.43 16.27 -42.17
CA VAL K 2 -53.09 16.18 -41.60
C VAL K 2 -52.44 17.55 -41.35
N LYS K 3 -51.69 17.65 -40.25
CA LYS K 3 -50.94 18.88 -39.90
C LYS K 3 -49.45 18.60 -39.68
N SER K 4 -48.65 19.67 -39.74
CA SER K 4 -47.20 19.55 -39.67
C SER K 4 -46.70 19.16 -38.28
N GLY K 5 -45.51 18.59 -38.24
CA GLY K 5 -44.82 18.27 -36.98
C GLY K 5 -44.04 19.46 -36.48
N LEU K 6 -43.31 19.27 -35.38
CA LEU K 6 -42.53 20.35 -34.77
C LEU K 6 -41.21 20.55 -35.50
N GLN K 7 -41.05 21.71 -36.14
CA GLN K 7 -39.87 22.01 -36.96
C GLN K 7 -38.59 22.08 -36.14
N ILE K 8 -38.70 22.56 -34.90
CA ILE K 8 -37.59 22.62 -33.93
C ILE K 8 -36.26 23.13 -34.51
N LYS K 9 -36.08 24.45 -34.49
CA LYS K 9 -34.90 25.10 -35.07
C LYS K 9 -33.67 24.97 -34.18
N LYS K 10 -32.50 25.17 -34.79
CA LYS K 10 -31.21 25.09 -34.08
C LYS K 10 -30.43 26.40 -34.04
N ASN K 11 -30.67 27.31 -34.98
CA ASN K 11 -30.02 28.63 -34.96
C ASN K 11 -30.41 29.43 -33.72
N ALA K 12 -29.56 30.38 -33.31
CA ALA K 12 -29.78 31.13 -32.08
C ALA K 12 -30.98 32.06 -32.19
N ILE K 13 -31.75 32.18 -31.11
CA ILE K 13 -32.92 33.08 -31.09
C ILE K 13 -32.54 34.56 -31.15
N ILE K 14 -31.29 34.88 -30.79
CA ILE K 14 -30.76 36.22 -30.93
C ILE K 14 -30.66 36.67 -32.40
N ASP K 15 -30.60 35.70 -33.32
CA ASP K 15 -30.62 35.99 -34.76
C ASP K 15 -32.01 36.46 -35.21
N ASP K 16 -33.05 35.91 -34.59
CA ASP K 16 -34.43 36.15 -35.01
C ASP K 16 -35.26 37.00 -34.05
N TYR K 17 -34.88 37.00 -32.76
CA TYR K 17 -35.62 37.75 -31.75
C TYR K 17 -34.69 38.56 -30.85
N LYS K 18 -35.18 39.71 -30.37
CA LYS K 18 -34.48 40.48 -29.33
C LYS K 18 -34.98 40.03 -27.96
N VAL K 19 -34.09 39.47 -27.15
CA VAL K 19 -34.46 38.97 -25.84
C VAL K 19 -34.22 40.03 -24.76
N THR K 20 -35.31 40.56 -24.21
CA THR K 20 -35.25 41.53 -23.12
C THR K 20 -35.43 40.82 -21.77
N SER K 21 -35.42 41.60 -20.68
CA SER K 21 -35.54 41.04 -19.33
C SER K 21 -36.89 41.33 -18.67
N GLN K 22 -37.87 41.75 -19.46
CA GLN K 22 -39.18 42.11 -18.94
C GLN K 22 -40.01 40.86 -18.66
N VAL K 23 -40.01 40.42 -17.40
CA VAL K 23 -40.61 39.15 -17.00
C VAL K 23 -42.14 39.23 -16.95
N LEU K 24 -42.81 38.27 -17.58
CA LEU K 24 -44.27 38.19 -17.59
C LEU K 24 -44.82 37.24 -16.50
N GLY K 25 -43.97 36.37 -15.97
CA GLY K 25 -44.38 35.46 -14.89
C GLY K 25 -43.34 34.43 -14.53
N LEU K 26 -43.63 33.65 -13.49
CA LEU K 26 -42.76 32.55 -13.05
C LEU K 26 -43.60 31.39 -12.51
N GLY K 27 -43.49 30.22 -13.15
CA GLY K 27 -44.30 29.06 -12.78
C GLY K 27 -43.52 27.76 -12.81
N ILE K 28 -44.11 26.74 -13.44
CA ILE K 28 -43.49 25.41 -13.51
C ILE K 28 -42.43 25.34 -14.62
N ASN K 29 -41.21 24.98 -14.23
CA ASN K 29 -40.10 24.75 -15.16
C ASN K 29 -39.33 26.01 -15.60
N GLY K 30 -39.73 27.19 -15.12
CA GLY K 30 -38.98 28.42 -15.38
C GLY K 30 -39.78 29.72 -15.38
N LYS K 31 -39.15 30.77 -15.89
CA LYS K 31 -39.76 32.10 -16.00
C LYS K 31 -40.01 32.47 -17.45
N VAL K 32 -41.15 33.11 -17.71
CA VAL K 32 -41.54 33.51 -19.07
C VAL K 32 -41.17 34.96 -19.34
N LEU K 33 -40.16 35.18 -20.17
CA LEU K 33 -39.70 36.53 -20.52
C LEU K 33 -40.41 37.05 -21.77
N GLN K 34 -40.31 38.37 -21.96
CA GLN K 34 -40.82 39.04 -23.15
C GLN K 34 -39.69 39.23 -24.16
N ILE K 35 -39.96 38.89 -25.41
CA ILE K 35 -38.99 39.11 -26.50
C ILE K 35 -39.65 39.95 -27.60
N PHE K 36 -38.92 40.22 -28.68
CA PHE K 36 -39.44 40.97 -29.82
C PHE K 36 -38.88 40.42 -31.14
N ASN K 37 -39.75 40.19 -32.11
CA ASN K 37 -39.35 39.69 -33.44
C ASN K 37 -38.55 40.76 -34.19
N LYS K 38 -37.36 40.39 -34.67
CA LYS K 38 -36.48 41.34 -35.36
C LYS K 38 -36.97 41.68 -36.77
N ARG K 39 -37.73 40.78 -37.39
CA ARG K 39 -38.35 41.05 -38.69
C ARG K 39 -39.45 42.09 -38.55
N THR K 40 -40.46 41.79 -37.73
CA THR K 40 -41.53 42.73 -37.42
C THR K 40 -41.15 43.46 -36.12
N GLN K 41 -42.14 43.80 -35.31
CA GLN K 41 -41.91 44.24 -33.93
C GLN K 41 -42.87 43.55 -32.97
N GLU K 42 -43.40 42.39 -33.37
CA GLU K 42 -44.41 41.68 -32.57
C GLU K 42 -43.81 41.14 -31.29
N LYS K 43 -44.65 41.02 -30.25
CA LYS K 43 -44.18 40.66 -28.92
C LYS K 43 -43.68 39.22 -28.82
N PHE K 44 -44.61 38.26 -28.70
CA PHE K 44 -44.28 36.85 -28.40
C PHE K 44 -43.63 36.67 -27.01
N ALA K 45 -44.11 35.67 -26.27
CA ALA K 45 -43.57 35.35 -24.95
C ALA K 45 -42.65 34.14 -25.02
N LEU K 46 -41.51 34.21 -24.33
CA LEU K 46 -40.51 33.15 -24.35
C LEU K 46 -40.56 32.35 -23.06
N LYS K 47 -40.56 31.02 -23.17
CA LYS K 47 -40.42 30.15 -21.99
C LYS K 47 -39.08 29.41 -22.04
N MET K 48 -38.37 29.41 -20.91
CA MET K 48 -37.03 28.84 -20.81
C MET K 48 -37.08 27.47 -20.14
N LEU K 49 -36.74 26.42 -20.89
CA LEU K 49 -36.56 25.08 -20.34
C LEU K 49 -35.19 24.53 -20.71
N GLN K 50 -34.64 23.67 -19.84
CA GLN K 50 -33.40 22.96 -20.13
C GLN K 50 -33.70 21.54 -20.61
N ASP K 51 -32.94 21.09 -21.61
CA ASP K 51 -33.22 19.85 -22.32
C ASP K 51 -32.96 18.61 -21.46
N CYS K 52 -33.98 17.77 -21.29
CA CYS K 52 -33.87 16.56 -20.47
C CYS K 52 -35.17 15.75 -20.54
N PRO K 53 -35.30 14.84 -21.53
CA PRO K 53 -36.56 14.12 -21.80
C PRO K 53 -37.66 14.28 -20.72
N LYS K 54 -38.27 15.47 -20.71
CA LYS K 54 -39.27 15.86 -19.71
C LYS K 54 -39.77 17.26 -20.06
N ALA K 55 -38.83 18.20 -20.22
CA ALA K 55 -39.11 19.47 -20.88
C ALA K 55 -39.36 19.18 -22.35
N ARG K 56 -38.61 18.22 -22.89
CA ARG K 56 -38.79 17.76 -24.26
C ARG K 56 -40.14 17.05 -24.46
N ARG K 57 -40.70 16.51 -23.38
CA ARG K 57 -42.07 15.99 -23.39
C ARG K 57 -43.08 17.14 -23.49
N GLU K 58 -42.90 18.15 -22.65
CA GLU K 58 -43.81 19.30 -22.61
C GLU K 58 -44.01 19.90 -24.00
N VAL K 59 -42.92 20.31 -24.62
CA VAL K 59 -42.96 20.91 -25.96
C VAL K 59 -43.69 20.02 -26.96
N GLU K 60 -43.50 18.71 -26.85
CA GLU K 60 -44.13 17.74 -27.74
C GLU K 60 -45.64 17.66 -27.54
N LEU K 61 -46.07 17.63 -26.28
CA LEU K 61 -47.50 17.62 -25.96
C LEU K 61 -48.15 18.97 -26.26
N HIS K 62 -47.43 20.05 -25.98
CA HIS K 62 -47.91 21.41 -26.24
C HIS K 62 -48.20 21.63 -27.73
N TRP K 63 -47.30 21.12 -28.57
CA TRP K 63 -47.41 21.27 -30.04
C TRP K 63 -48.64 20.58 -30.63
N ARG K 64 -49.04 19.45 -30.06
CA ARG K 64 -50.23 18.73 -30.52
C ARG K 64 -51.49 19.48 -30.08
N ALA K 65 -51.51 19.95 -28.84
CA ALA K 65 -52.63 20.72 -28.31
C ALA K 65 -52.67 22.16 -28.83
N SER K 66 -51.55 22.63 -29.38
CA SER K 66 -51.44 24.00 -29.90
C SER K 66 -52.47 24.30 -31.00
N GLN K 67 -52.86 23.28 -31.75
CA GLN K 67 -53.82 23.44 -32.85
C GLN K 67 -55.17 23.94 -32.36
N CYS K 68 -55.55 23.54 -31.15
CA CYS K 68 -56.79 23.99 -30.52
C CYS K 68 -56.80 25.52 -30.38
N PRO K 69 -57.91 26.17 -30.77
CA PRO K 69 -58.04 27.62 -30.61
C PRO K 69 -57.90 28.13 -29.17
N HIS K 70 -58.34 27.33 -28.19
CA HIS K 70 -58.29 27.72 -26.78
C HIS K 70 -57.07 27.16 -26.04
N ILE K 71 -55.96 27.02 -26.74
CA ILE K 71 -54.67 26.69 -26.13
C ILE K 71 -53.59 27.55 -26.79
N VAL K 72 -52.69 28.10 -25.99
CA VAL K 72 -51.67 29.04 -26.48
C VAL K 72 -50.83 28.41 -27.58
N ARG K 73 -50.68 29.13 -28.69
CA ARG K 73 -49.89 28.66 -29.81
C ARG K 73 -48.40 28.87 -29.57
N ILE K 74 -47.60 27.85 -29.90
CA ILE K 74 -46.15 28.00 -29.94
C ILE K 74 -45.74 28.19 -31.40
N VAL K 75 -45.12 29.34 -31.69
CA VAL K 75 -44.72 29.67 -33.06
C VAL K 75 -43.44 28.95 -33.46
N ASP K 76 -42.48 28.92 -32.53
CA ASP K 76 -41.20 28.24 -32.77
C ASP K 76 -40.67 27.62 -31.48
N VAL K 77 -39.87 26.58 -31.63
CA VAL K 77 -39.15 25.96 -30.52
C VAL K 77 -37.69 25.84 -30.93
N TYR K 78 -36.80 26.42 -30.12
CA TYR K 78 -35.37 26.48 -30.45
C TYR K 78 -34.56 25.54 -29.56
N GLU K 79 -33.59 24.84 -30.15
CA GLU K 79 -32.62 24.06 -29.38
C GLU K 79 -31.26 24.76 -29.40
N ASN K 80 -30.98 25.53 -28.35
CA ASN K 80 -29.77 26.35 -28.27
C ASN K 80 -28.91 25.98 -27.07
N LEU K 81 -27.72 26.58 -27.02
CA LEU K 81 -26.83 26.45 -25.87
C LEU K 81 -26.82 27.75 -25.07
N TYR K 82 -27.39 27.70 -23.88
CA TYR K 82 -27.33 28.83 -22.94
C TYR K 82 -26.27 28.53 -21.89
N ALA K 83 -25.32 29.45 -21.75
CA ALA K 83 -24.14 29.26 -20.89
C ALA K 83 -23.26 28.14 -21.44
N GLY K 84 -23.69 26.90 -21.24
CA GLY K 84 -23.02 25.74 -21.81
C GLY K 84 -23.82 24.45 -21.64
N ARG K 85 -25.11 24.51 -21.92
CA ARG K 85 -25.99 23.33 -21.84
C ARG K 85 -27.17 23.44 -22.79
N LYS K 86 -27.75 22.28 -23.10
CA LYS K 86 -28.84 22.18 -24.07
C LYS K 86 -30.13 22.78 -23.49
N CYS K 87 -30.66 23.80 -24.16
CA CYS K 87 -31.90 24.46 -23.73
C CYS K 87 -32.98 24.38 -24.80
N LEU K 88 -34.23 24.25 -24.36
CA LEU K 88 -35.38 24.34 -25.24
C LEU K 88 -36.08 25.67 -25.00
N LEU K 89 -35.85 26.63 -25.89
CA LEU K 89 -36.51 27.93 -25.83
C LEU K 89 -37.78 27.89 -26.67
N ILE K 90 -38.93 27.94 -25.99
CA ILE K 90 -40.22 27.92 -26.65
C ILE K 90 -40.71 29.36 -26.84
N VAL K 91 -40.98 29.73 -28.09
CA VAL K 91 -41.54 31.06 -28.41
C VAL K 91 -43.04 30.92 -28.63
N MET K 92 -43.81 31.60 -27.77
CA MET K 92 -45.26 31.43 -27.73
C MET K 92 -45.94 32.76 -28.02
N GLU K 93 -47.19 32.71 -28.48
CA GLU K 93 -47.95 33.91 -28.81
C GLU K 93 -48.16 34.79 -27.59
N CYS K 94 -48.26 36.09 -27.82
CA CYS K 94 -48.44 37.07 -26.75
C CYS K 94 -49.84 37.00 -26.18
N LEU K 95 -49.94 36.85 -24.85
CA LEU K 95 -51.20 36.90 -24.15
C LEU K 95 -51.14 38.01 -23.09
N ASP K 96 -51.32 39.25 -23.53
CA ASP K 96 -51.26 40.41 -22.64
C ASP K 96 -52.65 40.85 -22.15
N GLY K 97 -53.66 39.99 -22.33
CA GLY K 97 -54.99 40.25 -21.82
C GLY K 97 -55.14 40.01 -20.33
N GLY K 98 -54.09 39.50 -19.69
CA GLY K 98 -54.09 39.24 -18.25
C GLY K 98 -54.67 37.89 -17.91
N GLU K 99 -54.79 37.60 -16.62
CA GLU K 99 -55.38 36.34 -16.16
C GLU K 99 -56.90 36.40 -16.24
N LEU K 100 -57.55 35.26 -16.03
CA LEU K 100 -59.01 35.15 -16.14
C LEU K 100 -59.73 36.03 -15.11
N PHE K 101 -59.38 35.86 -13.84
CA PHE K 101 -60.06 36.56 -12.75
C PHE K 101 -59.58 38.01 -12.56
N SER K 102 -58.44 38.37 -13.14
CA SER K 102 -57.96 39.75 -13.13
C SER K 102 -58.93 40.65 -13.91
N ARG K 103 -59.40 40.14 -15.04
CA ARG K 103 -60.41 40.82 -15.85
C ARG K 103 -61.75 40.95 -15.13
N ILE K 104 -62.13 39.89 -14.42
CA ILE K 104 -63.40 39.85 -13.67
C ILE K 104 -63.30 40.71 -12.39
N GLN K 105 -62.07 40.97 -11.94
CA GLN K 105 -61.83 41.84 -10.79
C GLN K 105 -62.11 43.32 -11.10
N ASP K 106 -62.22 43.65 -12.39
CA ASP K 106 -62.55 45.01 -12.82
C ASP K 106 -63.46 44.98 -14.05
N ALA K 111 -70.90 44.26 -14.60
CA ALA K 111 -71.97 43.51 -13.96
C ALA K 111 -71.58 42.04 -13.81
N PHE K 112 -71.20 41.41 -14.92
CA PHE K 112 -70.82 39.99 -14.96
C PHE K 112 -71.96 39.06 -14.52
N THR K 113 -72.70 38.56 -15.51
CA THR K 113 -73.87 37.73 -15.26
C THR K 113 -73.52 36.23 -15.25
N GLU K 114 -74.53 35.39 -15.03
CA GLU K 114 -74.37 33.94 -15.10
C GLU K 114 -74.13 33.48 -16.54
N ARG K 115 -74.63 34.25 -17.51
CA ARG K 115 -74.42 33.96 -18.94
C ARG K 115 -72.94 34.03 -19.31
N GLU K 116 -72.26 35.06 -18.83
CA GLU K 116 -70.82 35.23 -19.08
C GLU K 116 -70.03 34.09 -18.43
N ALA K 117 -70.48 33.63 -17.27
CA ALA K 117 -69.87 32.48 -16.60
C ALA K 117 -69.99 31.21 -17.45
N SER K 118 -71.14 31.04 -18.10
CA SER K 118 -71.38 29.88 -18.98
C SER K 118 -70.49 29.90 -20.21
N GLU K 119 -70.31 31.09 -20.79
CA GLU K 119 -69.42 31.25 -21.94
C GLU K 119 -67.97 30.96 -21.58
N ILE K 120 -67.54 31.45 -20.42
CA ILE K 120 -66.18 31.23 -19.94
C ILE K 120 -65.88 29.74 -19.74
N MET K 121 -66.81 29.02 -19.12
CA MET K 121 -66.65 27.59 -18.85
C MET K 121 -66.67 26.74 -20.14
N LYS K 122 -67.38 27.22 -21.16
CA LYS K 122 -67.40 26.53 -22.45
C LYS K 122 -66.05 26.66 -23.15
N SER K 123 -65.44 27.84 -23.05
CA SER K 123 -64.13 28.08 -23.66
C SER K 123 -63.06 27.20 -23.04
N ILE K 124 -63.05 27.11 -21.71
CA ILE K 124 -62.10 26.26 -20.99
C ILE K 124 -62.37 24.79 -21.30
N GLY K 125 -63.66 24.42 -21.33
CA GLY K 125 -64.08 23.05 -21.62
C GLY K 125 -63.68 22.56 -23.01
N GLU K 126 -63.64 23.48 -23.98
CA GLU K 126 -63.17 23.14 -25.33
C GLU K 126 -61.67 22.82 -25.35
N ALA K 127 -60.89 23.51 -24.52
CA ALA K 127 -59.47 23.24 -24.40
C ALA K 127 -59.21 21.87 -23.78
N ILE K 128 -60.02 21.50 -22.78
CA ILE K 128 -59.91 20.20 -22.14
C ILE K 128 -60.42 19.09 -23.07
N GLN K 129 -61.53 19.37 -23.77
CA GLN K 129 -62.14 18.40 -24.68
C GLN K 129 -61.17 17.95 -25.76
N TYR K 130 -60.45 18.89 -26.36
CA TYR K 130 -59.48 18.59 -27.40
C TYR K 130 -58.29 17.80 -26.83
N LEU K 131 -57.79 18.24 -25.67
CA LEU K 131 -56.68 17.55 -25.00
C LEU K 131 -57.03 16.10 -24.69
N HIS K 132 -58.23 15.89 -24.14
CA HIS K 132 -58.70 14.55 -23.77
C HIS K 132 -59.00 13.68 -24.99
N SER K 133 -59.43 14.31 -26.08
CA SER K 133 -59.71 13.60 -27.33
C SER K 133 -58.44 13.05 -27.98
N ILE K 134 -57.33 13.77 -27.80
CA ILE K 134 -56.02 13.30 -28.29
C ILE K 134 -55.18 12.65 -27.17
N ASN K 135 -55.88 12.15 -26.15
CA ASN K 135 -55.25 11.42 -25.04
C ASN K 135 -54.15 12.20 -24.33
N ILE K 136 -54.49 13.41 -23.89
CA ILE K 136 -53.60 14.27 -23.12
C ILE K 136 -54.36 14.82 -21.91
N ALA K 137 -53.79 14.64 -20.71
CA ALA K 137 -54.32 15.25 -19.50
C ALA K 137 -53.43 16.44 -19.13
N HIS K 138 -54.06 17.59 -18.90
CA HIS K 138 -53.32 18.82 -18.58
C HIS K 138 -52.80 18.78 -17.15
N ARG K 139 -53.64 18.28 -16.24
CA ARG K 139 -53.26 17.99 -14.85
C ARG K 139 -53.13 19.22 -13.95
N ASP K 140 -52.78 20.38 -14.54
CA ASP K 140 -52.51 21.60 -13.76
C ASP K 140 -53.37 22.76 -14.26
N VAL K 141 -54.67 22.52 -14.44
CA VAL K 141 -55.58 23.55 -14.89
C VAL K 141 -55.95 24.45 -13.72
N LYS K 142 -55.36 25.64 -13.69
CA LYS K 142 -55.60 26.59 -12.59
C LYS K 142 -55.78 28.02 -13.13
N PRO K 143 -56.41 28.91 -12.34
CA PRO K 143 -56.67 30.29 -12.75
C PRO K 143 -55.46 31.03 -13.33
N GLU K 144 -54.28 30.73 -12.80
CA GLU K 144 -53.05 31.39 -13.24
C GLU K 144 -52.65 30.98 -14.66
N ASN K 145 -53.05 29.77 -15.07
CA ASN K 145 -52.73 29.24 -16.39
C ASN K 145 -53.79 29.57 -17.47
N LEU K 146 -54.77 30.39 -17.11
CA LEU K 146 -55.77 30.86 -18.06
C LEU K 146 -55.56 32.35 -18.31
N LEU K 147 -55.14 32.70 -19.53
CA LEU K 147 -54.87 34.09 -19.89
C LEU K 147 -55.64 34.50 -21.15
N TYR K 148 -55.96 35.79 -21.24
CA TYR K 148 -56.61 36.35 -22.44
C TYR K 148 -55.56 36.82 -23.45
N THR K 149 -55.97 36.86 -24.72
CA THR K 149 -55.08 37.24 -25.82
C THR K 149 -54.82 38.75 -25.88
N SER K 150 -55.87 39.54 -25.64
CA SER K 150 -55.77 40.99 -25.64
C SER K 150 -56.80 41.62 -24.69
N LYS K 151 -56.65 42.91 -24.41
CA LYS K 151 -57.56 43.63 -23.52
C LYS K 151 -58.94 43.82 -24.15
N ARG K 152 -58.99 43.86 -25.48
CA ARG K 152 -60.25 44.06 -26.21
C ARG K 152 -61.35 43.09 -25.75
N PRO K 153 -62.57 43.61 -25.50
CA PRO K 153 -63.69 42.74 -25.16
C PRO K 153 -64.16 41.92 -26.37
N ASN K 154 -63.80 40.63 -26.38
CA ASN K 154 -63.97 39.68 -27.51
C ASN K 154 -62.75 38.77 -27.65
N ALA K 155 -61.66 39.12 -26.96
CA ALA K 155 -60.42 38.34 -26.95
C ALA K 155 -60.67 36.91 -26.45
N ILE K 156 -59.86 35.98 -26.95
CA ILE K 156 -60.04 34.55 -26.67
C ILE K 156 -59.28 34.16 -25.40
N LEU K 157 -59.96 33.41 -24.53
CA LEU K 157 -59.35 32.85 -23.33
C LEU K 157 -58.62 31.57 -23.72
N LYS K 158 -57.34 31.49 -23.37
CA LYS K 158 -56.51 30.33 -23.72
C LYS K 158 -55.83 29.71 -22.50
N LEU K 159 -55.61 28.40 -22.57
CA LEU K 159 -54.95 27.64 -21.50
C LEU K 159 -53.45 27.58 -21.78
N THR K 160 -52.64 27.52 -20.72
CA THR K 160 -51.18 27.55 -20.85
C THR K 160 -50.45 26.65 -19.85
N ASP K 161 -49.13 26.55 -20.05
CA ASP K 161 -48.23 25.79 -19.17
C ASP K 161 -48.54 24.29 -19.19
N PHE K 162 -47.80 23.56 -20.02
CA PHE K 162 -47.94 22.09 -20.13
C PHE K 162 -46.85 21.36 -19.34
N GLY K 163 -46.39 21.97 -18.25
CA GLY K 163 -45.31 21.40 -17.43
C GLY K 163 -45.68 20.08 -16.78
N PHE K 164 -46.94 19.94 -16.38
CA PHE K 164 -47.43 18.73 -15.73
C PHE K 164 -48.19 17.79 -16.66
N ALA K 165 -48.19 18.11 -17.96
CA ALA K 165 -48.96 17.34 -18.94
C ALA K 165 -48.42 15.91 -19.12
N LYS K 166 -49.33 14.95 -19.29
CA LYS K 166 -48.98 13.55 -19.45
C LYS K 166 -49.92 12.87 -20.45
N GLU K 167 -49.39 11.92 -21.24
CA GLU K 167 -50.20 11.11 -22.12
C GLU K 167 -50.93 10.04 -21.31
N THR K 168 -52.23 9.87 -21.57
CA THR K 168 -53.04 8.93 -20.82
C THR K 168 -52.78 7.45 -21.17
N THR K 169 -52.03 7.22 -22.25
CA THR K 169 -51.69 5.85 -22.68
C THR K 169 -50.19 5.72 -22.90
N PRO K 181 -62.49 -3.70 -32.83
CA PRO K 181 -63.84 -3.79 -33.37
C PRO K 181 -64.73 -2.59 -33.02
N TYR K 182 -66.02 -2.72 -33.31
CA TYR K 182 -67.01 -1.65 -33.07
C TYR K 182 -67.86 -1.92 -31.83
N TYR K 183 -67.69 -3.09 -31.24
CA TYR K 183 -68.47 -3.53 -30.07
C TYR K 183 -67.62 -3.60 -28.80
N VAL K 184 -66.32 -3.35 -28.92
CA VAL K 184 -65.39 -3.47 -27.81
C VAL K 184 -65.52 -2.28 -26.85
N ALA K 185 -65.27 -2.54 -25.56
CA ALA K 185 -65.45 -1.52 -24.51
C ALA K 185 -64.30 -0.51 -24.48
N PRO K 186 -64.48 0.61 -23.74
CA PRO K 186 -63.40 1.59 -23.59
C PRO K 186 -62.20 1.09 -22.81
N GLU K 187 -62.44 0.34 -21.72
CA GLU K 187 -61.37 -0.17 -20.87
C GLU K 187 -60.52 -1.25 -21.55
N VAL K 188 -61.10 -1.93 -22.54
CA VAL K 188 -60.39 -2.95 -23.31
C VAL K 188 -59.87 -2.37 -24.63
N LEU K 189 -59.13 -1.26 -24.52
CA LEU K 189 -58.48 -0.62 -25.65
C LEU K 189 -57.08 -0.16 -25.27
N TYR K 194 -56.26 7.02 -14.27
CA TYR K 194 -57.25 8.01 -14.66
C TYR K 194 -56.78 9.45 -14.39
N ASP K 195 -55.88 9.94 -15.23
CA ASP K 195 -55.39 11.31 -15.12
C ASP K 195 -56.39 12.33 -15.66
N LYS K 196 -57.25 11.91 -16.58
CA LYS K 196 -58.23 12.81 -17.20
C LYS K 196 -59.27 13.33 -16.20
N SER K 197 -59.69 12.50 -15.25
CA SER K 197 -60.66 12.91 -14.24
C SER K 197 -60.16 14.10 -13.40
N CYS K 198 -58.83 14.23 -13.29
CA CYS K 198 -58.22 15.32 -12.54
C CYS K 198 -58.56 16.69 -13.11
N ASP K 199 -58.55 16.80 -14.44
CA ASP K 199 -58.89 18.06 -15.12
C ASP K 199 -60.32 18.50 -14.85
N MET K 200 -61.22 17.53 -14.67
CA MET K 200 -62.64 17.80 -14.46
C MET K 200 -62.89 18.41 -13.08
N TRP K 201 -62.12 17.99 -12.09
CA TRP K 201 -62.17 18.61 -10.76
C TRP K 201 -61.78 20.09 -10.86
N SER K 202 -60.74 20.37 -11.66
CA SER K 202 -60.26 21.73 -11.85
C SER K 202 -61.28 22.63 -12.56
N LEU K 203 -62.08 22.05 -13.46
CA LEU K 203 -63.18 22.78 -14.10
C LEU K 203 -64.25 23.16 -13.07
N GLY K 204 -64.51 22.26 -12.13
CA GLY K 204 -65.47 22.50 -11.06
C GLY K 204 -65.04 23.59 -10.10
N VAL K 205 -63.75 23.62 -9.78
CA VAL K 205 -63.19 24.65 -8.89
C VAL K 205 -63.22 26.02 -9.58
N ILE K 206 -62.87 26.05 -10.87
CA ILE K 206 -62.93 27.28 -11.65
C ILE K 206 -64.38 27.78 -11.77
N MET K 207 -65.30 26.86 -12.06
CA MET K 207 -66.73 27.19 -12.16
C MET K 207 -67.28 27.72 -10.83
N TYR K 208 -66.80 27.17 -9.72
CA TYR K 208 -67.24 27.58 -8.39
C TYR K 208 -66.81 29.02 -8.08
N ILE K 209 -65.55 29.35 -8.40
CA ILE K 209 -65.03 30.69 -8.16
C ILE K 209 -65.69 31.72 -9.08
N LEU K 210 -65.98 31.32 -10.32
CA LEU K 210 -66.65 32.21 -11.29
C LEU K 210 -68.04 32.67 -10.84
N LEU K 211 -68.76 31.83 -10.10
CA LEU K 211 -70.15 32.11 -9.72
C LEU K 211 -70.29 32.93 -8.43
N CYS K 212 -69.38 32.74 -7.48
CA CYS K 212 -69.45 33.43 -6.19
C CYS K 212 -68.29 34.36 -5.90
N GLY K 213 -67.11 34.05 -6.44
CA GLY K 213 -65.92 34.90 -6.29
C GLY K 213 -64.97 34.44 -5.20
N TYR K 214 -65.08 33.17 -4.80
CA TYR K 214 -64.15 32.55 -3.87
C TYR K 214 -64.14 31.05 -4.07
N PRO K 215 -63.04 30.36 -3.70
CA PRO K 215 -62.98 28.92 -3.93
C PRO K 215 -63.81 28.12 -2.91
N PRO K 216 -64.12 26.86 -3.23
CA PRO K 216 -64.91 26.01 -2.33
C PRO K 216 -64.13 25.49 -1.11
N PHE K 217 -62.80 25.59 -1.14
CA PHE K 217 -61.96 25.14 -0.04
C PHE K 217 -60.90 26.19 0.31
N TYR K 218 -60.80 26.52 1.59
CA TYR K 218 -59.75 27.42 2.10
C TYR K 218 -59.51 27.20 3.60
N SER K 219 -58.52 27.88 4.15
CA SER K 219 -58.22 27.82 5.58
C SER K 219 -57.90 29.21 6.13
N GLY K 228 -56.18 20.86 7.93
CA GLY K 228 -57.38 21.68 8.00
C GLY K 228 -58.11 21.72 6.68
N MET K 229 -57.55 22.46 5.72
CA MET K 229 -58.09 22.51 4.36
C MET K 229 -57.95 21.15 3.66
N LYS K 230 -56.86 20.44 3.98
CA LYS K 230 -56.61 19.11 3.41
C LYS K 230 -57.75 18.13 3.69
N THR K 231 -58.34 18.22 4.88
CA THR K 231 -59.45 17.35 5.27
C THR K 231 -60.74 17.66 4.51
N ARG K 232 -61.05 18.95 4.35
CA ARG K 232 -62.27 19.37 3.65
C ARG K 232 -62.31 18.94 2.17
N ILE K 233 -61.16 18.95 1.50
CA ILE K 233 -61.05 18.52 0.11
C ILE K 233 -61.28 17.00 -0.01
N ARG K 234 -60.66 16.24 0.89
CA ARG K 234 -60.78 14.78 0.90
C ARG K 234 -62.21 14.36 1.21
N MET K 235 -62.79 14.99 2.25
CA MET K 235 -64.17 14.73 2.65
C MET K 235 -65.18 15.31 1.65
N GLY K 236 -64.76 16.34 0.93
CA GLY K 236 -65.63 17.03 -0.02
C GLY K 236 -66.59 17.98 0.68
N GLN K 237 -66.10 18.66 1.71
CA GLN K 237 -66.92 19.56 2.52
C GLN K 237 -66.87 20.99 1.98
N TYR K 238 -67.94 21.38 1.29
CA TYR K 238 -68.10 22.74 0.79
C TYR K 238 -69.58 23.11 0.75
N GLU K 239 -69.87 24.41 0.86
CA GLU K 239 -71.24 24.91 0.93
C GLU K 239 -71.52 25.79 -0.29
N PHE K 240 -72.79 26.10 -0.52
CA PHE K 240 -73.20 27.15 -1.45
C PHE K 240 -73.85 28.28 -0.63
N PRO K 241 -73.04 29.04 0.12
CA PRO K 241 -73.61 29.95 1.11
C PRO K 241 -74.21 31.23 0.52
N ASN K 242 -75.22 31.76 1.19
CA ASN K 242 -75.84 33.04 0.83
C ASN K 242 -74.92 34.20 1.24
N PRO K 243 -75.07 35.37 0.62
CA PRO K 243 -76.00 35.75 -0.44
C PRO K 243 -75.51 35.45 -1.87
N GLU K 244 -74.29 34.92 -2.01
CA GLU K 244 -73.66 34.74 -3.32
C GLU K 244 -74.37 33.69 -4.17
N TRP K 245 -74.78 32.58 -3.55
CA TRP K 245 -75.44 31.49 -4.26
C TRP K 245 -76.97 31.51 -4.13
N SER K 246 -77.53 32.68 -3.84
CA SER K 246 -78.99 32.83 -3.68
C SER K 246 -79.72 32.76 -5.02
N GLU K 247 -79.14 33.41 -6.03
CA GLU K 247 -79.77 33.53 -7.35
C GLU K 247 -79.35 32.39 -8.30
N VAL K 248 -78.21 31.77 -8.04
CA VAL K 248 -77.69 30.69 -8.90
C VAL K 248 -78.61 29.47 -8.84
N SER K 249 -78.91 28.91 -10.01
CA SER K 249 -79.88 27.82 -10.14
C SER K 249 -79.38 26.48 -9.59
N GLU K 250 -80.33 25.58 -9.30
CA GLU K 250 -80.02 24.24 -8.81
C GLU K 250 -79.39 23.37 -9.90
N GLU K 251 -79.69 23.70 -11.16
CA GLU K 251 -79.08 23.02 -12.30
C GLU K 251 -77.56 23.20 -12.28
N VAL K 252 -77.12 24.44 -12.07
CA VAL K 252 -75.69 24.77 -12.05
C VAL K 252 -75.00 24.20 -10.81
N LYS K 253 -75.70 24.22 -9.67
CA LYS K 253 -75.18 23.65 -8.43
C LYS K 253 -74.93 22.15 -8.56
N MET K 254 -75.87 21.44 -9.20
CA MET K 254 -75.73 20.00 -9.44
C MET K 254 -74.59 19.68 -10.42
N LEU K 255 -74.29 20.60 -11.32
CA LEU K 255 -73.15 20.44 -12.23
C LEU K 255 -71.84 20.55 -11.45
N ILE K 256 -71.77 21.49 -10.51
CA ILE K 256 -70.59 21.66 -9.66
C ILE K 256 -70.44 20.49 -8.69
N ARG K 257 -71.56 19.91 -8.26
CA ARG K 257 -71.54 18.72 -7.41
C ARG K 257 -70.91 17.53 -8.12
N ASN K 258 -71.35 17.26 -9.34
CA ASN K 258 -70.86 16.13 -10.11
C ASN K 258 -69.45 16.33 -10.68
N LEU K 259 -68.94 17.56 -10.63
CA LEU K 259 -67.54 17.86 -10.97
C LEU K 259 -66.64 17.80 -9.74
N LEU K 260 -67.19 18.19 -8.58
CA LEU K 260 -66.45 18.16 -7.32
C LEU K 260 -66.83 16.93 -6.50
N LYS K 261 -66.83 15.76 -7.12
CA LYS K 261 -67.01 14.50 -6.41
C LYS K 261 -65.67 14.07 -5.86
N THR K 262 -65.66 13.44 -4.69
CA THR K 262 -64.43 12.98 -4.05
C THR K 262 -63.79 11.83 -4.83
N GLU K 263 -64.63 10.90 -5.27
CA GLU K 263 -64.16 9.74 -6.03
C GLU K 263 -64.03 10.09 -7.52
N PRO K 264 -62.82 9.94 -8.10
CA PRO K 264 -62.61 10.33 -9.50
C PRO K 264 -63.39 9.54 -10.55
N THR K 265 -63.69 8.28 -10.26
CA THR K 265 -64.49 7.45 -11.16
C THR K 265 -65.97 7.85 -11.14
N GLN K 266 -66.38 8.49 -10.05
CA GLN K 266 -67.75 8.99 -9.90
C GLN K 266 -67.93 10.33 -10.63
N ARG K 267 -66.82 10.93 -11.05
CA ARG K 267 -66.80 12.28 -11.60
C ARG K 267 -67.30 12.33 -13.05
N MET K 268 -67.82 13.49 -13.44
CA MET K 268 -68.34 13.69 -14.79
C MET K 268 -67.19 13.78 -15.80
N THR K 269 -67.41 13.26 -17.01
CA THR K 269 -66.41 13.31 -18.07
C THR K 269 -66.53 14.62 -18.85
N ILE K 270 -65.57 14.89 -19.74
CA ILE K 270 -65.56 16.13 -20.50
C ILE K 270 -66.60 16.13 -21.63
N THR K 271 -66.88 14.96 -22.20
CA THR K 271 -67.93 14.82 -23.21
C THR K 271 -69.30 15.09 -22.61
N GLU K 272 -69.55 14.54 -21.43
CA GLU K 272 -70.80 14.76 -20.70
C GLU K 272 -70.92 16.22 -20.24
N PHE K 273 -69.78 16.83 -19.94
CA PHE K 273 -69.75 18.23 -19.51
C PHE K 273 -70.13 19.18 -20.65
N MET K 274 -69.52 18.97 -21.82
CA MET K 274 -69.77 19.83 -22.98
C MET K 274 -71.16 19.61 -23.61
N ASN K 275 -71.79 18.46 -23.30
CA ASN K 275 -73.16 18.18 -23.73
C ASN K 275 -74.21 18.63 -22.72
N HIS K 276 -73.77 19.10 -21.55
CA HIS K 276 -74.67 19.58 -20.52
C HIS K 276 -75.37 20.86 -21.03
N PRO K 277 -76.69 20.97 -20.82
CA PRO K 277 -77.45 22.10 -21.38
C PRO K 277 -76.94 23.49 -20.97
N TRP K 278 -76.41 23.60 -19.76
CA TRP K 278 -75.84 24.86 -19.27
C TRP K 278 -74.61 25.28 -20.06
N ILE K 279 -73.90 24.30 -20.63
CA ILE K 279 -72.73 24.57 -21.47
C ILE K 279 -73.10 24.75 -22.95
N MET K 280 -73.90 23.82 -23.48
CA MET K 280 -74.28 23.85 -24.90
C MET K 280 -75.05 25.11 -25.26
N GLN K 281 -76.13 25.36 -24.53
CA GLN K 281 -76.91 26.59 -24.71
C GLN K 281 -76.42 27.65 -23.73
N SER K 282 -75.34 28.33 -24.11
CA SER K 282 -74.80 29.44 -23.32
C SER K 282 -75.60 30.74 -23.53
N THR K 283 -76.66 30.67 -24.34
CA THR K 283 -77.56 31.81 -24.55
C THR K 283 -78.86 31.66 -23.75
N LYS K 284 -79.34 30.42 -23.58
CA LYS K 284 -80.57 30.18 -22.82
C LYS K 284 -80.39 30.47 -21.33
N VAL K 285 -79.14 30.34 -20.85
CA VAL K 285 -78.79 30.65 -19.45
C VAL K 285 -79.16 32.10 -19.10
N PRO K 286 -79.77 32.32 -17.91
CA PRO K 286 -80.20 33.67 -17.53
C PRO K 286 -79.08 34.72 -17.46
N GLN K 287 -79.49 35.99 -17.45
CA GLN K 287 -78.56 37.11 -17.27
C GLN K 287 -78.53 37.57 -15.80
N THR K 288 -78.74 36.62 -14.88
CA THR K 288 -78.75 36.93 -13.45
C THR K 288 -77.36 37.38 -12.99
N PRO K 289 -77.29 38.52 -12.26
CA PRO K 289 -76.02 39.08 -11.86
C PRO K 289 -75.36 38.30 -10.72
N LEU K 290 -74.04 38.14 -10.80
CA LEU K 290 -73.26 37.43 -9.79
C LEU K 290 -72.51 38.43 -8.92
N HIS K 291 -72.03 37.95 -7.77
CA HIS K 291 -71.25 38.77 -6.84
C HIS K 291 -69.74 38.61 -7.06
N THR K 292 -69.37 37.90 -8.14
CA THR K 292 -67.98 37.52 -8.41
C THR K 292 -67.04 38.72 -8.48
N SER K 293 -67.43 39.73 -9.24
CA SER K 293 -66.59 40.92 -9.45
C SER K 293 -66.37 41.71 -8.16
N ARG K 294 -67.38 41.71 -7.28
CA ARG K 294 -67.32 42.47 -6.02
C ARG K 294 -66.51 41.74 -4.94
N VAL K 295 -66.68 40.42 -4.87
CA VAL K 295 -65.94 39.60 -3.91
C VAL K 295 -64.45 39.53 -4.25
N LEU K 296 -64.14 39.47 -5.55
CA LEU K 296 -62.75 39.44 -6.03
C LEU K 296 -61.96 40.69 -5.67
N LYS K 297 -62.64 41.84 -5.58
CA LYS K 297 -61.98 43.10 -5.21
C LYS K 297 -61.40 43.08 -3.79
N GLU K 298 -62.02 42.30 -2.91
CA GLU K 298 -61.57 42.22 -1.52
C GLU K 298 -60.39 41.25 -1.38
N ASP K 299 -59.20 41.76 -1.70
CA ASP K 299 -57.94 41.01 -1.63
C ASP K 299 -57.85 39.87 -2.64
N HIS L 1 -52.90 -58.44 -3.99
CA HIS L 1 -51.83 -57.41 -3.90
C HIS L 1 -52.14 -56.12 -4.67
N VAL L 2 -53.17 -56.15 -5.52
CA VAL L 2 -53.55 -54.99 -6.34
C VAL L 2 -55.01 -54.58 -6.10
N LYS L 3 -55.22 -53.32 -5.75
CA LYS L 3 -56.56 -52.75 -5.58
C LYS L 3 -56.87 -51.76 -6.70
N SER L 4 -58.16 -51.47 -6.90
CA SER L 4 -58.60 -50.56 -7.97
C SER L 4 -58.31 -49.10 -7.65
N GLY L 5 -58.42 -48.26 -8.67
CA GLY L 5 -58.27 -46.81 -8.52
C GLY L 5 -59.61 -46.14 -8.22
N LEU L 6 -59.59 -44.82 -8.05
CA LEU L 6 -60.80 -44.06 -7.74
C LEU L 6 -61.62 -43.86 -9.00
N GLN L 7 -62.75 -44.57 -9.09
CA GLN L 7 -63.63 -44.51 -10.27
C GLN L 7 -64.20 -43.11 -10.57
N ILE L 8 -64.45 -42.34 -9.52
CA ILE L 8 -64.95 -40.94 -9.60
C ILE L 8 -66.06 -40.71 -10.64
N LYS L 9 -67.31 -40.88 -10.21
CA LYS L 9 -68.47 -40.77 -11.10
C LYS L 9 -68.80 -39.34 -11.46
N LYS L 10 -69.49 -39.16 -12.59
CA LYS L 10 -69.87 -37.83 -13.09
C LYS L 10 -71.37 -37.54 -13.07
N ASN L 11 -72.20 -38.58 -13.06
CA ASN L 11 -73.66 -38.40 -12.98
C ASN L 11 -74.10 -37.89 -11.61
N ALA L 12 -75.36 -37.45 -11.51
CA ALA L 12 -75.88 -36.83 -10.29
C ALA L 12 -76.06 -37.85 -9.16
N ILE L 13 -75.83 -37.41 -7.93
CA ILE L 13 -75.98 -38.29 -6.76
C ILE L 13 -77.47 -38.54 -6.50
N ILE L 14 -78.31 -37.58 -6.87
CA ILE L 14 -79.77 -37.71 -6.74
C ILE L 14 -80.31 -38.92 -7.52
N ASP L 15 -79.63 -39.29 -8.59
CA ASP L 15 -80.01 -40.47 -9.38
C ASP L 15 -79.83 -41.77 -8.60
N ASP L 16 -78.82 -41.81 -7.73
CA ASP L 16 -78.49 -43.01 -6.97
C ASP L 16 -78.79 -42.91 -5.47
N TYR L 17 -78.74 -41.70 -4.90
CA TYR L 17 -78.97 -41.50 -3.47
C TYR L 17 -80.00 -40.41 -3.20
N LYS L 18 -80.83 -40.62 -2.18
CA LYS L 18 -81.73 -39.58 -1.69
C LYS L 18 -80.99 -38.75 -0.64
N VAL L 19 -80.78 -37.47 -0.95
CA VAL L 19 -80.05 -36.56 -0.05
C VAL L 19 -81.00 -35.94 0.97
N THR L 20 -80.87 -36.37 2.23
CA THR L 20 -81.69 -35.85 3.33
C THR L 20 -80.99 -34.65 3.99
N SER L 21 -81.63 -34.09 5.02
CA SER L 21 -81.13 -32.88 5.67
C SER L 21 -80.95 -33.02 7.19
N GLN L 22 -80.69 -34.23 7.68
CA GLN L 22 -80.32 -34.42 9.09
C GLN L 22 -78.80 -34.47 9.21
N VAL L 23 -78.22 -33.40 9.75
CA VAL L 23 -76.76 -33.27 9.84
C VAL L 23 -76.21 -34.21 10.90
N LEU L 24 -75.11 -34.89 10.56
CA LEU L 24 -74.45 -35.82 11.48
C LEU L 24 -73.18 -35.22 12.11
N GLY L 25 -72.68 -34.12 11.56
CA GLY L 25 -71.53 -33.42 12.16
C GLY L 25 -71.09 -32.17 11.44
N LEU L 26 -70.05 -31.52 11.99
CA LEU L 26 -69.43 -30.36 11.37
C LEU L 26 -67.91 -30.37 11.64
N GLY L 27 -67.11 -30.13 10.59
CA GLY L 27 -65.65 -30.14 10.71
C GLY L 27 -64.97 -29.36 9.60
N ILE L 28 -63.75 -29.77 9.24
CA ILE L 28 -62.95 -29.08 8.22
C ILE L 28 -63.54 -29.24 6.80
N ASN L 29 -63.62 -28.12 6.08
CA ASN L 29 -64.08 -28.08 4.68
C ASN L 29 -65.61 -28.18 4.47
N GLY L 30 -66.35 -28.59 5.50
CA GLY L 30 -67.81 -28.67 5.42
C GLY L 30 -68.48 -29.38 6.58
N LYS L 31 -69.75 -29.73 6.39
CA LYS L 31 -70.53 -30.47 7.39
C LYS L 31 -71.11 -31.75 6.80
N VAL L 32 -71.04 -32.84 7.56
CA VAL L 32 -71.48 -34.15 7.11
C VAL L 32 -73.01 -34.29 7.20
N LEU L 33 -73.62 -34.76 6.12
CA LEU L 33 -75.05 -35.04 6.09
C LEU L 33 -75.29 -36.51 5.75
N GLN L 34 -76.38 -37.07 6.27
CA GLN L 34 -76.75 -38.45 5.97
C GLN L 34 -77.55 -38.51 4.67
N ILE L 35 -77.37 -39.60 3.93
CA ILE L 35 -78.14 -39.84 2.71
C ILE L 35 -78.77 -41.24 2.78
N PHE L 36 -79.41 -41.67 1.69
CA PHE L 36 -79.96 -43.03 1.60
C PHE L 36 -79.81 -43.56 0.18
N ASN L 37 -79.45 -44.84 0.06
CA ASN L 37 -79.34 -45.50 -1.24
C ASN L 37 -80.72 -45.77 -1.84
N LYS L 38 -80.90 -45.43 -3.11
CA LYS L 38 -82.18 -45.60 -3.80
C LYS L 38 -82.42 -47.04 -4.27
N ARG L 39 -81.35 -47.79 -4.50
CA ARG L 39 -81.45 -49.21 -4.86
C ARG L 39 -81.91 -50.04 -3.66
N THR L 40 -81.09 -50.07 -2.61
CA THR L 40 -81.43 -50.73 -1.35
C THR L 40 -82.07 -49.68 -0.42
N GLN L 41 -81.80 -49.77 0.88
CA GLN L 41 -82.19 -48.72 1.83
C GLN L 41 -81.08 -48.49 2.86
N GLU L 42 -79.83 -48.61 2.42
CA GLU L 42 -78.69 -48.39 3.31
C GLU L 42 -78.50 -46.90 3.54
N LYS L 43 -77.95 -46.56 4.69
CA LYS L 43 -77.76 -45.16 5.09
C LYS L 43 -76.66 -44.50 4.26
N PHE L 44 -75.41 -44.73 4.64
CA PHE L 44 -74.25 -43.99 4.12
C PHE L 44 -74.27 -42.51 4.54
N ALA L 45 -73.09 -41.91 4.62
CA ALA L 45 -72.94 -40.49 4.92
C ALA L 45 -72.36 -39.77 3.71
N LEU L 46 -72.60 -38.48 3.63
CA LEU L 46 -72.13 -37.64 2.53
C LEU L 46 -71.25 -36.51 3.05
N LYS L 47 -70.04 -36.38 2.52
CA LYS L 47 -69.19 -35.23 2.83
C LYS L 47 -69.13 -34.32 1.62
N MET L 48 -69.36 -33.03 1.85
CA MET L 48 -69.46 -32.03 0.79
C MET L 48 -68.23 -31.13 0.77
N LEU L 49 -67.39 -31.29 -0.26
CA LEU L 49 -66.26 -30.41 -0.51
C LEU L 49 -66.45 -29.72 -1.85
N GLN L 50 -65.93 -28.50 -1.97
CA GLN L 50 -65.90 -27.81 -3.26
C GLN L 50 -64.58 -28.11 -3.96
N ASP L 51 -64.64 -28.30 -5.28
CA ASP L 51 -63.50 -28.79 -6.03
C ASP L 51 -62.38 -27.75 -6.12
N CYS L 52 -61.20 -28.14 -5.64
CA CYS L 52 -59.99 -27.34 -5.78
C CYS L 52 -58.80 -28.22 -5.39
N PRO L 53 -57.71 -28.18 -6.18
CA PRO L 53 -56.49 -28.89 -5.82
C PRO L 53 -56.12 -28.68 -4.35
N LYS L 54 -56.70 -29.53 -3.50
CA LYS L 54 -56.68 -29.42 -2.04
C LYS L 54 -57.82 -30.29 -1.50
N ALA L 55 -59.01 -30.08 -2.05
CA ALA L 55 -60.15 -30.97 -1.83
C ALA L 55 -59.94 -32.29 -2.58
N ARG L 56 -59.36 -32.19 -3.78
CA ARG L 56 -59.03 -33.37 -4.59
C ARG L 56 -57.86 -34.16 -3.98
N ARG L 57 -57.05 -33.51 -3.15
CA ARG L 57 -56.01 -34.18 -2.38
C ARG L 57 -56.62 -35.06 -1.30
N GLU L 58 -57.60 -34.52 -0.58
CA GLU L 58 -58.27 -35.24 0.51
C GLU L 58 -58.91 -36.55 0.02
N VAL L 59 -59.64 -36.48 -1.09
CA VAL L 59 -60.26 -37.66 -1.69
C VAL L 59 -59.21 -38.67 -2.15
N GLU L 60 -58.10 -38.17 -2.69
CA GLU L 60 -57.02 -39.00 -3.19
C GLU L 60 -56.34 -39.76 -2.04
N LEU L 61 -55.99 -39.03 -0.99
CA LEU L 61 -55.32 -39.62 0.18
C LEU L 61 -56.25 -40.57 0.94
N HIS L 62 -57.54 -40.21 1.02
CA HIS L 62 -58.53 -41.02 1.72
C HIS L 62 -58.73 -42.36 1.02
N TRP L 63 -58.85 -42.32 -0.31
CA TRP L 63 -59.06 -43.54 -1.09
C TRP L 63 -57.96 -44.57 -0.87
N ARG L 64 -56.72 -44.12 -0.73
CA ARG L 64 -55.59 -45.01 -0.47
C ARG L 64 -55.70 -45.58 0.94
N ALA L 65 -55.99 -44.70 1.90
CA ALA L 65 -56.13 -45.10 3.30
C ALA L 65 -57.40 -45.90 3.57
N SER L 66 -58.38 -45.81 2.67
CA SER L 66 -59.65 -46.54 2.80
C SER L 66 -59.49 -48.06 2.85
N GLN L 67 -58.38 -48.56 2.30
CA GLN L 67 -58.13 -50.00 2.27
C GLN L 67 -57.94 -50.54 3.69
N CYS L 68 -57.45 -49.70 4.59
CA CYS L 68 -57.30 -50.06 6.00
C CYS L 68 -58.66 -50.34 6.64
N PRO L 69 -58.78 -51.45 7.37
CA PRO L 69 -59.99 -51.76 8.14
C PRO L 69 -60.35 -50.73 9.21
N HIS L 70 -59.34 -50.06 9.78
CA HIS L 70 -59.56 -49.04 10.82
C HIS L 70 -59.62 -47.60 10.27
N ILE L 71 -60.03 -47.47 9.00
CA ILE L 71 -60.27 -46.17 8.37
C ILE L 71 -61.59 -46.21 7.61
N VAL L 72 -62.31 -45.10 7.60
CA VAL L 72 -63.64 -45.04 6.99
C VAL L 72 -63.56 -45.28 5.48
N ARG L 73 -64.33 -46.26 5.01
CA ARG L 73 -64.40 -46.56 3.59
C ARG L 73 -65.26 -45.54 2.84
N ILE L 74 -64.70 -44.97 1.77
CA ILE L 74 -65.46 -44.15 0.84
C ILE L 74 -65.99 -45.04 -0.28
N VAL L 75 -67.31 -45.17 -0.37
CA VAL L 75 -67.94 -46.06 -1.36
C VAL L 75 -67.91 -45.47 -2.77
N ASP L 76 -68.18 -44.17 -2.89
CA ASP L 76 -68.18 -43.47 -4.18
C ASP L 76 -67.81 -42.01 -4.02
N VAL L 77 -67.15 -41.47 -5.04
CA VAL L 77 -66.89 -40.03 -5.13
C VAL L 77 -67.61 -39.50 -6.36
N TYR L 78 -68.31 -38.38 -6.19
CA TYR L 78 -69.09 -37.79 -7.26
C TYR L 78 -68.60 -36.38 -7.61
N GLU L 79 -68.39 -36.13 -8.89
CA GLU L 79 -68.09 -34.79 -9.39
C GLU L 79 -69.39 -34.20 -9.96
N ASN L 80 -69.99 -33.26 -9.23
CA ASN L 80 -71.25 -32.64 -9.63
C ASN L 80 -71.22 -31.12 -9.56
N LEU L 81 -72.25 -30.50 -10.13
CA LEU L 81 -72.40 -29.05 -10.09
C LEU L 81 -73.50 -28.66 -9.10
N TYR L 82 -73.09 -28.24 -7.91
CA TYR L 82 -74.03 -27.72 -6.91
C TYR L 82 -74.03 -26.20 -6.97
N ALA L 83 -75.23 -25.61 -6.96
CA ALA L 83 -75.40 -24.17 -7.18
C ALA L 83 -74.95 -23.80 -8.59
N GLY L 84 -73.64 -23.68 -8.79
CA GLY L 84 -73.08 -23.45 -10.11
C GLY L 84 -71.56 -23.54 -10.11
N ARG L 85 -71.04 -24.57 -9.44
CA ARG L 85 -69.60 -24.74 -9.26
C ARG L 85 -69.26 -26.18 -8.93
N LYS L 86 -68.05 -26.59 -9.29
CA LYS L 86 -67.62 -27.98 -9.18
C LYS L 86 -67.55 -28.43 -7.72
N CYS L 87 -68.11 -29.60 -7.43
CA CYS L 87 -68.13 -30.15 -6.07
C CYS L 87 -67.73 -31.62 -6.05
N LEU L 88 -66.94 -32.00 -5.06
CA LEU L 88 -66.58 -33.41 -4.84
C LEU L 88 -67.41 -33.95 -3.68
N LEU L 89 -68.46 -34.70 -4.02
CA LEU L 89 -69.36 -35.28 -3.03
C LEU L 89 -68.88 -36.69 -2.64
N ILE L 90 -68.26 -36.80 -1.46
CA ILE L 90 -67.74 -38.09 -0.99
C ILE L 90 -68.81 -38.86 -0.22
N VAL L 91 -69.13 -40.06 -0.72
CA VAL L 91 -70.09 -40.95 -0.07
C VAL L 91 -69.35 -42.03 0.73
N MET L 92 -69.56 -42.06 2.04
CA MET L 92 -68.83 -42.96 2.93
C MET L 92 -69.75 -43.98 3.59
N GLU L 93 -69.15 -44.99 4.22
CA GLU L 93 -69.90 -45.95 5.02
C GLU L 93 -70.42 -45.25 6.27
N CYS L 94 -71.52 -45.76 6.82
CA CYS L 94 -72.18 -45.13 7.96
C CYS L 94 -71.57 -45.59 9.29
N LEU L 95 -71.22 -44.62 10.13
CA LEU L 95 -70.61 -44.87 11.43
C LEU L 95 -71.51 -44.34 12.54
N ASP L 96 -72.65 -44.98 12.76
CA ASP L 96 -73.63 -44.53 13.76
C ASP L 96 -73.38 -45.13 15.15
N GLY L 97 -72.13 -45.45 15.46
CA GLY L 97 -71.74 -45.93 16.79
C GLY L 97 -71.31 -44.83 17.74
N GLY L 98 -71.29 -43.60 17.26
CA GLY L 98 -70.90 -42.44 18.07
C GLY L 98 -69.41 -42.30 18.23
N GLU L 99 -68.97 -41.19 18.84
CA GLU L 99 -67.55 -40.94 19.05
C GLU L 99 -66.94 -41.93 20.02
N LEU L 100 -65.60 -42.01 20.03
CA LEU L 100 -64.89 -42.93 20.91
C LEU L 100 -65.30 -42.74 22.37
N PHE L 101 -65.11 -41.53 22.88
CA PHE L 101 -65.33 -41.25 24.30
C PHE L 101 -66.80 -41.09 24.69
N SER L 102 -67.67 -40.92 23.69
CA SER L 102 -69.12 -40.90 23.93
C SER L 102 -69.60 -42.29 24.38
N ARG L 103 -69.01 -43.33 23.80
CA ARG L 103 -69.26 -44.72 24.21
C ARG L 103 -68.72 -45.01 25.61
N ILE L 104 -67.52 -44.51 25.91
CA ILE L 104 -66.88 -44.72 27.21
C ILE L 104 -67.63 -43.98 28.32
N GLN L 105 -68.32 -42.91 27.95
CA GLN L 105 -69.10 -42.11 28.90
C GLN L 105 -70.29 -42.88 29.49
N ASP L 106 -70.72 -43.96 28.81
CA ASP L 106 -71.84 -44.77 29.26
C ASP L 106 -71.74 -46.21 28.76
N ALA L 111 -67.47 -50.86 33.74
CA ALA L 111 -66.17 -50.90 34.42
C ALA L 111 -65.09 -50.16 33.62
N PHE L 112 -64.89 -50.59 32.38
CA PHE L 112 -63.82 -50.09 31.49
C PHE L 112 -62.42 -50.26 32.06
N THR L 113 -61.76 -51.33 31.62
CA THR L 113 -60.45 -51.72 32.15
C THR L 113 -59.29 -51.16 31.34
N GLU L 114 -58.08 -51.28 31.87
CA GLU L 114 -56.84 -50.90 31.18
C GLU L 114 -56.61 -51.80 29.97
N ARG L 115 -57.09 -53.03 30.04
CA ARG L 115 -57.04 -53.96 28.90
C ARG L 115 -57.78 -53.37 27.70
N GLU L 116 -58.98 -52.86 27.94
CA GLU L 116 -59.78 -52.23 26.89
C GLU L 116 -59.08 -50.99 26.32
N ALA L 117 -58.36 -50.26 27.18
CA ALA L 117 -57.57 -49.10 26.75
C ALA L 117 -56.48 -49.50 25.76
N SER L 118 -55.83 -50.64 26.01
CA SER L 118 -54.79 -51.16 25.11
C SER L 118 -55.37 -51.60 23.78
N GLU L 119 -56.49 -52.31 23.81
CA GLU L 119 -57.16 -52.78 22.59
C GLU L 119 -57.54 -51.62 21.68
N ILE L 120 -58.06 -50.55 22.28
CA ILE L 120 -58.43 -49.33 21.54
C ILE L 120 -57.17 -48.70 20.93
N MET L 121 -56.13 -48.54 21.74
CA MET L 121 -54.88 -47.92 21.28
C MET L 121 -54.14 -48.75 20.22
N LYS L 122 -54.44 -50.05 20.14
CA LYS L 122 -53.94 -50.87 19.06
C LYS L 122 -54.74 -50.61 17.77
N SER L 123 -56.04 -50.40 17.91
CA SER L 123 -56.91 -50.14 16.75
C SER L 123 -56.64 -48.78 16.11
N ILE L 124 -56.43 -47.77 16.95
CA ILE L 124 -56.09 -46.43 16.47
C ILE L 124 -54.66 -46.41 15.92
N GLY L 125 -53.78 -47.20 16.53
CA GLY L 125 -52.41 -47.33 16.06
C GLY L 125 -52.28 -48.04 14.72
N GLU L 126 -53.17 -49.00 14.47
CA GLU L 126 -53.15 -49.75 13.21
C GLU L 126 -53.46 -48.87 12.00
N ALA L 127 -54.35 -47.90 12.18
CA ALA L 127 -54.67 -46.94 11.13
C ALA L 127 -53.47 -46.02 10.85
N ILE L 128 -52.82 -45.56 11.92
CA ILE L 128 -51.63 -44.72 11.79
C ILE L 128 -50.49 -45.52 11.15
N GLN L 129 -50.36 -46.79 11.52
CA GLN L 129 -49.33 -47.66 10.96
C GLN L 129 -49.46 -47.82 9.45
N TYR L 130 -50.69 -48.03 8.98
CA TYR L 130 -50.95 -48.16 7.54
C TYR L 130 -50.70 -46.84 6.83
N LEU L 131 -51.23 -45.75 7.41
CA LEU L 131 -51.07 -44.41 6.84
C LEU L 131 -49.61 -44.03 6.70
N HIS L 132 -48.83 -44.28 7.75
CA HIS L 132 -47.40 -43.98 7.75
C HIS L 132 -46.63 -44.93 6.83
N SER L 133 -47.09 -46.18 6.74
CA SER L 133 -46.46 -47.18 5.86
C SER L 133 -46.57 -46.82 4.37
N ILE L 134 -47.59 -46.04 4.02
CA ILE L 134 -47.76 -45.55 2.65
C ILE L 134 -47.51 -44.03 2.53
N ASN L 135 -46.68 -43.51 3.43
CA ASN L 135 -46.25 -42.10 3.43
C ASN L 135 -47.41 -41.09 3.48
N ILE L 136 -48.30 -41.28 4.44
CA ILE L 136 -49.42 -40.37 4.69
C ILE L 136 -49.48 -40.02 6.17
N ALA L 137 -49.38 -38.73 6.48
CA ALA L 137 -49.59 -38.24 7.85
C ALA L 137 -51.00 -37.67 7.94
N HIS L 138 -51.76 -38.12 8.93
CA HIS L 138 -53.16 -37.70 9.09
C HIS L 138 -53.26 -36.24 9.54
N ARG L 139 -52.41 -35.88 10.50
CA ARG L 139 -52.22 -34.48 10.95
C ARG L 139 -53.39 -33.89 11.76
N ASP L 140 -54.43 -34.68 12.04
CA ASP L 140 -55.56 -34.21 12.83
C ASP L 140 -56.24 -35.36 13.58
N VAL L 141 -55.41 -36.23 14.19
CA VAL L 141 -55.93 -37.37 14.94
C VAL L 141 -56.41 -36.87 16.29
N LYS L 142 -57.72 -36.65 16.39
CA LYS L 142 -58.34 -36.16 17.61
C LYS L 142 -59.53 -37.03 17.96
N PRO L 143 -60.05 -36.92 19.21
CA PRO L 143 -61.17 -37.74 19.65
C PRO L 143 -62.42 -37.67 18.76
N GLU L 144 -62.67 -36.53 18.15
CA GLU L 144 -63.88 -36.30 17.34
C GLU L 144 -63.83 -37.01 15.98
N ASN L 145 -62.62 -37.26 15.47
CA ASN L 145 -62.42 -38.01 14.23
C ASN L 145 -62.27 -39.52 14.45
N LEU L 146 -62.79 -40.02 15.57
CA LEU L 146 -62.74 -41.44 15.90
C LEU L 146 -64.13 -41.95 16.27
N LEU L 147 -64.79 -42.60 15.31
CA LEU L 147 -66.17 -43.06 15.48
C LEU L 147 -66.26 -44.58 15.35
N TYR L 148 -67.24 -45.16 16.04
CA TYR L 148 -67.54 -46.59 15.92
C TYR L 148 -68.53 -46.83 14.79
N THR L 149 -68.46 -48.02 14.19
CA THR L 149 -69.34 -48.37 13.07
C THR L 149 -70.80 -48.54 13.48
N SER L 150 -71.02 -49.21 14.61
CA SER L 150 -72.37 -49.46 15.15
C SER L 150 -72.37 -49.42 16.67
N LYS L 151 -73.56 -49.54 17.26
CA LYS L 151 -73.72 -49.57 18.72
C LYS L 151 -73.32 -50.93 19.31
N ARG L 152 -73.37 -51.98 18.50
CA ARG L 152 -73.04 -53.34 18.93
C ARG L 152 -71.67 -53.44 19.62
N PRO L 153 -71.59 -54.19 20.73
CA PRO L 153 -70.28 -54.47 21.35
C PRO L 153 -69.49 -55.48 20.52
N ASN L 154 -68.39 -55.01 19.92
CA ASN L 154 -67.61 -55.69 18.86
C ASN L 154 -67.47 -54.80 17.61
N ALA L 155 -68.12 -53.64 17.62
CA ALA L 155 -68.03 -52.69 16.52
C ALA L 155 -66.61 -52.12 16.41
N ILE L 156 -66.15 -51.94 15.18
CA ILE L 156 -64.78 -51.50 14.90
C ILE L 156 -64.68 -49.98 15.10
N LEU L 157 -63.53 -49.53 15.62
CA LEU L 157 -63.23 -48.10 15.74
C LEU L 157 -62.40 -47.64 14.54
N LYS L 158 -62.88 -46.62 13.83
CA LYS L 158 -62.24 -46.17 12.60
C LYS L 158 -61.83 -44.70 12.66
N LEU L 159 -60.80 -44.36 11.89
CA LEU L 159 -60.31 -42.99 11.77
C LEU L 159 -61.01 -42.30 10.60
N THR L 160 -61.14 -40.98 10.66
CA THR L 160 -61.87 -40.24 9.62
C THR L 160 -61.35 -38.80 9.42
N ASP L 161 -61.89 -38.15 8.39
CA ASP L 161 -61.56 -36.76 8.04
C ASP L 161 -60.09 -36.56 7.68
N PHE L 162 -59.79 -36.60 6.38
CA PHE L 162 -58.43 -36.43 5.88
C PHE L 162 -58.16 -35.01 5.37
N GLY L 163 -58.86 -34.03 5.93
CA GLY L 163 -58.75 -32.64 5.50
C GLY L 163 -57.36 -32.06 5.70
N PHE L 164 -56.68 -32.49 6.76
CA PHE L 164 -55.32 -32.01 7.05
C PHE L 164 -54.23 -32.98 6.58
N ALA L 165 -54.63 -34.12 6.01
CA ALA L 165 -53.68 -35.16 5.62
C ALA L 165 -52.79 -34.72 4.45
N LYS L 166 -51.52 -35.12 4.51
CA LYS L 166 -50.51 -34.72 3.52
C LYS L 166 -49.57 -35.89 3.26
N GLU L 167 -48.98 -35.92 2.06
CA GLU L 167 -47.97 -36.91 1.71
C GLU L 167 -46.61 -36.50 2.27
N THR L 168 -45.94 -37.42 2.96
CA THR L 168 -44.69 -37.13 3.67
C THR L 168 -43.44 -37.10 2.78
N THR L 169 -43.62 -37.30 1.47
CA THR L 169 -42.54 -37.14 0.49
C THR L 169 -43.09 -36.55 -0.81
N PRO L 181 -29.76 -48.96 -2.40
CA PRO L 181 -29.12 -50.17 -1.89
C PRO L 181 -29.77 -50.71 -0.62
N TYR L 182 -29.24 -51.82 -0.11
CA TYR L 182 -29.79 -52.50 1.07
C TYR L 182 -29.14 -52.06 2.38
N TYR L 183 -28.04 -51.30 2.27
CA TYR L 183 -27.28 -50.81 3.43
C TYR L 183 -27.53 -49.33 3.71
N VAL L 184 -28.32 -48.66 2.85
CA VAL L 184 -28.51 -47.22 2.93
C VAL L 184 -29.31 -46.82 4.17
N ALA L 185 -29.10 -45.58 4.64
CA ALA L 185 -29.83 -45.06 5.78
C ALA L 185 -31.18 -44.46 5.36
N PRO L 186 -32.13 -44.34 6.31
CA PRO L 186 -33.46 -43.81 6.00
C PRO L 186 -33.45 -42.38 5.46
N GLU L 187 -32.59 -41.54 6.05
CA GLU L 187 -32.50 -40.13 5.65
C GLU L 187 -31.84 -39.90 4.29
N VAL L 188 -31.25 -40.95 3.72
CA VAL L 188 -30.65 -40.89 2.39
C VAL L 188 -31.56 -41.58 1.36
N LEU L 189 -32.84 -41.23 1.37
CA LEU L 189 -33.83 -41.78 0.43
C LEU L 189 -34.79 -40.69 -0.03
N TYR L 194 -41.22 -33.35 9.30
CA TYR L 194 -41.55 -34.48 10.16
C TYR L 194 -43.04 -34.49 10.56
N ASP L 195 -43.90 -34.59 9.56
CA ASP L 195 -45.35 -34.58 9.78
C ASP L 195 -45.85 -35.87 10.45
N LYS L 196 -45.16 -36.98 10.23
CA LYS L 196 -45.54 -38.26 10.85
C LYS L 196 -45.45 -38.21 12.37
N SER L 197 -44.39 -37.59 12.89
CA SER L 197 -44.21 -37.43 14.34
C SER L 197 -45.40 -36.74 15.00
N CYS L 198 -46.05 -35.84 14.25
CA CYS L 198 -47.22 -35.11 14.74
C CYS L 198 -48.39 -36.04 15.12
N ASP L 199 -48.50 -37.18 14.44
CA ASP L 199 -49.53 -38.17 14.74
C ASP L 199 -49.25 -38.94 16.04
N MET L 200 -47.97 -39.14 16.35
CA MET L 200 -47.57 -39.88 17.53
C MET L 200 -47.77 -39.06 18.80
N TRP L 201 -47.71 -37.73 18.68
CA TRP L 201 -48.12 -36.84 19.77
C TRP L 201 -49.60 -37.02 20.08
N SER L 202 -50.40 -37.20 19.03
CA SER L 202 -51.84 -37.30 19.17
C SER L 202 -52.27 -38.59 19.86
N LEU L 203 -51.65 -39.71 19.48
CA LEU L 203 -51.91 -40.98 20.15
C LEU L 203 -51.61 -40.88 21.65
N GLY L 204 -50.53 -40.18 21.99
CA GLY L 204 -50.16 -39.93 23.38
C GLY L 204 -51.23 -39.19 24.16
N VAL L 205 -51.85 -38.20 23.52
CA VAL L 205 -52.96 -37.47 24.13
C VAL L 205 -54.18 -38.38 24.26
N ILE L 206 -54.53 -39.04 23.16
CA ILE L 206 -55.66 -39.97 23.13
C ILE L 206 -55.48 -41.08 24.17
N MET L 207 -54.25 -41.56 24.33
CA MET L 207 -53.95 -42.59 25.33
C MET L 207 -54.08 -42.04 26.75
N TYR L 208 -53.67 -40.78 26.95
CA TYR L 208 -53.76 -40.14 28.27
C TYR L 208 -55.21 -39.96 28.71
N ILE L 209 -56.09 -39.56 27.78
CA ILE L 209 -57.51 -39.38 28.07
C ILE L 209 -58.20 -40.73 28.31
N LEU L 210 -57.76 -41.78 27.62
CA LEU L 210 -58.33 -43.12 27.78
C LEU L 210 -58.07 -43.75 29.15
N LEU L 211 -57.00 -43.32 29.81
CA LEU L 211 -56.59 -43.94 31.08
C LEU L 211 -57.09 -43.20 32.33
N CYS L 212 -57.30 -41.89 32.22
CA CYS L 212 -57.77 -41.09 33.36
C CYS L 212 -59.12 -40.39 33.12
N GLY L 213 -59.40 -40.04 31.86
CA GLY L 213 -60.68 -39.42 31.50
C GLY L 213 -60.61 -37.92 31.21
N TYR L 214 -59.44 -37.33 31.39
CA TYR L 214 -59.22 -35.91 31.09
C TYR L 214 -57.89 -35.72 30.36
N PRO L 215 -57.74 -34.65 29.57
CA PRO L 215 -56.52 -34.43 28.81
C PRO L 215 -55.35 -33.93 29.66
N PRO L 216 -54.11 -34.16 29.20
CA PRO L 216 -52.91 -33.78 29.94
C PRO L 216 -52.58 -32.29 29.93
N PHE L 217 -53.26 -31.51 29.08
CA PHE L 217 -53.08 -30.06 29.03
C PHE L 217 -54.43 -29.34 29.00
N TYR L 218 -54.64 -28.42 29.94
CA TYR L 218 -55.85 -27.60 29.97
C TYR L 218 -55.68 -26.29 30.75
N SER L 219 -56.67 -25.40 30.65
CA SER L 219 -56.65 -24.12 31.34
C SER L 219 -58.00 -23.86 32.01
N GLY L 228 -51.84 -19.50 28.87
CA GLY L 228 -51.57 -20.33 30.04
C GLY L 228 -51.34 -21.77 29.68
N MET L 229 -52.25 -22.34 28.90
CA MET L 229 -52.14 -23.73 28.43
C MET L 229 -51.06 -23.85 27.35
N LYS L 230 -51.03 -22.88 26.45
CA LYS L 230 -50.06 -22.88 25.34
C LYS L 230 -48.63 -23.04 25.84
N THR L 231 -48.33 -22.42 26.99
CA THR L 231 -47.01 -22.51 27.61
C THR L 231 -46.74 -23.93 28.12
N ARG L 232 -47.71 -24.52 28.81
CA ARG L 232 -47.57 -25.87 29.35
C ARG L 232 -47.28 -26.92 28.28
N ILE L 233 -47.84 -26.74 27.09
CA ILE L 233 -47.59 -27.66 25.97
C ILE L 233 -46.15 -27.51 25.46
N ARG L 234 -45.69 -26.27 25.32
CA ARG L 234 -44.31 -26.00 24.90
C ARG L 234 -43.29 -26.56 25.89
N MET L 235 -43.55 -26.36 27.17
CA MET L 235 -42.68 -26.86 28.24
C MET L 235 -42.79 -28.37 28.42
N GLY L 236 -43.94 -28.93 28.09
CA GLY L 236 -44.22 -30.34 28.34
C GLY L 236 -44.47 -30.59 29.81
N GLN L 237 -45.30 -29.74 30.42
CA GLN L 237 -45.68 -29.88 31.82
C GLN L 237 -46.97 -30.68 31.93
N TYR L 238 -46.85 -31.90 32.46
CA TYR L 238 -48.03 -32.69 32.80
C TYR L 238 -47.70 -33.73 33.87
N GLU L 239 -48.67 -33.96 34.73
CA GLU L 239 -48.54 -34.87 35.86
C GLU L 239 -49.34 -36.12 35.54
N PHE L 240 -49.12 -37.18 36.32
CA PHE L 240 -50.02 -38.33 36.35
C PHE L 240 -50.68 -38.34 37.73
N PRO L 241 -51.65 -37.42 37.96
CA PRO L 241 -52.12 -37.22 39.33
C PRO L 241 -52.95 -38.37 39.87
N ASN L 242 -52.93 -38.54 41.19
CA ASN L 242 -53.80 -39.50 41.86
C ASN L 242 -55.19 -38.89 41.99
N PRO L 243 -56.23 -39.72 42.16
CA PRO L 243 -56.23 -41.19 42.24
C PRO L 243 -56.34 -41.90 40.89
N GLU L 244 -56.45 -41.15 39.80
CA GLU L 244 -56.70 -41.74 38.48
C GLU L 244 -55.54 -42.59 37.96
N TRP L 245 -54.32 -42.14 38.20
CA TRP L 245 -53.13 -42.83 37.70
C TRP L 245 -52.44 -43.71 38.74
N SER L 246 -53.08 -43.91 39.89
CA SER L 246 -52.50 -44.69 40.99
C SER L 246 -52.33 -46.17 40.62
N GLU L 247 -53.39 -46.76 40.09
CA GLU L 247 -53.38 -48.19 39.74
C GLU L 247 -52.73 -48.46 38.38
N VAL L 248 -52.47 -47.41 37.60
CA VAL L 248 -51.86 -47.54 36.27
C VAL L 248 -50.34 -47.73 36.37
N SER L 249 -49.82 -48.68 35.60
CA SER L 249 -48.42 -49.08 35.69
C SER L 249 -47.45 -48.03 35.18
N GLU L 250 -46.20 -48.15 35.62
CA GLU L 250 -45.12 -47.26 35.18
C GLU L 250 -44.77 -47.54 33.71
N GLU L 251 -45.01 -48.76 33.26
CA GLU L 251 -44.78 -49.15 31.86
C GLU L 251 -45.65 -48.32 30.91
N VAL L 252 -46.93 -48.17 31.25
CA VAL L 252 -47.85 -47.39 30.43
C VAL L 252 -47.57 -45.89 30.55
N LYS L 253 -47.21 -45.43 31.74
CA LYS L 253 -46.81 -44.04 31.94
C LYS L 253 -45.60 -43.71 31.08
N MET L 254 -44.59 -44.57 31.12
CA MET L 254 -43.38 -44.38 30.34
C MET L 254 -43.64 -44.36 28.83
N LEU L 255 -44.62 -45.14 28.39
CA LEU L 255 -45.03 -45.16 26.99
C LEU L 255 -45.69 -43.84 26.59
N ILE L 256 -46.41 -43.22 27.52
CA ILE L 256 -46.99 -41.90 27.32
C ILE L 256 -45.92 -40.81 27.33
N ARG L 257 -44.89 -40.98 28.17
CA ARG L 257 -43.78 -40.03 28.21
C ARG L 257 -43.05 -39.97 26.87
N ASN L 258 -42.81 -41.12 26.27
CA ASN L 258 -42.10 -41.21 24.99
C ASN L 258 -42.92 -40.71 23.80
N LEU L 259 -44.25 -40.67 23.96
CA LEU L 259 -45.14 -40.13 22.93
C LEU L 259 -45.35 -38.62 23.06
N LEU L 260 -45.36 -38.12 24.30
CA LEU L 260 -45.59 -36.70 24.56
C LEU L 260 -44.30 -35.94 24.83
N LYS L 261 -43.22 -36.33 24.15
CA LYS L 261 -41.95 -35.62 24.24
C LYS L 261 -42.11 -34.28 23.53
N THR L 262 -41.49 -33.23 24.08
CA THR L 262 -41.56 -31.89 23.49
C THR L 262 -40.83 -31.83 22.16
N GLU L 263 -39.69 -32.51 22.07
CA GLU L 263 -38.90 -32.57 20.84
C GLU L 263 -39.40 -33.72 19.94
N PRO L 264 -39.90 -33.40 18.73
CA PRO L 264 -40.50 -34.42 17.86
C PRO L 264 -39.53 -35.52 17.38
N THR L 265 -38.25 -35.18 17.23
CA THR L 265 -37.23 -36.17 16.86
C THR L 265 -36.93 -37.14 18.01
N GLN L 266 -37.25 -36.72 19.24
CA GLN L 266 -37.06 -37.53 20.44
C GLN L 266 -38.26 -38.47 20.68
N ARG L 267 -39.29 -38.34 19.85
CA ARG L 267 -40.55 -39.04 20.03
C ARG L 267 -40.49 -40.46 19.45
N MET L 268 -41.44 -41.29 19.85
CA MET L 268 -41.51 -42.68 19.37
C MET L 268 -42.06 -42.71 17.95
N THR L 269 -41.74 -43.76 17.19
CA THR L 269 -42.34 -43.97 15.86
C THR L 269 -43.55 -44.90 15.98
N ILE L 270 -44.24 -45.10 14.86
CA ILE L 270 -45.45 -45.95 14.86
C ILE L 270 -45.10 -47.45 14.89
N THR L 271 -43.91 -47.80 14.42
CA THR L 271 -43.45 -49.19 14.46
C THR L 271 -42.92 -49.56 15.85
N GLU L 272 -42.29 -48.60 16.54
CA GLU L 272 -41.89 -48.76 17.94
C GLU L 272 -43.11 -48.81 18.86
N PHE L 273 -44.20 -48.18 18.44
CA PHE L 273 -45.45 -48.18 19.19
C PHE L 273 -46.17 -49.52 19.11
N MET L 274 -46.33 -50.03 17.88
CA MET L 274 -47.01 -51.31 17.65
C MET L 274 -46.23 -52.53 18.14
N ASN L 275 -44.93 -52.37 18.39
CA ASN L 275 -44.11 -53.43 18.94
C ASN L 275 -43.94 -53.35 20.46
N HIS L 276 -44.49 -52.29 21.07
CA HIS L 276 -44.42 -52.12 22.52
C HIS L 276 -45.31 -53.16 23.21
N PRO L 277 -44.77 -53.89 24.19
CA PRO L 277 -45.48 -55.04 24.79
C PRO L 277 -46.92 -54.73 25.22
N TRP L 278 -47.15 -53.51 25.69
CA TRP L 278 -48.49 -53.08 26.09
C TRP L 278 -49.47 -53.09 24.92
N ILE L 279 -49.00 -52.66 23.74
CA ILE L 279 -49.82 -52.63 22.54
C ILE L 279 -49.94 -54.00 21.88
N MET L 280 -48.81 -54.70 21.73
CA MET L 280 -48.82 -56.06 21.20
C MET L 280 -49.70 -56.97 22.04
N GLN L 281 -49.23 -57.29 23.25
CA GLN L 281 -49.95 -58.21 24.14
C GLN L 281 -51.04 -57.46 24.91
N SER L 282 -52.16 -57.22 24.23
CA SER L 282 -53.32 -56.58 24.85
C SER L 282 -54.08 -57.55 25.74
N THR L 283 -53.60 -58.79 25.84
CA THR L 283 -54.18 -59.78 26.75
C THR L 283 -53.37 -59.95 28.04
N LYS L 284 -52.07 -59.69 27.99
CA LYS L 284 -51.22 -59.77 29.18
C LYS L 284 -51.40 -58.55 30.09
N VAL L 285 -51.82 -57.43 29.50
CA VAL L 285 -52.10 -56.20 30.25
C VAL L 285 -53.25 -56.44 31.25
N PRO L 286 -53.08 -56.01 32.51
CA PRO L 286 -54.08 -56.27 33.56
C PRO L 286 -55.47 -55.73 33.27
N GLN L 287 -56.46 -56.26 34.00
CA GLN L 287 -57.85 -55.80 33.93
C GLN L 287 -58.11 -54.63 34.89
N THR L 288 -57.04 -54.00 35.39
CA THR L 288 -57.14 -52.87 36.30
C THR L 288 -58.19 -51.85 35.82
N PRO L 289 -59.20 -51.55 36.66
CA PRO L 289 -60.24 -50.61 36.28
C PRO L 289 -59.74 -49.17 36.26
N LEU L 290 -60.25 -48.37 35.32
CA LEU L 290 -59.84 -46.98 35.18
C LEU L 290 -60.98 -46.03 35.54
N HIS L 291 -60.62 -44.79 35.89
CA HIS L 291 -61.59 -43.76 36.29
C HIS L 291 -62.25 -43.08 35.08
N THR L 292 -61.85 -43.46 33.87
CA THR L 292 -62.25 -42.78 32.64
C THR L 292 -63.76 -42.55 32.52
N SER L 293 -64.53 -43.64 32.56
CA SER L 293 -65.96 -43.58 32.30
C SER L 293 -66.68 -42.58 33.21
N ARG L 294 -66.40 -42.66 34.51
CA ARG L 294 -67.02 -41.78 35.49
C ARG L 294 -66.52 -40.32 35.38
N VAL L 295 -65.22 -40.15 35.12
CA VAL L 295 -64.64 -38.81 34.98
C VAL L 295 -65.23 -38.08 33.77
N LEU L 296 -65.51 -38.80 32.69
CA LEU L 296 -66.21 -38.24 31.53
C LEU L 296 -67.64 -37.83 31.90
N LYS L 297 -68.29 -38.62 32.75
CA LYS L 297 -69.59 -38.25 33.32
C LYS L 297 -69.44 -37.12 34.33
N GLU L 298 -69.11 -35.92 33.84
CA GLU L 298 -68.91 -34.76 34.71
C GLU L 298 -69.14 -33.43 33.99
N ASP L 299 -68.67 -33.36 32.75
CA ASP L 299 -69.10 -32.32 31.82
C ASP L 299 -69.17 -32.92 30.43
C1 05B M . 3.94 -10.80 17.80
C2 05B M . 2.56 -10.80 17.10
N3 05B M . 2.43 -11.56 15.86
C4 05B M . 3.43 -12.17 15.18
N5 05B M . 3.52 -9.31 20.24
C6 05B M . 4.45 -9.35 17.97
C7 05B M . 3.85 -11.49 19.17
C8 05B M . 3.03 -10.69 20.20
C9 05B M . 3.61 -8.57 18.99
O10 05B M . 3.23 -12.70 14.10
C11 05B M . 5.00 -11.53 17.01
C12 05B M . 4.76 -12.16 15.79
C13 05B M . 5.98 -12.73 15.36
C14 05B M . 6.90 -12.43 16.32
N15 05B M . 6.28 -11.70 17.30
C16 05B M . 8.33 -12.80 16.32
C17 05B M . 9.02 -13.06 15.14
C18 05B M . 10.36 -13.40 15.23
N19 05B M . 10.95 -13.48 16.42
C20 05B M . 10.26 -13.23 17.54
N21 05B M . 8.98 -12.89 17.48
C22 05B M . 10.91 -13.30 18.87
C23 05B M . 11.92 -14.24 19.13
C24 05B M . 12.51 -14.30 20.38
C25 05B M . 10.51 -12.43 19.89
C26 05B M . 11.11 -12.49 21.14
C27 05B M . 12.11 -13.43 21.39
O28 05B M . 12.52 -13.29 22.67
C29 05B M . 11.46 -12.57 23.33
O30 05B M . 10.89 -11.77 22.27
C1 05B N . -20.82 -9.32 35.53
C2 05B N . -21.02 -8.75 34.11
N3 05B N . -22.41 -8.59 33.68
C4 05B N . -23.44 -8.39 34.52
N5 05B N . -18.45 -10.96 35.30
C6 05B N . -20.92 -10.85 35.55
C7 05B N . -19.46 -8.87 36.08
C8 05B N . -18.30 -9.50 35.29
C9 05B N . -19.73 -11.56 34.88
O10 05B N . -24.59 -8.26 34.13
C11 05B N . -21.90 -8.76 36.44
C12 05B N . -23.13 -8.33 35.96
C13 05B N . -23.88 -7.87 37.04
C14 05B N . -23.11 -8.05 38.15
N15 05B N . -21.90 -8.59 37.75
C16 05B N . -23.45 -7.71 39.53
C17 05B N . -24.73 -7.29 39.91
C18 05B N . -24.95 -7.00 41.24
N19 05B N . -23.96 -7.10 42.12
C20 05B N . -22.75 -7.50 41.74
N21 05B N . -22.50 -7.80 40.46
C22 05B N . -21.65 -7.63 42.71
C23 05B N . -21.42 -6.65 43.68
C24 05B N . -20.38 -6.79 44.59
C25 05B N . -20.81 -8.75 42.67
C26 05B N . -19.78 -8.89 43.57
C27 05B N . -19.56 -7.92 44.53
O28 05B N . -18.49 -8.29 45.29
C29 05B N . -17.81 -9.30 44.53
O30 05B N . -18.86 -9.89 43.73
#